data_8DZW
#
_entry.id   8DZW
#
_cell.length_a   1.00
_cell.length_b   1.00
_cell.length_c   1.00
_cell.angle_alpha   90.00
_cell.angle_beta   90.00
_cell.angle_gamma   90.00
#
_symmetry.space_group_name_H-M   'P 1'
#
loop_
_entity.id
_entity.type
_entity.pdbx_description
1 polymer 'RSV fusion protein'
2 polymer 'RSV-199 Light chain protein'
3 polymer 'RSV-199 Heavy chain protein'
#
loop_
_entity_poly.entity_id
_entity_poly.type
_entity_poly.pdbx_seq_one_letter_code
_entity_poly.pdbx_strand_id
1 'polypeptide(L)'
;QNITEEFYQSTCSAVSKGYLSALRTGWYTSVITIELSNIKENKCNGTDAKVKLIKQELDKYKNAVTELQLLMQSTPAANN
RARRELPRFMNYTLNNAKKTNVTLSKKRKRRFLGFLLGVGSAIASGVAVCKVLHLEGEVNKIKSALLSTNKAVVSLSNGV
SVLTFKVLDLKNYIDKQLLPIVNKQSCSISNIETVIEFQQKNNRLLEITREFSVNAGVTTPVSTYMLTNSELLSLINDMP
ITNDQKKLMSNNVQIVRQQSYSIMCIIKEEVLAYVVQLPLYGVIDTPCWKLHTSPLCTTNTKEGSNICLTRTDRGWYCDN
AGSVSFFPQAETCKVQSNRVFCDTMNSLTLPSEVNLCNVDIFNPKYDCKIMTSKTDVSSSVITSLGAIVSCYGKTKCTAS
NKNRGIIKTFSNGCDYVSNKGVDTVSVGNTLYYVNKQEGKSLYVKGEPIINFYDPLVFPSDEFDASISQVNEKINQSLAF
IRKS
;
A,B,C
2 'polypeptide(L)'
;QAVVTQPPSVSGAPGQRVIISCTGSGSNLGADYGVHWYQQLPGTAPKLLIYGDRNRPSGVPDRFSGSKSGTSASLAITGL
QAEDEADYYCQSYDRSLNWVFGGGTKLTVLGQPKAAPSVTLFPPSSEELQANKATLVCLISDFYPGAVTVAWKADSSPVN
AGVETTKPSKQSNNKYAASSYLSLTPEQWKSHKSYSCQVTHEGSTVEKTVAPAECS
;
L,M,N
3 'polypeptide(L)'
;QVQLVESGGGVVKPGGSLRVSCVVSGFTFSSYRMHWVRQAPGKGLEWVSSITASSSYINYAESVKGRFTISRDNAKNSLY
LQMNSLRAEDTAVYYCARDENTGISHYWFDPWGQGTLVTVSSASTKGPSVFPLAPSSKSTSGGTAALGCLVKDYFPEPVT
VSWNSGALTSGVHTFPAVLQSSGLYSLSSVVTVPSSSLGTQTYICNVNHKPSNTKVDKKVEPKSC
;
H,I,J
#
# COMPACT_ATOMS: atom_id res chain seq x y z
N GLN A 1 -11.80 8.66 32.60
CA GLN A 1 -12.60 7.52 33.11
C GLN A 1 -12.62 6.37 32.15
N ASN A 2 -11.85 6.39 31.06
CA ASN A 2 -12.14 5.41 30.03
C ASN A 2 -11.01 4.38 29.89
N ILE A 3 -9.80 4.82 29.61
CA ILE A 3 -8.72 3.94 29.17
C ILE A 3 -7.84 3.60 30.36
N THR A 4 -7.63 2.30 30.58
CA THR A 4 -6.71 1.80 31.59
C THR A 4 -5.80 0.77 30.95
N GLU A 5 -4.65 0.53 31.57
CA GLU A 5 -3.69 -0.42 31.03
C GLU A 5 -3.05 -1.21 32.16
N GLU A 6 -2.66 -2.43 31.84
CA GLU A 6 -1.99 -3.33 32.76
C GLU A 6 -0.82 -3.99 32.06
N PHE A 7 0.33 -4.04 32.74
CA PHE A 7 1.52 -4.71 32.24
C PHE A 7 1.78 -5.95 33.06
N TYR A 8 1.99 -7.07 32.38
CA TYR A 8 2.28 -8.35 33.02
C TYR A 8 3.76 -8.67 32.82
N GLN A 9 4.50 -8.70 33.94
CA GLN A 9 5.94 -8.95 33.87
C GLN A 9 6.25 -10.39 33.54
N SER A 10 5.36 -11.32 33.88
CA SER A 10 5.62 -12.73 33.65
C SER A 10 5.71 -13.05 32.17
N THR A 11 4.88 -12.41 31.34
CA THR A 11 4.83 -12.68 29.91
C THR A 11 5.31 -11.53 29.05
N CYS A 12 5.59 -10.36 29.64
CA CYS A 12 6.10 -9.21 28.90
C CYS A 12 5.08 -8.71 27.87
N SER A 13 3.86 -8.49 28.35
CA SER A 13 2.77 -8.01 27.49
C SER A 13 1.85 -7.12 28.30
N ALA A 14 1.16 -6.23 27.59
CA ALA A 14 0.26 -5.26 28.21
C ALA A 14 -1.08 -5.26 27.49
N VAL A 15 -2.14 -4.98 28.24
CA VAL A 15 -3.51 -4.98 27.71
C VAL A 15 -4.12 -3.60 27.97
N SER A 16 -4.70 -3.02 26.93
CA SER A 16 -5.42 -1.76 27.01
C SER A 16 -6.91 -2.03 26.86
N LYS A 17 -7.71 -1.50 27.78
CA LYS A 17 -9.15 -1.66 27.74
C LYS A 17 -9.83 -0.32 28.00
N GLY A 18 -11.13 -0.29 27.76
CA GLY A 18 -11.92 0.92 27.84
C GLY A 18 -12.43 1.44 26.52
N TYR A 19 -12.32 0.67 25.44
CA TYR A 19 -12.73 1.09 24.11
C TYR A 19 -14.12 0.55 23.78
N LEU A 20 -14.71 1.12 22.73
CA LEU A 20 -16.07 0.79 22.31
C LEU A 20 -16.05 0.36 20.85
N SER A 21 -16.96 -0.56 20.51
CA SER A 21 -16.92 -1.25 19.23
C SER A 21 -17.86 -0.61 18.21
N ALA A 22 -17.46 -0.70 16.95
CA ALA A 22 -18.33 -0.42 15.81
C ALA A 22 -17.88 -1.34 14.68
N LEU A 23 -18.50 -2.51 14.59
CA LEU A 23 -18.06 -3.57 13.69
C LEU A 23 -18.91 -3.59 12.42
N ARG A 24 -18.26 -3.55 11.24
CA ARG A 24 -18.95 -3.57 9.92
C ARG A 24 -19.31 -5.00 9.57
N THR A 25 -20.60 -5.38 9.62
CA THR A 25 -21.08 -6.74 9.43
C THR A 25 -21.76 -6.97 8.08
N GLY A 26 -22.20 -5.90 7.42
CA GLY A 26 -22.88 -6.05 6.14
C GLY A 26 -22.65 -4.87 5.23
N TRP A 27 -23.42 -4.80 4.15
CA TRP A 27 -23.27 -3.75 3.14
C TRP A 27 -24.64 -3.19 2.80
N TYR A 28 -24.64 -1.93 2.37
CA TYR A 28 -25.85 -1.26 1.88
C TYR A 28 -25.51 -0.58 0.56
N THR A 29 -26.33 -0.81 -0.46
CA THR A 29 -26.07 -0.31 -1.80
C THR A 29 -27.11 0.72 -2.21
N SER A 30 -26.65 1.77 -2.88
CA SER A 30 -27.52 2.82 -3.38
C SER A 30 -27.07 3.20 -4.79
N VAL A 31 -28.01 3.73 -5.57
CA VAL A 31 -27.77 4.10 -6.96
C VAL A 31 -27.77 5.62 -7.08
N ILE A 32 -26.71 6.16 -7.67
CA ILE A 32 -26.58 7.60 -7.90
C ILE A 32 -26.65 7.84 -9.40
N THR A 33 -27.48 8.79 -9.82
CA THR A 33 -27.71 9.05 -11.24
C THR A 33 -27.37 10.50 -11.57
N ILE A 34 -26.92 10.71 -12.79
CA ILE A 34 -26.67 12.04 -13.36
C ILE A 34 -27.33 12.09 -14.72
N GLU A 35 -28.13 13.13 -14.96
CA GLU A 35 -28.87 13.27 -16.20
C GLU A 35 -28.02 14.00 -17.23
N LEU A 36 -27.88 13.40 -18.41
CA LEU A 36 -27.02 13.91 -19.47
C LEU A 36 -27.86 14.50 -20.60
N SER A 37 -27.17 15.19 -21.50
CA SER A 37 -27.77 15.80 -22.67
C SER A 37 -27.33 15.05 -23.93
N ASN A 38 -28.05 15.31 -25.02
CA ASN A 38 -27.77 14.66 -26.30
C ASN A 38 -27.29 15.68 -27.31
N ILE A 39 -26.40 16.57 -26.87
CA ILE A 39 -25.90 17.63 -27.74
C ILE A 39 -25.21 17.02 -28.95
N LYS A 40 -25.59 17.47 -30.14
CA LYS A 40 -24.93 17.09 -31.38
C LYS A 40 -24.18 18.28 -31.94
N GLU A 41 -23.13 17.99 -32.71
CA GLU A 41 -22.28 19.03 -33.26
C GLU A 41 -23.13 20.10 -33.95
N ASN A 42 -23.07 21.31 -33.41
CA ASN A 42 -23.77 22.46 -33.99
C ASN A 42 -22.85 23.18 -34.96
N LYS A 43 -23.48 23.93 -35.89
CA LYS A 43 -22.69 24.61 -36.92
C LYS A 43 -22.08 25.90 -36.37
N CYS A 44 -22.93 26.87 -36.05
CA CYS A 44 -22.55 28.08 -35.32
C CYS A 44 -21.13 28.54 -35.65
N ASN A 45 -20.84 28.77 -36.93
CA ASN A 45 -19.48 29.07 -37.38
C ASN A 45 -19.17 30.55 -37.09
N GLY A 46 -19.07 30.84 -35.79
CA GLY A 46 -18.74 32.18 -35.34
C GLY A 46 -17.24 32.37 -35.15
N THR A 47 -16.89 33.60 -34.77
CA THR A 47 -15.49 33.96 -34.51
C THR A 47 -15.35 34.78 -33.23
N ASP A 48 -16.40 34.85 -32.42
CA ASP A 48 -16.36 35.65 -31.20
C ASP A 48 -15.48 34.95 -30.16
N ALA A 49 -15.03 35.74 -29.19
CA ALA A 49 -14.13 35.21 -28.17
C ALA A 49 -14.87 34.31 -27.18
N LYS A 50 -16.09 34.69 -26.81
CA LYS A 50 -16.86 33.89 -25.86
C LYS A 50 -17.41 32.62 -26.51
N VAL A 51 -17.75 32.69 -27.79
CA VAL A 51 -18.22 31.50 -28.50
C VAL A 51 -17.14 30.42 -28.49
N LYS A 52 -15.88 30.82 -28.68
CA LYS A 52 -14.79 29.86 -28.67
C LYS A 52 -14.67 29.18 -27.30
N LEU A 53 -14.80 29.96 -26.22
CA LEU A 53 -14.75 29.37 -24.88
C LEU A 53 -15.90 28.39 -24.67
N ILE A 54 -17.10 28.76 -25.11
CA ILE A 54 -18.24 27.85 -24.99
C ILE A 54 -17.98 26.57 -25.76
N LYS A 55 -17.41 26.68 -26.96
CA LYS A 55 -17.10 25.50 -27.76
C LYS A 55 -16.08 24.61 -27.06
N GLN A 56 -15.06 25.22 -26.44
CA GLN A 56 -14.08 24.42 -25.69
C GLN A 56 -14.74 23.67 -24.55
N GLU A 57 -15.65 24.34 -23.83
CA GLU A 57 -16.34 23.73 -22.65
C GLU A 57 -17.29 22.62 -23.12
N LEU A 58 -17.89 22.73 -24.32
CA LEU A 58 -18.71 21.65 -24.88
C LEU A 58 -17.84 20.49 -25.33
N ASP A 59 -16.67 20.78 -25.90
CA ASP A 59 -15.76 19.72 -26.30
C ASP A 59 -15.29 18.92 -25.08
N LYS A 60 -15.00 19.60 -23.97
CA LYS A 60 -14.63 18.90 -22.76
C LYS A 60 -15.77 17.97 -22.30
N TYR A 61 -16.99 18.48 -22.32
CA TYR A 61 -18.14 17.67 -21.90
C TYR A 61 -18.28 16.42 -22.77
N LYS A 62 -18.19 16.60 -24.09
CA LYS A 62 -18.35 15.47 -25.00
C LYS A 62 -17.23 14.46 -24.84
N ASN A 63 -15.99 14.94 -24.66
CA ASN A 63 -14.88 14.03 -24.46
C ASN A 63 -15.04 13.23 -23.16
N ALA A 64 -15.53 13.87 -22.11
CA ALA A 64 -15.80 13.15 -20.87
C ALA A 64 -16.85 12.07 -21.08
N VAL A 65 -17.92 12.39 -21.80
CA VAL A 65 -18.97 11.40 -22.06
C VAL A 65 -18.41 10.23 -22.85
N THR A 66 -17.60 10.52 -23.87
CA THR A 66 -17.01 9.45 -24.68
C THR A 66 -16.07 8.57 -23.83
N GLU A 67 -15.28 9.19 -22.96
CA GLU A 67 -14.38 8.41 -22.11
C GLU A 67 -15.16 7.52 -21.16
N LEU A 68 -16.24 8.03 -20.58
CA LEU A 68 -17.06 7.20 -19.70
C LEU A 68 -17.68 6.04 -20.48
N GLN A 69 -18.15 6.31 -21.70
CA GLN A 69 -18.69 5.24 -22.53
C GLN A 69 -17.64 4.17 -22.80
N LEU A 70 -16.42 4.59 -23.12
CA LEU A 70 -15.35 3.64 -23.40
C LEU A 70 -14.96 2.86 -22.15
N LEU A 71 -15.14 3.44 -20.97
CA LEU A 71 -14.75 2.76 -19.75
C LEU A 71 -15.43 1.41 -19.61
N MET A 72 -16.71 1.31 -20.00
CA MET A 72 -17.50 0.04 -19.89
C MET A 72 -17.57 -0.64 -21.26
N GLN A 73 -17.00 -1.82 -21.46
CA GLN A 73 -16.87 -2.44 -22.79
C GLN A 73 -16.81 -3.95 -22.60
N SER A 74 -17.31 -4.74 -23.55
CA SER A 74 -17.43 -6.20 -23.48
C SER A 74 -16.40 -6.86 -24.38
N PHE A 112 1.59 -11.11 13.33
CA PHE A 112 1.55 -12.56 13.22
C PHE A 112 0.11 -13.03 13.10
N LEU A 113 -0.07 -14.30 12.74
CA LEU A 113 -1.35 -15.00 12.73
C LEU A 113 -2.32 -14.47 11.68
N GLY A 114 -1.87 -13.61 10.78
CA GLY A 114 -2.72 -13.12 9.72
C GLY A 114 -2.91 -14.07 8.56
N PHE A 115 -2.22 -15.21 8.56
CA PHE A 115 -2.31 -16.20 7.51
C PHE A 115 -3.44 -17.22 7.74
N LEU A 116 -4.19 -17.08 8.82
CA LEU A 116 -5.27 -18.01 9.15
C LEU A 116 -6.65 -17.43 8.84
N LEU A 117 -6.72 -16.34 8.09
CA LEU A 117 -7.93 -15.52 8.06
C LEU A 117 -8.98 -16.01 7.08
N GLY A 118 -8.58 -16.40 5.87
CA GLY A 118 -9.53 -16.65 4.81
C GLY A 118 -9.73 -15.41 3.93
N VAL A 119 -10.14 -15.68 2.67
CA VAL A 119 -10.24 -14.62 1.64
C VAL A 119 -11.71 -14.45 1.26
N GLY A 120 -12.22 -13.23 1.25
CA GLY A 120 -13.53 -12.88 0.74
C GLY A 120 -13.43 -11.98 -0.50
N SER A 121 -14.61 -11.57 -0.97
CA SER A 121 -14.74 -10.68 -2.12
C SER A 121 -15.43 -9.40 -1.66
N ALA A 122 -14.75 -8.27 -1.82
CA ALA A 122 -15.18 -7.03 -1.16
C ALA A 122 -16.40 -6.41 -1.82
N ILE A 123 -16.45 -6.39 -3.16
CA ILE A 123 -17.44 -5.59 -3.86
C ILE A 123 -18.45 -6.48 -4.58
N ALA A 124 -18.73 -7.66 -4.03
CA ALA A 124 -19.64 -8.60 -4.68
C ALA A 124 -21.06 -8.05 -4.77
N SER A 125 -21.54 -7.40 -3.70
CA SER A 125 -22.92 -6.95 -3.65
C SER A 125 -23.20 -5.82 -4.65
N GLY A 126 -22.33 -4.81 -4.70
CA GLY A 126 -22.50 -3.74 -5.67
C GLY A 126 -22.41 -4.23 -7.10
N VAL A 127 -21.50 -5.18 -7.35
CA VAL A 127 -21.38 -5.75 -8.69
C VAL A 127 -22.64 -6.51 -9.06
N ALA A 128 -23.25 -7.20 -8.09
CA ALA A 128 -24.52 -7.87 -8.36
C ALA A 128 -25.61 -6.85 -8.69
N VAL A 129 -25.64 -5.73 -7.98
CA VAL A 129 -26.65 -4.70 -8.26
C VAL A 129 -26.48 -4.17 -9.68
N CYS A 130 -25.23 -3.88 -10.09
CA CYS A 130 -25.01 -3.42 -11.46
C CYS A 130 -25.32 -4.49 -12.49
N LYS A 131 -25.02 -5.75 -12.18
CA LYS A 131 -25.41 -6.82 -13.10
C LYS A 131 -26.91 -6.82 -13.30
N VAL A 132 -27.67 -6.54 -12.25
CA VAL A 132 -29.12 -6.42 -12.38
C VAL A 132 -29.48 -5.21 -13.24
N LEU A 133 -28.78 -4.09 -13.04
CA LEU A 133 -29.15 -2.85 -13.73
C LEU A 133 -28.95 -2.91 -15.24
N HIS A 134 -28.23 -3.92 -15.75
CA HIS A 134 -28.01 -4.03 -17.18
C HIS A 134 -29.17 -4.69 -17.91
N LEU A 135 -30.18 -5.12 -17.15
CA LEU A 135 -31.36 -5.79 -17.72
C LEU A 135 -32.15 -4.79 -18.58
N GLU A 136 -33.23 -5.22 -19.24
CA GLU A 136 -33.94 -4.46 -20.26
C GLU A 136 -34.50 -3.13 -19.76
N GLY A 137 -35.44 -3.17 -18.83
CA GLY A 137 -36.21 -1.99 -18.46
C GLY A 137 -35.85 -1.32 -17.16
N GLU A 138 -34.68 -1.62 -16.59
CA GLU A 138 -34.31 -1.16 -15.22
C GLU A 138 -33.89 0.31 -15.26
N VAL A 139 -33.26 0.78 -16.34
CA VAL A 139 -32.88 2.18 -16.48
C VAL A 139 -34.12 3.04 -16.73
N ASN A 140 -35.05 2.53 -17.54
CA ASN A 140 -36.28 3.27 -17.79
C ASN A 140 -37.10 3.43 -16.51
N LYS A 141 -37.21 2.35 -15.73
CA LYS A 141 -37.94 2.39 -14.42
C LYS A 141 -37.32 3.48 -13.55
N ILE A 142 -35.99 3.51 -13.42
CA ILE A 142 -35.32 4.51 -12.57
C ILE A 142 -35.53 5.91 -13.12
N LYS A 143 -35.43 6.08 -14.44
CA LYS A 143 -35.58 7.39 -15.04
C LYS A 143 -36.99 7.95 -14.82
N SER A 144 -38.01 7.11 -14.96
CA SER A 144 -39.38 7.57 -14.82
C SER A 144 -39.82 7.75 -13.37
N ALA A 145 -39.05 7.24 -12.41
CA ALA A 145 -39.39 7.36 -11.00
C ALA A 145 -38.67 8.51 -10.31
N LEU A 146 -37.86 9.29 -11.03
CA LEU A 146 -37.08 10.36 -10.44
C LEU A 146 -37.33 11.72 -11.10
N LEU A 147 -38.20 11.80 -12.11
CA LEU A 147 -38.41 13.05 -12.88
C LEU A 147 -38.99 14.12 -11.93
N SER A 148 -39.89 13.76 -11.00
CA SER A 148 -40.55 14.74 -10.15
C SER A 148 -39.74 15.06 -8.91
N THR A 149 -38.97 14.11 -8.40
CA THR A 149 -38.23 14.27 -7.15
C THR A 149 -36.80 13.77 -7.32
N ASN A 150 -35.91 14.28 -6.47
CA ASN A 150 -34.50 13.91 -6.53
C ASN A 150 -34.18 12.64 -5.74
N LYS A 151 -35.13 12.10 -5.00
CA LYS A 151 -34.91 10.90 -4.20
C LYS A 151 -36.14 10.01 -4.32
N ALA A 152 -35.92 8.69 -4.30
CA ALA A 152 -37.01 7.73 -4.45
C ALA A 152 -36.49 6.35 -4.09
N VAL A 153 -37.43 5.40 -3.89
CA VAL A 153 -37.09 3.97 -3.64
C VAL A 153 -37.72 3.20 -4.81
N VAL A 154 -36.91 2.48 -5.60
CA VAL A 154 -37.33 1.78 -6.80
C VAL A 154 -37.16 0.28 -6.59
N SER A 155 -38.17 -0.49 -6.97
CA SER A 155 -38.13 -1.94 -6.85
C SER A 155 -37.60 -2.55 -8.14
N LEU A 156 -36.50 -3.28 -8.03
CA LEU A 156 -35.85 -3.88 -9.19
C LEU A 156 -36.60 -5.14 -9.62
N SER A 157 -36.21 -5.66 -10.79
CA SER A 157 -36.89 -6.83 -11.34
C SER A 157 -36.74 -8.06 -10.43
N ASN A 158 -35.70 -8.09 -9.62
CA ASN A 158 -35.46 -9.22 -8.72
C ASN A 158 -36.12 -9.05 -7.35
N GLY A 159 -36.88 -7.97 -7.15
CA GLY A 159 -37.63 -7.76 -5.94
C GLY A 159 -36.93 -6.90 -4.89
N VAL A 160 -35.64 -6.60 -5.08
CA VAL A 160 -34.93 -5.77 -4.12
C VAL A 160 -35.21 -4.30 -4.40
N SER A 161 -35.38 -3.53 -3.35
CA SER A 161 -35.68 -2.11 -3.44
C SER A 161 -34.47 -1.32 -2.96
N VAL A 162 -33.97 -0.42 -3.81
CA VAL A 162 -32.77 0.35 -3.52
C VAL A 162 -33.11 1.83 -3.54
N LEU A 163 -32.31 2.61 -2.82
CA LEU A 163 -32.41 4.07 -2.91
C LEU A 163 -31.76 4.54 -4.20
N THR A 164 -32.50 5.35 -4.95
CA THR A 164 -31.99 6.02 -6.14
C THR A 164 -32.03 7.52 -5.88
N PHE A 165 -30.89 8.21 -6.08
CA PHE A 165 -30.76 9.64 -5.75
C PHE A 165 -30.05 10.41 -6.88
N LYS A 166 -30.65 11.50 -7.39
CA LYS A 166 -30.14 12.30 -8.48
C LYS A 166 -29.35 13.47 -7.93
N VAL A 167 -28.09 13.59 -8.34
CA VAL A 167 -27.18 14.57 -7.77
C VAL A 167 -26.90 15.73 -8.70
N LEU A 168 -26.99 15.55 -10.01
CA LEU A 168 -26.65 16.61 -10.95
C LEU A 168 -27.56 16.50 -12.16
N ASP A 169 -27.93 17.65 -12.72
CA ASP A 169 -28.80 17.75 -13.88
C ASP A 169 -28.15 18.67 -14.91
N LEU A 170 -27.29 18.09 -15.75
CA LEU A 170 -26.69 18.85 -16.84
C LEU A 170 -27.60 18.95 -18.05
N LYS A 171 -28.55 18.02 -18.18
CA LYS A 171 -29.47 18.05 -19.31
C LYS A 171 -30.29 19.34 -19.33
N ASN A 172 -30.80 19.75 -18.16
CA ASN A 172 -31.66 20.92 -18.11
C ASN A 172 -30.89 22.20 -18.44
N TYR A 173 -29.65 22.31 -17.97
CA TYR A 173 -28.90 23.54 -18.18
C TYR A 173 -28.41 23.66 -19.61
N ILE A 174 -28.24 22.55 -20.32
CA ILE A 174 -27.75 22.59 -21.69
C ILE A 174 -28.91 22.71 -22.67
N ASP A 175 -29.94 21.89 -22.52
CA ASP A 175 -31.09 21.98 -23.42
C ASP A 175 -31.77 23.33 -23.31
N LYS A 176 -31.95 23.82 -22.08
CA LYS A 176 -32.48 25.14 -21.84
C LYS A 176 -31.39 26.02 -21.22
N GLN A 177 -31.44 27.31 -21.52
CA GLN A 177 -30.57 28.36 -21.00
C GLN A 177 -29.18 28.34 -21.66
N LEU A 178 -28.86 27.36 -22.50
CA LEU A 178 -27.60 27.36 -23.22
C LEU A 178 -27.85 27.19 -24.71
N LEU A 179 -28.85 26.37 -25.06
CA LEU A 179 -29.37 26.31 -26.42
C LEU A 179 -30.82 26.76 -26.42
N PRO A 180 -31.09 28.03 -26.13
CA PRO A 180 -32.48 28.49 -26.10
C PRO A 180 -33.16 28.24 -27.44
N ILE A 181 -34.43 27.97 -27.28
CA ILE A 181 -35.22 27.63 -28.45
C ILE A 181 -35.80 28.90 -29.05
N GLN A 185 -30.58 29.79 -30.25
CA GLN A 185 -29.73 28.78 -29.62
C GLN A 185 -28.42 29.37 -29.10
N SER A 186 -28.42 30.66 -28.80
CA SER A 186 -27.26 31.35 -28.23
C SER A 186 -25.99 31.05 -29.03
N CYS A 187 -26.02 31.47 -30.30
CA CYS A 187 -24.86 31.35 -31.18
C CYS A 187 -23.97 32.59 -31.15
N SER A 188 -24.34 33.59 -30.42
CA SER A 188 -23.52 34.78 -30.21
C SER A 188 -23.72 35.21 -28.77
N ILE A 189 -22.81 34.79 -27.90
CA ILE A 189 -22.97 35.05 -26.47
C ILE A 189 -22.82 36.54 -26.20
N SER A 190 -23.73 37.08 -25.40
CA SER A 190 -23.71 38.49 -25.03
C SER A 190 -23.27 38.76 -23.60
N ASN A 191 -22.99 37.71 -22.82
CA ASN A 191 -22.58 37.86 -21.43
C ASN A 191 -21.41 36.93 -21.14
N ILE A 192 -20.47 37.41 -20.32
CA ILE A 192 -19.33 36.59 -19.96
C ILE A 192 -19.68 35.64 -18.82
N GLU A 193 -20.62 36.02 -17.95
CA GLU A 193 -20.97 35.16 -16.82
C GLU A 193 -21.62 33.86 -17.26
N THR A 194 -22.11 33.77 -18.50
CA THR A 194 -22.59 32.50 -19.02
C THR A 194 -21.46 31.48 -19.09
N VAL A 195 -20.30 31.91 -19.59
CA VAL A 195 -19.15 31.02 -19.68
C VAL A 195 -18.75 30.53 -18.28
N ILE A 196 -18.68 31.46 -17.32
CA ILE A 196 -18.27 31.11 -15.97
C ILE A 196 -19.27 30.15 -15.34
N GLU A 197 -20.57 30.41 -15.52
CA GLU A 197 -21.58 29.53 -14.94
C GLU A 197 -21.49 28.13 -15.54
N PHE A 198 -21.32 28.03 -16.86
CA PHE A 198 -21.21 26.72 -17.48
C PHE A 198 -19.95 26.00 -17.01
N GLN A 199 -18.84 26.72 -16.87
CA GLN A 199 -17.61 26.10 -16.38
C GLN A 199 -17.80 25.57 -14.96
N GLN A 200 -18.50 26.34 -14.11
CA GLN A 200 -18.77 25.88 -12.76
C GLN A 200 -19.64 24.64 -12.75
N LYS A 201 -20.66 24.60 -13.61
CA LYS A 201 -21.58 23.47 -13.63
C LYS A 201 -20.98 22.20 -14.23
N ASN A 202 -19.79 22.29 -14.83
CA ASN A 202 -19.19 21.16 -15.54
C ASN A 202 -18.07 20.48 -14.76
N ASN A 203 -17.58 21.09 -13.68
CA ASN A 203 -16.40 20.56 -12.99
C ASN A 203 -16.69 19.21 -12.36
N ARG A 204 -17.90 19.02 -11.82
CA ARG A 204 -18.24 17.78 -11.13
C ARG A 204 -18.04 16.57 -12.05
N LEU A 205 -18.59 16.65 -13.26
CA LEU A 205 -18.52 15.52 -14.19
C LEU A 205 -17.08 15.21 -14.58
N LEU A 206 -16.28 16.25 -14.85
CA LEU A 206 -14.89 16.03 -15.22
C LEU A 206 -14.12 15.37 -14.07
N GLU A 207 -14.35 15.83 -12.84
CA GLU A 207 -13.65 15.24 -11.71
C GLU A 207 -14.05 13.79 -11.50
N ILE A 208 -15.34 13.48 -11.64
CA ILE A 208 -15.78 12.09 -11.51
C ILE A 208 -15.14 11.23 -12.59
N THR A 209 -15.08 11.75 -13.82
CA THR A 209 -14.47 10.99 -14.91
C THR A 209 -12.99 10.74 -14.64
N ARG A 210 -12.27 11.75 -14.17
CA ARG A 210 -10.85 11.57 -13.83
C ARG A 210 -10.68 10.49 -12.78
N GLU A 211 -11.46 10.57 -11.69
CA GLU A 211 -11.32 9.60 -10.61
C GLU A 211 -11.59 8.19 -11.09
N PHE A 212 -12.64 8.01 -11.89
CA PHE A 212 -12.92 6.67 -12.41
C PHE A 212 -11.85 6.22 -13.40
N SER A 213 -11.24 7.15 -14.13
CA SER A 213 -10.25 6.78 -15.13
C SER A 213 -8.96 6.28 -14.50
N VAL A 214 -8.53 6.89 -13.39
CA VAL A 214 -7.25 6.50 -12.82
C VAL A 214 -7.40 5.31 -11.88
N ASN A 215 -8.60 4.72 -11.82
CA ASN A 215 -8.87 3.62 -10.90
C ASN A 215 -9.58 2.45 -11.57
N ALA A 216 -9.74 2.47 -12.89
CA ALA A 216 -10.37 1.38 -13.62
C ALA A 216 -11.82 1.14 -13.19
N GLY A 217 -12.47 2.18 -12.68
CA GLY A 217 -13.89 2.13 -12.40
C GLY A 217 -14.29 1.75 -10.99
N VAL A 218 -13.44 1.72 -10.02
CA VAL A 218 -13.69 1.35 -8.63
C VAL A 218 -12.78 2.20 -7.75
N THR A 219 -13.36 3.15 -7.01
CA THR A 219 -12.64 4.02 -6.10
C THR A 219 -12.99 3.63 -4.68
N THR A 220 -12.01 3.14 -3.89
CA THR A 220 -12.29 2.68 -2.52
C THR A 220 -12.67 3.93 -1.71
N PRO A 221 -11.78 4.88 -1.34
CA PRO A 221 -12.25 6.02 -0.53
C PRO A 221 -13.18 6.89 -1.35
N VAL A 222 -14.43 6.99 -0.92
CA VAL A 222 -15.42 7.78 -1.64
C VAL A 222 -15.20 9.25 -1.30
N SER A 223 -14.82 9.99 -2.46
CA SER A 223 -14.51 11.43 -2.45
C SER A 223 -15.78 12.24 -2.35
N THR A 224 -15.64 13.53 -2.04
CA THR A 224 -16.77 14.45 -2.01
C THR A 224 -17.24 14.85 -3.40
N TYR A 225 -16.52 14.46 -4.45
CA TYR A 225 -17.04 14.63 -5.80
C TYR A 225 -18.10 13.59 -6.11
N MET A 226 -17.91 12.36 -5.63
CA MET A 226 -18.91 11.32 -5.85
C MET A 226 -20.13 11.52 -4.97
N LEU A 227 -19.92 11.92 -3.71
CA LEU A 227 -21.01 12.14 -2.76
C LEU A 227 -20.63 13.29 -1.85
N THR A 228 -21.39 14.38 -1.91
CA THR A 228 -21.15 15.48 -0.99
C THR A 228 -21.59 15.09 0.42
N ASN A 229 -21.10 15.86 1.40
CA ASN A 229 -21.40 15.54 2.79
C ASN A 229 -22.89 15.62 3.07
N SER A 230 -23.57 16.62 2.50
CA SER A 230 -25.01 16.74 2.68
C SER A 230 -25.73 15.54 2.08
N GLU A 231 -25.31 15.11 0.88
CA GLU A 231 -25.93 13.95 0.25
C GLU A 231 -25.69 12.68 1.07
N LEU A 232 -24.48 12.52 1.60
CA LEU A 232 -24.18 11.36 2.43
C LEU A 232 -25.04 11.35 3.69
N LEU A 233 -25.22 12.51 4.32
CA LEU A 233 -26.06 12.57 5.51
C LEU A 233 -27.52 12.25 5.17
N SER A 234 -28.03 12.81 4.07
CA SER A 234 -29.39 12.52 3.66
C SER A 234 -29.56 11.03 3.35
N LEU A 235 -28.53 10.41 2.80
CA LEU A 235 -28.61 8.98 2.50
C LEU A 235 -28.59 8.14 3.77
N ILE A 236 -27.76 8.53 4.75
CA ILE A 236 -27.74 7.82 6.03
C ILE A 236 -29.08 7.95 6.73
N ASN A 237 -29.75 9.11 6.57
CA ASN A 237 -31.01 9.34 7.25
C ASN A 237 -32.12 8.43 6.74
N ASP A 238 -31.98 7.86 5.54
CA ASP A 238 -33.03 7.06 4.93
C ASP A 238 -32.81 5.56 5.06
N MET A 239 -31.69 5.12 5.63
CA MET A 239 -31.47 3.70 5.81
C MET A 239 -32.44 3.15 6.87
N PRO A 240 -32.98 1.95 6.66
CA PRO A 240 -33.88 1.40 7.70
C PRO A 240 -33.10 0.80 8.86
N ILE A 241 -32.54 1.67 9.69
CA ILE A 241 -31.76 1.29 10.87
C ILE A 241 -32.29 2.07 12.05
N THR A 242 -31.77 1.75 13.24
CA THR A 242 -32.20 2.42 14.45
C THR A 242 -31.54 3.80 14.56
N ASN A 243 -32.07 4.61 15.47
CA ASN A 243 -31.56 5.97 15.64
C ASN A 243 -30.17 5.98 16.27
N ASP A 244 -29.85 4.98 17.09
CA ASP A 244 -28.50 4.88 17.65
C ASP A 244 -27.47 4.69 16.54
N GLN A 245 -27.77 3.80 15.58
CA GLN A 245 -26.85 3.58 14.47
C GLN A 245 -26.70 4.84 13.62
N LYS A 246 -27.80 5.57 13.43
CA LYS A 246 -27.74 6.82 12.67
C LYS A 246 -26.91 7.86 13.37
N LYS A 247 -27.03 7.95 14.70
CA LYS A 247 -26.17 8.88 15.44
C LYS A 247 -24.71 8.48 15.36
N LEU A 248 -24.43 7.17 15.43
CA LEU A 248 -23.05 6.73 15.32
C LEU A 248 -22.48 7.07 13.95
N MET A 249 -23.27 6.89 12.88
CA MET A 249 -22.76 7.14 11.54
C MET A 249 -22.67 8.63 11.23
N SER A 250 -23.57 9.44 11.77
CA SER A 250 -23.60 10.86 11.44
C SER A 250 -22.43 11.61 12.03
N ASN A 251 -21.90 11.14 13.16
CA ASN A 251 -20.80 11.80 13.85
C ASN A 251 -19.44 11.33 13.38
N ASN A 252 -19.37 10.35 12.48
CA ASN A 252 -18.11 9.78 12.02
C ASN A 252 -18.13 9.58 10.51
N VAL A 253 -18.59 10.61 9.78
CA VAL A 253 -18.72 10.48 8.33
C VAL A 253 -17.38 10.23 7.66
N GLN A 254 -16.27 10.68 8.28
CA GLN A 254 -14.90 10.53 7.71
C GLN A 254 -14.50 9.05 7.73
N ILE A 255 -14.91 8.24 8.73
CA ILE A 255 -14.68 6.80 8.74
C ILE A 255 -15.60 6.12 7.74
N VAL A 256 -16.86 6.54 7.68
CA VAL A 256 -17.81 5.97 6.73
C VAL A 256 -17.28 6.13 5.31
N ARG A 257 -16.73 7.30 4.99
CA ARG A 257 -16.13 7.50 3.68
C ARG A 257 -14.95 6.56 3.48
N GLN A 258 -14.10 6.42 4.50
CA GLN A 258 -12.93 5.56 4.37
C GLN A 258 -13.30 4.09 4.21
N GLN A 259 -14.48 3.68 4.62
CA GLN A 259 -14.87 2.27 4.53
C GLN A 259 -15.95 2.01 3.48
N SER A 260 -16.03 2.85 2.45
CA SER A 260 -17.06 2.76 1.43
C SER A 260 -16.44 2.41 0.08
N TYR A 261 -17.29 2.16 -0.91
CA TYR A 261 -16.82 1.90 -2.29
C TYR A 261 -17.70 2.70 -3.26
N SER A 262 -17.19 2.95 -4.45
CA SER A 262 -17.92 3.54 -5.57
C SER A 262 -17.57 2.76 -6.84
N ILE A 263 -18.59 2.34 -7.58
CA ILE A 263 -18.41 1.43 -8.71
C ILE A 263 -19.06 2.06 -9.94
N MET A 264 -18.24 2.36 -10.95
CA MET A 264 -18.78 2.77 -12.25
C MET A 264 -19.62 1.66 -12.85
N CYS A 265 -20.88 1.98 -13.18
CA CYS A 265 -21.88 0.95 -13.34
C CYS A 265 -22.46 0.92 -14.75
N ILE A 266 -23.02 2.02 -15.24
CA ILE A 266 -23.58 2.05 -16.59
C ILE A 266 -23.83 3.48 -17.06
N ILE A 267 -23.77 3.70 -18.38
CA ILE A 267 -24.16 4.97 -18.98
C ILE A 267 -24.90 4.70 -20.30
N LYS A 268 -26.23 4.76 -20.27
CA LYS A 268 -27.03 4.49 -21.46
C LYS A 268 -28.15 5.53 -21.53
N GLU A 269 -28.65 5.74 -22.74
CA GLU A 269 -29.65 6.78 -23.03
C GLU A 269 -29.01 8.07 -22.53
N GLU A 270 -29.73 8.89 -21.73
CA GLU A 270 -29.25 10.17 -21.15
C GLU A 270 -29.20 9.97 -19.63
N VAL A 271 -28.69 8.83 -19.14
CA VAL A 271 -28.45 8.61 -17.71
C VAL A 271 -27.06 8.04 -17.45
N LEU A 272 -26.35 8.65 -16.49
CA LEU A 272 -25.12 8.12 -15.93
C LEU A 272 -25.44 7.56 -14.55
N ALA A 273 -25.03 6.32 -14.30
CA ALA A 273 -25.34 5.65 -13.04
C ALA A 273 -24.09 4.97 -12.48
N TYR A 274 -23.93 5.07 -11.15
CA TYR A 274 -22.91 4.30 -10.45
C TYR A 274 -23.44 3.95 -9.07
N VAL A 275 -22.91 2.86 -8.51
CA VAL A 275 -23.37 2.32 -7.24
C VAL A 275 -22.42 2.74 -6.14
N VAL A 276 -22.97 3.08 -4.98
CA VAL A 276 -22.18 3.40 -3.79
C VAL A 276 -22.50 2.33 -2.74
N GLN A 277 -21.46 1.66 -2.26
CA GLN A 277 -21.59 0.54 -1.34
C GLN A 277 -21.11 1.02 0.04
N LEU A 278 -22.07 1.15 0.99
CA LEU A 278 -21.79 1.73 2.30
C LEU A 278 -21.68 0.65 3.36
N PRO A 279 -20.90 0.89 4.42
CA PRO A 279 -20.80 -0.09 5.50
C PRO A 279 -22.03 -0.11 6.39
N LEU A 280 -22.33 -1.30 6.90
CA LEU A 280 -23.38 -1.50 7.89
C LEU A 280 -22.74 -1.95 9.19
N TYR A 281 -22.99 -1.22 10.27
CA TYR A 281 -22.43 -1.52 11.58
C TYR A 281 -23.52 -2.21 12.40
N GLY A 282 -23.52 -3.55 12.37
CA GLY A 282 -24.53 -4.31 13.08
C GLY A 282 -24.29 -4.43 14.56
N VAL A 283 -23.04 -4.32 15.00
CA VAL A 283 -22.67 -4.42 16.41
C VAL A 283 -22.01 -3.11 16.82
N ILE A 284 -22.50 -2.52 17.90
CA ILE A 284 -22.01 -1.24 18.38
C ILE A 284 -22.02 -1.21 19.90
N ASP A 285 -21.05 -0.52 20.48
CA ASP A 285 -21.04 -0.16 21.90
C ASP A 285 -20.70 -1.33 22.80
N THR A 286 -19.98 -2.33 22.30
CA THR A 286 -19.50 -3.42 23.14
C THR A 286 -18.07 -3.18 23.57
N PRO A 287 -17.63 -3.78 24.68
CA PRO A 287 -16.26 -3.55 25.14
C PRO A 287 -15.22 -4.15 24.20
N CYS A 288 -14.10 -3.43 24.06
CA CYS A 288 -12.98 -3.85 23.22
C CYS A 288 -11.68 -3.60 23.96
N TRP A 289 -10.65 -4.42 23.68
CA TRP A 289 -9.35 -4.36 24.38
C TRP A 289 -8.19 -4.80 23.47
N LYS A 290 -7.05 -4.11 23.50
CA LYS A 290 -5.90 -4.33 22.64
C LYS A 290 -4.78 -5.03 23.41
N LEU A 291 -3.99 -5.83 22.70
CA LEU A 291 -2.91 -6.61 23.30
C LEU A 291 -1.58 -6.25 22.64
N HIS A 292 -0.56 -6.01 23.48
CA HIS A 292 0.79 -5.71 23.03
C HIS A 292 1.74 -6.75 23.60
N THR A 293 2.63 -7.28 22.75
CA THR A 293 3.57 -8.31 23.16
C THR A 293 4.96 -7.96 22.68
N SER A 294 5.96 -8.38 23.46
CA SER A 294 7.36 -8.17 23.16
C SER A 294 8.14 -9.42 23.52
N PRO A 295 9.27 -9.68 22.86
CA PRO A 295 10.02 -10.92 23.14
C PRO A 295 10.55 -10.98 24.56
N LEU A 296 10.60 -12.20 25.10
CA LEU A 296 11.07 -12.48 26.44
C LEU A 296 12.21 -13.50 26.36
N CYS A 297 13.37 -13.14 26.90
CA CYS A 297 14.58 -13.93 26.73
C CYS A 297 15.33 -14.03 28.05
N THR A 298 16.30 -14.93 28.09
CA THR A 298 17.20 -15.05 29.23
C THR A 298 18.39 -14.10 29.05
N THR A 299 19.10 -13.85 30.14
CA THR A 299 20.12 -12.82 30.16
C THR A 299 21.51 -13.37 30.51
N ASN A 300 21.89 -14.48 29.89
CA ASN A 300 23.23 -15.02 30.11
C ASN A 300 24.29 -14.10 29.50
N THR A 301 25.47 -14.12 30.11
CA THR A 301 26.55 -13.25 29.64
C THR A 301 27.12 -13.72 28.30
N LYS A 302 27.19 -15.03 28.11
CA LYS A 302 27.73 -15.57 26.86
C LYS A 302 26.84 -15.15 25.69
N GLU A 303 27.46 -14.83 24.56
CA GLU A 303 26.72 -14.25 23.45
C GLU A 303 25.58 -15.16 23.02
N GLY A 304 25.87 -16.44 22.79
CA GLY A 304 24.84 -17.42 22.52
C GLY A 304 24.30 -18.01 23.80
N SER A 305 23.66 -19.20 23.70
CA SER A 305 23.13 -19.97 24.88
C SER A 305 21.88 -19.32 25.48
N ASN A 306 21.18 -18.42 24.76
CA ASN A 306 20.02 -17.72 25.30
C ASN A 306 18.79 -18.09 24.48
N ILE A 307 17.69 -18.35 25.18
CA ILE A 307 16.44 -18.78 24.55
C ILE A 307 15.40 -17.68 24.75
N CYS A 308 14.54 -17.52 23.75
CA CYS A 308 13.55 -16.44 23.73
C CYS A 308 12.14 -17.02 23.59
N LEU A 309 11.16 -16.15 23.76
CA LEU A 309 9.76 -16.53 23.76
C LEU A 309 8.91 -15.29 23.50
N THR A 310 7.82 -15.46 22.75
CA THR A 310 6.95 -14.34 22.41
C THR A 310 5.53 -14.84 22.20
N ARG A 311 4.56 -14.08 22.72
CA ARG A 311 3.15 -14.31 22.41
C ARG A 311 2.84 -13.77 21.03
N THR A 312 2.19 -14.58 20.20
CA THR A 312 1.93 -14.24 18.81
C THR A 312 0.52 -13.70 18.57
N ASP A 313 -0.31 -13.60 19.59
CA ASP A 313 -1.73 -13.27 19.43
C ASP A 313 -2.02 -11.80 19.71
N ARG A 314 -1.10 -10.91 19.36
CA ARG A 314 -1.33 -9.48 19.48
C ARG A 314 -2.39 -9.01 18.49
N GLY A 315 -3.20 -8.04 18.91
CA GLY A 315 -4.21 -7.49 18.03
C GLY A 315 -5.34 -6.87 18.83
N TRP A 316 -6.46 -6.65 18.14
CA TRP A 316 -7.67 -6.08 18.72
C TRP A 316 -8.64 -7.20 19.08
N TYR A 317 -9.33 -7.04 20.21
CA TYR A 317 -10.28 -8.02 20.72
C TYR A 317 -11.58 -7.34 21.06
N CYS A 318 -12.67 -7.80 20.46
CA CYS A 318 -14.01 -7.27 20.73
C CYS A 318 -14.98 -8.42 20.88
N ASP A 319 -15.88 -8.34 21.88
CA ASP A 319 -16.91 -9.39 22.15
C ASP A 319 -18.26 -8.87 21.67
N ASN A 320 -18.89 -9.57 20.71
CA ASN A 320 -20.14 -9.12 20.02
C ASN A 320 -21.36 -9.93 20.50
N ALA A 321 -21.33 -11.28 20.49
CA ALA A 321 -22.47 -12.10 20.89
C ALA A 321 -21.95 -13.42 21.44
N GLY A 322 -21.77 -13.46 22.76
CA GLY A 322 -21.37 -14.70 23.42
C GLY A 322 -20.03 -15.25 22.99
N SER A 323 -19.24 -14.45 22.29
CA SER A 323 -17.92 -14.87 21.82
C SER A 323 -17.08 -13.63 21.57
N VAL A 324 -15.91 -13.82 20.97
CA VAL A 324 -14.94 -12.75 20.78
C VAL A 324 -14.48 -12.75 19.33
N SER A 325 -14.45 -11.58 18.71
CA SER A 325 -13.87 -11.37 17.39
C SER A 325 -12.44 -10.88 17.56
N PHE A 326 -11.49 -11.54 16.89
CA PHE A 326 -10.07 -11.23 17.00
C PHE A 326 -9.56 -10.76 15.65
N PHE A 327 -8.84 -9.65 15.64
CA PHE A 327 -8.30 -9.04 14.43
C PHE A 327 -6.78 -9.03 14.50
N PRO A 328 -6.09 -10.02 13.90
CA PRO A 328 -4.63 -10.06 14.05
C PRO A 328 -3.92 -8.86 13.45
N GLN A 329 -4.42 -8.31 12.35
CA GLN A 329 -3.81 -7.15 11.70
C GLN A 329 -4.45 -5.89 12.28
N ALA A 330 -3.85 -5.40 13.37
CA ALA A 330 -4.39 -4.23 14.05
C ALA A 330 -4.36 -2.98 13.15
N GLU A 331 -3.65 -3.03 12.02
CA GLU A 331 -3.65 -1.92 11.02
C GLU A 331 -5.02 -1.80 10.34
N THR A 332 -5.91 -2.81 10.43
CA THR A 332 -7.19 -2.82 9.74
C THR A 332 -8.32 -2.25 10.58
N CYS A 333 -8.00 -1.64 11.72
CA CYS A 333 -9.01 -1.06 12.61
C CYS A 333 -8.72 0.42 12.80
N LYS A 334 -9.68 1.26 12.45
CA LYS A 334 -9.59 2.70 12.66
C LYS A 334 -10.04 3.03 14.08
N VAL A 335 -9.37 4.01 14.69
CA VAL A 335 -9.67 4.43 16.05
C VAL A 335 -10.04 5.91 16.03
N GLN A 336 -11.24 6.29 16.60
CA GLN A 336 -11.66 7.68 16.80
C GLN A 336 -11.92 7.85 18.28
N SER A 337 -11.03 8.57 19.00
CA SER A 337 -11.11 8.79 20.47
C SER A 337 -11.19 7.36 21.04
N ASN A 338 -12.19 6.98 21.82
CA ASN A 338 -12.37 5.60 22.36
C ASN A 338 -13.42 4.80 21.58
N ARG A 339 -13.45 4.91 20.24
CA ARG A 339 -14.31 4.10 19.38
C ARG A 339 -13.47 3.44 18.30
N VAL A 340 -13.58 2.12 18.19
CA VAL A 340 -12.78 1.32 17.26
C VAL A 340 -13.69 0.81 16.15
N PHE A 341 -13.33 1.05 14.92
CA PHE A 341 -14.05 0.57 13.75
C PHE A 341 -13.24 -0.57 13.11
N CYS A 342 -13.81 -1.77 13.10
CA CYS A 342 -13.15 -2.94 12.56
C CYS A 342 -14.06 -3.66 11.57
N ASP A 343 -13.43 -4.39 10.65
CA ASP A 343 -14.14 -5.11 9.58
C ASP A 343 -14.06 -6.60 9.86
N THR A 344 -15.23 -7.24 9.96
CA THR A 344 -15.27 -8.65 10.34
C THR A 344 -14.67 -9.58 9.28
N MET A 345 -14.49 -9.10 8.05
CA MET A 345 -13.86 -9.93 7.02
C MET A 345 -12.44 -10.31 7.41
N ASN A 346 -11.80 -9.57 8.31
CA ASN A 346 -10.42 -9.81 8.72
C ASN A 346 -10.35 -10.25 10.18
N SER A 347 -11.23 -11.15 10.58
CA SER A 347 -11.31 -11.57 11.98
C SER A 347 -11.48 -13.08 12.06
N LEU A 348 -11.16 -13.61 13.24
CA LEU A 348 -11.44 -14.99 13.60
C LEU A 348 -12.39 -15.01 14.79
N THR A 349 -13.22 -16.04 14.85
CA THR A 349 -14.16 -16.21 15.95
C THR A 349 -13.53 -17.11 17.00
N LEU A 350 -13.39 -16.60 18.22
CA LEU A 350 -12.73 -17.32 19.29
C LEU A 350 -13.66 -17.44 20.50
N PRO A 351 -13.46 -18.46 21.34
CA PRO A 351 -14.27 -18.55 22.57
C PRO A 351 -13.92 -17.44 23.55
N SER A 352 -14.84 -17.21 24.48
CA SER A 352 -14.60 -16.22 25.52
C SER A 352 -13.51 -16.63 26.50
N GLU A 353 -13.07 -17.89 26.46
CA GLU A 353 -12.00 -18.35 27.34
C GLU A 353 -10.64 -17.80 26.96
N VAL A 354 -10.51 -17.18 25.79
CA VAL A 354 -9.21 -16.68 25.36
C VAL A 354 -8.68 -15.63 26.32
N ASN A 355 -9.58 -14.92 27.00
CA ASN A 355 -9.15 -13.87 27.93
C ASN A 355 -8.36 -14.42 29.11
N LEU A 356 -8.47 -15.72 29.39
CA LEU A 356 -7.73 -16.31 30.50
C LEU A 356 -6.22 -16.32 30.26
N CYS A 357 -5.78 -16.17 29.01
CA CYS A 357 -4.36 -16.17 28.72
C CYS A 357 -3.65 -14.97 29.32
N ASN A 358 -4.35 -13.88 29.56
CA ASN A 358 -3.73 -12.69 30.16
C ASN A 358 -3.55 -12.87 31.67
N VAL A 359 -4.50 -13.55 32.33
CA VAL A 359 -4.42 -13.72 33.78
C VAL A 359 -3.47 -14.84 34.14
N ASP A 360 -3.59 -15.98 33.47
CA ASP A 360 -2.72 -17.13 33.73
C ASP A 360 -2.47 -17.83 32.40
N ILE A 361 -1.21 -17.90 31.99
CA ILE A 361 -0.86 -18.49 30.69
C ILE A 361 -0.81 -20.00 30.73
N PHE A 362 -0.84 -20.62 31.91
CA PHE A 362 -0.77 -22.07 32.05
C PHE A 362 -2.12 -22.68 32.41
N ASN A 363 -3.21 -21.98 32.14
CA ASN A 363 -4.53 -22.50 32.45
C ASN A 363 -4.86 -23.68 31.54
N PRO A 364 -5.73 -24.60 31.98
CA PRO A 364 -6.07 -25.75 31.15
C PRO A 364 -7.23 -25.51 30.21
N LYS A 365 -8.05 -24.47 30.49
CA LYS A 365 -9.22 -24.22 29.67
C LYS A 365 -8.85 -23.83 28.25
N TYR A 366 -7.84 -22.97 28.08
CA TYR A 366 -7.45 -22.47 26.78
C TYR A 366 -5.93 -22.60 26.62
N ASP A 367 -5.50 -22.96 25.43
CA ASP A 367 -4.09 -23.13 25.10
C ASP A 367 -3.59 -21.87 24.40
N CYS A 368 -2.67 -21.16 25.04
CA CYS A 368 -2.17 -19.90 24.51
C CYS A 368 -1.06 -20.15 23.50
N LYS A 369 -1.01 -19.29 22.48
CA LYS A 369 -0.09 -19.44 21.37
C LYS A 369 1.14 -18.57 21.56
N ILE A 370 2.32 -19.16 21.35
CA ILE A 370 3.59 -18.50 21.58
C ILE A 370 4.49 -18.73 20.36
N MET A 371 5.68 -18.15 20.42
CA MET A 371 6.72 -18.37 19.43
C MET A 371 8.06 -18.45 20.16
N THR A 372 8.88 -19.42 19.78
CA THR A 372 10.19 -19.62 20.40
C THR A 372 11.28 -19.30 19.38
N SER A 373 12.42 -18.84 19.87
CA SER A 373 13.52 -18.43 18.99
C SER A 373 14.82 -18.58 19.76
N LYS A 374 15.92 -18.13 19.20
CA LYS A 374 17.22 -18.07 19.87
C LYS A 374 17.97 -16.78 19.56
N THR A 375 17.32 -15.80 18.94
CA THR A 375 17.94 -14.52 18.61
C THR A 375 17.34 -13.45 19.52
N ASP A 376 18.16 -12.87 20.38
CA ASP A 376 17.74 -11.86 21.35
C ASP A 376 18.24 -10.50 20.88
N VAL A 377 17.32 -9.63 20.48
CA VAL A 377 17.63 -8.30 19.98
C VAL A 377 16.77 -7.29 20.74
N SER A 378 17.38 -6.18 21.12
CA SER A 378 16.67 -5.16 21.87
C SER A 378 15.71 -4.39 20.97
N SER A 379 14.56 -4.01 21.52
CA SER A 379 13.56 -3.27 20.78
C SER A 379 12.57 -2.67 21.77
N SER A 380 11.64 -1.87 21.25
CA SER A 380 10.62 -1.23 22.06
C SER A 380 9.28 -1.34 21.38
N VAL A 381 8.22 -1.40 22.19
CA VAL A 381 6.84 -1.38 21.71
C VAL A 381 6.13 -0.25 22.44
N ILE A 382 5.54 0.66 21.68
CA ILE A 382 4.80 1.78 22.25
C ILE A 382 3.36 1.37 22.41
N THR A 383 2.85 1.41 23.64
CA THR A 383 1.50 0.98 23.94
C THR A 383 0.59 2.19 24.03
N SER A 384 -0.65 1.96 24.48
CA SER A 384 -1.63 3.04 24.54
C SER A 384 -1.23 4.12 25.53
N LEU A 385 -0.68 3.72 26.68
CA LEU A 385 -0.35 4.67 27.75
C LEU A 385 1.06 4.43 28.29
N GLY A 386 1.98 3.98 27.46
CA GLY A 386 3.34 3.74 27.93
C GLY A 386 4.16 3.04 26.87
N ALA A 387 5.25 2.41 27.32
CA ALA A 387 6.17 1.71 26.44
C ALA A 387 6.70 0.47 27.13
N ILE A 388 6.93 -0.59 26.35
CA ILE A 388 7.58 -1.80 26.81
C ILE A 388 8.98 -1.82 26.22
N VAL A 389 9.98 -2.06 27.06
CA VAL A 389 11.38 -2.07 26.66
C VAL A 389 11.96 -3.44 26.93
N SER A 390 12.37 -4.13 25.86
CA SER A 390 13.15 -5.36 25.96
C SER A 390 14.59 -5.02 25.59
N CYS A 391 15.46 -4.97 26.60
CA CYS A 391 16.82 -4.45 26.44
C CYS A 391 17.78 -5.60 26.72
N TYR A 392 18.48 -6.06 25.69
CA TYR A 392 19.34 -7.24 25.78
C TYR A 392 20.70 -6.95 25.16
N GLY A 393 21.70 -7.68 25.62
CA GLY A 393 23.03 -7.58 25.04
C GLY A 393 23.82 -6.46 25.68
N LYS A 394 24.47 -5.66 24.84
CA LYS A 394 25.27 -4.53 25.30
C LYS A 394 24.64 -3.18 24.95
N THR A 395 23.36 -3.16 24.57
CA THR A 395 22.73 -1.93 24.17
C THR A 395 22.48 -1.02 25.37
N LYS A 396 22.37 0.30 25.11
CA LYS A 396 22.09 1.32 26.16
C LYS A 396 20.63 1.76 26.00
N CYS A 397 19.80 1.62 27.04
CA CYS A 397 18.37 1.84 27.01
C CYS A 397 18.00 2.84 28.10
N THR A 398 17.23 3.86 27.75
CA THR A 398 16.91 4.94 28.68
C THR A 398 15.51 5.49 28.39
N ALA A 399 15.01 6.27 29.35
CA ALA A 399 13.77 7.01 29.21
C ALA A 399 14.00 8.42 29.74
N SER A 400 13.42 9.41 29.07
CA SER A 400 13.69 10.82 29.36
C SER A 400 12.43 11.64 29.19
N ASN A 401 12.48 12.86 29.77
CA ASN A 401 11.47 13.88 29.50
C ASN A 401 12.18 15.20 29.23
N LYS A 402 11.42 16.16 28.70
CA LYS A 402 12.04 17.37 28.16
C LYS A 402 12.64 18.24 29.26
N ASN A 403 12.00 18.32 30.42
CA ASN A 403 12.45 19.25 31.45
C ASN A 403 13.72 18.75 32.15
N ARG A 404 13.79 17.45 32.47
CA ARG A 404 14.86 16.92 33.30
C ARG A 404 15.80 15.98 32.57
N GLY A 405 15.54 15.67 31.30
CA GLY A 405 16.41 14.72 30.62
C GLY A 405 16.16 13.31 31.10
N ILE A 406 17.23 12.50 31.07
CA ILE A 406 17.09 11.09 31.44
C ILE A 406 16.63 10.98 32.89
N ILE A 407 15.64 10.11 33.11
CA ILE A 407 15.09 9.91 34.44
C ILE A 407 15.01 8.42 34.76
N LYS A 408 15.57 7.58 33.90
CA LYS A 408 15.60 6.15 34.16
C LYS A 408 16.57 5.48 33.21
N THR A 409 17.22 4.43 33.70
CA THR A 409 18.08 3.57 32.89
C THR A 409 17.63 2.13 33.08
N PHE A 410 17.45 1.42 31.97
CA PHE A 410 16.93 0.06 32.00
C PHE A 410 18.05 -0.96 32.12
N SER A 411 17.74 -2.07 32.77
CA SER A 411 18.63 -3.21 32.87
C SER A 411 18.19 -4.31 31.91
N ASN A 412 18.99 -5.37 31.84
CA ASN A 412 18.67 -6.47 30.95
C ASN A 412 17.36 -7.13 31.37
N GLY A 413 16.50 -7.40 30.39
CA GLY A 413 15.20 -8.01 30.60
C GLY A 413 14.11 -7.17 29.98
N CYS A 414 12.86 -7.53 30.29
CA CYS A 414 11.69 -6.83 29.82
C CYS A 414 11.14 -5.95 30.93
N ASP A 415 10.87 -4.69 30.61
CA ASP A 415 10.38 -3.72 31.59
C ASP A 415 9.32 -2.84 30.93
N TYR A 416 8.63 -2.06 31.76
CA TYR A 416 7.56 -1.18 31.33
C TYR A 416 7.71 0.18 32.00
N VAL A 417 7.33 1.22 31.28
CA VAL A 417 7.34 2.58 31.79
C VAL A 417 6.06 3.27 31.37
N SER A 418 5.47 4.04 32.28
CA SER A 418 4.24 4.76 32.02
C SER A 418 4.54 6.12 31.39
N ASN A 419 3.54 6.67 30.71
CA ASN A 419 3.66 7.97 30.05
C ASN A 419 3.30 9.13 30.97
N LYS A 420 3.32 8.91 32.29
CA LYS A 420 2.90 9.96 33.21
C LYS A 420 3.95 11.07 33.30
N GLY A 421 5.23 10.70 33.33
CA GLY A 421 6.30 11.67 33.38
C GLY A 421 7.43 11.35 32.42
N VAL A 422 7.11 10.65 31.34
CA VAL A 422 8.08 10.22 30.34
C VAL A 422 7.60 10.71 28.97
N ASP A 423 8.51 11.32 28.21
CA ASP A 423 8.21 11.79 26.87
C ASP A 423 8.80 10.91 25.77
N THR A 424 9.97 10.33 26.00
CA THR A 424 10.64 9.55 24.97
C THR A 424 11.38 8.39 25.62
N VAL A 425 11.58 7.32 24.85
CA VAL A 425 12.45 6.22 25.21
C VAL A 425 13.41 5.97 24.05
N SER A 426 14.69 5.77 24.37
CA SER A 426 15.71 5.53 23.36
C SER A 426 16.30 4.15 23.58
N VAL A 427 16.26 3.33 22.54
CA VAL A 427 16.82 1.97 22.56
C VAL A 427 17.89 1.92 21.49
N GLY A 428 19.14 1.76 21.90
CA GLY A 428 20.23 1.75 20.94
C GLY A 428 20.30 3.07 20.20
N ASN A 429 20.21 3.02 18.88
CA ASN A 429 20.31 4.19 18.03
C ASN A 429 18.94 4.79 17.69
N THR A 430 17.86 4.26 18.26
CA THR A 430 16.50 4.67 17.91
C THR A 430 15.88 5.46 19.05
N LEU A 431 15.07 6.46 18.71
CA LEU A 431 14.32 7.27 19.65
C LEU A 431 12.83 7.15 19.35
N TYR A 432 12.03 6.93 20.39
CA TYR A 432 10.58 6.81 20.25
C TYR A 432 9.88 7.88 21.07
N TYR A 433 8.74 8.32 20.56
CA TYR A 433 7.81 9.18 21.30
C TYR A 433 6.66 8.35 21.83
N VAL A 434 6.29 8.57 23.08
CA VAL A 434 5.17 7.86 23.69
C VAL A 434 3.90 8.67 23.47
N ASN A 435 2.77 7.96 23.40
CA ASN A 435 1.48 8.63 23.31
C ASN A 435 1.18 9.35 24.62
N LYS A 436 0.48 10.49 24.50
CA LYS A 436 0.14 11.31 25.65
C LYS A 436 -1.35 11.24 25.98
N GLN A 437 -1.98 10.10 25.71
CA GLN A 437 -3.35 9.88 26.12
C GLN A 437 -3.45 9.84 27.65
N GLU A 438 -4.60 10.25 28.17
CA GLU A 438 -4.85 10.26 29.60
C GLU A 438 -5.47 8.93 30.03
N GLY A 439 -4.96 8.39 31.13
CA GLY A 439 -5.47 7.14 31.65
C GLY A 439 -4.57 6.61 32.75
N LYS A 440 -5.07 5.57 33.41
CA LYS A 440 -4.36 4.93 34.51
C LYS A 440 -3.71 3.64 34.04
N SER A 441 -2.51 3.37 34.55
CA SER A 441 -1.78 2.15 34.23
C SER A 441 -1.38 1.46 35.52
N LEU A 442 -1.32 0.12 35.46
CA LEU A 442 -1.02 -0.71 36.61
C LEU A 442 0.11 -1.67 36.25
N TYR A 443 1.04 -1.86 37.19
CA TYR A 443 2.17 -2.76 37.02
C TYR A 443 1.92 -4.02 37.83
N VAL A 444 2.03 -5.17 37.17
CA VAL A 444 1.79 -6.47 37.78
C VAL A 444 3.12 -7.23 37.78
N LYS A 445 3.55 -7.66 38.95
CA LYS A 445 4.84 -8.29 39.13
C LYS A 445 4.72 -9.82 39.11
N GLY A 446 5.74 -10.46 38.57
CA GLY A 446 5.75 -11.91 38.50
C GLY A 446 7.04 -12.38 37.87
N GLU A 447 7.34 -13.65 38.10
CA GLU A 447 8.56 -14.25 37.56
C GLU A 447 8.36 -14.54 36.08
N PRO A 448 9.27 -14.09 35.21
CA PRO A 448 9.14 -14.43 33.78
C PRO A 448 9.14 -15.93 33.58
N ILE A 449 8.30 -16.38 32.63
CA ILE A 449 8.09 -17.82 32.44
C ILE A 449 9.23 -18.49 31.68
N ILE A 450 10.13 -17.73 31.07
CA ILE A 450 11.25 -18.33 30.36
C ILE A 450 12.28 -18.95 31.30
N ASN A 451 12.21 -18.64 32.60
CA ASN A 451 13.13 -19.21 33.56
C ASN A 451 12.75 -20.62 33.99
N PHE A 452 11.52 -21.05 33.70
CA PHE A 452 11.07 -22.37 34.11
C PHE A 452 11.48 -23.48 33.15
N TYR A 453 12.11 -23.14 32.02
CA TYR A 453 12.47 -24.10 31.00
C TYR A 453 13.93 -24.49 31.12
N ASP A 454 14.23 -25.74 30.77
CA ASP A 454 15.59 -26.22 30.72
C ASP A 454 16.16 -25.96 29.32
N PRO A 455 17.21 -25.14 29.18
CA PRO A 455 17.68 -24.82 27.82
C PRO A 455 18.20 -26.02 27.06
N LEU A 456 18.55 -27.12 27.74
CA LEU A 456 19.12 -28.27 27.04
C LEU A 456 18.12 -28.89 26.07
N VAL A 457 16.86 -29.00 26.49
CA VAL A 457 15.85 -29.71 25.70
C VAL A 457 14.77 -28.74 25.25
N PHE A 458 15.14 -27.49 25.02
CA PHE A 458 14.18 -26.46 24.64
C PHE A 458 14.10 -26.37 23.12
N PRO A 459 12.91 -26.51 22.52
CA PRO A 459 12.80 -26.26 21.08
C PRO A 459 13.00 -24.80 20.75
N SER A 460 13.57 -24.53 19.57
CA SER A 460 14.00 -23.19 19.21
C SER A 460 13.26 -22.63 18.01
N ASP A 461 13.23 -23.36 16.89
CA ASP A 461 12.70 -22.82 15.63
C ASP A 461 11.23 -23.23 15.49
N GLU A 462 10.40 -22.68 16.37
CA GLU A 462 8.97 -22.96 16.40
C GLU A 462 8.21 -21.66 16.12
N PHE A 463 7.70 -21.53 14.90
CA PHE A 463 7.02 -20.30 14.50
C PHE A 463 5.56 -20.27 14.92
N ASP A 464 4.87 -21.41 14.82
CA ASP A 464 3.43 -21.48 15.02
C ASP A 464 3.08 -22.53 16.07
N ALA A 465 3.76 -22.47 17.21
CA ALA A 465 3.58 -23.43 18.28
C ALA A 465 2.65 -22.85 19.35
N SER A 466 2.50 -23.58 20.45
CA SER A 466 1.70 -23.16 21.59
C SER A 466 2.30 -23.76 22.85
N ILE A 467 1.67 -23.47 23.99
CA ILE A 467 2.20 -23.95 25.27
C ILE A 467 2.16 -25.47 25.32
N SER A 468 1.01 -26.05 24.99
CA SER A 468 0.88 -27.51 25.05
C SER A 468 1.81 -28.20 24.06
N GLN A 469 1.93 -27.65 22.85
CA GLN A 469 2.82 -28.26 21.86
C GLN A 469 4.28 -28.22 22.28
N VAL A 470 4.72 -27.11 22.88
CA VAL A 470 6.09 -27.05 23.38
C VAL A 470 6.28 -28.04 24.52
N ASN A 471 5.29 -28.15 25.42
CA ASN A 471 5.40 -29.08 26.53
C ASN A 471 5.50 -30.52 26.03
N GLU A 472 4.73 -30.87 25.00
CA GLU A 472 4.78 -32.23 24.46
C GLU A 472 6.17 -32.56 23.90
N LYS A 473 6.74 -31.63 23.13
CA LYS A 473 8.07 -31.86 22.58
C LYS A 473 9.10 -31.98 23.69
N ILE A 474 9.01 -31.12 24.70
CA ILE A 474 9.93 -31.21 25.83
C ILE A 474 9.80 -32.55 26.52
N ASN A 475 8.56 -33.01 26.73
CA ASN A 475 8.34 -34.28 27.40
C ASN A 475 8.92 -35.43 26.60
N GLN A 476 8.72 -35.43 25.29
CA GLN A 476 9.27 -36.49 24.46
C GLN A 476 10.79 -36.50 24.51
N SER A 477 11.41 -35.31 24.37
CA SER A 477 12.87 -35.24 24.40
C SER A 477 13.40 -35.72 25.75
N LEU A 478 12.73 -35.33 26.85
CA LEU A 478 13.20 -35.71 28.17
C LEU A 478 13.00 -37.20 28.43
N ALA A 479 11.94 -37.79 27.88
CA ALA A 479 11.68 -39.21 28.06
C ALA A 479 12.62 -40.06 27.22
N PHE A 480 13.04 -39.57 26.06
CA PHE A 480 13.98 -40.34 25.25
C PHE A 480 15.28 -40.60 26.00
N ILE A 481 15.72 -39.63 26.80
CA ILE A 481 17.02 -39.73 27.48
C ILE A 481 16.76 -40.51 28.76
N ARG A 482 16.64 -41.84 28.63
CA ARG A 482 16.54 -42.77 29.79
C ARG A 482 17.31 -44.04 29.37
N LYS A 483 18.29 -43.94 28.45
CA LYS A 483 18.95 -45.13 27.93
C LYS A 483 19.77 -45.81 29.01
N SER A 484 19.77 -47.14 28.99
CA SER A 484 20.51 -47.92 29.98
C SER A 484 20.95 -49.25 29.38
N GLN B 1 -20.32 -20.26 -22.09
CA GLN B 1 -19.28 -20.79 -22.99
C GLN B 1 -17.99 -20.25 -22.47
N ASN B 2 -17.72 -20.15 -21.16
CA ASN B 2 -16.45 -19.53 -20.69
C ASN B 2 -16.04 -20.02 -19.30
N ILE B 3 -16.46 -19.35 -18.22
CA ILE B 3 -15.92 -19.68 -16.87
C ILE B 3 -16.59 -20.96 -16.33
N THR B 4 -15.81 -22.04 -16.13
CA THR B 4 -16.24 -23.26 -15.48
C THR B 4 -15.37 -23.49 -14.26
N GLU B 5 -15.93 -24.16 -13.26
CA GLU B 5 -15.23 -24.43 -12.02
C GLU B 5 -15.49 -25.87 -11.59
N GLU B 6 -14.51 -26.52 -10.94
CA GLU B 6 -14.55 -27.90 -10.38
C GLU B 6 -14.00 -27.87 -8.96
N PHE B 7 -14.64 -28.52 -7.95
CA PHE B 7 -14.15 -28.60 -6.58
C PHE B 7 -13.79 -30.05 -6.28
N TYR B 8 -12.60 -30.24 -5.71
CA TYR B 8 -12.12 -31.54 -5.28
C TYR B 8 -12.13 -31.58 -3.76
N GLN B 9 -12.89 -32.51 -3.18
CA GLN B 9 -12.91 -32.65 -1.73
C GLN B 9 -11.81 -33.57 -1.21
N SER B 10 -11.05 -34.21 -2.09
CA SER B 10 -9.86 -34.94 -1.65
C SER B 10 -8.84 -34.00 -1.05
N THR B 11 -8.64 -32.84 -1.67
CA THR B 11 -7.68 -31.85 -1.21
C THR B 11 -8.31 -30.54 -0.78
N CYS B 12 -9.63 -30.37 -0.97
CA CYS B 12 -10.34 -29.17 -0.53
C CYS B 12 -9.86 -27.94 -1.31
N SER B 13 -9.86 -28.05 -2.63
CA SER B 13 -9.43 -26.97 -3.50
C SER B 13 -10.28 -26.96 -4.77
N ALA B 14 -10.30 -25.81 -5.44
CA ALA B 14 -11.08 -25.63 -6.66
C ALA B 14 -10.24 -24.88 -7.69
N VAL B 15 -10.53 -25.14 -8.96
CA VAL B 15 -9.84 -24.51 -10.08
C VAL B 15 -10.88 -23.85 -10.98
N SER B 16 -10.63 -22.59 -11.33
CA SER B 16 -11.46 -21.85 -12.27
C SER B 16 -10.71 -21.72 -13.58
N LYS B 17 -11.37 -22.05 -14.69
CA LYS B 17 -10.75 -21.98 -16.00
C LYS B 17 -11.73 -21.40 -17.01
N GLY B 18 -11.17 -20.88 -18.10
CA GLY B 18 -11.96 -20.19 -19.11
C GLY B 18 -11.47 -18.78 -19.35
N TYR B 19 -10.35 -18.42 -18.73
CA TYR B 19 -9.80 -17.08 -18.83
C TYR B 19 -8.76 -16.98 -19.94
N LEU B 20 -8.46 -15.74 -20.32
CA LEU B 20 -7.57 -15.44 -21.43
C LEU B 20 -6.43 -14.55 -20.95
N SER B 21 -5.23 -14.76 -21.49
CA SER B 21 -4.03 -14.15 -20.96
C SER B 21 -3.69 -12.84 -21.67
N ALA B 22 -3.01 -11.96 -20.93
CA ALA B 22 -2.32 -10.80 -21.51
C ALA B 22 -1.15 -10.51 -20.57
N LEU B 23 0.02 -11.02 -20.94
CA LEU B 23 1.20 -10.97 -20.07
C LEU B 23 2.15 -9.89 -20.54
N ARG B 24 2.51 -8.99 -19.62
CA ARG B 24 3.51 -7.96 -19.90
C ARG B 24 4.89 -8.59 -19.90
N THR B 25 5.58 -8.51 -21.04
CA THR B 25 6.89 -9.12 -21.20
C THR B 25 7.99 -8.12 -21.50
N GLY B 26 7.66 -6.85 -21.72
CA GLY B 26 8.65 -5.86 -22.05
C GLY B 26 8.14 -4.47 -21.79
N TRP B 27 8.92 -3.49 -22.21
CA TRP B 27 8.61 -2.08 -22.00
C TRP B 27 8.84 -1.32 -23.29
N TYR B 28 8.01 -0.31 -23.54
CA TYR B 28 8.16 0.59 -24.67
C TYR B 28 8.19 2.02 -24.15
N THR B 29 9.22 2.78 -24.52
CA THR B 29 9.46 4.11 -23.98
C THR B 29 9.28 5.16 -25.06
N SER B 30 8.71 6.31 -24.68
CA SER B 30 8.54 7.45 -25.56
C SER B 30 8.83 8.73 -24.78
N VAL B 31 9.06 9.81 -25.53
CA VAL B 31 9.41 11.11 -24.95
C VAL B 31 8.28 12.09 -25.21
N ILE B 32 7.80 12.73 -24.15
CA ILE B 32 6.75 13.74 -24.23
C ILE B 32 7.40 15.10 -23.99
N THR B 33 7.08 16.07 -24.85
CA THR B 33 7.74 17.37 -24.84
C THR B 33 6.71 18.48 -24.67
N ILE B 34 7.09 19.52 -23.94
CA ILE B 34 6.31 20.75 -23.80
C ILE B 34 7.22 21.93 -24.08
N GLU B 35 6.78 22.84 -24.93
CA GLU B 35 7.57 24.00 -25.30
C GLU B 35 7.29 25.16 -24.35
N LEU B 36 8.34 25.72 -23.76
CA LEU B 36 8.24 26.76 -22.76
C LEU B 36 8.69 28.10 -23.33
N SER B 37 8.45 29.16 -22.55
CA SER B 37 8.86 30.50 -22.89
C SER B 37 9.87 31.00 -21.87
N ASN B 38 10.73 31.92 -22.31
CA ASN B 38 11.84 32.43 -21.50
C ASN B 38 11.65 33.89 -21.13
N ILE B 39 10.40 34.28 -20.82
CA ILE B 39 10.10 35.66 -20.47
C ILE B 39 10.64 35.99 -19.08
N LYS B 40 10.85 37.28 -18.83
CA LYS B 40 11.35 37.77 -17.55
C LYS B 40 10.26 38.61 -16.88
N GLU B 41 10.14 38.46 -15.56
CA GLU B 41 9.10 39.17 -14.82
C GLU B 41 9.45 40.64 -14.65
N ASN B 42 9.43 41.40 -15.74
CA ASN B 42 9.62 42.84 -15.70
C ASN B 42 8.66 43.53 -16.66
N LYS B 43 7.44 43.02 -16.75
CA LYS B 43 6.45 43.59 -17.64
C LYS B 43 5.79 44.80 -16.97
N CYS B 44 5.16 45.63 -17.79
CA CYS B 44 4.52 46.87 -17.35
C CYS B 44 3.75 46.65 -16.05
N ASN B 45 4.12 47.42 -15.02
CA ASN B 45 3.51 47.29 -13.70
C ASN B 45 2.51 48.43 -13.47
N GLY B 46 1.30 48.21 -13.96
CA GLY B 46 0.21 49.14 -13.74
C GLY B 46 -0.56 48.82 -12.46
N THR B 47 -1.73 49.43 -12.35
CA THR B 47 -2.62 49.21 -11.21
C THR B 47 -4.03 48.87 -11.67
N ASP B 48 -4.16 48.37 -12.89
CA ASP B 48 -5.47 47.98 -13.42
C ASP B 48 -5.92 46.66 -12.81
N ALA B 49 -7.24 46.51 -12.68
CA ALA B 49 -7.78 45.30 -12.07
C ALA B 49 -7.49 44.08 -12.92
N LYS B 50 -7.62 44.19 -14.25
CA LYS B 50 -7.40 43.06 -15.13
C LYS B 50 -5.93 42.72 -15.28
N VAL B 51 -5.04 43.72 -15.15
CA VAL B 51 -3.61 43.46 -15.28
C VAL B 51 -3.11 42.62 -14.11
N LYS B 52 -3.64 42.86 -12.92
CA LYS B 52 -3.20 42.11 -11.74
C LYS B 52 -3.42 40.61 -11.92
N LEU B 53 -4.54 40.22 -12.53
CA LEU B 53 -4.81 38.81 -12.73
C LEU B 53 -3.79 38.18 -13.68
N ILE B 54 -3.43 38.90 -14.75
CA ILE B 54 -2.39 38.41 -15.66
C ILE B 54 -1.07 38.28 -14.93
N LYS B 55 -0.74 39.26 -14.07
CA LYS B 55 0.49 39.17 -13.30
C LYS B 55 0.50 37.94 -12.41
N GLN B 56 -0.63 37.66 -11.75
CA GLN B 56 -0.71 36.49 -10.88
C GLN B 56 -0.52 35.21 -11.68
N GLU B 57 -1.16 35.12 -12.85
CA GLU B 57 -1.01 33.92 -13.67
C GLU B 57 0.44 33.74 -14.12
N LEU B 58 1.09 34.82 -14.53
CA LEU B 58 2.49 34.73 -14.93
C LEU B 58 3.37 34.31 -13.76
N ASP B 59 3.09 34.82 -12.57
CA ASP B 59 3.85 34.43 -11.39
C ASP B 59 3.68 32.94 -11.11
N LYS B 60 2.45 32.43 -11.25
CA LYS B 60 2.24 30.99 -11.08
C LYS B 60 3.05 30.19 -12.10
N TYR B 61 3.05 30.65 -13.36
CA TYR B 61 3.81 29.95 -14.40
C TYR B 61 5.30 29.90 -14.04
N LYS B 62 5.87 31.03 -13.63
CA LYS B 62 7.28 31.05 -13.27
C LYS B 62 7.58 30.22 -12.04
N ASN B 63 6.69 30.23 -11.05
CA ASN B 63 6.90 29.40 -9.87
C ASN B 63 6.91 27.92 -10.25
N ALA B 64 6.02 27.53 -11.16
CA ALA B 64 6.00 26.14 -11.62
C ALA B 64 7.30 25.79 -12.34
N VAL B 65 7.78 26.69 -13.21
CA VAL B 65 9.01 26.42 -13.93
C VAL B 65 10.18 26.28 -12.96
N THR B 66 10.25 27.16 -11.97
CA THR B 66 11.33 27.09 -10.98
C THR B 66 11.24 25.80 -10.17
N GLU B 67 10.03 25.39 -9.78
CA GLU B 67 9.87 24.15 -9.04
C GLU B 67 10.34 22.96 -9.86
N LEU B 68 9.99 22.92 -11.13
CA LEU B 68 10.43 21.81 -11.98
C LEU B 68 11.95 21.82 -12.15
N GLN B 69 12.55 23.01 -12.31
CA GLN B 69 13.99 23.09 -12.41
C GLN B 69 14.66 22.57 -11.14
N LEU B 70 14.13 22.95 -9.98
CA LEU B 70 14.69 22.47 -8.72
C LEU B 70 14.46 20.97 -8.51
N LEU B 71 13.43 20.40 -9.13
CA LEU B 71 13.13 18.99 -8.91
C LEU B 71 14.22 18.10 -9.49
N MET B 72 14.62 18.33 -10.74
CA MET B 72 15.52 17.41 -11.41
C MET B 72 16.90 17.44 -10.76
N GLN B 73 17.44 16.25 -10.48
CA GLN B 73 18.78 16.12 -9.92
C GLN B 73 19.39 14.84 -10.42
N SER B 74 20.72 14.78 -10.38
CA SER B 74 21.46 13.60 -10.81
C SER B 74 22.79 13.50 -10.06
N PHE B 112 1.24 -17.29 0.26
CA PHE B 112 2.34 -18.24 0.35
C PHE B 112 3.17 -18.24 -0.92
N LEU B 113 4.43 -18.64 -0.80
CA LEU B 113 5.36 -18.86 -1.91
C LEU B 113 5.79 -17.57 -2.60
N GLY B 114 5.39 -16.41 -2.09
CA GLY B 114 5.85 -15.15 -2.67
C GLY B 114 7.29 -14.81 -2.35
N PHE B 115 7.92 -15.56 -1.45
CA PHE B 115 9.30 -15.33 -1.05
C PHE B 115 10.31 -16.01 -1.97
N LEU B 116 9.86 -16.70 -3.01
CA LEU B 116 10.74 -17.40 -3.93
C LEU B 116 10.91 -16.68 -5.26
N LEU B 117 10.45 -15.42 -5.35
CA LEU B 117 10.26 -14.78 -6.65
C LEU B 117 11.53 -14.18 -7.23
N GLY B 118 12.27 -13.42 -6.45
CA GLY B 118 13.37 -12.61 -6.98
C GLY B 118 12.96 -11.16 -7.15
N VAL B 119 13.96 -10.31 -7.32
CA VAL B 119 13.77 -8.86 -7.30
C VAL B 119 14.39 -8.26 -8.56
N GLY B 120 13.61 -7.47 -9.28
CA GLY B 120 14.10 -6.73 -10.42
C GLY B 120 14.01 -5.23 -10.21
N SER B 121 14.30 -4.45 -11.25
CA SER B 121 14.21 -3.00 -11.21
C SER B 121 13.18 -2.55 -12.23
N ALA B 122 12.17 -1.82 -11.77
CA ALA B 122 10.99 -1.58 -12.61
C ALA B 122 11.27 -0.55 -13.71
N ILE B 123 11.95 0.54 -13.39
CA ILE B 123 12.03 1.68 -14.30
C ILE B 123 13.44 1.86 -14.84
N ALA B 124 14.18 0.76 -15.00
CA ALA B 124 15.55 0.85 -15.50
C ALA B 124 15.61 1.36 -16.93
N SER B 125 14.67 0.93 -17.78
CA SER B 125 14.74 1.29 -19.20
C SER B 125 14.47 2.78 -19.43
N GLY B 126 13.41 3.32 -18.83
CA GLY B 126 13.15 4.73 -18.96
C GLY B 126 14.26 5.59 -18.37
N VAL B 127 14.84 5.14 -17.26
CA VAL B 127 15.95 5.86 -16.65
C VAL B 127 17.16 5.85 -17.56
N ALA B 128 17.42 4.73 -18.24
CA ALA B 128 18.51 4.69 -19.21
C ALA B 128 18.24 5.65 -20.37
N VAL B 129 16.99 5.73 -20.81
CA VAL B 129 16.65 6.66 -21.89
C VAL B 129 16.95 8.10 -21.47
N CYS B 130 16.54 8.47 -20.24
CA CYS B 130 16.86 9.82 -19.77
C CYS B 130 18.35 10.03 -19.58
N LYS B 131 19.08 9.01 -19.12
CA LYS B 131 20.52 9.17 -19.02
C LYS B 131 21.12 9.48 -20.39
N VAL B 132 20.62 8.83 -21.43
CA VAL B 132 21.06 9.17 -22.79
C VAL B 132 20.63 10.59 -23.15
N LEU B 133 19.46 11.01 -22.70
CA LEU B 133 18.89 12.29 -23.11
C LEU B 133 19.64 13.48 -22.53
N HIS B 134 20.52 13.28 -21.55
CA HIS B 134 21.26 14.37 -20.93
C HIS B 134 22.54 14.72 -21.70
N LEU B 135 22.82 14.04 -22.80
CA LEU B 135 24.03 14.31 -23.56
C LEU B 135 23.93 15.66 -24.25
N GLU B 136 24.96 15.99 -25.04
CA GLU B 136 25.14 17.36 -25.51
C GLU B 136 24.01 17.78 -26.45
N GLY B 137 23.87 17.10 -27.57
CA GLY B 137 23.00 17.55 -28.64
C GLY B 137 21.66 16.85 -28.78
N GLU B 138 21.22 16.09 -27.77
CA GLU B 138 19.96 15.36 -27.91
C GLU B 138 18.77 16.29 -27.94
N VAL B 139 18.73 17.25 -27.02
CA VAL B 139 17.59 18.17 -26.95
C VAL B 139 17.49 18.99 -28.22
N ASN B 140 18.63 19.39 -28.78
CA ASN B 140 18.61 20.14 -30.03
C ASN B 140 18.03 19.30 -31.17
N LYS B 141 18.43 18.02 -31.24
CA LYS B 141 17.88 17.14 -32.26
C LYS B 141 16.36 17.03 -32.12
N ILE B 142 15.87 16.81 -30.89
CA ILE B 142 14.43 16.67 -30.70
C ILE B 142 13.72 17.97 -31.06
N LYS B 143 14.28 19.11 -30.67
CA LYS B 143 13.65 20.39 -30.97
C LYS B 143 13.57 20.61 -32.48
N SER B 144 14.65 20.31 -33.21
CA SER B 144 14.67 20.55 -34.65
C SER B 144 13.89 19.49 -35.43
N ALA B 145 13.58 18.36 -34.82
CA ALA B 145 12.81 17.31 -35.47
C ALA B 145 11.31 17.44 -35.25
N LEU B 146 10.87 18.40 -34.44
CA LEU B 146 9.47 18.53 -34.07
C LEU B 146 8.87 19.90 -34.40
N LEU B 147 9.65 20.82 -34.95
CA LEU B 147 9.16 22.18 -35.14
C LEU B 147 8.01 22.26 -36.12
N SER B 148 7.87 21.30 -37.04
CA SER B 148 6.82 21.34 -38.04
C SER B 148 5.69 20.35 -37.78
N THR B 149 5.93 19.31 -37.00
CA THR B 149 4.93 18.28 -36.74
C THR B 149 4.89 17.98 -35.24
N ASN B 150 3.76 17.44 -34.80
CA ASN B 150 3.57 17.15 -33.38
C ASN B 150 4.22 15.84 -32.97
N LYS B 151 4.29 14.86 -33.87
CA LYS B 151 4.89 13.56 -33.58
C LYS B 151 5.97 13.25 -34.61
N ALA B 152 7.04 12.62 -34.15
CA ALA B 152 8.16 12.27 -35.02
C ALA B 152 8.96 11.15 -34.36
N VAL B 153 9.82 10.52 -35.15
CA VAL B 153 10.72 9.48 -34.67
C VAL B 153 12.14 10.01 -34.83
N VAL B 154 12.89 10.02 -33.73
CA VAL B 154 14.22 10.61 -33.69
C VAL B 154 15.21 9.53 -33.27
N SER B 155 16.36 9.48 -33.96
CA SER B 155 17.41 8.52 -33.67
C SER B 155 18.40 9.15 -32.69
N LEU B 156 18.55 8.54 -31.53
CA LEU B 156 19.42 9.06 -30.49
C LEU B 156 20.88 8.73 -30.80
N SER B 157 21.79 9.31 -30.01
CA SER B 157 23.21 9.14 -30.26
C SER B 157 23.66 7.69 -30.14
N ASN B 158 22.93 6.87 -29.41
CA ASN B 158 23.28 5.46 -29.25
C ASN B 158 22.64 4.57 -30.31
N GLY B 159 21.92 5.15 -31.27
CA GLY B 159 21.33 4.40 -32.36
C GLY B 159 19.90 3.94 -32.15
N VAL B 160 19.37 4.07 -30.93
CA VAL B 160 18.00 3.66 -30.67
C VAL B 160 17.06 4.78 -31.08
N SER B 161 16.03 4.44 -31.84
CA SER B 161 15.06 5.41 -32.35
C SER B 161 13.86 5.45 -31.40
N VAL B 162 13.59 6.63 -30.85
CA VAL B 162 12.51 6.81 -29.88
C VAL B 162 11.42 7.65 -30.53
N LEU B 163 10.19 7.45 -30.07
CA LEU B 163 9.04 8.19 -30.57
C LEU B 163 8.82 9.41 -29.67
N THR B 164 8.89 10.59 -30.26
CA THR B 164 8.72 11.85 -29.54
C THR B 164 7.41 12.51 -29.95
N PHE B 165 6.78 13.19 -29.00
CA PHE B 165 5.45 13.74 -29.23
C PHE B 165 5.33 15.04 -28.44
N LYS B 166 4.80 16.08 -29.07
CA LYS B 166 4.60 17.38 -28.44
C LYS B 166 3.13 17.54 -28.08
N VAL B 167 2.85 17.80 -26.80
CA VAL B 167 1.48 17.81 -26.29
C VAL B 167 0.99 19.24 -26.05
N LEU B 168 1.84 20.12 -25.54
CA LEU B 168 1.44 21.48 -25.21
C LEU B 168 2.48 22.44 -25.76
N ASP B 169 2.00 23.58 -26.27
CA ASP B 169 2.86 24.62 -26.83
C ASP B 169 2.49 25.92 -26.12
N LEU B 170 3.13 26.17 -24.98
CA LEU B 170 2.84 27.35 -24.17
C LEU B 170 3.72 28.54 -24.54
N LYS B 171 4.75 28.33 -25.36
CA LYS B 171 5.59 29.45 -25.79
C LYS B 171 4.86 30.31 -26.83
N ASN B 172 4.17 29.67 -27.77
CA ASN B 172 3.54 30.40 -28.85
C ASN B 172 2.49 31.37 -28.32
N TYR B 173 1.64 30.91 -27.41
CA TYR B 173 0.59 31.76 -26.88
C TYR B 173 1.18 32.97 -26.16
N ILE B 174 2.12 32.72 -25.25
CA ILE B 174 2.69 33.83 -24.47
C ILE B 174 3.40 34.81 -25.39
N ASP B 175 4.06 34.31 -26.42
CA ASP B 175 4.88 35.16 -27.27
C ASP B 175 4.09 35.88 -28.36
N LYS B 176 2.85 35.46 -28.66
CA LYS B 176 2.08 36.12 -29.69
C LYS B 176 0.76 36.74 -29.24
N GLN B 177 0.26 36.47 -28.04
CA GLN B 177 -0.98 37.06 -27.59
C GLN B 177 -0.90 37.75 -26.23
N LEU B 178 0.00 37.32 -25.34
CA LEU B 178 0.05 37.86 -23.99
C LEU B 178 1.02 39.03 -23.89
N LEU B 179 2.28 38.85 -24.31
CA LEU B 179 3.30 39.94 -24.30
C LEU B 179 3.91 39.94 -25.72
N PRO B 180 3.13 40.30 -26.77
CA PRO B 180 3.65 40.23 -28.14
C PRO B 180 4.86 41.12 -28.33
N ILE B 181 5.80 40.63 -29.16
CA ILE B 181 6.99 41.41 -29.46
C ILE B 181 6.66 42.70 -30.17
N GLN B 185 3.25 45.49 -25.35
CA GLN B 185 3.45 44.47 -24.33
C GLN B 185 2.20 44.18 -23.52
N SER B 186 1.04 44.67 -23.97
CA SER B 186 -0.23 44.47 -23.27
C SER B 186 -0.12 44.95 -21.81
N CYS B 187 0.17 46.24 -21.66
CA CYS B 187 0.19 46.87 -20.35
C CYS B 187 -1.20 47.26 -19.86
N SER B 188 -2.20 47.23 -20.74
CA SER B 188 -3.58 47.56 -20.38
C SER B 188 -4.48 46.60 -21.14
N ILE B 189 -4.91 45.53 -20.45
CA ILE B 189 -5.74 44.53 -21.10
C ILE B 189 -7.07 45.14 -21.51
N SER B 190 -7.55 44.76 -22.69
CA SER B 190 -8.76 45.33 -23.26
C SER B 190 -10.01 44.54 -22.92
N ASN B 191 -9.92 43.23 -22.75
CA ASN B 191 -11.08 42.37 -22.53
C ASN B 191 -10.75 41.30 -21.51
N ILE B 192 -11.80 40.76 -20.89
CA ILE B 192 -11.63 39.80 -19.80
C ILE B 192 -11.36 38.40 -20.33
N GLU B 193 -11.85 38.10 -21.53
CA GLU B 193 -11.69 36.76 -22.16
C GLU B 193 -10.21 36.38 -22.33
N THR B 194 -9.23 37.28 -22.35
CA THR B 194 -7.81 36.93 -22.41
C THR B 194 -7.35 36.29 -21.11
N VAL B 195 -7.81 36.83 -19.98
CA VAL B 195 -7.44 36.25 -18.68
C VAL B 195 -7.93 34.82 -18.60
N ILE B 196 -9.18 34.58 -18.99
CA ILE B 196 -9.75 33.24 -18.90
C ILE B 196 -9.03 32.28 -19.82
N GLU B 197 -8.73 32.71 -21.04
CA GLU B 197 -8.00 31.84 -21.97
C GLU B 197 -6.62 31.50 -21.41
N PHE B 198 -5.91 32.49 -20.89
CA PHE B 198 -4.56 32.24 -20.38
C PHE B 198 -4.60 31.30 -19.18
N GLN B 199 -5.54 31.49 -18.26
CA GLN B 199 -5.59 30.62 -17.09
C GLN B 199 -6.13 29.24 -17.43
N GLN B 200 -6.84 29.09 -18.54
CA GLN B 200 -7.21 27.76 -19.01
C GLN B 200 -6.01 27.05 -19.63
N LYS B 201 -5.17 27.78 -20.39
CA LYS B 201 -4.01 27.17 -21.01
C LYS B 201 -2.95 26.76 -19.98
N ASN B 202 -2.91 27.41 -18.82
CA ASN B 202 -1.87 27.17 -17.82
C ASN B 202 -2.18 26.00 -16.89
N ASN B 203 -3.41 25.49 -16.90
CA ASN B 203 -3.80 24.49 -15.91
C ASN B 203 -3.01 23.19 -16.08
N ARG B 204 -2.76 22.78 -17.33
CA ARG B 204 -2.07 21.52 -17.59
C ARG B 204 -0.69 21.50 -16.94
N LEU B 205 0.09 22.58 -17.11
CA LEU B 205 1.44 22.61 -16.57
C LEU B 205 1.41 22.60 -15.05
N LEU B 206 0.49 23.35 -14.44
CA LEU B 206 0.40 23.37 -12.98
C LEU B 206 0.04 21.99 -12.45
N GLU B 207 -0.89 21.30 -13.10
CA GLU B 207 -1.27 19.97 -12.65
C GLU B 207 -0.11 18.98 -12.80
N ILE B 208 0.65 19.08 -13.89
CA ILE B 208 1.80 18.18 -14.07
C ILE B 208 2.85 18.43 -13.00
N THR B 209 3.14 19.70 -12.72
CA THR B 209 4.11 20.03 -11.68
C THR B 209 3.62 19.54 -10.32
N ARG B 210 2.33 19.71 -10.03
CA ARG B 210 1.79 19.23 -8.77
C ARG B 210 1.93 17.72 -8.65
N GLU B 211 1.67 16.99 -9.73
CA GLU B 211 1.80 15.54 -9.68
C GLU B 211 3.24 15.11 -9.46
N PHE B 212 4.19 15.73 -10.16
CA PHE B 212 5.58 15.34 -9.98
C PHE B 212 6.13 15.74 -8.61
N SER B 213 5.59 16.80 -8.01
CA SER B 213 6.15 17.29 -6.75
C SER B 213 6.01 16.28 -5.62
N VAL B 214 4.87 15.61 -5.53
CA VAL B 214 4.57 14.77 -4.36
C VAL B 214 4.97 13.32 -4.62
N ASN B 215 5.64 13.06 -5.74
CA ASN B 215 6.06 11.71 -6.10
C ASN B 215 7.55 11.61 -6.38
N ALA B 216 8.31 12.68 -6.17
CA ALA B 216 9.75 12.69 -6.42
C ALA B 216 10.07 12.36 -7.89
N GLY B 217 9.19 12.76 -8.80
CA GLY B 217 9.47 12.65 -10.22
C GLY B 217 9.11 11.33 -10.87
N VAL B 218 8.37 10.46 -10.19
CA VAL B 218 7.99 9.16 -10.74
C VAL B 218 6.57 8.87 -10.30
N THR B 219 5.62 8.91 -11.24
CA THR B 219 4.22 8.62 -10.97
C THR B 219 3.86 7.29 -11.63
N THR B 220 3.50 6.27 -10.82
CA THR B 220 3.22 4.93 -11.38
C THR B 220 1.93 5.08 -12.20
N PRO B 221 0.69 5.25 -11.64
CA PRO B 221 -0.48 5.34 -12.53
C PRO B 221 -0.42 6.62 -13.35
N VAL B 222 -0.34 6.47 -14.67
CA VAL B 222 -0.24 7.63 -15.55
C VAL B 222 -1.64 8.22 -15.72
N SER B 223 -1.79 9.49 -15.37
CA SER B 223 -3.09 10.15 -15.37
C SER B 223 -3.36 10.83 -16.71
N THR B 224 -4.49 11.51 -16.78
CA THR B 224 -4.90 12.18 -18.02
C THR B 224 -4.23 13.54 -18.20
N TYR B 225 -3.58 14.07 -17.16
CA TYR B 225 -2.79 15.29 -17.34
C TYR B 225 -1.48 14.99 -18.07
N MET B 226 -0.87 13.84 -17.77
CA MET B 226 0.36 13.47 -18.47
C MET B 226 0.08 13.02 -19.90
N LEU B 227 -1.00 12.27 -20.10
CA LEU B 227 -1.35 11.74 -21.41
C LEU B 227 -2.86 11.64 -21.51
N THR B 228 -3.45 12.26 -22.52
CA THR B 228 -4.88 12.15 -22.74
C THR B 228 -5.20 10.87 -23.51
N ASN B 229 -6.49 10.58 -23.62
CA ASN B 229 -6.92 9.37 -24.32
C ASN B 229 -6.53 9.41 -25.80
N SER B 230 -6.70 10.57 -26.44
CA SER B 230 -6.31 10.69 -27.84
C SER B 230 -4.82 10.48 -28.02
N GLU B 231 -4.01 11.10 -27.15
CA GLU B 231 -2.57 10.96 -27.25
C GLU B 231 -2.14 9.52 -27.01
N LEU B 232 -2.72 8.87 -26.00
CA LEU B 232 -2.39 7.48 -25.72
C LEU B 232 -2.79 6.58 -26.89
N LEU B 233 -3.94 6.85 -27.49
CA LEU B 233 -4.38 6.03 -28.62
C LEU B 233 -3.47 6.21 -29.82
N SER B 234 -3.06 7.44 -30.11
CA SER B 234 -2.11 7.66 -31.21
C SER B 234 -0.78 6.97 -30.92
N LEU B 235 -0.32 7.04 -29.67
CA LEU B 235 0.93 6.41 -29.29
C LEU B 235 0.86 4.90 -29.47
N ILE B 236 -0.27 4.29 -29.10
CA ILE B 236 -0.46 2.86 -29.32
C ILE B 236 -0.49 2.56 -30.81
N ASN B 237 -1.16 3.42 -31.59
CA ASN B 237 -1.26 3.19 -33.02
C ASN B 237 0.08 3.31 -33.73
N ASP B 238 1.03 4.03 -33.17
CA ASP B 238 2.34 4.20 -33.79
C ASP B 238 3.33 3.11 -33.41
N MET B 239 2.98 2.20 -32.51
CA MET B 239 3.92 1.19 -32.08
C MET B 239 4.13 0.13 -33.17
N PRO B 240 5.34 -0.41 -33.30
CA PRO B 240 5.57 -1.47 -34.31
C PRO B 240 5.16 -2.85 -33.82
N ILE B 241 3.85 -3.03 -33.60
CA ILE B 241 3.29 -4.28 -33.14
C ILE B 241 2.22 -4.71 -34.13
N THR B 242 1.68 -5.91 -33.92
CA THR B 242 0.63 -6.43 -34.78
C THR B 242 -0.70 -5.74 -34.47
N ASN B 243 -1.68 -5.99 -35.34
CA ASN B 243 -2.99 -5.37 -35.17
C ASN B 243 -3.77 -6.02 -34.03
N ASP B 244 -3.51 -7.30 -33.75
CA ASP B 244 -4.16 -7.95 -32.61
C ASP B 244 -3.74 -7.29 -31.30
N GLN B 245 -2.45 -7.02 -31.15
CA GLN B 245 -1.95 -6.34 -29.95
C GLN B 245 -2.54 -4.94 -29.83
N LYS B 246 -2.64 -4.22 -30.94
CA LYS B 246 -3.22 -2.89 -30.93
C LYS B 246 -4.69 -2.94 -30.55
N LYS B 247 -5.43 -3.94 -31.04
CA LYS B 247 -6.81 -4.10 -30.63
C LYS B 247 -6.93 -4.39 -29.15
N LEU B 248 -6.06 -5.26 -28.63
CA LEU B 248 -6.11 -5.58 -27.21
C LEU B 248 -5.84 -4.34 -26.36
N MET B 249 -4.85 -3.53 -26.75
CA MET B 249 -4.51 -2.37 -25.93
C MET B 249 -5.51 -1.23 -26.10
N SER B 250 -6.12 -1.09 -27.27
CA SER B 250 -7.06 0.01 -27.49
C SER B 250 -8.35 -0.18 -26.71
N ASN B 251 -8.79 -1.42 -26.52
CA ASN B 251 -10.02 -1.70 -25.80
C ASN B 251 -9.84 -1.75 -24.29
N ASN B 252 -8.60 -1.66 -23.79
CA ASN B 252 -8.29 -1.78 -22.37
C ASN B 252 -7.33 -0.67 -21.94
N VAL B 253 -7.66 0.57 -22.28
CA VAL B 253 -6.78 1.69 -22.00
C VAL B 253 -6.59 1.88 -20.50
N GLN B 254 -7.61 1.60 -19.69
CA GLN B 254 -7.49 1.80 -18.25
C GLN B 254 -6.44 0.88 -17.63
N ILE B 255 -6.37 -0.37 -18.08
CA ILE B 255 -5.34 -1.27 -17.59
C ILE B 255 -3.96 -0.79 -18.03
N VAL B 256 -3.85 -0.35 -19.29
CA VAL B 256 -2.58 0.17 -19.78
C VAL B 256 -2.13 1.33 -18.92
N ARG B 257 -3.05 2.21 -18.53
CA ARG B 257 -2.71 3.31 -17.63
C ARG B 257 -2.24 2.78 -16.28
N GLN B 258 -2.93 1.77 -15.74
CA GLN B 258 -2.55 1.25 -14.44
C GLN B 258 -1.19 0.56 -14.44
N GLN B 259 -0.72 0.10 -15.61
CA GLN B 259 0.55 -0.62 -15.68
C GLN B 259 1.66 0.18 -16.35
N SER B 260 1.58 1.51 -16.30
CA SER B 260 2.54 2.38 -16.97
C SER B 260 3.34 3.18 -15.95
N TYR B 261 4.37 3.87 -16.42
CA TYR B 261 5.16 4.78 -15.57
C TYR B 261 5.29 6.11 -16.29
N SER B 262 5.57 7.16 -15.55
CA SER B 262 5.92 8.49 -16.06
C SER B 262 7.07 9.03 -15.22
N ILE B 263 8.14 9.44 -15.87
CA ILE B 263 9.38 9.82 -15.21
C ILE B 263 9.77 11.22 -15.66
N MET B 264 9.83 12.15 -14.70
CA MET B 264 10.31 13.50 -15.01
C MET B 264 11.79 13.44 -15.34
N CYS B 265 12.16 14.02 -16.47
CA CYS B 265 13.41 13.63 -17.13
C CYS B 265 14.38 14.80 -17.26
N ILE B 266 13.97 15.92 -17.86
CA ILE B 266 14.86 17.07 -18.02
C ILE B 266 14.09 18.34 -18.37
N ILE B 267 14.66 19.49 -18.01
CA ILE B 267 14.14 20.78 -18.44
C ILE B 267 15.31 21.73 -18.72
N LYS B 268 15.63 21.94 -19.99
CA LYS B 268 16.68 22.87 -20.38
C LYS B 268 16.16 23.73 -21.53
N GLU B 269 16.85 24.84 -21.77
CA GLU B 269 16.46 25.78 -22.82
C GLU B 269 14.98 26.08 -22.60
N GLU B 270 14.12 25.92 -23.64
CA GLU B 270 12.67 26.22 -23.61
C GLU B 270 11.97 24.91 -23.96
N VAL B 271 12.38 23.75 -23.41
CA VAL B 271 11.64 22.51 -23.51
C VAL B 271 11.62 21.74 -22.19
N LEU B 272 10.47 21.17 -21.86
CA LEU B 272 10.32 20.24 -20.76
C LEU B 272 10.07 18.86 -21.35
N ALA B 273 10.80 17.86 -20.84
CA ALA B 273 10.71 16.50 -21.35
C ALA B 273 10.57 15.52 -20.21
N TYR B 274 9.65 14.57 -20.36
CA TYR B 274 9.55 13.42 -19.45
C TYR B 274 9.29 12.17 -20.28
N VAL B 275 9.65 11.04 -19.70
CA VAL B 275 9.56 9.75 -20.38
C VAL B 275 8.34 9.00 -19.87
N VAL B 276 7.62 8.35 -20.79
CA VAL B 276 6.49 7.49 -20.46
C VAL B 276 6.86 6.06 -20.85
N GLN B 277 6.69 5.14 -19.91
CA GLN B 277 7.11 3.75 -20.05
C GLN B 277 5.86 2.88 -20.11
N LEU B 278 5.58 2.30 -21.28
CA LEU B 278 4.33 1.59 -21.51
C LEU B 278 4.55 0.08 -21.53
N PRO B 279 3.56 -0.70 -21.09
CA PRO B 279 3.71 -2.16 -21.13
C PRO B 279 3.70 -2.71 -22.55
N LEU B 280 4.40 -3.84 -22.72
CA LEU B 280 4.41 -4.58 -23.96
C LEU B 280 3.86 -5.98 -23.67
N TYR B 281 2.75 -6.32 -24.30
CA TYR B 281 2.10 -7.62 -24.10
C TYR B 281 2.54 -8.55 -25.22
N GLY B 282 3.62 -9.30 -24.96
CA GLY B 282 4.16 -10.21 -25.95
C GLY B 282 3.38 -11.50 -26.10
N VAL B 283 2.66 -11.92 -25.07
CA VAL B 283 1.86 -13.15 -25.08
C VAL B 283 0.42 -12.77 -24.80
N ILE B 284 -0.49 -13.20 -25.68
CA ILE B 284 -1.90 -12.86 -25.57
C ILE B 284 -2.75 -14.06 -25.97
N ASP B 285 -3.92 -14.17 -25.34
CA ASP B 285 -4.98 -15.08 -25.79
C ASP B 285 -4.64 -16.55 -25.54
N THR B 286 -3.95 -16.83 -24.44
CA THR B 286 -3.67 -18.20 -24.07
C THR B 286 -4.50 -18.61 -22.84
N PRO B 287 -4.79 -19.90 -22.67
CA PRO B 287 -5.62 -20.31 -21.54
C PRO B 287 -4.96 -20.01 -20.20
N CYS B 288 -5.79 -19.63 -19.23
CA CYS B 288 -5.35 -19.33 -17.87
C CYS B 288 -6.37 -19.89 -16.88
N TRP B 289 -5.91 -20.23 -15.69
CA TRP B 289 -6.79 -20.74 -14.65
C TRP B 289 -6.27 -20.30 -13.28
N LYS B 290 -7.18 -20.32 -12.31
CA LYS B 290 -6.89 -19.88 -10.94
C LYS B 290 -7.15 -21.02 -9.96
N LEU B 291 -6.31 -21.12 -8.94
CA LEU B 291 -6.39 -22.18 -7.94
C LEU B 291 -6.76 -21.58 -6.58
N HIS B 292 -7.72 -22.21 -5.91
CA HIS B 292 -8.16 -21.83 -4.57
C HIS B 292 -7.96 -23.00 -3.64
N THR B 293 -7.40 -22.74 -2.46
CA THR B 293 -7.10 -23.78 -1.48
C THR B 293 -7.59 -23.36 -0.10
N SER B 294 -7.96 -24.35 0.72
CA SER B 294 -8.43 -24.12 2.07
C SER B 294 -7.87 -25.22 2.97
N PRO B 295 -7.68 -24.95 4.27
CA PRO B 295 -7.12 -25.97 5.16
C PRO B 295 -8.03 -27.20 5.28
N LEU B 296 -7.39 -28.36 5.45
CA LEU B 296 -8.08 -29.64 5.57
C LEU B 296 -7.60 -30.32 6.84
N CYS B 297 -8.53 -30.66 7.73
CA CYS B 297 -8.20 -31.16 9.05
C CYS B 297 -9.09 -32.35 9.39
N THR B 298 -8.68 -33.08 10.42
CA THR B 298 -9.51 -34.15 10.96
C THR B 298 -10.52 -33.58 11.96
N THR B 299 -11.52 -34.40 12.30
CA THR B 299 -12.66 -33.92 13.07
C THR B 299 -12.84 -34.68 14.37
N ASN B 300 -11.77 -34.87 15.14
CA ASN B 300 -11.88 -35.51 16.44
C ASN B 300 -12.58 -34.57 17.43
N THR B 301 -13.14 -35.18 18.48
CA THR B 301 -13.91 -34.41 19.45
C THR B 301 -12.99 -33.62 20.39
N LYS B 302 -11.83 -34.18 20.72
CA LYS B 302 -10.91 -33.48 21.61
C LYS B 302 -10.46 -32.16 20.99
N GLU B 303 -10.30 -31.15 21.84
CA GLU B 303 -9.92 -29.83 21.34
C GLU B 303 -8.60 -29.88 20.59
N GLY B 304 -7.62 -30.56 21.15
CA GLY B 304 -6.38 -30.87 20.46
C GLY B 304 -6.47 -32.21 19.76
N SER B 305 -5.31 -32.74 19.41
CA SER B 305 -5.20 -34.08 18.81
C SER B 305 -5.76 -34.10 17.39
N ASN B 306 -5.73 -32.97 16.69
CA ASN B 306 -6.17 -32.88 15.31
C ASN B 306 -5.05 -32.33 14.45
N ILE B 307 -4.89 -32.89 13.26
CA ILE B 307 -3.81 -32.54 12.34
C ILE B 307 -4.42 -31.93 11.09
N CYS B 308 -3.77 -30.91 10.55
CA CYS B 308 -4.28 -30.16 9.41
C CYS B 308 -3.31 -30.24 8.23
N LEU B 309 -3.80 -29.78 7.09
CA LEU B 309 -3.05 -29.86 5.84
C LEU B 309 -3.62 -28.81 4.89
N THR B 310 -2.74 -28.19 4.10
CA THR B 310 -3.17 -27.16 3.16
C THR B 310 -2.21 -27.11 1.99
N ARG B 311 -2.76 -26.94 0.78
CA ARG B 311 -1.96 -26.70 -0.41
C ARG B 311 -1.52 -25.24 -0.44
N THR B 312 -0.25 -25.00 -0.75
CA THR B 312 0.33 -23.68 -0.66
C THR B 312 0.54 -23.00 -2.01
N ASP B 313 0.11 -23.62 -3.11
CA ASP B 313 0.38 -23.13 -4.45
C ASP B 313 -0.83 -22.46 -5.09
N ARG B 314 -1.62 -21.74 -4.30
CA ARG B 314 -2.70 -20.94 -4.85
C ARG B 314 -2.17 -19.77 -5.67
N GLY B 315 -2.91 -19.41 -6.71
CA GLY B 315 -2.54 -18.29 -7.55
C GLY B 315 -3.06 -18.49 -8.97
N TRP B 316 -2.47 -17.71 -9.88
CA TRP B 316 -2.84 -17.73 -11.29
C TRP B 316 -1.84 -18.55 -12.10
N TYR B 317 -2.34 -19.27 -13.10
CA TYR B 317 -1.54 -20.11 -13.97
C TYR B 317 -1.85 -19.81 -15.42
N CYS B 318 -0.81 -19.55 -16.21
CA CYS B 318 -0.96 -19.33 -17.65
C CYS B 318 0.17 -20.04 -18.38
N ASP B 319 -0.16 -20.73 -19.46
CA ASP B 319 0.83 -21.47 -20.23
C ASP B 319 1.43 -20.56 -21.29
N ASN B 320 2.75 -20.41 -21.26
CA ASN B 320 3.41 -19.38 -22.05
C ASN B 320 3.96 -19.88 -23.39
N ALA B 321 4.95 -20.76 -23.36
CA ALA B 321 5.61 -21.22 -24.58
C ALA B 321 5.98 -22.70 -24.47
N GLY B 322 5.07 -23.52 -23.97
CA GLY B 322 5.39 -24.89 -23.64
C GLY B 322 5.68 -25.12 -22.18
N SER B 323 5.59 -24.08 -21.35
CA SER B 323 5.69 -24.19 -19.90
C SER B 323 4.56 -23.36 -19.30
N VAL B 324 4.60 -23.16 -18.00
CA VAL B 324 3.54 -22.45 -17.28
C VAL B 324 4.16 -21.35 -16.43
N SER B 325 3.57 -20.15 -16.51
CA SER B 325 3.93 -19.05 -15.62
C SER B 325 2.97 -19.05 -14.44
N PHE B 326 3.53 -19.02 -13.23
CA PHE B 326 2.76 -19.07 -11.99
C PHE B 326 2.95 -17.78 -11.21
N PHE B 327 1.84 -17.15 -10.84
CA PHE B 327 1.86 -15.88 -10.11
C PHE B 327 1.27 -16.09 -8.71
N PRO B 328 2.10 -16.18 -7.67
CA PRO B 328 1.55 -16.49 -6.34
C PRO B 328 0.82 -15.33 -5.68
N GLN B 329 1.23 -14.09 -5.92
CA GLN B 329 0.63 -12.96 -5.22
C GLN B 329 -0.68 -12.53 -5.88
N ALA B 330 -1.47 -11.75 -5.13
CA ALA B 330 -2.82 -11.39 -5.52
C ALA B 330 -2.92 -10.03 -6.20
N GLU B 331 -1.93 -9.16 -6.01
CA GLU B 331 -1.97 -7.83 -6.60
C GLU B 331 -1.32 -7.76 -7.98
N THR B 332 -0.70 -8.84 -8.43
CA THR B 332 0.06 -8.84 -9.67
C THR B 332 -0.78 -9.12 -10.90
N CYS B 333 -2.06 -9.43 -10.75
CA CYS B 333 -2.92 -9.79 -11.87
C CYS B 333 -4.23 -9.03 -11.79
N LYS B 334 -4.61 -8.38 -12.89
CA LYS B 334 -5.86 -7.65 -13.00
C LYS B 334 -6.76 -8.36 -13.98
N VAL B 335 -8.06 -8.36 -13.70
CA VAL B 335 -9.04 -9.11 -14.48
C VAL B 335 -10.05 -8.14 -15.07
N GLN B 336 -10.25 -8.24 -16.38
CA GLN B 336 -11.30 -7.51 -17.10
C GLN B 336 -12.17 -8.56 -17.79
N SER B 337 -13.39 -8.80 -17.29
CA SER B 337 -14.33 -9.84 -17.81
C SER B 337 -13.50 -11.13 -17.77
N ASN B 338 -13.30 -11.87 -18.85
CA ASN B 338 -12.47 -13.10 -18.90
C ASN B 338 -11.08 -12.84 -19.52
N ARG B 339 -10.43 -11.70 -19.20
CA ARG B 339 -9.07 -11.41 -19.62
C ARG B 339 -8.24 -11.04 -18.40
N VAL B 340 -7.12 -11.72 -18.21
CA VAL B 340 -6.25 -11.55 -17.05
C VAL B 340 -4.96 -10.86 -17.51
N PHE B 341 -4.61 -9.77 -16.84
CA PHE B 341 -3.40 -9.01 -17.14
C PHE B 341 -2.41 -9.24 -16.00
N CYS B 342 -1.34 -9.99 -16.29
CA CYS B 342 -0.35 -10.34 -15.29
C CYS B 342 1.03 -9.88 -15.74
N ASP B 343 1.90 -9.62 -14.76
CA ASP B 343 3.27 -9.16 -15.00
C ASP B 343 4.22 -10.31 -14.74
N THR B 344 5.00 -10.68 -15.76
CA THR B 344 5.92 -11.81 -15.62
C THR B 344 7.05 -11.53 -14.64
N MET B 345 7.24 -10.26 -14.27
CA MET B 345 8.26 -9.93 -13.28
C MET B 345 8.01 -10.59 -11.94
N ASN B 346 6.76 -10.99 -11.66
CA ASN B 346 6.36 -11.58 -10.39
C ASN B 346 5.88 -13.00 -10.59
N SER B 347 6.61 -13.81 -11.36
CA SER B 347 6.18 -15.16 -11.68
C SER B 347 7.37 -16.11 -11.65
N LEU B 348 7.05 -17.39 -11.56
CA LEU B 348 8.01 -18.48 -11.68
C LEU B 348 7.68 -19.34 -12.89
N THR B 349 8.72 -19.90 -13.50
CA THR B 349 8.54 -20.80 -14.64
C THR B 349 8.47 -22.23 -14.13
N LEU B 350 7.40 -22.93 -14.50
CA LEU B 350 7.17 -24.29 -14.03
C LEU B 350 6.91 -25.21 -15.21
N PRO B 351 7.18 -26.50 -15.06
CA PRO B 351 6.84 -27.46 -16.12
C PRO B 351 5.32 -27.61 -16.26
N SER B 352 4.91 -28.05 -17.45
CA SER B 352 3.49 -28.30 -17.70
C SER B 352 2.95 -29.44 -16.84
N GLU B 353 3.82 -30.28 -16.28
CA GLU B 353 3.38 -31.37 -15.42
C GLU B 353 2.78 -30.88 -14.10
N VAL B 354 2.93 -29.59 -13.77
CA VAL B 354 2.40 -29.08 -12.52
C VAL B 354 0.89 -29.27 -12.45
N ASN B 355 0.22 -29.27 -13.61
CA ASN B 355 -1.24 -29.40 -13.63
C ASN B 355 -1.71 -30.75 -13.12
N LEU B 356 -0.83 -31.75 -13.07
CA LEU B 356 -1.24 -33.07 -12.58
C LEU B 356 -1.58 -33.07 -11.10
N CYS B 357 -1.18 -32.05 -10.35
CA CYS B 357 -1.50 -31.99 -8.93
C CYS B 357 -2.99 -31.83 -8.69
N ASN B 358 -3.73 -31.28 -9.66
CA ASN B 358 -5.17 -31.11 -9.49
C ASN B 358 -5.92 -32.42 -9.67
N VAL B 359 -5.45 -33.27 -10.58
CA VAL B 359 -6.15 -34.53 -10.85
C VAL B 359 -5.76 -35.59 -9.83
N ASP B 360 -4.47 -35.70 -9.53
CA ASP B 360 -3.98 -36.69 -8.57
C ASP B 360 -2.80 -36.08 -7.84
N ILE B 361 -2.91 -35.99 -6.51
CA ILE B 361 -1.86 -35.36 -5.71
C ILE B 361 -0.73 -36.30 -5.35
N PHE B 362 -0.87 -37.60 -5.61
CA PHE B 362 0.15 -38.59 -5.30
C PHE B 362 0.85 -39.11 -6.54
N ASN B 363 0.80 -38.36 -7.64
CA ASN B 363 1.44 -38.79 -8.87
C ASN B 363 2.96 -38.67 -8.74
N PRO B 364 3.71 -39.47 -9.51
CA PRO B 364 5.17 -39.47 -9.36
C PRO B 364 5.85 -38.40 -10.21
N LYS B 365 5.18 -37.93 -11.25
CA LYS B 365 5.82 -37.00 -12.19
C LYS B 365 6.15 -35.68 -11.51
N TYR B 366 5.25 -35.16 -10.67
CA TYR B 366 5.44 -33.87 -10.03
C TYR B 366 5.16 -33.98 -8.54
N ASP B 367 5.93 -33.24 -7.74
CA ASP B 367 5.82 -33.25 -6.29
C ASP B 367 5.07 -32.00 -5.84
N CYS B 368 3.85 -32.18 -5.37
CA CYS B 368 3.01 -31.04 -4.98
C CYS B 368 3.40 -30.52 -3.60
N LYS B 369 3.21 -29.22 -3.40
CA LYS B 369 3.67 -28.52 -2.21
C LYS B 369 2.51 -28.29 -1.26
N ILE B 370 2.73 -28.58 0.02
CA ILE B 370 1.71 -28.48 1.06
C ILE B 370 2.34 -27.85 2.30
N MET B 371 1.50 -27.59 3.30
CA MET B 371 1.95 -27.22 4.63
C MET B 371 1.12 -28.00 5.65
N THR B 372 1.71 -28.20 6.83
CA THR B 372 1.07 -28.98 7.88
C THR B 372 1.01 -28.15 9.16
N SER B 373 0.01 -28.43 9.98
CA SER B 373 -0.24 -27.64 11.18
C SER B 373 -1.03 -28.48 12.16
N LYS B 374 -1.38 -27.86 13.30
CA LYS B 374 -2.24 -28.48 14.30
C LYS B 374 -3.36 -27.55 14.75
N THR B 375 -3.44 -26.34 14.21
CA THR B 375 -4.46 -25.36 14.58
C THR B 375 -5.57 -25.41 13.53
N ASP B 376 -6.77 -25.80 13.96
CA ASP B 376 -7.93 -25.91 13.07
C ASP B 376 -8.93 -24.83 13.46
N VAL B 377 -9.09 -23.84 12.59
CA VAL B 377 -10.05 -22.75 12.78
C VAL B 377 -10.91 -22.63 11.53
N SER B 378 -12.18 -22.32 11.73
CA SER B 378 -13.13 -22.24 10.62
C SER B 378 -12.88 -20.98 9.80
N SER B 379 -13.08 -21.10 8.48
CA SER B 379 -12.92 -19.98 7.58
C SER B 379 -13.61 -20.31 6.27
N SER B 380 -13.69 -19.32 5.38
CA SER B 380 -14.32 -19.48 4.09
C SER B 380 -13.45 -18.84 3.02
N VAL B 381 -13.47 -19.43 1.83
CA VAL B 381 -12.80 -18.89 0.65
C VAL B 381 -13.83 -18.73 -0.45
N ILE B 382 -13.95 -17.51 -0.97
CA ILE B 382 -14.90 -17.20 -2.03
C ILE B 382 -14.19 -17.42 -3.36
N THR B 383 -14.76 -18.29 -4.20
CA THR B 383 -14.19 -18.61 -5.50
C THR B 383 -14.97 -17.87 -6.59
N SER B 384 -14.67 -18.19 -7.84
CA SER B 384 -15.31 -17.49 -8.96
C SER B 384 -16.81 -17.75 -9.00
N LEU B 385 -17.22 -18.99 -8.73
CA LEU B 385 -18.61 -19.40 -8.86
C LEU B 385 -19.12 -20.12 -7.62
N GLY B 386 -18.57 -19.83 -6.46
CA GLY B 386 -19.01 -20.48 -5.24
C GLY B 386 -18.12 -20.12 -4.07
N ALA B 387 -18.23 -20.93 -3.02
CA ALA B 387 -17.47 -20.70 -1.80
C ALA B 387 -17.08 -22.04 -1.18
N ILE B 388 -15.84 -22.13 -0.72
CA ILE B 388 -15.36 -23.27 0.04
C ILE B 388 -15.50 -22.94 1.52
N VAL B 389 -16.09 -23.86 2.28
CA VAL B 389 -16.35 -23.66 3.71
C VAL B 389 -15.63 -24.75 4.48
N SER B 390 -14.71 -24.34 5.36
CA SER B 390 -14.05 -25.24 6.30
C SER B 390 -14.62 -24.96 7.68
N CYS B 391 -15.50 -25.83 8.15
CA CYS B 391 -16.21 -25.65 9.40
C CYS B 391 -15.69 -26.66 10.41
N TYR B 392 -15.03 -26.18 11.46
CA TYR B 392 -14.39 -27.04 12.45
C TYR B 392 -14.72 -26.55 13.85
N GLY B 393 -14.68 -27.48 14.80
CA GLY B 393 -14.93 -27.15 16.19
C GLY B 393 -16.39 -27.04 16.52
N LYS B 394 -16.75 -25.98 17.26
CA LYS B 394 -18.13 -25.72 17.66
C LYS B 394 -18.74 -24.54 16.91
N THR B 395 -18.19 -24.21 15.75
CA THR B 395 -18.65 -23.05 14.98
C THR B 395 -19.92 -23.40 14.20
N LYS B 396 -20.75 -22.39 14.00
CA LYS B 396 -22.03 -22.53 13.29
C LYS B 396 -21.88 -21.95 11.89
N CYS B 397 -22.06 -22.78 10.88
CA CYS B 397 -21.83 -22.42 9.49
C CYS B 397 -23.09 -22.65 8.65
N THR B 398 -23.45 -21.68 7.80
CA THR B 398 -24.68 -21.77 7.03
C THR B 398 -24.53 -21.05 5.70
N ALA B 399 -25.49 -21.30 4.81
CA ALA B 399 -25.62 -20.61 3.52
C ALA B 399 -27.08 -20.21 3.35
N SER B 400 -27.32 -18.97 2.91
CA SER B 400 -28.64 -18.37 2.95
C SER B 400 -29.03 -17.73 1.62
N ASN B 401 -30.30 -17.36 1.52
CA ASN B 401 -30.84 -16.62 0.39
C ASN B 401 -31.55 -15.36 0.86
N LYS B 402 -31.65 -14.40 -0.07
CA LYS B 402 -32.50 -13.24 0.14
C LYS B 402 -33.96 -13.62 0.30
N ASN B 403 -34.45 -14.53 -0.53
CA ASN B 403 -35.87 -14.84 -0.58
C ASN B 403 -36.31 -15.92 0.41
N ARG B 404 -35.49 -16.95 0.62
CA ARG B 404 -35.87 -18.08 1.46
C ARG B 404 -35.06 -18.20 2.73
N GLY B 405 -33.99 -17.43 2.90
CA GLY B 405 -33.16 -17.55 4.08
C GLY B 405 -32.21 -18.73 4.03
N ILE B 406 -31.98 -19.37 5.17
CA ILE B 406 -31.03 -20.47 5.24
C ILE B 406 -31.55 -21.64 4.42
N ILE B 407 -30.65 -22.24 3.63
CA ILE B 407 -31.01 -23.35 2.76
C ILE B 407 -30.05 -24.50 2.96
N LYS B 408 -29.11 -24.35 3.90
CA LYS B 408 -28.12 -25.40 4.12
C LYS B 408 -27.35 -25.10 5.41
N THR B 409 -27.05 -26.16 6.14
CA THR B 409 -26.21 -26.09 7.34
C THR B 409 -25.05 -27.06 7.16
N PHE B 410 -23.84 -26.58 7.40
CA PHE B 410 -22.64 -27.37 7.18
C PHE B 410 -22.27 -28.15 8.42
N SER B 411 -21.75 -29.36 8.22
CA SER B 411 -21.19 -30.17 9.29
C SER B 411 -19.68 -30.03 9.27
N ASN B 412 -19.02 -30.67 10.23
CA ASN B 412 -17.57 -30.57 10.33
C ASN B 412 -16.90 -31.14 9.08
N GLY B 413 -15.84 -30.47 8.64
CA GLY B 413 -15.12 -30.84 7.44
C GLY B 413 -15.17 -29.74 6.40
N CYS B 414 -14.57 -30.03 5.25
CA CYS B 414 -14.49 -29.11 4.13
C CYS B 414 -15.61 -29.40 3.13
N ASP B 415 -16.25 -28.35 2.64
CA ASP B 415 -17.37 -28.48 1.74
C ASP B 415 -17.35 -27.33 0.74
N TYR B 416 -18.23 -27.41 -0.25
CA TYR B 416 -18.33 -26.41 -1.31
C TYR B 416 -19.78 -26.20 -1.66
N VAL B 417 -20.15 -24.95 -1.94
CA VAL B 417 -21.49 -24.59 -2.38
C VAL B 417 -21.39 -23.70 -3.60
N SER B 418 -22.26 -23.94 -4.58
CA SER B 418 -22.29 -23.13 -5.79
C SER B 418 -23.11 -21.87 -5.56
N ASN B 419 -22.93 -20.90 -6.46
CA ASN B 419 -23.65 -19.63 -6.39
C ASN B 419 -24.92 -19.63 -7.23
N LYS B 420 -25.37 -20.81 -7.68
CA LYS B 420 -26.56 -20.86 -8.52
C LYS B 420 -27.79 -20.40 -7.76
N GLY B 421 -27.90 -20.77 -6.49
CA GLY B 421 -29.04 -20.38 -5.69
C GLY B 421 -28.65 -19.92 -4.29
N VAL B 422 -27.43 -19.38 -4.16
CA VAL B 422 -26.90 -18.92 -2.88
C VAL B 422 -26.42 -17.49 -3.04
N ASP B 423 -26.75 -16.64 -2.07
CA ASP B 423 -26.30 -15.24 -2.06
C ASP B 423 -25.19 -14.98 -1.06
N THR B 424 -25.26 -15.59 0.12
CA THR B 424 -24.28 -15.36 1.17
C THR B 424 -23.98 -16.66 1.90
N VAL B 425 -22.81 -16.71 2.53
CA VAL B 425 -22.45 -17.77 3.47
C VAL B 425 -21.91 -17.09 4.73
N SER B 426 -22.27 -17.62 5.89
CA SER B 426 -21.84 -17.07 7.17
C SER B 426 -21.07 -18.14 7.93
N VAL B 427 -19.88 -17.79 8.39
CA VAL B 427 -19.02 -18.66 9.18
C VAL B 427 -18.72 -17.95 10.49
N GLY B 428 -19.19 -18.51 11.60
CA GLY B 428 -19.00 -17.85 12.88
C GLY B 428 -19.71 -16.51 12.92
N ASN B 429 -18.96 -15.47 13.26
CA ASN B 429 -19.48 -14.11 13.35
C ASN B 429 -19.30 -13.32 12.06
N THR B 430 -18.80 -13.95 10.99
CA THR B 430 -18.53 -13.28 9.72
C THR B 430 -19.59 -13.66 8.69
N LEU B 431 -19.80 -12.75 7.73
CA LEU B 431 -20.72 -12.97 6.62
C LEU B 431 -20.02 -12.62 5.32
N TYR B 432 -20.23 -13.43 4.30
CA TYR B 432 -19.63 -13.23 2.98
C TYR B 432 -20.72 -13.16 1.91
N TYR B 433 -20.51 -12.30 0.92
CA TYR B 433 -21.29 -12.32 -0.32
C TYR B 433 -20.50 -13.09 -1.36
N VAL B 434 -21.17 -13.97 -2.08
CA VAL B 434 -20.54 -14.75 -3.15
C VAL B 434 -20.67 -13.96 -4.45
N ASN B 435 -19.70 -14.16 -5.34
CA ASN B 435 -19.79 -13.56 -6.67
C ASN B 435 -20.98 -14.14 -7.42
N LYS B 436 -21.63 -13.30 -8.22
CA LYS B 436 -22.80 -13.72 -9.00
C LYS B 436 -22.50 -13.78 -10.49
N GLN B 437 -21.25 -14.17 -10.81
CA GLN B 437 -20.79 -14.32 -12.20
C GLN B 437 -21.44 -15.58 -12.77
N GLU B 438 -21.70 -15.65 -14.08
CA GLU B 438 -22.38 -16.77 -14.71
C GLU B 438 -21.39 -17.85 -15.14
N GLY B 439 -21.75 -19.10 -14.89
CA GLY B 439 -20.89 -20.22 -15.26
C GLY B 439 -21.43 -21.51 -14.69
N LYS B 440 -20.71 -22.58 -15.00
CA LYS B 440 -21.08 -23.93 -14.58
C LYS B 440 -20.02 -24.47 -13.63
N SER B 441 -20.46 -25.19 -12.61
CA SER B 441 -19.57 -25.77 -11.62
C SER B 441 -19.85 -27.27 -11.50
N LEU B 442 -18.84 -28.00 -11.05
CA LEU B 442 -18.89 -29.44 -10.92
C LEU B 442 -18.33 -29.85 -9.57
N TYR B 443 -18.92 -30.89 -8.97
CA TYR B 443 -18.50 -31.43 -7.69
C TYR B 443 -17.87 -32.78 -7.92
N VAL B 444 -16.61 -32.94 -7.48
CA VAL B 444 -15.87 -34.18 -7.64
C VAL B 444 -15.70 -34.80 -6.26
N LYS B 445 -16.17 -36.02 -6.10
CA LYS B 445 -16.21 -36.68 -4.81
C LYS B 445 -14.98 -37.57 -4.62
N GLY B 446 -14.36 -37.46 -3.46
CA GLY B 446 -13.24 -38.32 -3.09
C GLY B 446 -13.07 -38.29 -1.59
N GLU B 447 -12.24 -39.19 -1.12
CA GLU B 447 -11.99 -39.28 0.32
C GLU B 447 -10.82 -38.38 0.70
N PRO B 448 -10.98 -37.48 1.68
CA PRO B 448 -9.89 -36.55 2.00
C PRO B 448 -8.62 -37.29 2.36
N ILE B 449 -7.49 -36.72 1.92
CA ILE B 449 -6.20 -37.37 2.08
C ILE B 449 -5.64 -37.28 3.48
N ILE B 450 -6.20 -36.42 4.34
CA ILE B 450 -5.72 -36.30 5.71
C ILE B 450 -6.01 -37.53 6.54
N ASN B 451 -6.88 -38.43 6.07
CA ASN B 451 -7.23 -39.63 6.80
C ASN B 451 -6.30 -40.80 6.53
N PHE B 452 -5.34 -40.65 5.62
CA PHE B 452 -4.37 -41.69 5.32
C PHE B 452 -3.13 -41.62 6.19
N TYR B 453 -3.04 -40.64 7.08
CA TYR B 453 -1.86 -40.41 7.90
C TYR B 453 -2.11 -40.88 9.32
N ASP B 454 -1.07 -41.44 9.94
CA ASP B 454 -1.13 -41.81 11.34
C ASP B 454 -0.74 -40.61 12.18
N PRO B 455 -1.62 -40.10 13.04
CA PRO B 455 -1.28 -38.88 13.81
C PRO B 455 -0.08 -39.06 14.72
N LEU B 456 0.30 -40.29 15.07
CA LEU B 456 1.39 -40.50 16.00
C LEU B 456 2.72 -40.01 15.43
N VAL B 457 2.97 -40.27 14.15
CA VAL B 457 4.25 -39.97 13.53
C VAL B 457 4.09 -38.91 12.44
N PHE B 458 3.12 -38.02 12.62
CA PHE B 458 2.83 -37.00 11.62
C PHE B 458 3.60 -35.73 11.95
N PRO B 459 4.41 -35.18 11.03
CA PRO B 459 5.01 -33.87 11.27
C PRO B 459 3.94 -32.79 11.34
N SER B 460 4.17 -31.81 12.21
CA SER B 460 3.12 -30.87 12.57
C SER B 460 3.46 -29.41 12.33
N ASP B 461 4.73 -29.06 12.16
CA ASP B 461 5.13 -27.66 11.93
C ASP B 461 5.98 -27.61 10.66
N GLU B 462 5.32 -27.47 9.52
CA GLU B 462 5.98 -27.38 8.22
C GLU B 462 5.37 -26.23 7.44
N PHE B 463 6.22 -25.42 6.82
CA PHE B 463 5.77 -24.31 5.97
C PHE B 463 6.11 -24.53 4.51
N ASP B 464 7.32 -24.99 4.20
CA ASP B 464 7.78 -25.12 2.83
C ASP B 464 8.05 -26.58 2.51
N ALA B 465 7.14 -27.47 2.90
CA ALA B 465 7.31 -28.89 2.68
C ALA B 465 6.60 -29.32 1.38
N SER B 466 6.64 -30.62 1.12
CA SER B 466 5.96 -31.20 -0.04
C SER B 466 5.53 -32.61 0.35
N ILE B 467 4.87 -33.29 -0.59
CA ILE B 467 4.38 -34.64 -0.33
C ILE B 467 5.55 -35.59 -0.07
N SER B 468 6.59 -35.50 -0.90
CA SER B 468 7.73 -36.40 -0.75
C SER B 468 8.47 -36.15 0.56
N GLN B 469 8.64 -34.88 0.95
CA GLN B 469 9.34 -34.58 2.19
C GLN B 469 8.57 -35.11 3.39
N VAL B 470 7.26 -34.95 3.40
CA VAL B 470 6.46 -35.50 4.49
C VAL B 470 6.57 -37.02 4.51
N ASN B 471 6.52 -37.65 3.33
CA ASN B 471 6.61 -39.10 3.28
C ASN B 471 7.94 -39.60 3.81
N GLU B 472 9.05 -38.94 3.45
CA GLU B 472 10.35 -39.41 3.91
C GLU B 472 10.54 -39.14 5.40
N LYS B 473 10.02 -38.02 5.90
CA LYS B 473 10.04 -37.81 7.34
C LYS B 473 9.27 -38.90 8.08
N ILE B 474 8.10 -39.28 7.56
CA ILE B 474 7.31 -40.34 8.17
C ILE B 474 8.09 -41.65 8.14
N ASN B 475 8.74 -41.95 7.01
CA ASN B 475 9.52 -43.18 6.91
C ASN B 475 10.66 -43.19 7.93
N GLN B 476 11.37 -42.08 8.08
CA GLN B 476 12.45 -42.03 9.05
C GLN B 476 11.93 -42.20 10.47
N SER B 477 10.82 -41.53 10.81
CA SER B 477 10.27 -41.67 12.15
C SER B 477 9.82 -43.10 12.42
N LEU B 478 9.19 -43.73 11.43
CA LEU B 478 8.66 -45.08 11.61
C LEU B 478 9.74 -46.15 11.60
N ALA B 479 10.88 -45.88 10.94
CA ALA B 479 11.96 -46.86 10.90
C ALA B 479 12.70 -46.93 12.24
N PHE B 480 12.88 -45.79 12.90
CA PHE B 480 13.59 -45.78 14.18
C PHE B 480 12.89 -46.61 15.23
N ILE B 481 11.59 -46.90 15.05
CA ILE B 481 10.86 -47.66 16.05
C ILE B 481 11.23 -49.13 15.88
N ARG B 482 12.27 -49.55 16.60
CA ARG B 482 12.75 -50.92 16.59
C ARG B 482 13.12 -51.29 18.01
N LYS B 483 12.63 -52.44 18.47
CA LYS B 483 12.77 -52.84 19.86
C LYS B 483 13.88 -53.87 20.02
N SER B 484 14.80 -53.62 20.94
CA SER B 484 15.90 -54.54 21.20
C SER B 484 16.73 -54.77 19.94
N GLN C 1 33.68 7.06 -9.82
CA GLN C 1 34.48 7.55 -8.69
C GLN C 1 33.73 7.40 -7.37
N ASN C 2 32.41 7.23 -7.45
CA ASN C 2 31.58 7.23 -6.24
C ASN C 2 31.34 5.83 -5.71
N ILE C 3 30.68 4.97 -6.47
CA ILE C 3 30.12 3.73 -5.95
C ILE C 3 30.67 2.55 -6.73
N THR C 4 31.04 1.50 -6.01
CA THR C 4 31.61 0.28 -6.58
C THR C 4 30.79 -0.91 -6.08
N GLU C 5 31.01 -2.05 -6.74
CA GLU C 5 30.32 -3.28 -6.33
C GLU C 5 31.33 -4.41 -6.26
N GLU C 6 31.04 -5.41 -5.45
CA GLU C 6 31.84 -6.63 -5.34
C GLU C 6 30.90 -7.82 -5.21
N PHE C 7 31.17 -8.87 -5.99
CA PHE C 7 30.40 -10.10 -5.97
C PHE C 7 31.24 -11.21 -5.35
N TYR C 8 30.65 -11.93 -4.40
CA TYR C 8 31.31 -13.04 -3.72
C TYR C 8 30.70 -14.34 -4.22
N GLN C 9 31.54 -15.18 -4.84
CA GLN C 9 31.06 -16.43 -5.42
C GLN C 9 30.78 -17.50 -4.35
N SER C 10 31.45 -17.43 -3.21
CA SER C 10 31.30 -18.46 -2.20
C SER C 10 29.91 -18.44 -1.57
N THR C 11 29.32 -17.25 -1.43
CA THR C 11 28.01 -17.11 -0.81
C THR C 11 26.93 -16.64 -1.77
N CYS C 12 27.27 -16.26 -2.99
CA CYS C 12 26.28 -15.83 -3.99
C CYS C 12 25.58 -14.54 -3.54
N SER C 13 26.39 -13.57 -3.13
CA SER C 13 25.89 -12.27 -2.68
C SER C 13 26.82 -11.17 -3.19
N ALA C 14 26.28 -9.95 -3.22
CA ALA C 14 27.01 -8.79 -3.71
C ALA C 14 26.79 -7.61 -2.78
N VAL C 15 27.80 -6.74 -2.70
CA VAL C 15 27.75 -5.56 -1.85
C VAL C 15 28.04 -4.33 -2.70
N SER C 16 27.20 -3.31 -2.57
CA SER C 16 27.40 -2.02 -3.22
C SER C 16 27.74 -0.99 -2.16
N LYS C 17 28.80 -0.24 -2.38
CA LYS C 17 29.24 0.78 -1.44
C LYS C 17 29.54 2.08 -2.18
N GLY C 18 29.72 3.15 -1.42
CA GLY C 18 29.92 4.48 -1.95
C GLY C 18 28.80 5.45 -1.69
N TYR C 19 27.76 5.04 -0.95
CA TYR C 19 26.61 5.89 -0.68
C TYR C 19 26.82 6.71 0.59
N LEU C 20 26.02 7.75 0.74
CA LEU C 20 26.10 8.69 1.85
C LEU C 20 24.77 8.72 2.59
N SER C 21 24.84 8.89 3.91
CA SER C 21 23.68 8.71 4.77
C SER C 21 22.93 10.01 4.99
N ALA C 22 21.62 9.86 5.24
CA ALA C 22 20.78 10.94 5.78
C ALA C 22 19.67 10.25 6.58
N LEU C 23 19.90 10.09 7.88
CA LEU C 23 19.04 9.30 8.75
C LEU C 23 18.14 10.21 9.57
N ARG C 24 16.80 9.96 9.49
CA ARG C 24 15.81 10.73 10.28
C ARG C 24 15.83 10.20 11.72
N THR C 25 16.23 11.01 12.70
CA THR C 25 16.37 10.62 14.10
C THR C 25 15.43 11.37 15.02
N GLY C 26 14.67 12.33 14.52
CA GLY C 26 13.77 13.09 15.37
C GLY C 26 12.68 13.75 14.55
N TRP C 27 11.94 14.63 15.21
CA TRP C 27 10.83 15.34 14.59
C TRP C 27 10.90 16.81 14.98
N TYR C 28 10.35 17.65 14.11
CA TYR C 28 10.19 19.07 14.38
C TYR C 28 8.76 19.46 14.02
N THR C 29 8.06 20.12 14.94
CA THR C 29 6.66 20.46 14.76
C THR C 29 6.49 21.96 14.60
N SER C 30 5.57 22.35 13.73
CA SER C 30 5.24 23.75 13.49
C SER C 30 3.72 23.88 13.39
N VAL C 31 3.25 25.10 13.60
CA VAL C 31 1.81 25.40 13.57
C VAL C 31 1.54 26.34 12.40
N ILE C 32 0.59 25.96 11.56
CA ILE C 32 0.16 26.75 10.41
C ILE C 32 -1.25 27.24 10.68
N THR C 33 -1.46 28.55 10.51
CA THR C 33 -2.74 29.18 10.79
C THR C 33 -3.30 29.85 9.55
N ILE C 34 -4.62 29.88 9.46
CA ILE C 34 -5.34 30.59 8.41
C ILE C 34 -6.36 31.50 9.08
N GLU C 35 -6.23 32.81 8.87
CA GLU C 35 -7.16 33.75 9.48
C GLU C 35 -8.50 33.68 8.76
N LEU C 36 -9.57 33.40 9.49
CA LEU C 36 -10.87 33.05 8.90
C LEU C 36 -11.91 34.10 9.26
N SER C 37 -13.04 34.08 8.59
CA SER C 37 -14.13 35.03 8.73
C SER C 37 -15.38 34.35 9.27
N ASN C 38 -16.25 35.15 9.89
CA ASN C 38 -17.50 34.68 10.48
C ASN C 38 -18.69 35.35 9.82
N ILE C 39 -18.69 35.40 8.49
CA ILE C 39 -19.77 36.05 7.77
C ILE C 39 -21.10 35.41 8.11
N LYS C 40 -22.05 36.23 8.54
CA LYS C 40 -23.41 35.77 8.77
C LYS C 40 -24.21 35.82 7.47
N GLU C 41 -25.27 35.00 7.43
CA GLU C 41 -26.17 34.98 6.28
C GLU C 41 -27.13 36.17 6.33
N ASN C 42 -26.55 37.37 6.29
CA ASN C 42 -27.29 38.61 6.43
C ASN C 42 -27.25 39.47 5.16
N LYS C 43 -26.99 38.86 4.01
CA LYS C 43 -27.04 39.59 2.76
C LYS C 43 -28.48 40.04 2.49
N CYS C 44 -28.64 41.22 1.89
CA CYS C 44 -29.97 41.81 1.63
C CYS C 44 -30.88 41.01 0.72
N ASN C 45 -30.44 40.67 -0.48
CA ASN C 45 -31.22 39.97 -1.53
C ASN C 45 -30.54 40.24 -2.87
N GLY C 46 -30.96 39.56 -3.95
CA GLY C 46 -30.44 39.75 -5.29
C GLY C 46 -31.05 38.84 -6.32
N THR C 47 -31.24 39.36 -7.53
CA THR C 47 -31.70 38.58 -8.67
C THR C 47 -30.84 38.86 -9.90
N ASP C 48 -29.59 39.27 -9.68
CA ASP C 48 -28.66 39.59 -10.75
C ASP C 48 -27.88 38.34 -11.14
N ALA C 49 -27.00 38.49 -12.13
CA ALA C 49 -26.18 37.39 -12.61
C ALA C 49 -24.84 37.33 -11.90
N LYS C 50 -24.18 38.48 -11.73
CA LYS C 50 -22.90 38.53 -11.03
C LYS C 50 -23.03 38.42 -9.52
N VAL C 51 -24.23 38.63 -8.97
CA VAL C 51 -24.42 38.47 -7.53
C VAL C 51 -24.64 36.99 -7.19
N LYS C 52 -25.29 36.25 -8.09
CA LYS C 52 -25.54 34.84 -7.84
C LYS C 52 -24.22 34.07 -7.75
N LEU C 53 -23.24 34.43 -8.59
CA LEU C 53 -21.94 33.76 -8.52
C LEU C 53 -21.26 34.03 -7.19
N ILE C 54 -21.32 35.27 -6.71
CA ILE C 54 -20.75 35.61 -5.41
C ILE C 54 -21.43 34.80 -4.31
N LYS C 55 -22.76 34.67 -4.39
CA LYS C 55 -23.48 33.91 -3.38
C LYS C 55 -23.08 32.43 -3.41
N GLN C 56 -22.87 31.88 -4.61
CA GLN C 56 -22.41 30.50 -4.70
C GLN C 56 -21.03 30.34 -4.06
N GLU C 57 -20.14 31.29 -4.32
CA GLU C 57 -18.80 31.21 -3.72
C GLU C 57 -18.88 31.29 -2.20
N LEU C 58 -19.73 32.18 -1.68
CA LEU C 58 -19.89 32.28 -0.23
C LEU C 58 -20.47 30.99 0.34
N ASP C 59 -21.40 30.37 -0.37
CA ASP C 59 -21.95 29.10 0.08
C ASP C 59 -20.87 28.03 0.13
N LYS C 60 -19.99 27.99 -0.86
CA LYS C 60 -18.87 27.05 -0.83
C LYS C 60 -17.98 27.29 0.38
N TYR C 61 -17.65 28.56 0.64
CA TYR C 61 -16.81 28.89 1.78
C TYR C 61 -17.44 28.42 3.09
N LYS C 62 -18.73 28.71 3.28
CA LYS C 62 -19.40 28.34 4.51
C LYS C 62 -19.52 26.83 4.66
N ASN C 63 -19.79 26.12 3.56
CA ASN C 63 -19.85 24.66 3.62
C ASN C 63 -18.49 24.08 4.00
N ALA C 64 -17.41 24.64 3.45
CA ALA C 64 -16.08 24.16 3.82
C ALA C 64 -15.80 24.38 5.30
N VAL C 65 -16.17 25.55 5.82
CA VAL C 65 -15.96 25.82 7.24
C VAL C 65 -16.75 24.85 8.10
N THR C 66 -18.01 24.60 7.73
CA THR C 66 -18.83 23.66 8.49
C THR C 66 -18.26 22.25 8.44
N GLU C 67 -17.76 21.83 7.28
CA GLU C 67 -17.16 20.50 7.17
C GLU C 67 -15.93 20.39 8.05
N LEU C 68 -15.08 21.42 8.06
CA LEU C 68 -13.90 21.38 8.93
C LEU C 68 -14.32 21.33 10.39
N GLN C 69 -15.34 22.10 10.78
CA GLN C 69 -15.81 22.07 12.16
C GLN C 69 -16.31 20.67 12.53
N LEU C 70 -17.07 20.04 11.64
CA LEU C 70 -17.57 18.69 11.90
C LEU C 70 -16.45 17.67 11.94
N LEU C 71 -15.33 17.93 11.24
CA LEU C 71 -14.26 16.94 11.18
C LEU C 71 -13.68 16.67 12.56
N MET C 72 -13.42 17.71 13.35
CA MET C 72 -12.80 17.54 14.65
C MET C 72 -13.87 17.22 15.69
N GLN C 73 -13.72 16.09 16.37
CA GLN C 73 -14.62 15.70 17.45
C GLN C 73 -13.89 14.75 18.38
N SER C 74 -14.49 14.40 19.52
CA SER C 74 -13.91 13.44 20.49
C SER C 74 -15.01 12.90 21.42
N PHE C 112 12.88 -10.68 4.46
CA PHE C 112 13.28 -11.42 5.65
C PHE C 112 13.71 -10.47 6.76
N LEU C 113 13.61 -10.95 8.01
CA LEU C 113 14.11 -10.28 9.21
C LEU C 113 13.34 -9.02 9.58
N GLY C 114 12.30 -8.66 8.84
CA GLY C 114 11.50 -7.50 9.21
C GLY C 114 10.60 -7.72 10.41
N PHE C 115 10.45 -8.96 10.86
CA PHE C 115 9.61 -9.30 12.00
C PHE C 115 10.32 -9.09 13.34
N LEU C 116 11.57 -8.66 13.34
CA LEU C 116 12.34 -8.43 14.56
C LEU C 116 12.39 -6.97 14.96
N LEU C 117 11.58 -6.11 14.36
CA LEU C 117 11.85 -4.67 14.39
C LEU C 117 11.36 -4.02 15.68
N GLY C 118 10.06 -4.08 15.94
CA GLY C 118 9.45 -3.29 17.00
C GLY C 118 8.41 -2.34 16.43
N VAL C 119 7.64 -1.76 17.36
CA VAL C 119 6.46 -0.98 17.01
C VAL C 119 6.57 0.40 17.65
N GLY C 120 6.55 1.44 16.83
CA GLY C 120 6.49 2.81 17.29
C GLY C 120 5.19 3.48 16.86
N SER C 121 5.01 4.71 17.33
CA SER C 121 3.87 5.54 16.99
C SER C 121 4.38 6.76 16.22
N ALA C 122 3.89 6.93 14.99
CA ALA C 122 4.51 7.87 14.06
C ALA C 122 4.22 9.32 14.44
N ILE C 123 2.96 9.64 14.76
CA ILE C 123 2.55 11.04 14.88
C ILE C 123 2.30 11.42 16.34
N ALA C 124 3.00 10.77 17.27
CA ALA C 124 2.77 11.03 18.68
C ALA C 124 3.11 12.48 19.05
N SER C 125 4.19 13.02 18.50
CA SER C 125 4.64 14.36 18.88
C SER C 125 3.67 15.44 18.39
N GLY C 126 3.26 15.37 17.12
CA GLY C 126 2.29 16.34 16.62
C GLY C 126 0.95 16.26 17.34
N VAL C 127 0.53 15.04 17.66
CA VAL C 127 -0.72 14.86 18.39
C VAL C 127 -0.60 15.46 19.78
N ALA C 128 0.57 15.32 20.41
CA ALA C 128 0.78 15.96 21.70
C ALA C 128 0.73 17.48 21.58
N VAL C 129 1.30 18.03 20.50
CA VAL C 129 1.26 19.48 20.30
C VAL C 129 -0.18 19.96 20.18
N CYS C 130 -1.00 19.25 19.40
CA CYS C 130 -2.41 19.62 19.33
C CYS C 130 -3.13 19.43 20.65
N LYS C 131 -2.79 18.38 21.40
CA LYS C 131 -3.45 18.20 22.69
C LYS C 131 -3.16 19.39 23.60
N VAL C 132 -1.93 19.90 23.56
CA VAL C 132 -1.60 21.12 24.31
C VAL C 132 -2.37 22.30 23.74
N LEU C 133 -2.53 22.37 22.42
CA LEU C 133 -3.12 23.53 21.76
C LEU C 133 -4.60 23.69 22.07
N HIS C 134 -5.25 22.69 22.65
CA HIS C 134 -6.68 22.76 22.97
C HIS C 134 -6.95 23.46 24.30
N LEU C 135 -5.92 23.91 25.00
CA LEU C 135 -6.11 24.54 26.29
C LEU C 135 -6.74 25.92 26.11
N GLU C 136 -6.89 26.64 27.22
CA GLU C 136 -7.77 27.82 27.24
C GLU C 136 -7.20 28.96 26.40
N GLY C 137 -6.03 29.47 26.79
CA GLY C 137 -5.54 30.70 26.19
C GLY C 137 -4.48 30.54 25.12
N GLU C 138 -4.34 29.32 24.56
CA GLU C 138 -3.31 29.10 23.56
C GLU C 138 -3.65 29.78 22.25
N VAL C 139 -4.89 29.63 21.78
CA VAL C 139 -5.27 30.19 20.50
C VAL C 139 -5.21 31.71 20.54
N ASN C 140 -5.67 32.31 21.65
CA ASN C 140 -5.57 33.76 21.78
C ASN C 140 -4.11 34.21 21.80
N LYS C 141 -3.25 33.45 22.46
CA LYS C 141 -1.83 33.79 22.48
C LYS C 141 -1.24 33.77 21.08
N ILE C 142 -1.59 32.77 20.28
CA ILE C 142 -1.08 32.70 18.92
C ILE C 142 -1.65 33.85 18.07
N LYS C 143 -2.93 34.18 18.27
CA LYS C 143 -3.53 35.27 17.53
C LYS C 143 -2.83 36.60 17.84
N SER C 144 -2.53 36.84 19.11
CA SER C 144 -1.91 38.09 19.50
C SER C 144 -0.47 38.22 19.02
N ALA C 145 0.18 37.10 18.71
CA ALA C 145 1.58 37.11 18.30
C ALA C 145 1.78 37.19 16.79
N LEU C 146 0.71 37.13 16.00
CA LEU C 146 0.80 37.10 14.56
C LEU C 146 0.07 38.22 13.86
N LEU C 147 -0.55 39.15 14.59
CA LEU C 147 -1.34 40.19 13.96
C LEU C 147 -0.49 41.12 13.11
N SER C 148 0.72 41.45 13.59
CA SER C 148 1.58 42.40 12.91
C SER C 148 2.56 41.76 11.93
N THR C 149 2.81 40.45 12.04
CA THR C 149 3.78 39.77 11.20
C THR C 149 3.17 38.47 10.71
N ASN C 150 3.98 37.66 10.01
CA ASN C 150 3.54 36.37 9.50
C ASN C 150 4.26 35.19 10.13
N LYS C 151 5.44 35.40 10.72
CA LYS C 151 6.16 34.37 11.44
C LYS C 151 6.39 34.82 12.87
N ALA C 152 6.50 33.85 13.78
CA ALA C 152 6.70 34.16 15.18
C ALA C 152 6.99 32.86 15.93
N VAL C 153 7.71 32.98 17.03
CA VAL C 153 7.96 31.87 17.95
C VAL C 153 7.18 32.15 19.22
N VAL C 154 6.25 31.26 19.56
CA VAL C 154 5.35 31.44 20.68
C VAL C 154 5.62 30.34 21.70
N SER C 155 5.81 30.73 22.95
CA SER C 155 6.03 29.79 24.04
C SER C 155 4.69 29.40 24.65
N LEU C 156 4.37 28.12 24.63
CA LEU C 156 3.08 27.63 25.08
C LEU C 156 3.07 27.44 26.60
N SER C 157 1.92 27.02 27.12
CA SER C 157 1.75 26.91 28.57
C SER C 157 2.68 25.86 29.17
N ASN C 158 3.06 24.85 28.40
CA ASN C 158 3.94 23.79 28.90
C ASN C 158 5.42 24.16 28.80
N GLY C 159 5.75 25.33 28.27
CA GLY C 159 7.11 25.81 28.21
C GLY C 159 7.80 25.58 26.88
N VAL C 160 7.26 24.73 26.02
CA VAL C 160 7.87 24.47 24.72
C VAL C 160 7.53 25.61 23.78
N SER C 161 8.54 26.08 23.05
CA SER C 161 8.38 27.19 22.11
C SER C 161 8.22 26.64 20.70
N VAL C 162 7.09 26.92 20.08
CA VAL C 162 6.77 26.42 18.76
C VAL C 162 6.83 27.56 17.76
N LEU C 163 7.07 27.20 16.50
CA LEU C 163 7.14 28.15 15.41
C LEU C 163 5.79 28.19 14.71
N THR C 164 5.21 29.38 14.63
CA THR C 164 3.89 29.60 14.03
C THR C 164 4.03 30.42 12.76
N PHE C 165 3.16 30.16 11.79
CA PHE C 165 3.26 30.79 10.48
C PHE C 165 1.86 30.94 9.91
N LYS C 166 1.57 32.11 9.35
CA LYS C 166 0.28 32.41 8.76
C LYS C 166 0.39 32.39 7.24
N VAL C 167 -0.45 31.58 6.60
CA VAL C 167 -0.32 31.33 5.17
C VAL C 167 -1.39 32.01 4.34
N LEU C 168 -2.57 32.27 4.91
CA LEU C 168 -3.67 32.84 4.14
C LEU C 168 -4.52 33.71 5.06
N ASP C 169 -5.08 34.78 4.48
CA ASP C 169 -5.92 35.72 5.21
C ASP C 169 -7.18 35.97 4.38
N LEU C 170 -8.19 35.12 4.57
CA LEU C 170 -9.47 35.33 3.91
C LEU C 170 -10.32 36.37 4.62
N LYS C 171 -10.14 36.51 5.93
CA LYS C 171 -10.92 37.47 6.69
C LYS C 171 -10.70 38.89 6.19
N ASN C 172 -9.43 39.25 5.98
CA ASN C 172 -9.13 40.59 5.49
C ASN C 172 -9.82 40.87 4.17
N TYR C 173 -9.65 39.98 3.20
CA TYR C 173 -10.24 40.20 1.88
C TYR C 173 -11.75 40.30 1.97
N ILE C 174 -12.39 39.33 2.62
CA ILE C 174 -13.85 39.33 2.68
C ILE C 174 -14.34 40.63 3.34
N ASP C 175 -13.79 40.95 4.52
CA ASP C 175 -14.31 42.08 5.27
C ASP C 175 -14.11 43.40 4.53
N LYS C 176 -12.92 43.63 3.95
CA LYS C 176 -12.63 44.95 3.41
C LYS C 176 -12.89 45.07 1.91
N GLN C 177 -13.29 44.00 1.22
CA GLN C 177 -13.60 44.14 -0.20
C GLN C 177 -14.86 43.42 -0.66
N LEU C 178 -15.55 42.66 0.20
CA LEU C 178 -16.74 41.94 -0.21
C LEU C 178 -17.97 42.40 0.55
N LEU C 179 -17.84 43.31 1.50
CA LEU C 179 -18.97 43.91 2.22
C LEU C 179 -18.82 45.43 2.16
N PRO C 180 -18.94 46.02 0.97
CA PRO C 180 -18.91 47.48 0.87
C PRO C 180 -20.22 48.11 1.34
N ILE C 181 -20.20 48.72 2.54
CA ILE C 181 -21.41 49.35 3.05
C ILE C 181 -21.82 50.52 2.16
N GLN C 185 -24.47 47.41 0.57
CA GLN C 185 -24.55 46.14 1.27
C GLN C 185 -24.32 44.94 0.36
N SER C 186 -23.48 45.10 -0.67
CA SER C 186 -23.14 44.05 -1.62
C SER C 186 -24.33 43.62 -2.47
N CYS C 187 -25.43 44.37 -2.46
CA CYS C 187 -26.62 43.95 -3.19
C CYS C 187 -26.46 44.06 -4.70
N SER C 188 -25.38 44.68 -5.17
CA SER C 188 -25.14 44.84 -6.61
C SER C 188 -23.64 44.88 -6.85
N ILE C 189 -23.15 43.99 -7.72
CA ILE C 189 -21.75 43.95 -8.09
C ILE C 189 -21.57 44.64 -9.42
N SER C 190 -20.57 45.52 -9.50
CA SER C 190 -20.33 46.33 -10.69
C SER C 190 -19.21 45.82 -11.58
N ASN C 191 -18.46 44.82 -11.14
CA ASN C 191 -17.34 44.28 -11.91
C ASN C 191 -17.38 42.77 -11.91
N ILE C 192 -16.78 42.19 -12.95
CA ILE C 192 -16.70 40.74 -13.05
C ILE C 192 -15.37 40.22 -12.50
N GLU C 193 -14.33 41.05 -12.48
CA GLU C 193 -13.04 40.61 -11.98
C GLU C 193 -13.05 40.39 -10.48
N THR C 194 -14.00 40.98 -9.75
CA THR C 194 -14.13 40.70 -8.33
C THR C 194 -14.54 39.24 -8.10
N VAL C 195 -15.43 38.72 -8.94
CA VAL C 195 -15.83 37.32 -8.83
C VAL C 195 -14.62 36.42 -9.05
N ILE C 196 -13.82 36.73 -10.07
CA ILE C 196 -12.66 35.90 -10.38
C ILE C 196 -11.64 35.97 -9.25
N GLU C 197 -11.42 37.17 -8.70
CA GLU C 197 -10.50 37.30 -7.58
C GLU C 197 -10.97 36.48 -6.39
N PHE C 198 -12.26 36.56 -6.07
CA PHE C 198 -12.77 35.83 -4.91
C PHE C 198 -12.65 34.33 -5.11
N GLN C 199 -12.95 33.84 -6.31
CA GLN C 199 -12.85 32.40 -6.53
C GLN C 199 -11.41 31.94 -6.65
N GLN C 200 -10.47 32.85 -6.95
CA GLN C 200 -9.06 32.50 -6.90
C GLN C 200 -8.56 32.43 -5.46
N LYS C 201 -9.03 33.33 -4.60
CA LYS C 201 -8.60 33.35 -3.21
C LYS C 201 -9.20 32.23 -2.37
N ASN C 202 -10.21 31.52 -2.89
CA ASN C 202 -10.94 30.52 -2.14
C ASN C 202 -10.46 29.09 -2.41
N ASN C 203 -9.72 28.87 -3.51
CA ASN C 203 -9.37 27.52 -3.92
C ASN C 203 -8.48 26.82 -2.89
N ARG C 204 -7.57 27.58 -2.25
CA ARG C 204 -6.60 27.04 -1.26
C ARG C 204 -7.37 26.37 -0.13
N LEU C 205 -8.44 26.97 0.41
CA LEU C 205 -9.18 26.42 1.54
C LEU C 205 -9.99 25.19 1.13
N LEU C 206 -10.62 25.25 -0.05
CA LEU C 206 -11.39 24.09 -0.51
C LEU C 206 -10.50 22.88 -0.73
N GLU C 207 -9.30 23.11 -1.29
CA GLU C 207 -8.34 22.01 -1.61
C GLU C 207 -7.77 21.44 -0.31
N ILE C 208 -7.58 22.24 0.74
CA ILE C 208 -7.14 21.75 2.05
C ILE C 208 -8.26 20.94 2.70
N THR C 209 -9.49 21.44 2.62
CA THR C 209 -10.64 20.74 3.20
C THR C 209 -10.83 19.38 2.54
N ARG C 210 -10.74 19.32 1.21
CA ARG C 210 -10.86 18.04 0.52
C ARG C 210 -9.79 17.05 0.99
N GLU C 211 -8.55 17.51 1.05
CA GLU C 211 -7.46 16.63 1.46
C GLU C 211 -7.69 16.08 2.85
N PHE C 212 -8.08 16.95 3.80
CA PHE C 212 -8.33 16.47 5.15
C PHE C 212 -9.56 15.58 5.21
N SER C 213 -10.54 15.79 4.33
CA SER C 213 -11.76 15.01 4.38
C SER C 213 -11.54 13.58 3.90
N VAL C 214 -10.69 13.39 2.87
CA VAL C 214 -10.47 12.05 2.36
C VAL C 214 -9.42 11.28 3.15
N ASN C 215 -8.85 11.88 4.20
CA ASN C 215 -7.79 11.24 4.97
C ASN C 215 -8.09 11.17 6.47
N ALA C 216 -9.22 11.69 6.93
CA ALA C 216 -9.59 11.65 8.35
C ALA C 216 -8.65 12.50 9.20
N GLY C 217 -8.20 13.63 8.64
CA GLY C 217 -7.46 14.61 9.40
C GLY C 217 -5.97 14.42 9.51
N VAL C 218 -5.37 13.40 8.66
CA VAL C 218 -3.94 13.11 8.70
C VAL C 218 -3.49 12.75 7.29
N THR C 219 -2.72 13.63 6.65
CA THR C 219 -2.20 13.39 5.32
C THR C 219 -0.70 13.16 5.42
N THR C 220 -0.22 11.96 5.06
CA THR C 220 1.22 11.63 5.20
C THR C 220 1.96 12.52 4.18
N PRO C 221 1.92 12.32 2.84
CA PRO C 221 2.71 13.21 1.97
C PRO C 221 2.13 14.61 2.00
N VAL C 222 2.92 15.57 2.48
CA VAL C 222 2.47 16.95 2.58
C VAL C 222 2.54 17.59 1.20
N SER C 223 1.39 18.15 0.70
CA SER C 223 1.30 18.65 -0.65
C SER C 223 1.61 20.14 -0.69
N THR C 224 1.56 20.73 -1.88
CA THR C 224 1.84 22.14 -2.05
C THR C 224 0.66 23.03 -1.65
N TYR C 225 -0.52 22.45 -1.42
CA TYR C 225 -1.63 23.23 -0.88
C TYR C 225 -1.43 23.48 0.61
N MET C 226 -0.89 22.50 1.33
CA MET C 226 -0.63 22.68 2.75
C MET C 226 0.57 23.59 2.99
N LEU C 227 1.64 23.39 2.22
CA LEU C 227 2.83 24.24 2.32
C LEU C 227 3.42 24.41 0.93
N THR C 228 3.63 25.66 0.52
CA THR C 228 4.32 25.93 -0.73
C THR C 228 5.83 25.80 -0.53
N ASN C 229 6.56 25.78 -1.65
CA ASN C 229 8.01 25.64 -1.57
C ASN C 229 8.65 26.83 -0.85
N SER C 230 8.15 28.04 -1.09
CA SER C 230 8.70 29.20 -0.39
C SER C 230 8.49 29.06 1.13
N GLU C 231 7.28 28.65 1.53
CA GLU C 231 7.00 28.49 2.95
C GLU C 231 7.84 27.39 3.57
N LEU C 232 7.98 26.26 2.88
CA LEU C 232 8.79 25.16 3.39
C LEU C 232 10.26 25.57 3.51
N LEU C 233 10.76 26.31 2.51
CA LEU C 233 12.15 26.76 2.56
C LEU C 233 12.38 27.73 3.71
N SER C 234 11.46 28.68 3.91
CA SER C 234 11.58 29.59 5.04
C SER C 234 11.53 28.84 6.37
N LEU C 235 10.63 27.86 6.47
CA LEU C 235 10.52 27.06 7.68
C LEU C 235 11.80 26.30 7.97
N ILE C 236 12.42 25.73 6.92
CA ILE C 236 13.71 25.08 7.10
C ILE C 236 14.76 26.09 7.55
N ASN C 237 14.72 27.29 6.97
CA ASN C 237 15.70 28.31 7.31
C ASN C 237 15.57 28.79 8.75
N ASP C 238 14.39 28.68 9.35
CA ASP C 238 14.20 29.13 10.72
C ASP C 238 14.52 28.08 11.78
N MET C 239 14.81 26.85 11.38
CA MET C 239 15.06 25.81 12.37
C MET C 239 16.42 26.03 13.04
N PRO C 240 16.54 25.68 14.34
CA PRO C 240 17.84 25.84 15.02
C PRO C 240 18.76 24.66 14.79
N ILE C 241 19.32 24.58 13.57
CA ILE C 241 20.21 23.51 13.17
C ILE C 241 21.42 24.14 12.48
N THR C 242 22.39 23.29 12.14
CA THR C 242 23.59 23.77 11.48
C THR C 242 23.30 24.09 10.01
N ASN C 243 24.25 24.77 9.38
CA ASN C 243 24.09 25.14 7.97
C ASN C 243 24.26 23.93 7.06
N ASP C 244 25.01 22.92 7.49
CA ASP C 244 25.12 21.69 6.71
C ASP C 244 23.77 20.99 6.59
N GLN C 245 23.05 20.89 7.70
CA GLN C 245 21.73 20.26 7.69
C GLN C 245 20.75 21.06 6.83
N LYS C 246 20.85 22.39 6.88
CA LYS C 246 19.99 23.22 6.06
C LYS C 246 20.30 23.07 4.58
N LYS C 247 21.59 22.95 4.24
CA LYS C 247 21.95 22.71 2.85
C LYS C 247 21.44 21.34 2.38
N LEU C 248 21.53 20.33 3.25
CA LEU C 248 21.01 19.02 2.88
C LEU C 248 19.50 19.06 2.65
N MET C 249 18.78 19.77 3.52
CA MET C 249 17.31 19.78 3.40
C MET C 249 16.82 20.67 2.27
N SER C 250 17.54 21.74 1.95
CA SER C 250 17.08 22.66 0.92
C SER C 250 17.21 22.08 -0.48
N ASN C 251 18.18 21.20 -0.68
CA ASN C 251 18.42 20.60 -1.99
C ASN C 251 17.61 19.33 -2.24
N ASN C 252 16.87 18.85 -1.24
CA ASN C 252 16.09 17.61 -1.33
C ASN C 252 14.70 17.81 -0.78
N VAL C 253 14.03 18.87 -1.23
CA VAL C 253 12.73 19.24 -0.68
C VAL C 253 11.69 18.15 -0.93
N GLN C 254 11.77 17.45 -2.06
CA GLN C 254 10.79 16.42 -2.38
C GLN C 254 10.85 15.28 -1.37
N ILE C 255 12.05 14.90 -0.93
CA ILE C 255 12.18 13.86 0.09
C ILE C 255 11.60 14.34 1.41
N VAL C 256 11.90 15.59 1.79
CA VAL C 256 11.36 16.15 3.02
C VAL C 256 9.84 16.10 2.99
N ARG C 257 9.24 16.42 1.85
CA ARG C 257 7.80 16.32 1.71
C ARG C 257 7.33 14.88 1.89
N GLN C 258 8.02 13.94 1.25
CA GLN C 258 7.62 12.54 1.31
C GLN C 258 7.74 11.95 2.71
N GLN C 259 8.52 12.56 3.61
CA GLN C 259 8.74 12.05 4.96
C GLN C 259 8.11 12.93 6.03
N SER C 260 7.07 13.69 5.70
CA SER C 260 6.44 14.64 6.61
C SER C 260 5.01 14.21 6.93
N TYR C 261 4.38 14.87 7.90
CA TYR C 261 2.97 14.61 8.22
C TYR C 261 2.27 15.95 8.30
N SER C 262 0.95 15.96 8.23
CA SER C 262 0.13 17.14 8.49
C SER C 262 -1.13 16.69 9.21
N ILE C 263 -1.38 17.28 10.37
CA ILE C 263 -2.45 16.85 11.27
C ILE C 263 -3.43 18.00 11.44
N MET C 264 -4.69 17.78 11.07
CA MET C 264 -5.76 18.71 11.44
C MET C 264 -5.83 18.85 12.94
N CYS C 265 -5.82 20.09 13.42
CA CYS C 265 -5.54 20.36 14.83
C CYS C 265 -6.70 21.05 15.54
N ILE C 266 -7.16 22.20 15.06
CA ILE C 266 -8.28 22.90 15.69
C ILE C 266 -8.83 24.00 14.80
N ILE C 267 -10.12 24.30 14.93
CA ILE C 267 -10.72 25.47 14.29
C ILE C 267 -11.72 26.11 15.25
N LYS C 268 -11.33 27.21 15.90
CA LYS C 268 -12.20 27.88 16.85
C LYS C 268 -11.96 29.39 16.77
N GLU C 269 -12.98 30.14 17.18
CA GLU C 269 -13.02 31.59 17.02
C GLU C 269 -12.89 31.77 15.50
N GLU C 270 -11.89 32.53 15.01
CA GLU C 270 -11.71 32.90 13.59
C GLU C 270 -10.29 32.45 13.25
N VAL C 271 -9.86 31.26 13.71
CA VAL C 271 -8.58 30.69 13.31
C VAL C 271 -8.70 29.22 12.96
N LEU C 272 -8.12 28.85 11.82
CA LEU C 272 -7.92 27.46 11.45
C LEU C 272 -6.45 27.11 11.66
N ALA C 273 -6.19 26.05 12.41
CA ALA C 273 -4.83 25.65 12.73
C ALA C 273 -4.63 24.16 12.48
N TYR C 274 -3.49 23.82 11.88
CA TYR C 274 -3.05 22.44 11.77
C TYR C 274 -1.55 22.37 12.01
N VAL C 275 -1.08 21.18 12.37
CA VAL C 275 0.33 20.97 12.72
C VAL C 275 1.01 20.26 11.57
N VAL C 276 2.26 20.65 11.30
CA VAL C 276 3.10 20.01 10.30
C VAL C 276 4.31 19.42 11.02
N GLN C 277 4.55 18.13 10.80
CA GLN C 277 5.59 17.38 11.49
C GLN C 277 6.70 17.07 10.50
N LEU C 278 7.88 17.73 10.67
CA LEU C 278 8.96 17.61 9.70
C LEU C 278 10.05 16.68 10.22
N PRO C 279 10.74 15.97 9.33
CA PRO C 279 11.83 15.10 9.76
C PRO C 279 13.05 15.88 10.21
N LEU C 280 13.76 15.32 11.18
CA LEU C 280 15.05 15.84 11.64
C LEU C 280 16.12 14.82 11.28
N TYR C 281 17.13 15.25 10.53
CA TYR C 281 18.22 14.39 10.10
C TYR C 281 19.41 14.65 11.01
N GLY C 282 19.52 13.86 12.07
CA GLY C 282 20.60 14.05 13.03
C GLY C 282 21.93 13.51 12.60
N VAL C 283 21.93 12.48 11.75
CA VAL C 283 23.15 11.85 11.24
C VAL C 283 23.17 12.04 9.73
N ILE C 284 24.27 12.60 9.22
CA ILE C 284 24.39 12.92 7.80
C ILE C 284 25.82 12.63 7.34
N ASP C 285 25.94 12.18 6.09
CA ASP C 285 27.22 12.12 5.39
C ASP C 285 28.14 11.02 5.94
N THR C 286 27.55 9.89 6.30
CA THR C 286 28.32 8.72 6.74
C THR C 286 28.26 7.64 5.66
N PRO C 287 29.23 6.72 5.64
CA PRO C 287 29.23 5.68 4.61
C PRO C 287 28.10 4.68 4.80
N CYS C 288 27.48 4.28 3.68
CA CYS C 288 26.39 3.33 3.66
C CYS C 288 26.62 2.34 2.53
N TRP C 289 26.10 1.12 2.69
CA TRP C 289 26.24 0.10 1.65
C TRP C 289 25.01 -0.79 1.66
N LYS C 290 24.80 -1.48 0.53
CA LYS C 290 23.66 -2.35 0.32
C LYS C 290 24.12 -3.79 0.08
N LEU C 291 23.31 -4.74 0.55
CA LEU C 291 23.61 -6.16 0.43
C LEU C 291 22.53 -6.85 -0.39
N HIS C 292 22.95 -7.64 -1.38
CA HIS C 292 22.06 -8.44 -2.20
C HIS C 292 22.42 -9.91 -2.05
N THR C 293 21.42 -10.76 -1.91
CA THR C 293 21.63 -12.19 -1.72
C THR C 293 20.70 -12.97 -2.64
N SER C 294 21.13 -14.18 -3.01
CA SER C 294 20.37 -15.08 -3.85
C SER C 294 20.57 -16.50 -3.34
N PRO C 295 19.62 -17.39 -3.59
CA PRO C 295 19.77 -18.78 -3.10
C PRO C 295 20.95 -19.51 -3.73
N LEU C 296 21.56 -20.38 -2.94
CA LEU C 296 22.72 -21.18 -3.35
C LEU C 296 22.38 -22.64 -3.13
N CYS C 297 22.48 -23.45 -4.20
CA CYS C 297 22.02 -24.82 -4.17
C CYS C 297 23.04 -25.72 -4.85
N THR C 298 22.91 -27.03 -4.62
CA THR C 298 23.70 -28.02 -5.34
C THR C 298 23.05 -28.32 -6.68
N THR C 299 23.84 -28.94 -7.56
CA THR C 299 23.42 -29.12 -8.95
C THR C 299 23.36 -30.59 -9.36
N ASN C 300 22.78 -31.44 -8.51
CA ASN C 300 22.57 -32.83 -8.89
C ASN C 300 21.52 -32.92 -9.99
N THR C 301 21.66 -33.96 -10.83
CA THR C 301 20.75 -34.13 -11.96
C THR C 301 19.44 -34.79 -11.58
N LYS C 302 19.35 -35.41 -10.40
CA LYS C 302 18.11 -36.04 -9.97
C LYS C 302 17.12 -34.98 -9.50
N GLU C 303 15.83 -35.31 -9.59
CA GLU C 303 14.80 -34.32 -9.31
C GLU C 303 14.96 -33.74 -7.91
N GLY C 304 15.06 -34.59 -6.90
CA GLY C 304 15.36 -34.18 -5.54
C GLY C 304 16.83 -34.30 -5.22
N SER C 305 17.12 -34.54 -3.95
CA SER C 305 18.50 -34.77 -3.50
C SER C 305 19.36 -33.52 -3.66
N ASN C 306 18.74 -32.34 -3.63
CA ASN C 306 19.44 -31.07 -3.75
C ASN C 306 19.10 -30.21 -2.55
N ILE C 307 20.14 -29.61 -1.93
CA ILE C 307 20.00 -28.80 -0.75
C ILE C 307 20.36 -27.36 -1.10
N CYS C 308 19.66 -26.40 -0.48
CA CYS C 308 19.82 -24.99 -0.79
C CYS C 308 20.20 -24.21 0.45
N LEU C 309 20.62 -22.97 0.23
CA LEU C 309 21.11 -22.10 1.29
C LEU C 309 21.01 -20.66 0.82
N THR C 310 20.65 -19.76 1.74
CA THR C 310 20.46 -18.35 1.39
C THR C 310 20.75 -17.49 2.60
N ARG C 311 21.51 -16.42 2.39
CA ARG C 311 21.67 -15.38 3.41
C ARG C 311 20.40 -14.55 3.50
N THR C 312 19.95 -14.28 4.72
CA THR C 312 18.68 -13.61 4.95
C THR C 312 18.83 -12.14 5.34
N ASP C 313 20.05 -11.64 5.50
CA ASP C 313 20.27 -10.28 5.99
C ASP C 313 20.43 -9.26 4.86
N ARG C 314 19.47 -9.21 3.94
CA ARG C 314 19.47 -8.19 2.91
C ARG C 314 19.08 -6.84 3.51
N GLY C 315 19.51 -5.77 2.86
CA GLY C 315 19.05 -4.44 3.20
C GLY C 315 20.17 -3.44 3.12
N TRP C 316 19.95 -2.30 3.79
CA TRP C 316 20.89 -1.20 3.85
C TRP C 316 21.61 -1.19 5.19
N TYR C 317 22.89 -0.84 5.17
CA TYR C 317 23.70 -0.71 6.37
C TYR C 317 24.38 0.65 6.36
N CYS C 318 24.32 1.36 7.48
CA CYS C 318 24.91 2.69 7.59
C CYS C 318 25.67 2.81 8.91
N ASP C 319 26.76 3.56 8.87
CA ASP C 319 27.57 3.81 10.06
C ASP C 319 26.88 4.82 10.97
N ASN C 320 26.78 4.51 12.26
CA ASN C 320 26.07 5.37 13.21
C ASN C 320 26.82 5.34 14.55
N ALA C 321 27.73 6.31 14.73
CA ALA C 321 28.36 6.58 16.02
C ALA C 321 28.93 5.32 16.66
N GLY C 322 29.85 4.67 15.95
CA GLY C 322 30.53 3.51 16.48
C GLY C 322 29.80 2.20 16.34
N SER C 323 28.62 2.18 15.73
CA SER C 323 27.88 0.95 15.48
C SER C 323 27.24 1.06 14.10
N VAL C 324 26.36 0.12 13.78
CA VAL C 324 25.73 0.03 12.46
C VAL C 324 24.23 -0.01 12.62
N SER C 325 23.52 0.73 11.77
CA SER C 325 22.07 0.67 11.68
C SER C 325 21.70 -0.17 10.47
N PHE C 326 20.90 -1.21 10.68
CA PHE C 326 20.51 -2.14 9.63
C PHE C 326 19.02 -2.00 9.37
N PHE C 327 18.67 -1.80 8.10
CA PHE C 327 17.28 -1.63 7.67
C PHE C 327 16.87 -2.81 6.80
N PRO C 328 16.13 -3.80 7.33
CA PRO C 328 15.85 -5.00 6.51
C PRO C 328 14.86 -4.75 5.38
N GLN C 329 13.79 -4.00 5.63
CA GLN C 329 12.82 -3.68 4.60
C GLN C 329 13.35 -2.52 3.76
N ALA C 330 14.32 -2.85 2.90
CA ALA C 330 15.02 -1.84 2.13
C ALA C 330 14.08 -1.00 1.27
N GLU C 331 12.80 -1.38 1.15
CA GLU C 331 11.83 -0.58 0.42
C GLU C 331 11.49 0.73 1.11
N THR C 332 11.90 0.93 2.36
CA THR C 332 11.57 2.14 3.11
C THR C 332 12.74 3.13 3.16
N CYS C 333 13.72 2.98 2.27
CA CYS C 333 14.84 3.90 2.17
C CYS C 333 14.80 4.55 0.80
N LYS C 334 14.67 5.87 0.77
CA LYS C 334 14.68 6.62 -0.48
C LYS C 334 16.10 6.93 -0.88
N VAL C 335 16.38 6.85 -2.18
CA VAL C 335 17.70 7.09 -2.72
C VAL C 335 17.61 8.24 -3.72
N GLN C 336 18.48 9.29 -3.53
CA GLN C 336 18.64 10.41 -4.46
C GLN C 336 20.11 10.43 -4.88
N SER C 337 20.41 10.03 -6.13
CA SER C 337 21.80 9.93 -6.67
C SER C 337 22.52 9.03 -5.64
N ASN C 338 23.62 9.43 -5.02
CA ASN C 338 24.34 8.65 -3.99
C ASN C 338 24.03 9.14 -2.56
N ARG C 339 22.76 9.49 -2.25
CA ARG C 339 22.32 9.84 -0.91
C ARG C 339 21.12 9.00 -0.54
N VAL C 340 21.19 8.31 0.60
CA VAL C 340 20.15 7.40 1.05
C VAL C 340 19.46 8.02 2.27
N PHE C 341 18.14 8.07 2.19
CA PHE C 341 17.32 8.60 3.27
C PHE C 341 16.58 7.44 3.92
N CYS C 342 17.00 7.08 5.14
CA CYS C 342 16.41 5.96 5.86
C CYS C 342 15.84 6.44 7.19
N ASP C 343 14.78 5.77 7.62
CA ASP C 343 14.07 6.13 8.86
C ASP C 343 14.51 5.17 9.96
N THR C 344 14.99 5.73 11.06
CA THR C 344 15.58 4.91 12.12
C THR C 344 14.54 4.08 12.87
N MET C 345 13.25 4.42 12.76
CA MET C 345 12.22 3.61 13.40
C MET C 345 12.18 2.18 12.86
N ASN C 346 12.72 1.94 11.68
CA ASN C 346 12.66 0.65 11.01
C ASN C 346 14.04 0.00 10.91
N SER C 347 14.82 0.08 11.98
CA SER C 347 16.20 -0.39 11.95
C SER C 347 16.52 -1.16 13.22
N LEU C 348 17.59 -1.93 13.15
CA LEU C 348 18.17 -2.62 14.30
C LEU C 348 19.60 -2.12 14.51
N THR C 349 20.03 -2.10 15.77
CA THR C 349 21.38 -1.67 16.13
C THR C 349 22.27 -2.89 16.22
N LEU C 350 23.33 -2.91 15.42
CA LEU C 350 24.21 -4.05 15.32
C LEU C 350 25.66 -3.65 15.59
N PRO C 351 26.50 -4.57 16.05
CA PRO C 351 27.92 -4.26 16.21
C PRO C 351 28.60 -4.06 14.87
N SER C 352 29.72 -3.33 14.91
CA SER C 352 30.51 -3.11 13.70
C SER C 352 31.11 -4.39 13.15
N GLU C 353 31.16 -5.47 13.94
CA GLU C 353 31.71 -6.73 13.48
C GLU C 353 30.81 -7.43 12.48
N VAL C 354 29.57 -6.94 12.26
CA VAL C 354 28.68 -7.58 11.31
C VAL C 354 29.28 -7.59 9.91
N ASN C 355 30.13 -6.61 9.60
CA ASN C 355 30.72 -6.53 8.28
C ASN C 355 31.64 -7.71 7.97
N LEU C 356 32.09 -8.45 8.98
CA LEU C 356 32.95 -9.60 8.74
C LEU C 356 32.26 -10.71 7.98
N CYS C 357 30.93 -10.73 7.96
CA CYS C 357 30.21 -11.79 7.26
C CYS C 357 30.43 -11.71 5.74
N ASN C 358 30.74 -10.53 5.23
CA ASN C 358 30.94 -10.39 3.79
C ASN C 358 32.27 -10.99 3.35
N VAL C 359 33.32 -10.78 4.14
CA VAL C 359 34.66 -11.24 3.77
C VAL C 359 34.88 -12.70 4.17
N ASP C 360 34.32 -13.12 5.31
CA ASP C 360 34.46 -14.50 5.76
C ASP C 360 33.21 -14.88 6.54
N ILE C 361 32.47 -15.86 6.04
CA ILE C 361 31.22 -16.26 6.68
C ILE C 361 31.41 -17.21 7.84
N PHE C 362 32.60 -17.79 7.99
CA PHE C 362 32.90 -18.72 9.07
C PHE C 362 33.75 -18.09 10.17
N ASN C 363 33.77 -16.75 10.25
CA ASN C 363 34.55 -16.09 11.27
C ASN C 363 33.93 -16.33 12.65
N PRO C 364 34.73 -16.31 13.71
CA PRO C 364 34.19 -16.59 15.05
C PRO C 364 33.62 -15.37 15.76
N LYS C 365 34.00 -14.18 15.31
CA LYS C 365 33.58 -12.96 15.99
C LYS C 365 32.08 -12.74 15.87
N TYR C 366 31.51 -13.00 14.69
CA TYR C 366 30.10 -12.76 14.44
C TYR C 366 29.48 -13.99 13.79
N ASP C 367 28.21 -14.25 14.13
CA ASP C 367 27.48 -15.40 13.64
C ASP C 367 26.48 -14.94 12.58
N CYS C 368 26.75 -15.29 11.33
CA CYS C 368 25.91 -14.84 10.21
C CYS C 368 24.64 -15.66 10.13
N LYS C 369 23.59 -15.03 9.61
CA LYS C 369 22.25 -15.62 9.57
C LYS C 369 21.94 -16.13 8.18
N ILE C 370 21.39 -17.34 8.11
CA ILE C 370 21.09 -18.01 6.85
C ILE C 370 19.73 -18.67 6.96
N MET C 371 19.27 -19.23 5.83
CA MET C 371 18.11 -20.10 5.80
C MET C 371 18.43 -21.27 4.89
N THR C 372 17.78 -22.41 5.15
CA THR C 372 18.02 -23.65 4.42
C THR C 372 16.70 -24.17 3.86
N SER C 373 16.78 -24.90 2.76
CA SER C 373 15.60 -25.40 2.08
C SER C 373 16.01 -26.56 1.18
N LYS C 374 15.04 -27.06 0.41
CA LYS C 374 15.27 -28.09 -0.58
C LYS C 374 14.61 -27.77 -1.91
N THR C 375 14.04 -26.57 -2.07
CA THR C 375 13.38 -26.16 -3.29
C THR C 375 14.33 -25.25 -4.07
N ASP C 376 14.83 -25.76 -5.19
CA ASP C 376 15.78 -25.04 -6.04
C ASP C 376 15.04 -24.52 -7.27
N VAL C 377 14.83 -23.21 -7.33
CA VAL C 377 14.12 -22.57 -8.42
C VAL C 377 14.98 -21.44 -8.97
N SER C 378 14.99 -21.29 -10.30
CA SER C 378 15.78 -20.26 -10.93
C SER C 378 15.16 -18.89 -10.72
N SER C 379 16.01 -17.87 -10.60
CA SER C 379 15.57 -16.50 -10.40
C SER C 379 16.76 -15.58 -10.68
N SER C 380 16.50 -14.28 -10.61
CA SER C 380 17.53 -13.27 -10.82
C SER C 380 17.35 -12.13 -9.83
N VAL C 381 18.48 -11.50 -9.48
CA VAL C 381 18.48 -10.32 -8.63
C VAL C 381 19.25 -9.22 -9.34
N ILE C 382 18.62 -8.05 -9.49
CA ILE C 382 19.26 -6.91 -10.12
C ILE C 382 19.91 -6.06 -9.03
N THR C 383 21.21 -5.83 -9.16
CA THR C 383 21.98 -5.07 -8.20
C THR C 383 22.24 -3.66 -8.73
N SER C 384 23.08 -2.91 -8.03
CA SER C 384 23.35 -1.53 -8.44
C SER C 384 24.06 -1.48 -9.78
N LEU C 385 25.03 -2.36 -10.01
CA LEU C 385 25.85 -2.33 -11.21
C LEU C 385 25.87 -3.66 -11.96
N GLY C 386 24.88 -4.51 -11.77
CA GLY C 386 24.86 -5.78 -12.46
C GLY C 386 23.68 -6.66 -12.12
N ALA C 387 23.86 -7.98 -12.21
CA ALA C 387 22.79 -8.92 -11.94
C ALA C 387 23.38 -10.24 -11.48
N ILE C 388 22.75 -10.84 -10.47
CA ILE C 388 23.07 -12.19 -10.01
C ILE C 388 22.06 -13.15 -10.60
N VAL C 389 22.56 -14.22 -11.21
CA VAL C 389 21.71 -15.24 -11.84
C VAL C 389 21.92 -16.55 -11.10
N SER C 390 20.84 -17.09 -10.53
CA SER C 390 20.81 -18.43 -9.96
C SER C 390 20.00 -19.30 -10.90
N CYS C 391 20.68 -20.14 -11.67
CA CYS C 391 20.05 -20.87 -12.77
C CYS C 391 20.15 -22.36 -12.46
N TYR C 392 19.00 -23.00 -12.24
CA TYR C 392 18.96 -24.39 -11.80
C TYR C 392 17.93 -25.16 -12.61
N GLY C 393 18.11 -26.47 -12.67
CA GLY C 393 17.17 -27.35 -13.33
C GLY C 393 17.34 -27.38 -14.84
N LYS C 394 16.22 -27.37 -15.57
CA LYS C 394 16.21 -27.36 -17.02
C LYS C 394 15.97 -25.97 -17.59
N THR C 395 16.02 -24.93 -16.77
CA THR C 395 15.74 -23.58 -17.24
C THR C 395 16.87 -23.08 -18.13
N LYS C 396 16.52 -22.17 -19.03
CA LYS C 396 17.48 -21.50 -19.90
C LYS C 396 17.71 -20.08 -19.40
N CYS C 397 18.98 -19.70 -19.26
CA CYS C 397 19.35 -18.42 -18.69
C CYS C 397 20.41 -17.78 -19.59
N THR C 398 20.19 -16.53 -20.00
CA THR C 398 21.07 -15.86 -20.95
C THR C 398 21.18 -14.38 -20.60
N ALA C 399 22.12 -13.70 -21.27
CA ALA C 399 22.28 -12.27 -21.20
C ALA C 399 22.52 -11.73 -22.60
N SER C 400 22.05 -10.51 -22.85
CA SER C 400 22.07 -9.95 -24.20
C SER C 400 22.27 -8.44 -24.15
N ASN C 401 22.55 -7.87 -25.32
CA ASN C 401 22.54 -6.43 -25.51
C ASN C 401 21.90 -6.14 -26.86
N LYS C 402 21.49 -4.88 -27.04
CA LYS C 402 20.67 -4.53 -28.19
C LYS C 402 21.42 -4.69 -29.51
N ASN C 403 22.70 -4.31 -29.55
CA ASN C 403 23.42 -4.32 -30.81
C ASN C 403 23.77 -5.74 -31.25
N ARG C 404 24.25 -6.58 -30.34
CA ARG C 404 24.78 -7.89 -30.68
C ARG C 404 23.88 -9.05 -30.28
N GLY C 405 22.87 -8.82 -29.45
CA GLY C 405 22.04 -9.91 -29.00
C GLY C 405 22.69 -10.69 -27.86
N ILE C 406 22.39 -11.99 -27.82
CA ILE C 406 22.92 -12.83 -26.75
C ILE C 406 24.44 -12.81 -26.78
N ILE C 407 25.05 -12.61 -25.61
CA ILE C 407 26.51 -12.55 -25.50
C ILE C 407 27.00 -13.44 -24.36
N LYS C 408 26.08 -14.18 -23.74
CA LYS C 408 26.48 -15.10 -22.68
C LYS C 408 25.34 -16.08 -22.40
N THR C 409 25.71 -17.32 -22.08
CA THR C 409 24.77 -18.35 -21.68
C THR C 409 25.23 -18.91 -20.34
N PHE C 410 24.35 -18.86 -19.34
CA PHE C 410 24.71 -19.32 -18.00
C PHE C 410 24.51 -20.82 -17.88
N SER C 411 25.38 -21.46 -17.10
CA SER C 411 25.23 -22.85 -16.74
C SER C 411 24.63 -22.96 -15.34
N ASN C 412 24.50 -24.18 -14.84
CA ASN C 412 23.90 -24.39 -13.53
C ASN C 412 24.79 -23.82 -12.43
N GLY C 413 24.17 -23.17 -11.45
CA GLY C 413 24.84 -22.59 -10.32
C GLY C 413 24.50 -21.13 -10.18
N CYS C 414 25.32 -20.41 -9.41
CA CYS C 414 25.18 -18.97 -9.19
C CYS C 414 26.28 -18.24 -9.94
N ASP C 415 25.91 -17.16 -10.62
CA ASP C 415 26.86 -16.39 -11.41
C ASP C 415 26.47 -14.92 -11.38
N TYR C 416 27.40 -14.08 -11.80
CA TYR C 416 27.22 -12.63 -11.80
C TYR C 416 27.70 -12.07 -13.12
N VAL C 417 27.02 -11.02 -13.59
CA VAL C 417 27.41 -10.34 -14.82
C VAL C 417 27.33 -8.83 -14.59
N SER C 418 28.32 -8.12 -15.12
CA SER C 418 28.37 -6.66 -14.99
C SER C 418 27.49 -6.01 -16.05
N ASN C 419 27.21 -4.73 -15.85
CA ASN C 419 26.34 -3.95 -16.73
C ASN C 419 27.12 -3.15 -17.78
N LYS C 420 28.41 -3.41 -17.94
CA LYS C 420 29.20 -2.66 -18.90
C LYS C 420 28.73 -2.90 -20.33
N GLY C 421 28.48 -4.15 -20.68
CA GLY C 421 28.04 -4.49 -22.03
C GLY C 421 26.81 -5.37 -22.06
N VAL C 422 26.01 -5.33 -20.99
CA VAL C 422 24.80 -6.12 -20.87
C VAL C 422 23.64 -5.18 -20.64
N ASP C 423 22.56 -5.36 -21.42
CA ASP C 423 21.35 -4.58 -21.27
C ASP C 423 20.24 -5.34 -20.54
N THR C 424 20.09 -6.63 -20.81
CA THR C 424 19.01 -7.43 -20.23
C THR C 424 19.52 -8.82 -19.89
N VAL C 425 18.87 -9.44 -18.92
CA VAL C 425 19.05 -10.86 -18.62
C VAL C 425 17.67 -11.52 -18.64
N SER C 426 17.59 -12.72 -19.20
CA SER C 426 16.34 -13.46 -19.28
C SER C 426 16.52 -14.81 -18.59
N VAL C 427 15.61 -15.11 -17.67
CA VAL C 427 15.63 -16.35 -16.91
C VAL C 427 14.28 -17.02 -17.12
N GLY C 428 14.28 -18.16 -17.81
CA GLY C 428 13.03 -18.83 -18.10
C GLY C 428 12.16 -17.99 -19.00
N ASN C 429 10.99 -17.61 -18.50
CA ASN C 429 10.03 -16.82 -19.25
C ASN C 429 10.05 -15.34 -18.87
N THR C 430 11.01 -14.91 -18.06
CA THR C 430 11.08 -13.55 -17.57
C THR C 430 12.28 -12.83 -18.17
N LEU C 431 12.13 -11.53 -18.39
CA LEU C 431 13.19 -10.66 -18.87
C LEU C 431 13.36 -9.48 -17.93
N TYR C 432 14.61 -9.15 -17.63
CA TYR C 432 14.94 -8.04 -16.74
C TYR C 432 15.80 -7.02 -17.48
N TYR C 433 15.63 -5.76 -17.13
CA TYR C 433 16.52 -4.68 -17.53
C TYR C 433 17.46 -4.38 -16.38
N VAL C 434 18.75 -4.32 -16.67
CA VAL C 434 19.74 -3.98 -15.65
C VAL C 434 19.83 -2.46 -15.53
N ASN C 435 20.19 -1.99 -14.35
CA ASN C 435 20.45 -0.56 -14.15
C ASN C 435 21.71 -0.16 -14.92
N LYS C 436 21.67 1.00 -15.54
CA LYS C 436 22.76 1.49 -16.38
C LYS C 436 23.53 2.62 -15.71
N GLN C 437 23.70 2.50 -14.39
CA GLN C 437 24.39 3.52 -13.57
C GLN C 437 25.89 3.26 -13.67
N GLU C 438 26.75 4.26 -13.52
CA GLU C 438 28.19 4.17 -13.73
C GLU C 438 28.92 3.76 -12.45
N GLY C 439 29.89 2.87 -12.61
CA GLY C 439 30.67 2.40 -11.48
C GLY C 439 31.54 1.23 -11.89
N LYS C 440 32.32 0.75 -10.91
CA LYS C 440 33.25 -0.34 -11.11
C LYS C 440 32.80 -1.57 -10.35
N SER C 441 32.91 -2.73 -11.00
CA SER C 441 32.53 -4.02 -10.42
C SER C 441 33.76 -4.91 -10.29
N LEU C 442 33.71 -5.81 -9.32
CA LEU C 442 34.80 -6.74 -9.06
C LEU C 442 34.24 -8.13 -8.82
N TYR C 443 34.92 -9.13 -9.37
CA TYR C 443 34.53 -10.53 -9.24
C TYR C 443 35.52 -11.23 -8.29
N VAL C 444 34.98 -11.87 -7.26
CA VAL C 444 35.79 -12.56 -6.26
C VAL C 444 35.45 -14.05 -6.34
N LYS C 445 36.45 -14.86 -6.67
CA LYS C 445 36.24 -16.28 -6.88
C LYS C 445 36.39 -17.06 -5.58
N GLY C 446 35.62 -18.13 -5.46
CA GLY C 446 35.69 -18.98 -4.29
C GLY C 446 34.76 -20.16 -4.46
N GLU C 447 35.04 -21.19 -3.66
CA GLU C 447 34.22 -22.40 -3.70
C GLU C 447 32.91 -22.15 -2.95
N PRO C 448 31.75 -22.42 -3.55
CA PRO C 448 30.50 -22.27 -2.82
C PRO C 448 30.48 -23.12 -1.55
N ILE C 449 29.91 -22.55 -0.49
CA ILE C 449 29.93 -23.20 0.82
C ILE C 449 28.95 -24.34 0.94
N ILE C 450 27.98 -24.45 0.03
CA ILE C 450 27.01 -25.54 0.10
C ILE C 450 27.66 -26.88 -0.20
N ASN C 451 28.87 -26.88 -0.76
CA ASN C 451 29.57 -28.11 -1.07
C ASN C 451 30.28 -28.71 0.13
N PHE C 452 30.43 -27.96 1.21
CA PHE C 452 31.11 -28.44 2.41
C PHE C 452 30.19 -29.23 3.34
N TYR C 453 28.92 -29.34 3.00
CA TYR C 453 27.94 -30.00 3.86
C TYR C 453 27.64 -31.40 3.36
N ASP C 454 27.31 -32.29 4.29
CA ASP C 454 26.92 -33.65 3.94
C ASP C 454 25.40 -33.72 3.83
N PRO C 455 24.82 -34.01 2.66
CA PRO C 455 23.36 -33.94 2.53
C PRO C 455 22.61 -34.91 3.43
N LEU C 456 23.25 -35.98 3.90
CA LEU C 456 22.54 -36.98 4.69
C LEU C 456 22.04 -36.39 6.01
N VAL C 457 22.87 -35.59 6.68
CA VAL C 457 22.52 -35.04 7.99
C VAL C 457 22.35 -33.53 7.88
N PHE C 458 21.96 -33.05 6.71
CA PHE C 458 21.76 -31.62 6.50
C PHE C 458 20.39 -31.21 7.03
N PRO C 459 20.30 -30.20 7.90
CA PRO C 459 18.98 -29.74 8.36
C PRO C 459 18.22 -29.09 7.21
N SER C 460 17.13 -29.74 6.79
CA SER C 460 16.45 -29.35 5.55
C SER C 460 15.72 -28.03 5.69
N ASP C 461 15.07 -27.78 6.82
CA ASP C 461 14.22 -26.62 7.00
C ASP C 461 14.73 -25.78 8.16
N GLU C 462 15.15 -24.55 7.88
CA GLU C 462 15.60 -23.61 8.90
C GLU C 462 15.32 -22.21 8.37
N PHE C 463 14.21 -21.58 8.77
CA PHE C 463 13.84 -20.22 8.30
C PHE C 463 14.69 -19.17 9.03
N ASP C 464 14.94 -19.31 10.34
CA ASP C 464 15.56 -18.26 11.14
C ASP C 464 16.74 -18.81 11.92
N ALA C 465 17.62 -19.54 11.24
CA ALA C 465 18.79 -20.13 11.87
C ALA C 465 20.02 -19.28 11.59
N SER C 466 21.18 -19.79 11.97
CA SER C 466 22.46 -19.15 11.69
C SER C 466 23.48 -20.24 11.41
N ILE C 467 24.73 -19.84 11.18
CA ILE C 467 25.78 -20.80 10.89
C ILE C 467 26.02 -21.71 12.10
N SER C 468 26.09 -21.12 13.29
CA SER C 468 26.34 -21.89 14.50
C SER C 468 25.21 -22.88 14.79
N GLN C 469 23.96 -22.45 14.59
CA GLN C 469 22.83 -23.32 14.87
C GLN C 469 22.82 -24.52 13.93
N VAL C 470 23.06 -24.29 12.65
CA VAL C 470 23.14 -25.39 11.70
C VAL C 470 24.29 -26.32 12.04
N ASN C 471 25.44 -25.74 12.42
CA ASN C 471 26.60 -26.56 12.77
C ASN C 471 26.30 -27.44 13.97
N GLU C 472 25.65 -26.86 14.99
CA GLU C 472 25.31 -27.56 16.26
C GLU C 472 24.30 -28.65 15.98
N LYS C 473 23.31 -28.44 15.09
CA LYS C 473 22.35 -29.47 14.71
C LYS C 473 23.03 -30.60 13.95
N ILE C 474 23.94 -30.26 13.04
CA ILE C 474 24.69 -31.28 12.30
C ILE C 474 25.54 -32.11 13.26
N ASN C 475 26.15 -31.45 14.25
CA ASN C 475 26.97 -32.16 15.22
C ASN C 475 26.13 -33.14 16.03
N GLN C 476 24.89 -32.73 16.36
CA GLN C 476 23.94 -33.58 17.12
C GLN C 476 23.60 -34.84 16.31
N SER C 477 23.09 -34.53 15.19
CA SER C 477 22.64 -35.63 14.31
C SER C 477 23.76 -36.63 14.09
N LEU C 478 24.99 -36.16 13.90
CA LEU C 478 26.11 -37.04 13.61
C LEU C 478 26.60 -37.80 14.84
N ALA C 479 26.39 -37.24 16.03
CA ALA C 479 26.83 -37.91 17.25
C ALA C 479 25.93 -39.10 17.59
N PHE C 480 24.63 -38.96 17.36
CA PHE C 480 23.71 -40.05 17.67
C PHE C 480 24.01 -41.31 16.88
N ILE C 481 24.74 -41.20 15.77
CA ILE C 481 25.04 -42.36 14.95
C ILE C 481 26.15 -43.14 15.62
N ARG C 482 25.77 -44.08 16.51
CA ARG C 482 26.73 -44.93 17.24
C ARG C 482 26.11 -46.34 17.26
N LYS C 483 26.89 -47.38 16.95
CA LYS C 483 26.42 -48.79 16.91
C LYS C 483 26.39 -49.35 18.34
N SER C 484 25.86 -50.56 18.53
CA SER C 484 25.82 -51.24 19.86
C SER C 484 25.55 -50.24 20.97
N GLN D 1 26.98 38.26 11.95
CA GLN D 1 25.59 38.51 12.45
C GLN D 1 25.51 38.75 13.97
N ALA D 2 26.36 38.18 14.80
CA ALA D 2 26.25 38.51 16.22
C ALA D 2 27.55 38.21 16.94
N VAL D 3 27.54 38.30 18.27
CA VAL D 3 28.77 38.16 19.05
C VAL D 3 28.37 37.76 20.46
N VAL D 4 29.30 37.15 21.19
CA VAL D 4 29.07 36.68 22.55
C VAL D 4 30.06 37.38 23.47
N THR D 5 29.56 37.90 24.58
CA THR D 5 30.33 38.69 25.51
C THR D 5 30.48 37.97 26.85
N GLN D 6 31.58 38.24 27.54
CA GLN D 6 31.93 37.59 28.78
C GLN D 6 32.73 38.56 29.64
N PRO D 7 32.53 38.55 30.96
CA PRO D 7 33.29 39.45 31.83
C PRO D 7 34.77 39.14 31.80
N PRO D 8 35.62 40.15 31.62
CA PRO D 8 37.06 39.86 31.45
C PRO D 8 37.70 39.14 32.63
N SER D 9 37.27 39.42 33.86
CA SER D 9 37.90 38.81 35.02
C SER D 9 36.91 38.71 36.16
N VAL D 10 37.22 37.82 37.10
CA VAL D 10 36.37 37.58 38.27
C VAL D 10 37.27 37.13 39.42
N SER D 11 36.86 37.49 40.64
CA SER D 11 37.62 37.17 41.84
C SER D 11 36.69 36.61 42.90
N GLY D 12 37.27 35.86 43.83
CA GLY D 12 36.49 35.27 44.91
C GLY D 12 37.39 34.75 46.00
N ALA D 13 36.77 34.42 47.14
CA ALA D 13 37.49 33.90 48.29
C ALA D 13 37.17 32.42 48.49
N PRO D 14 38.10 31.66 49.04
CA PRO D 14 37.85 30.22 49.21
C PRO D 14 36.61 29.96 50.05
N GLY D 15 35.83 28.97 49.62
CA GLY D 15 34.59 28.62 50.27
C GLY D 15 33.38 29.38 49.79
N GLN D 16 33.58 30.48 49.07
CA GLN D 16 32.46 31.29 48.57
C GLN D 16 31.99 30.76 47.22
N ARG D 17 30.93 31.41 46.69
CA ARG D 17 30.35 31.06 45.38
C ARG D 17 30.65 32.23 44.42
N VAL D 18 31.04 31.91 43.17
CA VAL D 18 31.36 32.91 42.11
C VAL D 18 30.31 32.70 41.03
N ILE D 19 30.00 33.68 40.17
CA ILE D 19 29.07 33.55 39.02
C ILE D 19 29.78 34.09 37.78
N ILE D 20 29.77 33.35 36.67
CA ILE D 20 30.28 33.80 35.38
C ILE D 20 29.11 33.85 34.40
N SER D 21 29.04 34.92 33.62
CA SER D 21 27.91 35.17 32.76
C SER D 21 28.32 35.16 31.29
N CYS D 22 27.39 34.74 30.43
CA CYS D 22 27.59 34.70 28.99
C CYS D 22 26.36 35.33 28.34
N THR D 23 26.56 36.42 27.61
CA THR D 23 25.46 37.20 27.04
C THR D 23 25.49 37.10 25.52
N GLY D 24 24.38 36.66 24.95
CA GLY D 24 24.23 36.50 23.52
C GLY D 24 23.28 37.50 22.91
N SER D 25 22.80 37.18 21.71
CA SER D 25 21.87 38.03 20.99
C SER D 25 20.83 37.14 20.31
N GLY D 26 20.03 37.74 19.44
CA GLY D 26 18.96 37.01 18.78
C GLY D 26 19.41 36.03 17.72
N SER D 27 20.70 36.01 17.41
CA SER D 27 21.23 35.10 16.40
C SER D 27 21.97 33.91 16.99
N ASN D 28 22.37 33.95 18.27
CA ASN D 28 23.10 32.84 18.94
C ASN D 28 22.14 32.15 19.92
N LEU D 29 21.66 32.84 20.96
CA LEU D 29 20.87 32.27 22.04
C LEU D 29 19.38 32.56 21.91
N GLY D 30 19.02 33.69 21.28
CA GLY D 30 17.63 33.93 20.95
C GLY D 30 17.09 33.03 19.87
N ALA D 31 17.96 32.31 19.17
CA ALA D 31 17.55 31.38 18.12
C ALA D 31 17.61 29.95 18.62
N ASP D 32 17.42 29.73 19.93
CA ASP D 32 17.34 28.39 20.50
C ASP D 32 18.58 27.51 20.30
N TYR D 33 19.80 28.08 20.30
CA TYR D 33 21.07 27.29 20.25
C TYR D 33 21.70 27.25 21.64
N GLY D 34 22.06 26.08 22.16
CA GLY D 34 22.60 25.85 23.48
C GLY D 34 23.94 26.53 23.72
N VAL D 35 24.36 26.54 24.98
CA VAL D 35 25.61 27.17 25.39
C VAL D 35 26.45 26.13 26.14
N HIS D 36 27.76 26.18 25.93
CA HIS D 36 28.66 25.15 26.42
C HIS D 36 29.97 25.69 26.97
N TRP D 37 30.32 25.21 28.17
CA TRP D 37 31.45 25.72 29.00
C TRP D 37 32.70 24.89 28.92
N TYR D 38 33.88 25.50 29.10
CA TYR D 38 35.18 24.77 29.13
C TYR D 38 35.99 25.26 30.32
N GLN D 39 37.08 24.59 30.64
CA GLN D 39 38.02 25.02 31.71
C GLN D 39 39.42 24.78 31.15
N GLN D 40 40.22 25.82 30.93
CA GLN D 40 41.59 25.69 30.45
C GLN D 40 42.64 26.11 31.48
N LEU D 41 43.50 25.19 31.87
CA LEU D 41 44.56 25.49 32.81
C LEU D 41 45.70 26.28 32.16
N PRO D 42 46.61 26.90 32.97
CA PRO D 42 47.74 27.65 32.46
C PRO D 42 48.48 27.07 31.24
N GLY D 43 48.67 25.73 31.11
CA GLY D 43 49.45 25.17 30.03
C GLY D 43 48.85 23.96 29.34
N THR D 44 47.60 23.65 29.65
CA THR D 44 46.93 22.49 29.09
C THR D 44 45.98 22.92 27.97
N ALA D 45 45.21 21.97 27.45
CA ALA D 45 44.21 22.21 26.44
C ALA D 45 42.82 22.31 27.06
N PRO D 46 41.87 22.92 26.38
CA PRO D 46 40.53 23.07 26.95
C PRO D 46 39.88 21.72 27.21
N LYS D 47 39.06 21.67 28.26
CA LYS D 47 38.29 20.47 28.58
C LYS D 47 36.84 20.86 28.86
N LEU D 48 35.93 19.97 28.51
CA LEU D 48 34.51 20.26 28.62
C LEU D 48 34.08 20.25 30.08
N LEU D 49 33.38 21.30 30.51
CA LEU D 49 32.76 21.36 31.83
C LEU D 49 31.26 21.08 31.77
N ILE D 50 30.53 21.85 30.99
CA ILE D 50 29.08 21.75 30.89
C ILE D 50 28.68 21.73 29.43
N TYR D 51 27.75 20.86 29.02
CA TYR D 51 27.19 20.80 27.65
C TYR D 51 25.69 20.84 27.84
N GLY D 52 24.88 21.21 26.88
CA GLY D 52 23.44 21.32 26.98
C GLY D 52 22.96 22.30 28.02
N ASP D 53 23.73 23.37 28.30
CA ASP D 53 23.42 24.44 29.30
C ASP D 53 23.68 23.96 30.72
N ARG D 54 23.17 22.79 31.14
CA ARG D 54 23.28 22.28 32.54
C ARG D 54 23.92 20.90 32.68
N ASN D 55 24.27 20.18 31.61
CA ASN D 55 24.73 18.82 31.77
C ASN D 55 26.22 18.77 32.10
N ARG D 56 26.60 17.78 32.92
CA ARG D 56 27.98 17.64 33.44
C ARG D 56 28.52 16.29 32.94
N PRO D 57 29.71 16.20 32.27
CA PRO D 57 30.29 14.94 31.86
C PRO D 57 30.89 14.23 33.08
N SER D 58 31.35 13.00 32.92
CA SER D 58 31.86 12.17 34.01
C SER D 58 33.27 12.63 34.38
N GLY D 59 33.42 13.14 35.59
CA GLY D 59 34.69 13.66 36.08
C GLY D 59 34.64 15.08 36.59
N VAL D 60 33.53 15.79 36.44
CA VAL D 60 33.41 17.18 36.92
C VAL D 60 32.87 16.97 38.33
N PRO D 61 33.35 17.65 39.41
CA PRO D 61 33.10 17.26 40.83
C PRO D 61 31.70 17.62 41.38
N ASP D 62 30.70 17.89 40.53
CA ASP D 62 29.32 18.28 40.92
C ASP D 62 29.28 19.74 41.38
N ARG D 63 30.41 20.42 41.56
CA ARG D 63 30.40 21.79 42.08
C ARG D 63 30.12 22.82 41.00
N PHE D 64 30.08 22.43 39.74
CA PHE D 64 29.79 23.31 38.63
C PHE D 64 28.37 23.05 38.12
N SER D 65 27.63 24.12 37.88
CA SER D 65 26.29 24.02 37.33
C SER D 65 26.00 25.26 36.50
N GLY D 66 25.15 25.09 35.49
CA GLY D 66 24.82 26.20 34.61
C GLY D 66 23.34 26.22 34.29
N SER D 67 22.90 27.38 33.83
CA SER D 67 21.52 27.58 33.41
C SER D 67 21.50 28.58 32.27
N LYS D 68 20.48 28.47 31.42
CA LYS D 68 20.29 29.37 30.31
C LYS D 68 18.83 29.84 30.27
N SER D 69 18.63 31.07 29.80
CA SER D 69 17.29 31.64 29.67
C SER D 69 17.39 32.86 28.79
N GLY D 70 16.57 32.89 27.73
CA GLY D 70 16.63 34.00 26.80
C GLY D 70 17.99 34.07 26.13
N THR D 71 18.61 35.25 26.17
CA THR D 71 19.92 35.47 25.58
C THR D 71 21.02 35.60 26.63
N SER D 72 20.85 34.93 27.77
CA SER D 72 21.83 34.98 28.85
C SER D 72 22.04 33.59 29.42
N ALA D 73 23.24 33.35 29.93
CA ALA D 73 23.59 32.09 30.56
C ALA D 73 24.67 32.36 31.61
N SER D 74 24.76 31.47 32.59
CA SER D 74 25.67 31.66 33.70
C SER D 74 26.29 30.34 34.10
N LEU D 75 27.49 30.43 34.68
CA LEU D 75 28.17 29.30 35.29
C LEU D 75 28.40 29.61 36.76
N ALA D 76 27.93 28.72 37.64
CA ALA D 76 27.98 28.94 39.07
C ALA D 76 28.89 27.90 39.71
N ILE D 77 29.82 28.36 40.54
CA ILE D 77 30.77 27.49 41.24
C ILE D 77 30.59 27.71 42.74
N THR D 78 30.34 26.63 43.47
CA THR D 78 30.19 26.68 44.92
C THR D 78 31.34 25.94 45.58
N GLY D 79 31.80 26.47 46.71
CA GLY D 79 32.92 25.87 47.42
C GLY D 79 34.23 26.11 46.71
N LEU D 80 34.52 27.36 46.41
CA LEU D 80 35.70 27.70 45.63
C LEU D 80 36.96 27.14 46.27
N GLN D 81 37.80 26.52 45.47
CA GLN D 81 39.06 25.93 45.92
C GLN D 81 40.22 26.66 45.25
N ALA D 82 41.43 26.22 45.59
CA ALA D 82 42.63 26.83 45.02
C ALA D 82 43.00 26.24 43.66
N GLU D 83 42.38 25.14 43.25
CA GLU D 83 42.63 24.53 41.95
C GLU D 83 41.71 25.04 40.86
N ASP D 84 40.81 26.00 41.22
CA ASP D 84 39.79 26.57 40.30
C ASP D 84 40.35 27.79 39.56
N GLU D 85 41.61 28.18 39.76
CA GLU D 85 42.20 29.29 39.02
C GLU D 85 42.51 28.85 37.60
N ALA D 86 41.69 29.28 36.65
CA ALA D 86 41.85 28.89 35.26
C ALA D 86 41.09 29.88 34.39
N ASP D 87 40.94 29.55 33.11
CA ASP D 87 40.15 30.33 32.17
C ASP D 87 38.92 29.54 31.76
N TYR D 88 37.78 30.21 31.70
CA TYR D 88 36.50 29.59 31.40
C TYR D 88 35.88 30.23 30.18
N TYR D 89 35.36 29.40 29.28
CA TYR D 89 34.82 29.86 28.01
C TYR D 89 33.47 29.30 27.61
N CYS D 90 32.54 30.16 27.14
CA CYS D 90 31.17 29.77 26.72
C CYS D 90 31.03 29.80 25.19
N GLN D 91 30.82 28.63 24.54
CA GLN D 91 30.69 28.52 23.06
C GLN D 91 29.26 28.11 22.66
N SER D 92 28.66 28.73 21.66
CA SER D 92 27.32 28.50 21.08
C SER D 92 27.45 28.29 19.57
N TYR D 93 26.35 28.36 18.81
CA TYR D 93 26.29 28.33 17.35
C TYR D 93 25.51 29.54 16.87
N ASP D 94 26.00 30.15 15.79
CA ASP D 94 25.40 31.36 15.23
C ASP D 94 24.98 31.11 13.79
N ARG D 95 23.89 31.77 13.39
CA ARG D 95 23.30 31.51 12.06
C ARG D 95 24.29 31.83 10.95
N SER D 96 24.97 32.98 11.04
CA SER D 96 25.91 33.39 10.00
C SER D 96 27.35 33.01 10.30
N LEU D 97 27.74 33.00 11.58
CA LEU D 97 29.13 32.83 11.97
C LEU D 97 29.43 31.41 12.45
N ASN D 98 28.46 30.51 12.36
CA ASN D 98 28.66 29.10 12.74
C ASN D 98 29.24 29.09 14.17
N TRP D 99 30.27 28.33 14.46
CA TRP D 99 30.69 28.08 15.83
C TRP D 99 31.39 29.32 16.38
N VAL D 100 30.92 29.80 17.53
CA VAL D 100 31.43 31.04 18.12
C VAL D 100 31.83 30.78 19.57
N PHE D 101 32.78 31.59 20.05
CA PHE D 101 33.35 31.45 21.37
C PHE D 101 33.23 32.77 22.13
N GLY D 102 33.17 32.68 23.45
CA GLY D 102 33.21 33.85 24.29
C GLY D 102 34.61 34.39 24.47
N GLY D 103 34.69 35.59 25.05
CA GLY D 103 35.99 36.21 25.24
C GLY D 103 36.88 35.49 26.23
N GLY D 104 36.29 34.92 27.28
CA GLY D 104 37.06 34.23 28.30
C GLY D 104 37.11 34.99 29.62
N THR D 105 36.95 34.29 30.73
CA THR D 105 36.98 34.88 32.05
C THR D 105 38.06 34.20 32.89
N LYS D 106 38.93 35.01 33.48
CA LYS D 106 40.00 34.51 34.35
C LYS D 106 39.54 34.56 35.79
N LEU D 107 39.50 33.39 36.43
CA LEU D 107 39.04 33.28 37.81
C LEU D 107 40.26 33.29 38.74
N THR D 108 40.19 34.13 39.76
CA THR D 108 41.27 34.29 40.73
C THR D 108 40.75 34.00 42.13
N VAL D 109 41.49 33.19 42.89
CA VAL D 109 41.15 32.85 44.30
C VAL D 109 42.04 33.75 45.17
N LEU D 110 41.48 34.41 46.18
CA LEU D 110 42.22 35.25 47.12
C LEU D 110 42.63 34.45 48.34
N GLY D 111 43.68 34.93 49.01
CA GLY D 111 44.15 34.29 50.22
C GLY D 111 45.65 34.23 50.38
N GLN D 112 46.41 34.54 49.31
CA GLN D 112 47.90 34.57 49.39
C GLN D 112 48.33 35.92 50.00
N PRO D 113 49.27 35.95 50.98
CA PRO D 113 49.68 37.21 51.62
C PRO D 113 50.31 38.18 50.63
N LYS D 114 50.06 39.47 50.86
CA LYS D 114 50.69 40.53 50.08
C LYS D 114 52.20 40.51 50.33
N ALA D 115 52.96 40.70 49.26
CA ALA D 115 54.42 40.67 49.35
C ALA D 115 55.01 41.83 48.56
N ALA D 116 56.01 42.49 49.14
CA ALA D 116 56.70 43.56 48.43
C ALA D 116 57.68 42.98 47.42
N PRO D 117 57.84 43.65 46.25
CA PRO D 117 58.65 43.09 45.19
C PRO D 117 60.12 43.31 45.53
N SER D 118 61.00 42.49 44.99
CA SER D 118 62.44 42.69 45.09
C SER D 118 62.99 43.06 43.72
N VAL D 119 63.87 44.05 43.69
CA VAL D 119 64.43 44.58 42.45
C VAL D 119 65.95 44.46 42.51
N THR D 120 66.54 43.92 41.44
CA THR D 120 68.00 43.84 41.30
C THR D 120 68.39 44.57 40.03
N LEU D 121 69.35 45.48 40.14
CA LEU D 121 69.76 46.35 39.03
C LEU D 121 71.18 46.00 38.63
N PHE D 122 71.30 45.03 37.72
CA PHE D 122 72.61 44.72 37.15
C PHE D 122 73.09 45.87 36.28
N PRO D 123 74.38 46.30 36.43
CA PRO D 123 74.96 47.33 35.58
C PRO D 123 75.42 46.79 34.22
N PRO D 124 75.82 47.66 33.26
CA PRO D 124 76.43 47.23 32.01
C PRO D 124 77.69 46.39 32.26
N SER D 125 77.91 45.36 31.46
CA SER D 125 79.05 44.47 31.59
C SER D 125 80.27 45.04 30.89
N SER D 126 81.46 44.72 31.41
CA SER D 126 82.69 45.16 30.78
C SER D 126 82.81 44.60 29.38
N GLU D 127 82.44 43.33 29.20
CA GLU D 127 82.43 42.65 27.87
C GLU D 127 81.36 43.35 27.03
N GLU D 128 80.23 43.72 27.63
CA GLU D 128 79.17 44.43 26.91
C GLU D 128 79.65 45.77 26.40
N LEU D 129 80.43 46.49 27.21
CA LEU D 129 80.94 47.79 26.79
C LEU D 129 81.82 47.67 25.55
N GLN D 130 82.61 46.60 25.46
CA GLN D 130 83.52 46.43 24.34
C GLN D 130 82.81 46.39 23.00
N ALA D 131 81.52 46.06 22.99
CA ALA D 131 80.75 45.95 21.76
C ALA D 131 80.10 47.27 21.35
N ASN D 132 80.67 48.41 21.78
CA ASN D 132 80.17 49.74 21.44
C ASN D 132 78.66 49.85 21.65
N LYS D 133 78.14 49.06 22.59
CA LYS D 133 76.72 49.07 22.92
C LYS D 133 76.55 48.44 24.29
N ALA D 134 75.63 49.01 25.08
CA ALA D 134 75.40 48.52 26.44
C ALA D 134 73.94 48.71 26.80
N THR D 135 73.37 47.72 27.52
CA THR D 135 71.96 47.72 27.97
C THR D 135 71.96 47.40 29.47
N LEU D 136 71.16 48.14 30.27
CA LEU D 136 71.09 47.94 31.75
C LEU D 136 70.03 46.87 32.03
N VAL D 137 70.35 45.86 32.84
CA VAL D 137 69.48 44.74 33.17
C VAL D 137 68.81 45.02 34.50
N CYS D 138 67.50 45.12 34.56
CA CYS D 138 66.75 45.29 35.83
C CYS D 138 65.91 44.03 35.93
N LEU D 139 65.71 43.51 37.14
CA LEU D 139 64.99 42.23 37.34
C LEU D 139 64.02 42.45 38.47
N ILE D 140 62.86 41.81 38.43
CA ILE D 140 61.84 41.85 39.46
C ILE D 140 61.34 40.43 39.69
N SER D 141 61.21 40.03 40.95
CA SER D 141 60.75 38.69 41.26
C SER D 141 60.14 38.67 42.66
N ASP D 142 59.34 37.62 42.91
CA ASP D 142 58.76 37.36 44.23
C ASP D 142 57.81 38.49 44.66
N PHE D 143 56.81 38.73 43.81
CA PHE D 143 55.72 39.65 44.12
C PHE D 143 54.40 39.01 43.73
N TYR D 144 53.39 38.93 44.63
CA TYR D 144 52.15 38.12 44.37
C TYR D 144 51.20 38.82 43.38
N PRO D 145 50.64 40.03 43.61
CA PRO D 145 49.84 40.69 42.56
C PRO D 145 50.73 40.94 41.33
N GLY D 146 50.47 40.38 40.13
CA GLY D 146 51.20 40.45 38.89
C GLY D 146 51.00 41.75 38.13
N ALA D 147 51.17 42.87 38.82
CA ALA D 147 51.02 44.19 38.22
C ALA D 147 52.07 45.11 38.82
N VAL D 148 53.21 45.24 38.14
CA VAL D 148 54.29 46.11 38.57
C VAL D 148 54.69 47.00 37.41
N THR D 149 54.81 48.30 37.66
CA THR D 149 55.17 49.27 36.65
C THR D 149 56.64 49.63 36.78
N VAL D 150 57.37 49.49 35.68
CA VAL D 150 58.81 49.75 35.63
C VAL D 150 59.04 51.00 34.80
N ALA D 151 59.66 52.01 35.42
CA ALA D 151 60.00 53.25 34.74
C ALA D 151 61.49 53.51 34.92
N TRP D 152 62.19 53.70 33.81
CA TRP D 152 63.63 53.94 33.84
C TRP D 152 63.89 55.44 33.90
N LYS D 153 64.55 55.88 34.97
CA LYS D 153 64.89 57.28 35.17
C LYS D 153 66.40 57.43 35.12
N ALA D 154 66.91 58.18 34.12
CA ALA D 154 68.35 58.44 33.94
C ALA D 154 68.65 59.83 34.50
N ASP D 155 69.59 59.99 35.44
CA ASP D 155 69.89 61.28 36.13
C ASP D 155 68.50 61.70 36.62
N SER D 156 68.03 62.92 36.33
CA SER D 156 66.74 63.46 36.82
C SER D 156 65.56 63.40 35.86
N SER D 157 65.68 62.78 34.66
CA SER D 157 64.62 62.77 33.67
C SER D 157 64.29 61.34 33.30
N PRO D 158 63.01 60.94 33.32
CA PRO D 158 62.64 59.59 32.93
C PRO D 158 63.05 59.30 31.49
N VAL D 159 63.53 58.09 31.18
CA VAL D 159 64.01 57.67 29.83
C VAL D 159 63.04 56.57 29.36
N ASN D 160 62.38 56.75 28.21
CA ASN D 160 61.38 55.87 27.64
C ASN D 160 61.87 55.09 26.42
N ALA D 161 62.76 55.66 25.63
CA ALA D 161 63.27 54.97 24.45
C ALA D 161 64.15 53.79 24.86
N GLY D 162 64.05 52.69 24.11
CA GLY D 162 64.87 51.53 24.40
C GLY D 162 64.49 50.79 25.66
N VAL D 163 63.23 50.99 26.12
CA VAL D 163 62.69 50.31 27.35
C VAL D 163 61.89 49.09 26.89
N GLU D 164 62.32 47.85 27.18
CA GLU D 164 61.57 46.64 26.90
C GLU D 164 61.26 45.94 28.21
N THR D 165 59.97 45.75 28.49
CA THR D 165 59.52 45.15 29.74
C THR D 165 58.64 43.95 29.44
N THR D 166 58.91 42.84 30.10
CA THR D 166 58.12 41.63 29.94
C THR D 166 56.98 41.61 30.94
N LYS D 167 55.95 40.83 30.61
CA LYS D 167 54.80 40.68 31.50
C LYS D 167 55.14 39.75 32.66
N PRO D 168 54.45 39.91 33.82
CA PRO D 168 54.62 39.01 34.94
C PRO D 168 54.35 37.56 34.56
N SER D 169 55.09 36.60 35.14
CA SER D 169 54.93 35.17 34.87
C SER D 169 54.86 34.42 36.20
N LYS D 170 53.89 33.50 36.31
CA LYS D 170 53.70 32.69 37.53
C LYS D 170 54.88 31.72 37.66
N GLN D 171 55.50 31.63 38.85
CA GLN D 171 56.63 30.75 39.13
C GLN D 171 56.13 29.46 39.78
N SER D 172 57.08 28.58 40.10
CA SER D 172 56.74 27.31 40.74
C SER D 172 56.33 27.49 42.20
N ASN D 173 56.69 28.63 42.83
CA ASN D 173 56.37 28.90 44.26
C ASN D 173 55.22 29.90 44.35
N ASN D 174 54.36 30.05 43.31
CA ASN D 174 53.19 30.91 43.33
C ASN D 174 53.55 32.39 43.33
N LYS D 175 54.79 32.74 43.00
CA LYS D 175 55.26 34.15 43.03
C LYS D 175 55.59 34.58 41.61
N TYR D 176 55.18 35.80 41.22
CA TYR D 176 55.37 36.31 39.84
C TYR D 176 56.76 36.91 39.67
N ALA D 177 57.31 36.88 38.44
CA ALA D 177 58.64 37.43 38.10
C ALA D 177 58.53 38.36 36.91
N ALA D 178 59.44 39.33 36.76
CA ALA D 178 59.46 40.27 35.66
C ALA D 178 60.88 40.76 35.44
N SER D 179 61.09 41.38 34.28
CA SER D 179 62.39 41.93 33.94
C SER D 179 62.19 43.18 33.10
N SER D 180 63.15 44.08 33.16
CA SER D 180 63.10 45.28 32.32
C SER D 180 64.45 45.42 31.63
N TYR D 181 64.46 46.03 30.47
CA TYR D 181 65.66 46.28 29.69
C TYR D 181 65.63 47.71 29.17
N LEU D 182 66.78 48.45 29.33
CA LEU D 182 66.95 49.87 28.89
C LEU D 182 68.18 50.00 27.96
N SER D 183 68.02 50.16 26.63
CA SER D 183 69.13 50.19 25.68
C SER D 183 69.77 51.58 25.68
N LEU D 184 71.10 51.65 25.86
CA LEU D 184 71.86 52.94 25.86
C LEU D 184 73.09 52.77 24.98
N THR D 185 73.89 53.83 24.76
CA THR D 185 75.16 53.81 23.99
C THR D 185 76.29 53.86 25.03
N PRO D 186 77.56 53.48 24.70
CA PRO D 186 78.71 53.61 25.61
C PRO D 186 78.96 55.06 26.03
N GLU D 187 78.76 55.97 25.06
CA GLU D 187 78.93 57.43 25.30
C GLU D 187 77.94 57.80 26.38
N GLN D 188 76.63 57.49 26.23
CA GLN D 188 75.57 57.76 27.19
C GLN D 188 75.83 57.18 28.57
N TRP D 189 76.39 55.97 28.63
CA TRP D 189 76.66 55.33 29.92
C TRP D 189 77.60 56.17 30.77
N LYS D 190 78.68 56.67 30.16
CA LYS D 190 79.65 57.49 30.88
C LYS D 190 79.32 58.98 30.84
N SER D 191 78.31 59.40 30.04
CA SER D 191 77.90 60.82 29.91
C SER D 191 76.97 61.19 31.07
N HIS D 192 76.44 60.22 31.85
CA HIS D 192 75.50 60.49 32.94
C HIS D 192 76.02 59.87 34.22
N LYS D 193 75.85 60.58 35.33
CA LYS D 193 76.44 60.14 36.60
C LYS D 193 75.86 58.82 37.06
N SER D 194 74.54 58.66 36.99
CA SER D 194 73.91 57.47 37.53
C SER D 194 72.57 57.23 36.83
N TYR D 195 72.08 55.98 36.96
CA TYR D 195 70.83 55.49 36.31
C TYR D 195 70.00 54.66 37.30
N SER D 196 68.68 54.85 37.36
CA SER D 196 67.80 54.24 38.35
C SER D 196 66.73 53.42 37.64
N CYS D 197 66.37 52.29 38.25
CA CYS D 197 65.28 51.42 37.77
C CYS D 197 64.31 51.23 38.94
N GLN D 198 63.32 52.12 39.05
CA GLN D 198 62.32 51.98 40.12
C GLN D 198 61.21 51.04 39.67
N VAL D 199 60.65 50.30 40.61
CA VAL D 199 59.55 49.31 40.37
C VAL D 199 58.42 49.66 41.34
N THR D 200 57.22 49.92 40.80
CA THR D 200 56.04 50.25 41.63
C THR D 200 55.29 48.93 41.80
N HIS D 201 54.80 48.63 43.00
CA HIS D 201 53.99 47.45 43.31
C HIS D 201 52.84 47.89 44.21
N GLU D 202 51.70 48.23 43.60
CA GLU D 202 50.51 48.63 44.35
C GLU D 202 50.82 49.78 45.31
N GLY D 203 51.62 50.73 44.83
CA GLY D 203 51.98 51.89 45.63
C GLY D 203 53.38 51.82 46.21
N SER D 204 53.77 50.64 46.68
CA SER D 204 55.11 50.47 47.23
C SER D 204 56.15 50.69 46.14
N THR D 205 57.20 51.44 46.47
CA THR D 205 58.25 51.78 45.53
C THR D 205 59.59 51.31 46.07
N VAL D 206 60.32 50.54 45.26
CA VAL D 206 61.67 50.12 45.57
C VAL D 206 62.50 50.22 44.29
N GLU D 207 63.65 50.88 44.41
CA GLU D 207 64.50 51.18 43.24
C GLU D 207 65.97 51.05 43.64
N LYS D 208 66.87 51.16 42.67
CA LYS D 208 68.32 51.15 42.89
C LYS D 208 68.97 52.07 41.88
N THR D 209 70.23 52.42 42.14
CA THR D 209 70.99 53.31 41.29
C THR D 209 72.31 52.65 40.92
N VAL D 210 72.82 52.93 39.70
CA VAL D 210 74.08 52.30 39.21
C VAL D 210 74.81 53.28 38.27
N ALA D 211 76.08 53.60 38.52
CA ALA D 211 76.92 54.55 37.77
C ALA D 211 77.87 53.74 36.91
N PRO D 212 78.73 54.36 36.08
CA PRO D 212 79.74 53.64 35.29
C PRO D 212 80.65 52.79 36.17
N ALA D 213 81.29 53.42 37.15
CA ALA D 213 82.13 52.71 38.11
C ALA D 213 81.68 52.93 39.55
N GLU D 214 81.44 54.18 39.94
CA GLU D 214 80.96 54.54 41.27
C GLU D 214 81.83 53.95 42.37
N CYS D 215 83.05 53.52 42.03
CA CYS D 215 83.97 52.97 43.01
C CYS D 215 85.11 53.95 43.26
N SER D 216 85.33 54.26 44.53
CA SER D 216 86.38 55.20 44.92
C SER D 216 87.28 54.61 45.99
N GLN E 1 41.31 4.09 24.30
CA GLN E 1 41.28 5.50 24.76
C GLN E 1 41.37 6.39 23.52
N VAL E 2 40.59 7.49 23.44
CA VAL E 2 40.55 8.33 22.24
C VAL E 2 41.74 9.28 22.28
N GLN E 3 42.48 9.35 21.17
CA GLN E 3 43.67 10.18 21.08
C GLN E 3 43.68 10.97 19.78
N LEU E 4 44.01 12.25 19.87
CA LEU E 4 44.26 13.10 18.72
C LEU E 4 45.64 13.71 18.88
N VAL E 5 46.50 13.52 17.89
CA VAL E 5 47.89 13.98 17.95
C VAL E 5 48.17 14.82 16.72
N GLU E 6 48.50 16.10 16.97
CA GLU E 6 48.78 17.09 15.90
C GLU E 6 50.28 17.10 15.64
N SER E 7 50.70 17.54 14.45
CA SER E 7 52.11 17.64 14.10
C SER E 7 52.24 18.51 12.86
N GLY E 8 53.48 18.92 12.56
CA GLY E 8 53.77 19.70 11.39
C GLY E 8 53.95 21.18 11.63
N GLY E 9 53.91 21.63 12.87
CA GLY E 9 54.08 23.04 13.14
C GLY E 9 55.53 23.50 13.08
N GLY E 10 55.71 24.79 12.84
CA GLY E 10 57.04 25.35 12.74
C GLY E 10 56.97 26.82 12.40
N VAL E 11 58.14 27.42 12.27
CA VAL E 11 58.27 28.83 11.95
C VAL E 11 58.25 29.00 10.43
N VAL E 12 57.62 30.09 9.94
CA VAL E 12 57.46 30.33 8.47
C VAL E 12 57.31 31.84 8.24
N LYS E 13 58.03 32.44 7.28
CA LYS E 13 58.00 33.87 6.99
C LYS E 13 56.64 34.27 6.44
N PRO E 14 56.27 35.54 6.59
CA PRO E 14 54.99 36.00 6.05
C PRO E 14 54.88 35.74 4.56
N GLY E 15 53.68 35.34 4.13
CA GLY E 15 53.46 34.98 2.75
C GLY E 15 53.85 33.57 2.37
N GLY E 16 54.34 32.77 3.33
CA GLY E 16 54.74 31.41 3.06
C GLY E 16 53.58 30.45 3.14
N SER E 17 53.92 29.16 3.16
CA SER E 17 52.94 28.09 3.21
C SER E 17 53.35 27.05 4.25
N LEU E 18 52.36 26.35 4.78
CA LEU E 18 52.58 25.32 5.78
C LEU E 18 51.42 24.34 5.75
N ARG E 19 51.63 23.16 6.32
CA ARG E 19 50.63 22.11 6.33
C ARG E 19 50.68 21.38 7.66
N VAL E 20 49.59 21.46 8.42
CA VAL E 20 49.50 20.80 9.71
C VAL E 20 48.73 19.49 9.52
N SER E 21 48.92 18.57 10.48
CA SER E 21 48.30 17.26 10.41
C SER E 21 47.83 16.85 11.80
N CYS E 22 46.88 15.92 11.83
CA CYS E 22 46.32 15.40 13.07
C CYS E 22 45.91 13.96 12.82
N VAL E 23 46.51 13.02 13.56
CA VAL E 23 46.24 11.60 13.42
C VAL E 23 45.50 11.13 14.66
N VAL E 24 44.35 10.47 14.41
CA VAL E 24 43.44 10.06 15.50
C VAL E 24 43.53 8.55 15.69
N SER E 25 43.11 8.05 16.85
CA SER E 25 42.99 6.62 17.12
C SER E 25 42.00 6.43 18.26
N GLY E 26 41.43 5.23 18.32
CA GLY E 26 40.53 4.87 19.39
C GLY E 26 39.06 4.96 19.06
N PHE E 27 38.69 5.39 17.86
CA PHE E 27 37.29 5.50 17.48
C PHE E 27 37.19 5.45 15.96
N THR E 28 35.97 5.21 15.48
CA THR E 28 35.70 5.16 14.04
C THR E 28 35.81 6.56 13.48
N PHE E 29 36.90 6.82 12.76
CA PHE E 29 37.17 8.17 12.27
C PHE E 29 36.10 8.65 11.31
N SER E 30 35.61 7.78 10.43
CA SER E 30 34.73 8.16 9.34
C SER E 30 33.27 8.29 9.76
N SER E 31 32.98 8.36 11.06
CA SER E 31 31.62 8.56 11.54
C SER E 31 31.39 9.96 12.08
N TYR E 32 32.41 10.82 12.10
CA TYR E 32 32.34 12.07 12.82
C TYR E 32 32.82 13.22 11.93
N ARG E 33 32.35 14.41 12.27
CA ARG E 33 32.86 15.65 11.69
C ARG E 33 33.98 16.20 12.56
N MET E 34 34.96 16.83 11.92
CA MET E 34 36.15 17.29 12.60
C MET E 34 36.35 18.79 12.39
N HIS E 35 37.10 19.40 13.31
CA HIS E 35 37.27 20.85 13.32
C HIS E 35 38.74 21.21 13.55
N TRP E 36 39.08 22.44 13.20
CA TRP E 36 40.33 23.07 13.58
C TRP E 36 40.02 24.31 14.42
N VAL E 37 40.68 24.44 15.56
CA VAL E 37 40.53 25.59 16.44
C VAL E 37 41.91 26.11 16.81
N ARG E 38 42.07 27.43 16.77
CA ARG E 38 43.35 28.06 17.04
C ARG E 38 43.23 29.07 18.18
N GLN E 39 44.34 29.31 18.86
CA GLN E 39 44.39 30.26 19.97
C GLN E 39 45.70 31.03 19.92
N ALA E 40 45.61 32.35 19.77
CA ALA E 40 46.80 33.18 19.76
C ALA E 40 47.41 33.26 21.16
N PRO E 41 48.72 33.49 21.26
CA PRO E 41 49.37 33.54 22.57
C PRO E 41 48.79 34.65 23.44
N GLY E 42 48.18 34.26 24.55
CA GLY E 42 47.55 35.20 25.44
C GLY E 42 46.17 35.66 25.03
N LYS E 43 45.55 35.01 24.06
CA LYS E 43 44.25 35.40 23.52
C LYS E 43 43.25 34.27 23.74
N GLY E 44 42.06 34.43 23.15
CA GLY E 44 40.99 33.46 23.30
C GLY E 44 40.94 32.45 22.16
N LEU E 45 39.92 31.60 22.23
CA LEU E 45 39.72 30.52 21.27
C LEU E 45 39.01 31.04 20.02
N GLU E 46 39.18 30.31 18.92
CA GLU E 46 38.60 30.71 17.64
C GLU E 46 38.43 29.48 16.76
N TRP E 47 37.21 29.25 16.27
CA TRP E 47 36.96 28.16 15.33
C TRP E 47 37.49 28.54 13.96
N VAL E 48 38.11 27.57 13.28
CA VAL E 48 38.76 27.80 11.98
C VAL E 48 37.97 27.13 10.85
N SER E 49 37.83 25.81 10.90
CA SER E 49 37.22 25.09 9.78
C SER E 49 36.64 23.78 10.26
N SER E 50 35.71 23.25 9.46
CA SER E 50 35.04 21.99 9.75
C SER E 50 34.92 21.18 8.48
N ILE E 51 34.77 19.87 8.64
CA ILE E 51 34.60 18.95 7.52
C ILE E 51 33.79 17.77 7.98
N THR E 52 32.76 17.40 7.21
CA THR E 52 31.89 16.30 7.59
C THR E 52 32.56 14.96 7.29
N ALA E 53 31.86 13.88 7.66
CA ALA E 53 32.49 12.56 7.67
C ALA E 53 32.94 12.11 6.28
N SER E 54 32.30 12.62 5.22
CA SER E 54 32.63 12.22 3.86
C SER E 54 32.97 13.41 2.98
N SER E 55 33.40 14.52 3.57
CA SER E 55 33.91 15.70 2.87
C SER E 55 32.85 16.41 2.05
N SER E 56 31.57 16.13 2.28
CA SER E 56 30.52 16.69 1.45
C SER E 56 30.25 18.16 1.75
N TYR E 57 30.44 18.60 3.00
CA TYR E 57 30.23 19.99 3.38
C TYR E 57 31.45 20.49 4.12
N ILE E 58 31.80 21.76 3.88
CA ILE E 58 33.00 22.37 4.44
C ILE E 58 32.68 23.82 4.79
N ASN E 59 33.23 24.29 5.92
CA ASN E 59 33.00 25.65 6.38
C ASN E 59 34.32 26.28 6.82
N TYR E 60 34.40 27.59 6.67
CA TYR E 60 35.58 28.35 7.06
C TYR E 60 35.15 29.61 7.81
N ALA E 61 36.05 30.10 8.66
CA ALA E 61 35.87 31.41 9.25
C ALA E 61 36.14 32.50 8.21
N GLU E 62 35.55 33.67 8.44
CA GLU E 62 35.70 34.77 7.50
C GLU E 62 37.14 35.30 7.46
N SER E 63 37.92 35.06 8.51
CA SER E 63 39.28 35.61 8.56
C SER E 63 40.29 34.76 7.79
N VAL E 64 39.95 33.53 7.45
CA VAL E 64 40.84 32.63 6.73
C VAL E 64 40.26 32.16 5.41
N LYS E 65 39.07 32.63 5.03
CA LYS E 65 38.45 32.18 3.80
C LYS E 65 39.29 32.54 2.59
N GLY E 66 39.45 31.58 1.68
CA GLY E 66 40.24 31.77 0.48
C GLY E 66 41.72 31.50 0.63
N ARG E 67 42.20 31.23 1.84
CA ARG E 67 43.62 31.00 2.09
C ARG E 67 43.92 29.63 2.69
N PHE E 68 43.04 29.09 3.53
CA PHE E 68 43.23 27.78 4.12
C PHE E 68 42.36 26.75 3.41
N THR E 69 42.78 25.49 3.47
CA THR E 69 42.06 24.39 2.83
C THR E 69 42.09 23.18 3.75
N ILE E 70 40.92 22.69 4.13
CA ILE E 70 40.78 21.53 5.00
C ILE E 70 40.60 20.29 4.15
N SER E 71 41.09 19.16 4.66
CA SER E 71 40.93 17.87 3.98
C SER E 71 41.09 16.77 5.01
N ARG E 72 40.73 15.55 4.60
CA ARG E 72 40.86 14.38 5.45
C ARG E 72 41.10 13.16 4.58
N ASP E 73 41.66 12.11 5.18
CA ASP E 73 41.84 10.82 4.56
C ASP E 73 41.31 9.76 5.51
N ASN E 74 40.19 9.13 5.14
CA ASN E 74 39.51 8.23 6.06
C ASN E 74 40.25 6.91 6.21
N ALA E 75 41.00 6.49 5.19
CA ALA E 75 41.74 5.24 5.28
C ALA E 75 42.93 5.33 6.22
N LYS E 76 43.48 6.53 6.43
CA LYS E 76 44.63 6.73 7.29
C LYS E 76 44.29 7.37 8.63
N ASN E 77 43.05 7.82 8.83
CA ASN E 77 42.61 8.40 10.09
C ASN E 77 43.28 9.75 10.36
N SER E 78 43.51 10.52 9.30
CA SER E 78 44.20 11.79 9.42
C SER E 78 43.45 12.88 8.66
N LEU E 79 43.50 14.09 9.20
CA LEU E 79 42.99 15.28 8.53
C LEU E 79 44.08 16.33 8.48
N TYR E 80 44.00 17.21 7.49
CA TYR E 80 45.05 18.17 7.22
C TYR E 80 44.47 19.57 7.12
N LEU E 81 45.33 20.56 7.36
CA LEU E 81 45.01 21.97 7.14
C LEU E 81 46.15 22.58 6.34
N GLN E 82 45.86 22.99 5.12
CA GLN E 82 46.85 23.62 4.25
C GLN E 82 46.72 25.13 4.37
N MET E 83 47.78 25.78 4.82
CA MET E 83 47.73 27.22 5.10
C MET E 83 48.58 27.89 4.03
N ASN E 84 48.10 28.95 3.38
CA ASN E 84 48.78 29.69 2.32
C ASN E 84 48.68 31.18 2.60
N SER E 85 49.66 31.93 2.07
CA SER E 85 49.70 33.37 2.23
C SER E 85 49.63 33.78 3.69
N LEU E 86 50.44 33.11 4.51
CA LEU E 86 50.38 33.31 5.96
C LEU E 86 50.68 34.75 6.33
N ARG E 87 49.96 35.25 7.33
CA ARG E 87 50.12 36.61 7.83
C ARG E 87 50.67 36.57 9.26
N ALA E 88 50.99 37.76 9.77
CA ALA E 88 51.53 37.85 11.13
C ALA E 88 50.52 37.39 12.16
N GLU E 89 49.25 37.74 11.97
CA GLU E 89 48.19 37.40 12.93
C GLU E 89 47.74 35.95 12.83
N ASP E 90 48.45 35.11 12.09
CA ASP E 90 48.16 33.69 12.02
C ASP E 90 48.98 32.88 13.01
N THR E 91 49.77 33.56 13.85
CA THR E 91 50.63 32.92 14.89
C THR E 91 49.76 32.39 16.03
N ALA E 92 49.68 31.08 16.27
CA ALA E 92 48.83 30.52 17.31
C ALA E 92 49.06 29.03 17.47
N VAL E 93 48.42 28.42 18.46
CA VAL E 93 48.40 26.97 18.64
C VAL E 93 47.14 26.43 18.00
N TYR E 94 47.29 25.40 17.18
CA TYR E 94 46.19 24.82 16.42
C TYR E 94 45.80 23.47 17.03
N TYR E 95 44.52 23.32 17.34
CA TYR E 95 43.97 22.09 17.88
C TYR E 95 43.05 21.43 16.87
N CYS E 96 43.03 20.09 16.87
CA CYS E 96 42.00 19.34 16.19
C CYS E 96 41.01 18.81 17.23
N ALA E 97 39.72 18.89 16.91
CA ALA E 97 38.67 18.51 17.85
C ALA E 97 37.58 17.75 17.11
N ARG E 98 36.88 16.85 17.83
CA ARG E 98 35.83 15.99 17.22
C ARG E 98 34.49 16.63 17.56
N ASP E 99 33.51 16.55 16.65
CA ASP E 99 32.19 17.16 16.87
C ASP E 99 31.34 16.26 17.75
N GLU E 100 30.55 16.82 18.68
CA GLU E 100 29.57 16.08 19.48
C GLU E 100 28.32 16.91 19.21
N ASN E 101 27.13 16.31 19.26
CA ASN E 101 25.86 16.99 18.92
C ASN E 101 24.70 16.16 19.43
N THR E 102 23.53 16.76 19.59
CA THR E 102 22.24 16.14 20.00
C THR E 102 21.25 16.07 18.82
N GLY E 103 21.62 16.51 17.61
CA GLY E 103 20.75 16.44 16.42
C GLY E 103 20.06 17.76 16.13
N ILE E 104 19.65 18.57 17.12
CA ILE E 104 18.87 19.82 16.84
C ILE E 104 19.61 21.05 17.35
N SER E 105 19.61 21.42 18.65
CA SER E 105 20.16 22.72 19.12
C SER E 105 21.62 22.65 19.59
N HIS E 106 22.02 21.60 20.29
CA HIS E 106 23.37 21.53 20.93
C HIS E 106 24.45 21.04 19.96
N TYR E 107 25.59 21.74 19.86
CA TYR E 107 26.77 21.33 19.05
C TYR E 107 28.00 21.80 19.84
N TRP E 108 28.89 20.91 20.28
CA TRP E 108 30.09 21.27 21.10
C TRP E 108 31.31 20.49 20.61
N PHE E 109 32.46 20.65 21.26
CA PHE E 109 33.71 19.93 20.97
C PHE E 109 34.13 19.18 22.23
N ASP E 110 33.79 17.89 22.38
CA ASP E 110 34.12 17.17 23.65
C ASP E 110 35.63 16.83 23.64
N PRO E 111 36.22 16.06 22.68
CA PRO E 111 37.65 15.73 22.74
C PRO E 111 38.51 16.69 21.95
N TRP E 112 39.62 17.10 22.57
CA TRP E 112 40.58 18.01 21.98
C TRP E 112 41.94 17.35 21.87
N GLY E 113 42.72 17.79 20.89
CA GLY E 113 44.10 17.36 20.77
C GLY E 113 44.98 18.01 21.81
N GLN E 114 46.27 18.08 21.51
CA GLN E 114 47.22 18.71 22.41
C GLN E 114 47.76 20.04 21.88
N GLY E 115 47.68 20.27 20.57
CA GLY E 115 48.05 21.54 20.00
C GLY E 115 49.41 21.51 19.33
N THR E 116 49.54 22.32 18.28
CA THR E 116 50.81 22.51 17.58
C THR E 116 50.98 23.99 17.29
N LEU E 117 52.15 24.52 17.62
CA LEU E 117 52.40 25.95 17.53
C LEU E 117 52.94 26.33 16.16
N VAL E 118 52.43 27.43 15.61
CA VAL E 118 52.87 27.96 14.33
C VAL E 118 53.23 29.43 14.52
N THR E 119 54.44 29.79 14.09
CA THR E 119 54.96 31.14 14.25
C THR E 119 55.21 31.75 12.89
N VAL E 120 54.65 32.95 12.66
CA VAL E 120 54.83 33.68 11.41
C VAL E 120 55.59 34.95 11.75
N SER E 121 56.89 34.98 11.47
CA SER E 121 57.73 36.12 11.79
C SER E 121 58.65 36.41 10.62
N SER E 122 58.76 37.70 10.27
CA SER E 122 59.63 38.11 9.17
C SER E 122 61.11 38.03 9.54
N ALA E 123 61.43 37.95 10.82
CA ALA E 123 62.83 37.94 11.25
C ALA E 123 63.56 36.75 10.63
N SER E 124 64.89 36.83 10.65
CA SER E 124 65.76 35.79 10.12
C SER E 124 66.52 35.12 11.25
N THR E 125 66.72 33.82 11.13
CA THR E 125 67.42 33.07 12.17
C THR E 125 68.81 33.64 12.38
N LYS E 126 69.16 33.86 13.67
CA LYS E 126 70.42 34.50 14.08
C LYS E 126 70.93 33.79 15.33
N GLY E 127 72.25 33.78 15.58
CA GLY E 127 72.82 33.18 16.76
C GLY E 127 72.69 34.05 18.00
N PRO E 128 72.63 33.43 19.16
CA PRO E 128 72.51 34.19 20.41
C PRO E 128 73.76 34.98 20.72
N SER E 129 73.57 36.10 21.41
CA SER E 129 74.68 36.91 21.94
C SER E 129 74.79 36.78 23.46
N VAL E 130 75.84 36.04 23.86
CA VAL E 130 76.07 35.69 25.28
C VAL E 130 77.08 36.64 25.92
N PHE E 131 76.80 37.24 27.09
CA PHE E 131 77.74 38.04 27.85
C PHE E 131 77.61 37.69 29.33
N PRO E 132 78.68 37.84 30.10
CA PRO E 132 78.62 37.56 31.54
C PRO E 132 78.20 38.79 32.34
N LEU E 133 77.69 38.61 33.57
CA LEU E 133 77.17 39.68 34.46
C LEU E 133 77.80 39.44 35.85
N ALA E 134 79.09 39.77 36.02
CA ALA E 134 79.80 39.51 37.25
C ALA E 134 79.13 40.23 38.42
N PRO E 135 79.20 39.67 39.63
CA PRO E 135 78.62 40.35 40.79
C PRO E 135 79.36 41.62 41.12
N SER E 136 78.65 42.54 41.76
CA SER E 136 79.18 43.83 42.15
C SER E 136 78.92 44.07 43.63
N SER E 137 79.63 45.01 44.36
CA SER E 137 79.41 45.34 45.77
C SER E 137 77.97 45.73 46.05
N LYS E 138 77.37 46.52 45.15
CA LYS E 138 75.98 46.92 45.34
C LYS E 138 75.05 45.72 45.32
N SER E 139 75.33 44.75 44.46
CA SER E 139 74.51 43.54 44.32
C SER E 139 75.10 42.36 45.09
N THR E 140 75.91 42.59 46.16
CA THR E 140 76.60 41.52 46.97
C THR E 140 76.28 41.67 48.46
N SER E 141 77.08 41.05 49.35
CA SER E 141 76.95 41.19 50.81
C SER E 141 75.57 40.71 51.24
N GLY E 142 74.78 41.45 52.03
CA GLY E 142 73.51 40.92 52.49
C GLY E 142 73.62 39.50 53.01
N GLY E 143 72.99 38.55 52.31
CA GLY E 143 73.11 37.16 52.66
C GLY E 143 73.93 36.38 51.64
N THR E 144 73.79 36.74 50.36
CA THR E 144 74.50 36.08 49.28
C THR E 144 74.68 37.05 48.13
N ALA E 145 75.61 36.64 47.27
CA ALA E 145 75.88 37.43 46.08
C ALA E 145 75.37 36.70 44.84
N ALA E 146 74.83 37.46 43.89
CA ALA E 146 74.21 36.90 42.70
C ALA E 146 74.99 37.30 41.45
N LEU E 147 75.09 36.36 40.50
CA LEU E 147 75.90 36.55 39.29
C LEU E 147 75.34 35.66 38.19
N GLY E 148 75.31 36.13 36.95
CA GLY E 148 74.71 35.37 35.86
C GLY E 148 75.26 35.83 34.52
N CYS E 149 74.66 35.28 33.47
CA CYS E 149 75.01 35.60 32.09
C CYS E 149 73.79 36.15 31.38
N LEU E 150 74.03 36.80 30.25
CA LEU E 150 72.98 37.41 29.44
C LEU E 150 73.05 36.87 28.02
N VAL E 151 71.89 36.47 27.49
CA VAL E 151 71.74 36.00 26.09
C VAL E 151 71.01 37.16 25.38
N LYS E 152 71.46 37.65 24.20
CA LYS E 152 70.87 38.77 23.49
C LYS E 152 70.74 38.47 22.01
N ASP E 153 69.66 38.98 21.41
CA ASP E 153 69.47 38.97 19.96
C ASP E 153 69.52 37.55 19.39
N TYR E 154 68.55 36.74 19.80
CA TYR E 154 68.38 35.40 19.26
C TYR E 154 66.93 35.24 18.80
N PHE E 155 66.73 34.80 17.56
CA PHE E 155 65.37 34.70 16.97
C PHE E 155 64.65 33.45 17.50
N PRO E 156 65.04 32.19 17.18
CA PRO E 156 64.22 31.08 17.64
C PRO E 156 64.15 31.04 19.17
N GLU E 157 62.99 30.81 19.75
CA GLU E 157 62.65 30.84 21.17
C GLU E 157 63.40 29.80 22.00
N PRO E 158 63.52 28.54 21.59
CA PRO E 158 64.04 27.51 22.49
C PRO E 158 65.53 27.64 22.79
N VAL E 159 65.87 28.51 23.75
CA VAL E 159 67.25 28.66 24.22
C VAL E 159 67.34 28.06 25.62
N THR E 160 68.29 27.16 25.80
CA THR E 160 68.49 26.47 27.08
C THR E 160 69.84 26.85 27.67
N VAL E 161 69.82 27.10 28.99
CA VAL E 161 71.03 27.56 29.74
C VAL E 161 71.33 26.59 30.89
N SER E 162 72.52 25.97 30.95
CA SER E 162 72.94 25.13 32.06
C SER E 162 74.29 25.63 32.54
N TRP E 163 74.41 25.73 33.87
CA TRP E 163 75.60 26.33 34.50
C TRP E 163 76.81 25.41 34.65
N ASN E 164 76.73 24.36 35.44
CA ASN E 164 77.88 23.47 35.72
C ASN E 164 77.55 22.18 34.97
N SER E 165 77.05 22.25 33.72
CA SER E 165 76.64 21.07 32.95
C SER E 165 75.51 20.31 33.64
N GLY E 166 74.64 21.04 34.32
CA GLY E 166 73.61 20.44 35.13
C GLY E 166 74.02 20.10 36.55
N ALA E 167 75.17 20.46 37.06
CA ALA E 167 75.66 20.10 38.42
C ALA E 167 75.26 21.22 39.37
N LEU E 168 74.72 22.35 38.86
CA LEU E 168 74.22 23.41 39.74
C LEU E 168 72.72 23.55 39.49
N THR E 169 71.92 23.33 40.53
CA THR E 169 70.47 23.40 40.42
C THR E 169 69.80 24.19 41.54
N SER E 170 70.52 24.56 42.60
CA SER E 170 69.96 25.31 43.71
C SER E 170 70.42 26.76 43.63
N GLY E 171 69.46 27.68 43.72
CA GLY E 171 69.74 29.10 43.62
C GLY E 171 69.77 29.64 42.21
N VAL E 172 69.51 28.79 41.21
CA VAL E 172 69.51 29.19 39.78
C VAL E 172 68.08 29.59 39.42
N HIS E 173 67.85 30.81 38.94
CA HIS E 173 66.53 31.28 38.51
C HIS E 173 66.65 31.82 37.09
N THR E 174 65.74 31.38 36.22
CA THR E 174 65.73 31.78 34.83
C THR E 174 64.54 32.70 34.56
N PHE E 175 64.78 33.77 33.78
CA PHE E 175 63.73 34.73 33.49
C PHE E 175 63.17 34.52 32.09
N PRO E 176 61.91 34.87 31.87
CA PRO E 176 61.34 34.74 30.53
C PRO E 176 61.98 35.71 29.55
N ALA E 177 62.00 35.31 28.28
CA ALA E 177 62.59 36.15 27.25
C ALA E 177 61.71 37.37 26.98
N VAL E 178 62.34 38.42 26.41
CA VAL E 178 61.67 39.70 26.04
C VAL E 178 61.64 39.78 24.51
N LEU E 179 60.47 40.04 23.92
CA LEU E 179 60.34 40.23 22.48
C LEU E 179 60.58 41.70 22.15
N GLN E 180 61.67 41.97 21.44
CA GLN E 180 61.99 43.34 21.04
C GLN E 180 61.22 43.74 19.80
N SER E 181 61.17 45.05 19.55
CA SER E 181 60.52 45.55 18.34
C SER E 181 61.22 45.09 17.08
N SER E 182 62.47 44.65 17.18
CA SER E 182 63.21 44.15 16.03
C SER E 182 62.88 42.70 15.71
N GLY E 183 62.09 42.03 16.54
CA GLY E 183 61.76 40.63 16.34
C GLY E 183 62.70 39.64 16.98
N LEU E 184 63.79 40.10 17.59
CA LEU E 184 64.73 39.22 18.25
C LEU E 184 64.44 39.13 19.74
N TYR E 185 64.80 37.99 20.35
CA TYR E 185 64.56 37.76 21.78
C TYR E 185 65.86 38.05 22.53
N SER E 186 65.85 38.06 23.85
CA SER E 186 67.00 38.22 24.73
C SER E 186 66.56 37.91 26.16
N LEU E 187 67.19 36.93 26.81
CA LEU E 187 66.83 36.47 28.17
C LEU E 187 68.10 36.39 29.04
N SER E 188 68.07 36.80 30.31
CA SER E 188 69.17 36.82 31.26
C SER E 188 68.88 35.86 32.40
N SER E 189 69.90 35.14 32.83
CA SER E 189 69.79 34.18 33.92
C SER E 189 70.70 34.63 35.07
N VAL E 190 70.19 34.51 36.30
CA VAL E 190 70.92 34.93 37.49
C VAL E 190 71.02 33.76 38.46
N VAL E 191 72.15 33.70 39.16
CA VAL E 191 72.42 32.65 40.13
C VAL E 191 72.81 33.30 41.45
N THR E 192 72.34 32.71 42.55
CA THR E 192 72.62 33.20 43.89
C THR E 192 73.64 32.29 44.55
N VAL E 193 74.73 32.87 45.03
CA VAL E 193 75.79 32.12 45.71
C VAL E 193 76.26 32.92 46.91
N PRO E 194 76.88 32.24 47.87
CA PRO E 194 77.37 32.94 49.07
C PRO E 194 78.40 34.01 48.70
N SER E 195 78.34 35.14 49.41
CA SER E 195 79.29 36.21 49.16
C SER E 195 80.71 35.80 49.52
N SER E 196 80.88 35.05 50.60
CA SER E 196 82.20 34.59 51.01
C SER E 196 82.75 33.48 50.13
N SER E 197 81.91 32.86 49.31
CA SER E 197 82.35 31.80 48.39
C SER E 197 82.77 32.35 47.04
N LEU E 198 82.68 33.67 46.83
CA LEU E 198 83.07 34.32 45.57
C LEU E 198 84.52 33.94 45.21
N GLY E 199 84.79 33.49 43.98
CA GLY E 199 86.10 33.07 43.51
C GLY E 199 86.41 31.61 43.73
N THR E 200 85.91 31.02 44.82
CA THR E 200 86.15 29.61 45.11
C THR E 200 85.22 28.68 44.34
N GLN E 201 84.05 29.15 43.94
CA GLN E 201 83.09 28.36 43.17
C GLN E 201 83.11 28.81 41.72
N THR E 202 83.34 27.86 40.81
CA THR E 202 83.45 28.16 39.38
C THR E 202 82.05 28.32 38.79
N TYR E 203 81.83 29.44 38.08
CA TYR E 203 80.52 29.76 37.45
C TYR E 203 80.74 29.81 35.94
N ILE E 204 80.08 28.95 35.14
CA ILE E 204 80.12 28.94 33.69
C ILE E 204 78.68 28.88 33.20
N CYS E 205 78.29 29.67 32.17
CA CYS E 205 76.92 29.76 31.62
C CYS E 205 76.89 29.16 30.20
N ASN E 206 76.42 27.91 30.07
CA ASN E 206 76.35 27.22 28.76
C ASN E 206 75.07 27.67 28.05
N VAL E 207 75.15 28.20 26.83
CA VAL E 207 74.04 28.58 25.96
C VAL E 207 74.04 27.64 24.77
N ASN E 208 73.03 26.77 24.70
CA ASN E 208 72.90 25.80 23.62
C ASN E 208 71.75 26.22 22.72
N HIS E 209 72.04 26.45 21.45
CA HIS E 209 71.07 26.95 20.48
C HIS E 209 70.95 25.94 19.33
N LYS E 210 69.94 25.08 19.40
CA LYS E 210 69.72 24.10 18.34
C LYS E 210 69.53 24.75 16.97
N PRO E 211 68.67 25.76 16.75
CA PRO E 211 68.47 26.24 15.38
C PRO E 211 69.72 26.91 14.79
N SER E 212 70.74 27.30 15.56
CA SER E 212 72.02 27.82 15.02
C SER E 212 73.21 26.99 15.53
N ASN E 213 72.98 25.83 16.18
CA ASN E 213 74.08 24.99 16.74
C ASN E 213 75.12 25.89 17.43
N THR E 214 74.71 26.88 18.26
CA THR E 214 75.62 27.79 18.94
C THR E 214 75.70 27.36 20.41
N LYS E 215 76.60 26.43 20.69
CA LYS E 215 76.82 25.92 22.04
C LYS E 215 78.07 26.61 22.60
N VAL E 216 77.85 27.75 23.26
CA VAL E 216 78.94 28.54 23.81
C VAL E 216 78.84 28.53 25.33
N ASP E 217 79.98 28.76 25.97
CA ASP E 217 80.06 28.81 27.43
C ASP E 217 80.88 30.02 27.84
N LYS E 218 80.51 30.74 28.92
CA LYS E 218 81.21 32.00 29.35
C LYS E 218 81.35 32.09 30.87
N LYS E 219 82.56 32.32 31.38
CA LYS E 219 82.82 32.34 32.85
C LYS E 219 82.34 33.68 33.42
N VAL E 220 81.66 33.72 34.58
CA VAL E 220 81.27 34.98 35.26
C VAL E 220 82.13 35.15 36.51
N GLU E 221 83.12 36.05 36.52
CA GLU E 221 83.97 36.32 37.67
C GLU E 221 83.98 37.81 37.95
N PRO E 222 84.16 38.20 39.21
CA PRO E 222 84.21 39.63 39.53
C PRO E 222 85.35 40.32 38.81
N LYS E 223 85.09 41.54 38.33
CA LYS E 223 86.06 42.34 37.60
C LYS E 223 86.14 43.75 38.15
N SER E 224 86.79 43.92 39.31
CA SER E 224 86.99 45.21 39.94
C SER E 224 85.59 45.84 39.85
N CYS E 225 85.49 47.04 39.34
CA CYS E 225 84.22 47.72 39.20
C CYS E 225 83.83 48.10 37.77
N GLN F 1 -44.98 10.48 14.36
CA GLN F 1 -45.01 10.29 12.87
C GLN F 1 -46.01 9.21 12.42
N ALA F 2 -46.22 8.08 13.12
CA ALA F 2 -47.08 7.04 12.57
C ALA F 2 -47.74 6.28 13.72
N VAL F 3 -48.46 5.21 13.38
CA VAL F 3 -49.13 4.38 14.37
C VAL F 3 -49.46 3.06 13.70
N VAL F 4 -49.66 2.02 14.52
CA VAL F 4 -49.94 0.67 14.04
C VAL F 4 -51.29 0.24 14.58
N THR F 5 -52.13 -0.32 13.72
CA THR F 5 -53.51 -0.65 14.05
C THR F 5 -53.74 -2.15 13.94
N GLN F 6 -54.67 -2.65 14.75
CA GLN F 6 -54.96 -4.07 14.85
C GLN F 6 -56.44 -4.26 15.17
N PRO F 7 -57.08 -5.28 14.60
CA PRO F 7 -58.50 -5.51 14.89
C PRO F 7 -58.70 -5.85 16.36
N PRO F 8 -59.70 -5.23 17.01
CA PRO F 8 -59.86 -5.43 18.46
C PRO F 8 -60.09 -6.88 18.86
N SER F 9 -60.80 -7.66 18.04
CA SER F 9 -61.12 -9.03 18.42
C SER F 9 -61.36 -9.87 17.17
N VAL F 10 -61.26 -11.19 17.36
CA VAL F 10 -61.46 -12.15 16.29
C VAL F 10 -61.99 -13.43 16.91
N SER F 11 -62.86 -14.12 16.16
CA SER F 11 -63.47 -15.36 16.63
C SER F 11 -63.29 -16.45 15.59
N GLY F 12 -63.50 -17.69 16.02
CA GLY F 12 -63.37 -18.82 15.12
C GLY F 12 -63.86 -20.09 15.78
N ALA F 13 -63.99 -21.13 14.96
CA ALA F 13 -64.43 -22.44 15.42
C ALA F 13 -63.27 -23.44 15.37
N PRO F 14 -63.27 -24.44 16.25
CA PRO F 14 -62.15 -25.39 16.29
C PRO F 14 -61.94 -26.05 14.94
N GLY F 15 -60.67 -26.19 14.55
CA GLY F 15 -60.30 -26.76 13.28
C GLY F 15 -60.29 -25.81 12.11
N GLN F 16 -60.85 -24.61 12.26
CA GLN F 16 -60.93 -23.65 11.17
C GLN F 16 -59.64 -22.84 11.08
N ARG F 17 -59.67 -21.81 10.25
CA ARG F 17 -58.52 -20.96 9.99
C ARG F 17 -58.91 -19.50 10.21
N VAL F 18 -58.15 -18.81 11.05
CA VAL F 18 -58.40 -17.40 11.35
C VAL F 18 -57.21 -16.58 10.85
N ILE F 19 -57.47 -15.29 10.63
CA ILE F 19 -56.47 -14.36 10.11
C ILE F 19 -56.46 -13.12 10.99
N ILE F 20 -55.27 -12.70 11.41
CA ILE F 20 -55.08 -11.47 12.17
C ILE F 20 -54.21 -10.54 11.34
N SER F 21 -54.62 -9.27 11.26
CA SER F 21 -53.98 -8.30 10.38
C SER F 21 -53.33 -7.17 11.18
N CYS F 22 -52.27 -6.62 10.62
CA CYS F 22 -51.54 -5.49 11.21
C CYS F 22 -51.30 -4.48 10.10
N THR F 23 -51.80 -3.27 10.28
CA THR F 23 -51.73 -2.22 9.27
C THR F 23 -50.85 -1.08 9.75
N GLY F 24 -49.82 -0.76 8.97
CA GLY F 24 -48.90 0.29 9.28
C GLY F 24 -49.05 1.50 8.38
N SER F 25 -48.04 2.37 8.38
CA SER F 25 -48.06 3.58 7.54
C SER F 25 -46.68 3.69 6.90
N GLY F 26 -46.33 4.79 6.25
CA GLY F 26 -45.10 5.00 5.52
C GLY F 26 -43.87 5.16 6.39
N SER F 27 -44.04 5.26 7.71
CA SER F 27 -42.92 5.42 8.62
C SER F 27 -42.52 4.14 9.34
N ASN F 28 -43.37 3.11 9.32
CA ASN F 28 -43.07 1.85 9.98
C ASN F 28 -42.85 0.72 8.98
N LEU F 29 -43.84 0.44 8.15
CA LEU F 29 -43.77 -0.66 7.19
C LEU F 29 -43.47 -0.20 5.77
N GLY F 30 -43.80 1.05 5.44
CA GLY F 30 -43.33 1.63 4.20
C GLY F 30 -41.87 2.03 4.23
N ALA F 31 -41.25 2.05 5.40
CA ALA F 31 -39.84 2.37 5.55
C ALA F 31 -39.01 1.09 5.68
N ASP F 32 -39.52 -0.03 5.19
CA ASP F 32 -38.79 -1.31 5.18
C ASP F 32 -38.36 -1.82 6.56
N TYR F 33 -39.21 -1.64 7.60
CA TYR F 33 -38.96 -2.21 8.97
C TYR F 33 -39.87 -3.43 9.16
N GLY F 34 -39.35 -4.57 9.60
CA GLY F 34 -40.05 -5.83 9.72
C GLY F 34 -41.13 -5.82 10.79
N VAL F 35 -41.98 -6.86 10.80
CA VAL F 35 -43.13 -6.98 11.74
C VAL F 35 -42.84 -8.24 12.54
N HIS F 36 -43.19 -8.27 13.82
CA HIS F 36 -42.98 -9.36 14.75
C HIS F 36 -44.20 -9.56 15.64
N TRP F 37 -44.49 -10.83 15.94
CA TRP F 37 -45.70 -11.20 16.67
C TRP F 37 -45.41 -11.80 18.04
N TYR F 38 -46.25 -11.49 19.02
CA TYR F 38 -46.14 -12.02 20.37
C TYR F 38 -47.47 -12.57 20.83
N GLN F 39 -47.43 -13.66 21.58
CA GLN F 39 -48.61 -14.29 22.15
C GLN F 39 -48.55 -14.19 23.66
N GLN F 40 -49.65 -13.78 24.28
CA GLN F 40 -49.72 -13.62 25.73
C GLN F 40 -50.92 -14.36 26.28
N LEU F 41 -50.69 -15.15 27.33
CA LEU F 41 -51.75 -16.01 27.90
C LEU F 41 -52.35 -15.16 29.04
N PRO F 42 -53.48 -15.55 29.69
CA PRO F 42 -54.21 -14.69 30.63
C PRO F 42 -53.37 -14.16 31.78
N GLY F 43 -52.37 -14.91 32.24
CA GLY F 43 -51.60 -14.47 33.40
C GLY F 43 -50.10 -14.56 33.25
N THR F 44 -49.63 -14.86 32.05
CA THR F 44 -48.20 -15.03 31.79
C THR F 44 -47.64 -13.77 31.13
N ALA F 45 -46.39 -13.84 30.71
CA ALA F 45 -45.71 -12.77 30.02
C ALA F 45 -45.67 -13.04 28.52
N PRO F 46 -45.46 -12.01 27.71
CA PRO F 46 -45.44 -12.21 26.26
C PRO F 46 -44.31 -13.15 25.84
N LYS F 47 -44.57 -13.90 24.76
CA LYS F 47 -43.58 -14.80 24.19
C LYS F 47 -43.59 -14.67 22.68
N LEU F 48 -42.42 -14.86 22.07
CA LEU F 48 -42.25 -14.60 20.65
C LEU F 48 -42.85 -15.72 19.81
N LEU F 49 -43.71 -15.35 18.86
CA LEU F 49 -44.29 -16.29 17.90
C LEU F 49 -43.68 -16.25 16.51
N ILE F 50 -43.40 -15.07 15.98
CA ILE F 50 -42.90 -14.90 14.62
C ILE F 50 -41.98 -13.68 14.66
N TYR F 51 -40.81 -13.81 14.02
CA TYR F 51 -39.90 -12.69 13.83
C TYR F 51 -39.50 -12.66 12.37
N GLY F 52 -38.92 -11.57 11.93
CA GLY F 52 -38.58 -11.43 10.53
C GLY F 52 -39.72 -11.55 9.55
N ASP F 53 -40.95 -11.19 9.96
CA ASP F 53 -42.19 -11.31 9.14
C ASP F 53 -42.57 -12.78 9.03
N ARG F 54 -41.68 -13.74 8.70
CA ARG F 54 -42.08 -15.17 8.47
C ARG F 54 -41.39 -16.19 9.38
N ASN F 55 -40.27 -15.87 10.03
CA ASN F 55 -39.48 -16.87 10.81
C ASN F 55 -40.23 -17.35 12.05
N ARG F 56 -40.06 -18.59 12.51
CA ARG F 56 -40.68 -19.22 13.70
C ARG F 56 -39.56 -19.71 14.62
N PRO F 57 -39.50 -19.33 15.93
CA PRO F 57 -38.51 -19.90 16.84
C PRO F 57 -38.76 -21.38 17.13
N SER F 58 -37.85 -22.04 17.82
CA SER F 58 -37.99 -23.46 18.12
C SER F 58 -38.97 -23.63 19.28
N GLY F 59 -40.11 -24.26 19.00
CA GLY F 59 -41.15 -24.45 19.98
C GLY F 59 -42.53 -24.01 19.53
N VAL F 60 -42.64 -23.36 18.39
CA VAL F 60 -43.93 -22.87 17.86
C VAL F 60 -44.37 -24.07 17.02
N PRO F 61 -45.64 -24.58 17.10
CA PRO F 61 -46.02 -25.91 16.54
C PRO F 61 -46.15 -25.98 15.01
N ASP F 62 -45.62 -24.98 14.28
CA ASP F 62 -45.65 -24.85 12.80
C ASP F 62 -47.05 -24.52 12.27
N ARG F 63 -48.00 -24.14 13.12
CA ARG F 63 -49.38 -23.91 12.72
C ARG F 63 -49.53 -22.42 12.55
N PHE F 64 -48.53 -21.65 12.97
CA PHE F 64 -48.53 -20.20 12.83
C PHE F 64 -47.61 -19.79 11.68
N SER F 65 -48.10 -18.89 10.84
CA SER F 65 -47.29 -18.38 9.73
C SER F 65 -47.74 -16.95 9.43
N GLY F 66 -46.77 -16.11 9.07
CA GLY F 66 -47.05 -14.73 8.77
C GLY F 66 -46.39 -14.30 7.49
N SER F 67 -46.90 -13.20 6.93
CA SER F 67 -46.34 -12.62 5.72
C SER F 67 -46.54 -11.10 5.78
N LYS F 68 -45.68 -10.38 5.07
CA LYS F 68 -45.74 -8.93 5.01
C LYS F 68 -45.61 -8.47 3.56
N SER F 69 -46.27 -7.36 3.25
CA SER F 69 -46.19 -6.77 1.92
C SER F 69 -46.71 -5.34 2.01
N GLY F 70 -45.90 -4.40 1.54
CA GLY F 70 -46.28 -3.00 1.63
C GLY F 70 -46.42 -2.58 3.09
N THR F 71 -47.56 -1.96 3.41
CA THR F 71 -47.85 -1.52 4.77
C THR F 71 -48.88 -2.41 5.45
N SER F 72 -48.83 -3.72 5.18
CA SER F 72 -49.77 -4.66 5.79
C SER F 72 -49.04 -5.94 6.14
N ALA F 73 -49.48 -6.57 7.23
CA ALA F 73 -48.95 -7.86 7.64
C ALA F 73 -50.09 -8.67 8.26
N SER F 74 -49.95 -9.99 8.19
CA SER F 74 -51.00 -10.89 8.65
C SER F 74 -50.41 -12.08 9.37
N LEU F 75 -51.15 -12.59 10.34
CA LEU F 75 -50.82 -13.82 11.04
C LEU F 75 -51.94 -14.82 10.81
N ALA F 76 -51.59 -16.00 10.32
CA ALA F 76 -52.56 -17.03 9.96
C ALA F 76 -52.38 -18.24 10.86
N ILE F 77 -53.48 -18.72 11.43
CA ILE F 77 -53.49 -19.90 12.29
C ILE F 77 -54.42 -20.93 11.67
N THR F 78 -53.90 -22.12 11.41
CA THR F 78 -54.67 -23.21 10.84
C THR F 78 -54.79 -24.35 11.85
N GLY F 79 -55.99 -24.92 11.94
CA GLY F 79 -56.23 -25.98 12.90
C GLY F 79 -56.47 -25.44 14.29
N LEU F 80 -57.38 -24.48 14.41
CA LEU F 80 -57.61 -23.79 15.67
C LEU F 80 -57.91 -24.78 16.79
N GLN F 81 -57.24 -24.60 17.91
CA GLN F 81 -57.41 -25.45 19.09
C GLN F 81 -57.93 -24.60 20.25
N ALA F 82 -58.21 -25.26 21.38
CA ALA F 82 -58.74 -24.59 22.55
C ALA F 82 -57.67 -23.90 23.37
N GLU F 83 -56.39 -24.16 23.10
CA GLU F 83 -55.29 -23.52 23.81
C GLU F 83 -54.82 -22.24 23.13
N ASP F 84 -55.45 -21.85 22.03
CA ASP F 84 -55.05 -20.66 21.28
C ASP F 84 -55.74 -19.39 21.76
N GLU F 85 -56.59 -19.47 22.79
CA GLU F 85 -57.23 -18.29 23.35
C GLU F 85 -56.19 -17.45 24.08
N ALA F 86 -55.69 -16.41 23.41
CA ALA F 86 -54.59 -15.58 23.94
C ALA F 86 -54.62 -14.25 23.21
N ASP F 87 -53.94 -13.22 23.72
CA ASP F 87 -53.79 -11.94 23.05
C ASP F 87 -52.57 -11.98 22.15
N TYR F 88 -52.70 -11.39 20.96
CA TYR F 88 -51.65 -11.39 19.96
C TYR F 88 -51.28 -9.96 19.61
N TYR F 89 -49.99 -9.70 19.49
CA TYR F 89 -49.47 -8.35 19.26
C TYR F 89 -48.56 -8.40 18.05
N CYS F 90 -48.52 -7.27 17.33
CA CYS F 90 -47.53 -7.03 16.29
C CYS F 90 -46.75 -5.79 16.70
N GLN F 91 -45.41 -5.83 16.47
CA GLN F 91 -44.51 -4.73 16.88
C GLN F 91 -43.53 -4.49 15.73
N SER F 92 -43.12 -3.24 15.48
CA SER F 92 -42.18 -2.86 14.44
C SER F 92 -41.33 -1.72 14.98
N TYR F 93 -40.65 -1.00 14.09
CA TYR F 93 -39.83 0.15 14.45
C TYR F 93 -40.28 1.36 13.65
N ASP F 94 -40.30 2.53 14.27
CA ASP F 94 -40.78 3.78 13.65
C ASP F 94 -39.58 4.70 13.58
N ARG F 95 -39.59 5.62 12.63
CA ARG F 95 -38.52 6.59 12.47
C ARG F 95 -38.46 7.57 13.65
N SER F 96 -39.62 8.06 14.09
CA SER F 96 -39.67 9.03 15.18
C SER F 96 -39.98 8.40 16.53
N LEU F 97 -40.92 7.46 16.58
CA LEU F 97 -41.43 6.85 17.86
C LEU F 97 -40.63 5.63 18.28
N ASN F 98 -39.62 5.22 17.51
CA ASN F 98 -38.81 4.01 17.78
C ASN F 98 -39.70 2.77 17.94
N TRP F 99 -39.50 1.90 18.93
CA TRP F 99 -40.19 0.62 19.03
C TRP F 99 -41.67 0.86 19.29
N VAL F 100 -42.53 0.30 18.45
CA VAL F 100 -43.97 0.52 18.54
C VAL F 100 -44.69 -0.82 18.58
N PHE F 101 -45.85 -0.86 19.27
CA PHE F 101 -46.63 -2.10 19.47
C PHE F 101 -48.06 -1.90 18.96
N GLY F 102 -48.69 -2.92 18.38
CA GLY F 102 -50.07 -2.89 17.96
C GLY F 102 -51.02 -2.85 19.14
N GLY F 103 -52.29 -2.59 18.82
CA GLY F 103 -53.28 -2.49 19.88
C GLY F 103 -53.58 -3.80 20.59
N GLY F 104 -53.40 -4.92 19.89
CA GLY F 104 -53.67 -6.22 20.47
C GLY F 104 -54.99 -6.82 20.02
N THR F 105 -55.01 -8.12 19.62
CA THR F 105 -56.20 -8.88 19.13
C THR F 105 -56.42 -10.16 19.96
N LYS F 106 -57.53 -10.28 20.70
CA LYS F 106 -57.80 -11.46 21.50
C LYS F 106 -58.60 -12.47 20.68
N LEU F 107 -58.02 -13.68 20.57
CA LEU F 107 -58.62 -14.79 19.80
C LEU F 107 -59.63 -15.52 20.69
N THR F 108 -60.81 -15.84 20.18
CA THR F 108 -61.81 -16.64 20.87
C THR F 108 -62.18 -17.84 20.02
N VAL F 109 -62.30 -19.01 20.65
CA VAL F 109 -62.70 -20.24 19.98
C VAL F 109 -64.08 -20.63 20.48
N LEU F 110 -64.99 -20.89 19.54
CA LEU F 110 -66.38 -21.20 19.87
C LEU F 110 -66.55 -22.69 20.11
N GLY F 111 -67.60 -23.04 20.84
CA GLY F 111 -67.91 -24.43 21.12
C GLY F 111 -68.42 -24.67 22.52
N GLN F 112 -68.46 -23.62 23.34
CA GLN F 112 -68.96 -23.76 24.70
C GLN F 112 -70.46 -23.55 24.74
N PRO F 113 -71.24 -24.50 25.25
CA PRO F 113 -72.70 -24.34 25.27
C PRO F 113 -73.10 -23.12 26.10
N LYS F 114 -74.16 -22.45 25.64
CA LYS F 114 -74.69 -21.31 26.37
C LYS F 114 -75.34 -21.77 27.67
N ALA F 115 -75.12 -21.04 28.77
CA ALA F 115 -75.78 -21.36 30.05
C ALA F 115 -76.34 -20.08 30.67
N ALA F 116 -77.60 -20.11 31.11
CA ALA F 116 -78.26 -18.97 31.71
C ALA F 116 -77.56 -18.58 33.01
N PRO F 117 -77.44 -17.26 33.30
CA PRO F 117 -76.71 -16.82 34.45
C PRO F 117 -77.53 -17.11 35.70
N SER F 118 -76.87 -17.29 36.84
CA SER F 118 -77.53 -17.42 38.12
C SER F 118 -77.30 -16.15 38.94
N VAL F 119 -78.36 -15.64 39.55
CA VAL F 119 -78.32 -14.39 40.30
C VAL F 119 -78.71 -14.67 41.74
N THR F 120 -77.88 -14.20 42.67
CA THR F 120 -78.15 -14.30 44.10
C THR F 120 -78.13 -12.90 44.70
N LEU F 121 -79.22 -12.54 45.38
CA LEU F 121 -79.41 -11.19 45.90
C LEU F 121 -79.40 -11.25 47.43
N PHE F 122 -78.21 -11.15 48.02
CA PHE F 122 -78.12 -11.03 49.46
C PHE F 122 -78.69 -9.70 49.92
N PRO F 123 -79.43 -9.68 51.03
CA PRO F 123 -79.97 -8.42 51.53
C PRO F 123 -79.01 -7.74 52.48
N PRO F 124 -79.31 -6.50 52.93
CA PRO F 124 -78.51 -5.82 53.94
C PRO F 124 -78.36 -6.67 55.20
N SER F 125 -77.17 -6.67 55.82
CA SER F 125 -76.88 -7.44 57.01
C SER F 125 -77.34 -6.69 58.26
N SER F 126 -77.75 -7.45 59.27
CA SER F 126 -78.16 -6.84 60.53
C SER F 126 -77.01 -6.04 61.15
N GLU F 127 -75.81 -6.62 61.15
CA GLU F 127 -74.64 -5.87 61.62
C GLU F 127 -74.36 -4.68 60.72
N GLU F 128 -74.52 -4.86 59.40
CA GLU F 128 -74.32 -3.75 58.48
C GLU F 128 -75.26 -2.59 58.79
N LEU F 129 -76.48 -2.89 59.19
CA LEU F 129 -77.45 -1.84 59.53
C LEU F 129 -76.95 -0.99 60.70
N GLN F 130 -76.33 -1.64 61.69
CA GLN F 130 -75.88 -0.92 62.88
C GLN F 130 -74.89 0.18 62.55
N ALA F 131 -74.22 0.11 61.40
CA ALA F 131 -73.23 1.10 60.99
C ALA F 131 -73.85 2.29 60.27
N ASN F 132 -75.14 2.55 60.51
CA ASN F 132 -75.87 3.67 59.89
C ASN F 132 -75.62 3.74 58.38
N LYS F 133 -75.33 2.60 57.77
CA LYS F 133 -75.15 2.52 56.33
C LYS F 133 -75.22 1.06 55.92
N ALA F 134 -75.92 0.82 54.81
CA ALA F 134 -76.12 -0.55 54.33
C ALA F 134 -76.02 -0.58 52.82
N THR F 135 -75.45 -1.69 52.29
CA THR F 135 -75.22 -1.89 50.83
C THR F 135 -75.78 -3.26 50.47
N LEU F 136 -76.55 -3.39 49.38
CA LEU F 136 -77.12 -4.65 48.93
C LEU F 136 -76.11 -5.39 48.07
N VAL F 137 -75.93 -6.68 48.37
CA VAL F 137 -74.96 -7.52 47.67
C VAL F 137 -75.69 -8.34 46.63
N CYS F 138 -75.26 -8.22 45.37
CA CYS F 138 -75.81 -8.98 44.26
C CYS F 138 -74.67 -9.70 43.55
N LEU F 139 -74.84 -11.00 43.32
CA LEU F 139 -73.76 -11.83 42.78
C LEU F 139 -74.25 -12.48 41.50
N ILE F 140 -73.36 -12.64 40.52
CA ILE F 140 -73.62 -13.32 39.27
C ILE F 140 -72.47 -14.29 39.02
N SER F 141 -72.79 -15.53 38.65
CA SER F 141 -71.76 -16.53 38.41
C SER F 141 -72.28 -17.56 37.42
N ASP F 142 -71.38 -18.36 36.85
CA ASP F 142 -71.80 -19.47 35.96
C ASP F 142 -72.54 -18.92 34.74
N PHE F 143 -71.91 -18.05 33.92
CA PHE F 143 -72.48 -17.64 32.65
C PHE F 143 -71.38 -17.61 31.60
N TYR F 144 -71.63 -18.27 30.46
CA TYR F 144 -70.56 -18.42 29.46
C TYR F 144 -70.19 -17.14 28.72
N PRO F 145 -71.00 -16.51 27.84
CA PRO F 145 -70.57 -15.27 27.20
C PRO F 145 -70.39 -14.27 28.35
N GLY F 146 -69.23 -13.65 28.51
CA GLY F 146 -68.80 -12.72 29.53
C GLY F 146 -69.32 -11.31 29.33
N ALA F 147 -70.64 -11.19 29.16
CA ALA F 147 -71.29 -9.89 28.99
C ALA F 147 -72.66 -9.96 29.65
N VAL F 148 -72.76 -9.41 30.86
CA VAL F 148 -74.01 -9.36 31.60
C VAL F 148 -74.22 -7.94 32.09
N THR F 149 -75.42 -7.37 31.84
CA THR F 149 -75.77 -5.96 32.18
C THR F 149 -76.65 -5.93 33.44
N VAL F 150 -76.17 -5.35 34.53
CA VAL F 150 -76.82 -5.32 35.84
C VAL F 150 -77.41 -3.93 36.04
N ALA F 151 -78.71 -3.87 36.29
CA ALA F 151 -79.41 -2.62 36.60
C ALA F 151 -80.18 -2.81 37.89
N TRP F 152 -79.91 -1.93 38.86
CA TRP F 152 -80.57 -2.00 40.17
C TRP F 152 -81.92 -1.29 40.07
N LYS F 153 -83.00 -2.05 40.27
CA LYS F 153 -84.36 -1.54 40.18
C LYS F 153 -84.96 -1.49 41.57
N ALA F 154 -85.16 -0.28 42.08
CA ALA F 154 -85.74 -0.08 43.41
C ALA F 154 -87.18 0.39 43.24
N ASP F 155 -88.14 -0.34 43.84
CA ASP F 155 -89.59 -0.03 43.71
C ASP F 155 -89.91 0.05 42.20
N SER F 156 -90.35 1.21 41.68
CA SER F 156 -90.72 1.40 40.26
C SER F 156 -89.79 2.42 39.57
N SER F 157 -88.60 2.77 40.13
CA SER F 157 -87.71 3.67 39.44
C SER F 157 -86.29 3.12 39.49
N PRO F 158 -85.61 2.96 38.36
CA PRO F 158 -84.23 2.46 38.38
C PRO F 158 -83.32 3.35 39.20
N VAL F 159 -82.43 2.73 40.01
CA VAL F 159 -81.47 3.46 40.89
C VAL F 159 -80.08 3.28 40.28
N ASN F 160 -79.35 4.38 40.01
CA ASN F 160 -78.04 4.40 39.39
C ASN F 160 -76.92 4.86 40.31
N ALA F 161 -77.21 5.75 41.24
CA ALA F 161 -76.18 6.23 42.16
C ALA F 161 -75.74 5.12 43.10
N GLY F 162 -74.45 5.07 43.38
CA GLY F 162 -73.92 4.06 44.27
C GLY F 162 -73.92 2.65 43.73
N VAL F 163 -73.91 2.49 42.41
CA VAL F 163 -73.92 1.17 41.78
C VAL F 163 -72.52 0.88 41.26
N GLU F 164 -71.87 -0.12 41.85
CA GLU F 164 -70.53 -0.54 41.46
C GLU F 164 -70.60 -1.97 40.97
N THR F 165 -70.20 -2.18 39.71
CA THR F 165 -70.26 -3.49 39.08
C THR F 165 -68.88 -3.86 38.56
N THR F 166 -68.44 -5.08 38.87
CA THR F 166 -67.16 -5.58 38.40
C THR F 166 -67.32 -6.24 37.03
N LYS F 167 -66.19 -6.39 36.35
CA LYS F 167 -66.18 -7.02 35.03
C LYS F 167 -66.17 -8.54 35.17
N PRO F 168 -66.66 -9.25 34.16
CA PRO F 168 -66.64 -10.72 34.21
C PRO F 168 -65.21 -11.23 34.27
N SER F 169 -65.03 -12.35 34.99
CA SER F 169 -63.72 -12.96 35.16
C SER F 169 -63.83 -14.46 34.91
N LYS F 170 -62.88 -14.99 34.12
CA LYS F 170 -62.82 -16.43 33.79
C LYS F 170 -62.55 -17.22 35.07
N GLN F 171 -63.31 -18.28 35.35
CA GLN F 171 -63.14 -19.14 36.51
C GLN F 171 -62.35 -20.38 36.13
N SER F 172 -62.14 -21.26 37.12
CA SER F 172 -61.40 -22.49 36.88
C SER F 172 -62.21 -23.51 36.08
N ASN F 173 -63.54 -23.38 36.04
CA ASN F 173 -64.44 -24.33 35.32
C ASN F 173 -64.86 -23.70 33.98
N ASN F 174 -64.06 -22.72 33.53
CA ASN F 174 -64.31 -22.00 32.27
C ASN F 174 -65.63 -21.26 32.38
N LYS F 175 -66.14 -20.84 33.53
CA LYS F 175 -67.40 -20.03 33.58
C LYS F 175 -67.09 -18.65 34.14
N TYR F 176 -67.74 -17.58 33.70
CA TYR F 176 -67.46 -16.23 34.16
C TYR F 176 -68.22 -15.92 35.44
N ALA F 177 -67.74 -14.92 36.20
CA ALA F 177 -68.33 -14.48 37.49
C ALA F 177 -68.39 -12.96 37.54
N ALA F 178 -69.40 -12.39 38.21
CA ALA F 178 -69.57 -10.95 38.33
C ALA F 178 -70.25 -10.65 39.66
N SER F 179 -70.22 -9.38 40.04
CA SER F 179 -70.85 -8.93 41.28
C SER F 179 -71.34 -7.49 41.08
N SER F 180 -72.35 -7.12 41.86
CA SER F 180 -72.93 -5.79 41.80
C SER F 180 -73.14 -5.27 43.22
N TYR F 181 -72.83 -3.99 43.42
CA TYR F 181 -72.98 -3.35 44.72
C TYR F 181 -73.79 -2.07 44.57
N LEU F 182 -74.78 -1.88 45.48
CA LEU F 182 -75.71 -0.71 45.51
C LEU F 182 -75.66 -0.06 46.91
N SER F 183 -75.08 1.13 47.08
CA SER F 183 -74.97 1.77 48.39
C SER F 183 -76.25 2.52 48.72
N LEU F 184 -76.78 2.26 49.93
CA LEU F 184 -78.06 2.84 50.39
C LEU F 184 -77.85 3.41 51.80
N THR F 185 -78.89 3.97 52.41
CA THR F 185 -78.90 4.45 53.78
C THR F 185 -79.93 3.68 54.60
N PRO F 186 -79.74 3.60 55.92
CA PRO F 186 -80.71 2.85 56.73
C PRO F 186 -82.13 3.36 56.58
N GLU F 187 -82.32 4.67 56.47
CA GLU F 187 -83.66 5.21 56.25
C GLU F 187 -84.20 4.80 54.88
N GLN F 188 -83.35 4.84 53.86
CA GLN F 188 -83.79 4.44 52.53
C GLN F 188 -84.13 2.94 52.49
N TRP F 189 -83.40 2.13 53.25
CA TRP F 189 -83.65 0.69 53.25
C TRP F 189 -85.07 0.39 53.73
N LYS F 190 -85.50 1.04 54.80
CA LYS F 190 -86.84 0.83 55.34
C LYS F 190 -87.88 1.77 54.76
N SER F 191 -87.50 2.78 53.98
CA SER F 191 -88.48 3.71 53.34
C SER F 191 -89.09 3.07 52.10
N HIS F 192 -88.46 2.04 51.53
CA HIS F 192 -88.88 1.43 50.25
C HIS F 192 -89.32 -0.03 50.50
N LYS F 193 -90.46 -0.47 49.96
CA LYS F 193 -90.99 -1.79 50.25
C LYS F 193 -90.03 -2.90 49.84
N SER F 194 -89.44 -2.80 48.65
CA SER F 194 -88.59 -3.86 48.14
C SER F 194 -87.61 -3.30 47.12
N TYR F 195 -86.54 -4.07 46.87
CA TYR F 195 -85.52 -3.70 45.88
C TYR F 195 -85.47 -4.87 44.91
N SER F 196 -84.85 -4.73 43.74
CA SER F 196 -84.64 -5.78 42.76
C SER F 196 -83.27 -5.61 42.12
N CYS F 197 -82.63 -6.73 41.79
CA CYS F 197 -81.35 -6.76 41.09
C CYS F 197 -81.51 -7.67 39.88
N GLN F 198 -81.92 -7.08 38.75
CA GLN F 198 -82.08 -7.83 37.48
C GLN F 198 -80.71 -7.99 36.83
N VAL F 199 -80.47 -9.12 36.15
CA VAL F 199 -79.22 -9.38 35.39
C VAL F 199 -79.62 -9.88 34.00
N THR F 200 -79.16 -9.23 32.94
CA THR F 200 -79.49 -9.54 31.56
C THR F 200 -78.33 -10.29 30.92
N HIS F 201 -78.62 -11.42 30.29
CA HIS F 201 -77.63 -12.27 29.64
C HIS F 201 -78.10 -12.56 28.22
N GLU F 202 -77.66 -11.74 27.27
CA GLU F 202 -78.00 -11.91 25.87
C GLU F 202 -79.51 -12.02 25.67
N GLY F 203 -80.26 -11.17 26.38
CA GLY F 203 -81.69 -11.17 26.28
C GLY F 203 -82.38 -11.83 27.47
N SER F 204 -81.82 -12.95 27.93
CA SER F 204 -82.38 -13.64 29.09
C SER F 204 -82.32 -12.75 30.32
N THR F 205 -83.42 -12.69 31.06
CA THR F 205 -83.52 -11.85 32.25
C THR F 205 -83.86 -12.71 33.46
N VAL F 206 -83.03 -12.62 34.49
CA VAL F 206 -83.29 -13.25 35.78
C VAL F 206 -82.94 -12.26 36.87
N GLU F 207 -83.89 -12.08 37.79
CA GLU F 207 -83.77 -11.04 38.83
C GLU F 207 -84.19 -11.62 40.18
N LYS F 208 -84.22 -10.79 41.21
CA LYS F 208 -84.67 -11.18 42.54
C LYS F 208 -85.14 -9.94 43.26
N THR F 209 -85.93 -10.15 44.31
CA THR F 209 -86.48 -9.06 45.11
C THR F 209 -86.16 -9.28 46.58
N VAL F 210 -85.94 -8.18 47.33
CA VAL F 210 -85.50 -8.26 48.76
C VAL F 210 -86.00 -7.02 49.54
N ALA F 211 -86.79 -7.20 50.60
CA ALA F 211 -87.33 -6.11 51.44
C ALA F 211 -86.56 -6.01 52.74
N PRO F 212 -86.83 -5.03 53.65
CA PRO F 212 -86.21 -4.94 54.98
C PRO F 212 -86.32 -6.25 55.75
N ALA F 213 -87.54 -6.77 55.92
CA ALA F 213 -87.77 -8.05 56.58
C ALA F 213 -88.61 -9.00 55.74
N GLU F 214 -89.73 -8.52 55.19
CA GLU F 214 -90.61 -9.29 54.32
C GLU F 214 -91.03 -10.62 54.95
N CYS F 215 -90.88 -10.75 56.26
CA CYS F 215 -91.25 -11.96 56.97
C CYS F 215 -92.52 -11.73 57.76
N SER F 216 -93.50 -12.60 57.56
CA SER F 216 -94.78 -12.49 58.24
C SER F 216 -95.17 -13.81 58.91
N GLN G 1 -29.55 -21.52 31.34
CA GLN G 1 -30.88 -21.02 30.90
C GLN G 1 -30.93 -19.51 31.19
N VAL G 2 -31.43 -18.68 30.25
CA VAL G 2 -31.41 -17.23 30.42
C VAL G 2 -32.56 -16.83 31.33
N GLN G 3 -32.26 -16.02 32.34
CA GLN G 3 -33.26 -15.58 33.31
C GLN G 3 -33.17 -14.08 33.52
N LEU G 4 -34.34 -13.39 33.52
CA LEU G 4 -34.44 -11.94 33.83
C LEU G 4 -35.44 -11.84 35.00
N VAL G 5 -35.01 -11.36 36.18
CA VAL G 5 -35.82 -11.30 37.40
C VAL G 5 -35.91 -9.83 37.82
N GLU G 6 -37.16 -9.32 37.80
CA GLU G 6 -37.45 -7.92 38.16
C GLU G 6 -37.79 -7.87 39.65
N SER G 7 -37.63 -6.71 40.29
CA SER G 7 -37.96 -6.53 41.70
C SER G 7 -38.04 -5.04 41.99
N GLY G 8 -38.60 -4.71 43.14
CA GLY G 8 -38.70 -3.34 43.60
C GLY G 8 -40.06 -2.69 43.44
N GLY G 9 -41.05 -3.40 42.94
CA GLY G 9 -42.37 -2.82 42.77
C GLY G 9 -43.11 -2.64 44.07
N GLY G 10 -44.01 -1.66 44.09
CA GLY G 10 -44.79 -1.38 45.27
C GLY G 10 -45.70 -0.20 45.04
N VAL G 11 -46.47 0.11 46.07
CA VAL G 11 -47.44 1.21 46.03
C VAL G 11 -46.73 2.51 46.36
N VAL G 12 -47.25 3.60 45.79
CA VAL G 12 -46.69 4.94 46.01
C VAL G 12 -47.76 5.97 45.69
N LYS G 13 -47.67 7.12 46.34
CA LYS G 13 -48.60 8.20 46.11
C LYS G 13 -48.19 9.03 44.90
N PRO G 14 -49.14 9.71 44.27
CA PRO G 14 -48.80 10.55 43.11
C PRO G 14 -47.75 11.59 43.49
N GLY G 15 -46.82 11.83 42.56
CA GLY G 15 -45.71 12.72 42.81
C GLY G 15 -44.56 12.10 43.56
N GLY G 16 -44.61 10.82 43.87
CA GLY G 16 -43.54 10.14 44.58
C GLY G 16 -42.45 9.65 43.65
N SER G 17 -41.61 8.79 44.19
CA SER G 17 -40.49 8.22 43.45
C SER G 17 -40.38 6.73 43.73
N LEU G 18 -39.79 6.01 42.78
CA LEU G 18 -39.61 4.57 42.92
C LEU G 18 -38.45 4.15 42.03
N ARG G 19 -37.90 2.98 42.32
CA ARG G 19 -36.76 2.45 41.59
C ARG G 19 -36.94 0.95 41.42
N VAL G 20 -36.94 0.49 40.18
CA VAL G 20 -37.10 -0.92 39.86
C VAL G 20 -35.76 -1.48 39.40
N SER G 21 -35.58 -2.79 39.55
CA SER G 21 -34.33 -3.45 39.21
C SER G 21 -34.63 -4.75 38.48
N CYS G 22 -33.65 -5.21 37.71
CA CYS G 22 -33.75 -6.46 36.97
C CYS G 22 -32.36 -7.08 36.93
N VAL G 23 -32.24 -8.32 37.43
CA VAL G 23 -30.97 -9.03 37.49
C VAL G 23 -31.03 -10.20 36.53
N VAL G 24 -30.02 -10.33 35.69
CA VAL G 24 -30.00 -11.33 34.62
C VAL G 24 -28.95 -12.38 34.95
N SER G 25 -29.05 -13.51 34.24
CA SER G 25 -28.04 -14.57 34.34
C SER G 25 -28.19 -15.48 33.13
N GLY G 26 -27.10 -16.15 32.78
CA GLY G 26 -27.08 -17.09 31.69
C GLY G 26 -26.54 -16.58 30.38
N PHE G 27 -26.14 -15.31 30.31
CA PHE G 27 -25.59 -14.74 29.09
C PHE G 27 -24.71 -13.56 29.46
N THR G 28 -23.94 -13.09 28.48
CA THR G 28 -23.03 -11.96 28.67
C THR G 28 -23.84 -10.67 28.69
N PHE G 29 -24.01 -10.10 29.88
CA PHE G 29 -24.86 -8.92 30.03
C PHE G 29 -24.34 -7.73 29.24
N SER G 30 -23.03 -7.67 28.99
CA SER G 30 -22.40 -6.49 28.43
C SER G 30 -22.34 -6.51 26.90
N SER G 31 -22.96 -7.49 26.26
CA SER G 31 -23.00 -7.56 24.80
C SER G 31 -24.33 -7.15 24.20
N TYR G 32 -25.29 -6.69 25.01
CA TYR G 32 -26.65 -6.53 24.55
C TYR G 32 -27.23 -5.19 24.97
N ARG G 33 -28.16 -4.69 24.15
CA ARG G 33 -29.05 -3.61 24.52
C ARG G 33 -30.19 -4.17 25.39
N MET G 34 -30.65 -3.34 26.32
CA MET G 34 -31.73 -3.72 27.21
C MET G 34 -32.86 -2.70 27.13
N HIS G 35 -34.05 -3.20 27.48
CA HIS G 35 -35.27 -2.42 27.29
C HIS G 35 -36.18 -2.49 28.51
N TRP G 36 -37.08 -1.52 28.67
CA TRP G 36 -38.15 -1.57 29.65
C TRP G 36 -39.48 -1.48 28.91
N VAL G 37 -40.41 -2.36 29.24
CA VAL G 37 -41.73 -2.39 28.63
C VAL G 37 -42.78 -2.53 29.73
N ARG G 38 -43.86 -1.78 29.62
CA ARG G 38 -44.91 -1.76 30.64
C ARG G 38 -46.26 -2.06 30.00
N GLN G 39 -47.17 -2.59 30.81
CA GLN G 39 -48.53 -2.91 30.37
C GLN G 39 -49.51 -2.51 31.46
N ALA G 40 -50.45 -1.61 31.10
CA ALA G 40 -51.47 -1.16 32.05
C ALA G 40 -52.39 -2.36 32.31
N PRO G 41 -53.11 -2.45 33.44
CA PRO G 41 -54.06 -3.55 33.71
C PRO G 41 -55.21 -3.53 32.71
N GLY G 42 -55.28 -4.59 31.90
CA GLY G 42 -56.29 -4.69 30.88
C GLY G 42 -56.00 -3.92 29.60
N LYS G 43 -54.78 -3.44 29.42
CA LYS G 43 -54.41 -2.63 28.27
C LYS G 43 -53.30 -3.33 27.48
N GLY G 44 -52.75 -2.63 26.49
CA GLY G 44 -51.73 -3.18 25.63
C GLY G 44 -50.31 -2.88 26.10
N LEU G 45 -49.36 -3.30 25.29
CA LEU G 45 -47.95 -3.15 25.60
C LEU G 45 -47.42 -1.79 25.13
N GLU G 46 -46.45 -1.27 25.86
CA GLU G 46 -45.86 0.03 25.53
C GLU G 46 -44.38 0.00 25.84
N TRP G 47 -43.55 0.31 24.85
CA TRP G 47 -42.12 0.44 25.07
C TRP G 47 -41.82 1.70 25.88
N VAL G 48 -40.87 1.58 26.82
CA VAL G 48 -40.53 2.66 27.75
C VAL G 48 -39.15 3.24 27.45
N SER G 49 -38.10 2.43 27.56
CA SER G 49 -36.75 2.96 27.46
C SER G 49 -35.79 1.84 27.06
N SER G 50 -34.68 2.25 26.46
CA SER G 50 -33.63 1.33 26.03
C SER G 50 -32.27 1.90 26.40
N ILE G 51 -31.27 1.02 26.45
CA ILE G 51 -29.90 1.42 26.79
C ILE G 51 -28.95 0.44 26.10
N THR G 52 -27.92 0.98 25.45
CA THR G 52 -26.97 0.15 24.73
C THR G 52 -26.00 -0.52 25.70
N ALA G 53 -25.14 -1.39 25.17
CA ALA G 53 -24.34 -2.26 26.01
C ALA G 53 -23.40 -1.48 26.92
N SER G 54 -22.99 -0.27 26.51
CA SER G 54 -22.06 0.53 27.29
C SER G 54 -22.60 1.91 27.63
N SER G 55 -23.93 2.06 27.68
CA SER G 55 -24.62 3.26 28.13
C SER G 55 -24.44 4.45 27.19
N SER G 56 -23.89 4.24 26.00
CA SER G 56 -23.59 5.36 25.11
C SER G 56 -24.84 6.04 24.56
N TYR G 57 -25.85 5.27 24.18
CA TYR G 57 -27.08 5.82 23.60
C TYR G 57 -28.27 5.38 24.44
N ILE G 58 -29.18 6.32 24.69
CA ILE G 58 -30.34 6.11 25.54
C ILE G 58 -31.55 6.74 24.87
N ASN G 59 -32.68 6.03 24.92
CA ASN G 59 -33.92 6.50 24.31
C ASN G 59 -35.06 6.38 25.31
N TYR G 60 -36.00 7.32 25.23
CA TYR G 60 -37.19 7.33 26.07
C TYR G 60 -38.42 7.53 25.21
N ALA G 61 -39.54 7.04 25.71
CA ALA G 61 -40.83 7.36 25.10
C ALA G 61 -41.21 8.81 25.41
N GLU G 62 -42.02 9.38 24.53
CA GLU G 62 -42.39 10.79 24.69
C GLU G 62 -43.23 11.04 25.92
N SER G 63 -43.86 10.00 26.49
CA SER G 63 -44.71 10.19 27.65
C SER G 63 -43.95 10.12 28.97
N VAL G 64 -42.67 9.76 28.95
CA VAL G 64 -41.88 9.64 30.17
C VAL G 64 -40.59 10.46 30.12
N LYS G 65 -40.38 11.24 29.05
CA LYS G 65 -39.15 12.05 28.88
C LYS G 65 -39.12 13.09 30.00
N GLY G 66 -37.99 13.23 30.71
CA GLY G 66 -37.83 14.19 31.77
C GLY G 66 -38.19 13.69 33.15
N ARG G 67 -38.75 12.49 33.26
CA ARG G 67 -39.14 11.93 34.55
C ARG G 67 -38.49 10.59 34.87
N PHE G 68 -38.22 9.76 33.88
CA PHE G 68 -37.61 8.45 34.08
C PHE G 68 -36.13 8.51 33.71
N THR G 69 -35.35 7.61 34.30
CA THR G 69 -33.91 7.55 34.06
C THR G 69 -33.47 6.10 34.07
N ILE G 70 -32.89 5.64 32.96
CA ILE G 70 -32.43 4.27 32.82
C ILE G 70 -30.93 4.23 33.05
N SER G 71 -30.47 3.14 33.67
CA SER G 71 -29.05 2.94 33.90
C SER G 71 -28.79 1.45 34.04
N ARG G 72 -27.51 1.08 33.96
CA ARG G 72 -27.10 -0.31 34.11
C ARG G 72 -25.77 -0.36 34.84
N ASP G 73 -25.46 -1.52 35.40
CA ASP G 73 -24.16 -1.80 36.00
C ASP G 73 -23.69 -3.14 35.49
N ASN G 74 -22.67 -3.13 34.64
CA ASN G 74 -22.27 -4.37 33.96
C ASN G 74 -21.59 -5.35 34.91
N ALA G 75 -20.98 -4.84 35.98
CA ALA G 75 -20.32 -5.73 36.93
C ALA G 75 -21.30 -6.62 37.69
N LYS G 76 -22.49 -6.08 38.01
CA LYS G 76 -23.52 -6.77 38.82
C LYS G 76 -24.63 -7.34 37.93
N ASN G 77 -24.54 -7.21 36.59
CA ASN G 77 -25.51 -7.79 35.66
C ASN G 77 -26.93 -7.28 35.93
N SER G 78 -27.04 -6.00 36.30
CA SER G 78 -28.33 -5.42 36.65
C SER G 78 -28.53 -4.08 35.95
N LEU G 79 -29.78 -3.79 35.62
CA LEU G 79 -30.17 -2.50 35.07
C LEU G 79 -31.29 -1.92 35.91
N TYR G 80 -31.44 -0.60 35.85
CA TYR G 80 -32.28 0.12 36.78
C TYR G 80 -33.19 1.08 36.02
N LEU G 81 -34.35 1.38 36.61
CA LEU G 81 -35.25 2.40 36.13
C LEU G 81 -35.69 3.24 37.32
N GLN G 82 -35.29 4.52 37.32
CA GLN G 82 -35.65 5.45 38.37
C GLN G 82 -36.85 6.27 37.93
N MET G 83 -37.96 6.12 38.62
CA MET G 83 -39.21 6.79 38.28
C MET G 83 -39.46 7.94 39.25
N ASN G 84 -39.71 9.13 38.72
CA ASN G 84 -39.91 10.32 39.52
C ASN G 84 -41.20 11.02 39.10
N SER G 85 -41.79 11.76 40.02
CA SER G 85 -43.02 12.51 39.78
C SER G 85 -44.09 11.61 39.18
N LEU G 86 -44.29 10.48 39.87
CA LEU G 86 -45.21 9.48 39.35
C LEU G 86 -46.59 10.09 39.11
N ARG G 87 -47.32 9.59 38.13
CA ARG G 87 -48.69 9.97 37.87
C ARG G 87 -49.60 8.74 37.97
N ALA G 88 -50.90 8.99 37.90
CA ALA G 88 -51.87 7.90 38.01
C ALA G 88 -51.73 6.93 36.85
N GLU G 89 -51.49 7.44 35.64
CA GLU G 89 -51.40 6.61 34.45
C GLU G 89 -50.09 5.83 34.34
N ASP G 90 -49.26 5.85 35.39
CA ASP G 90 -48.04 5.07 35.41
C ASP G 90 -48.23 3.71 36.06
N THR G 91 -49.45 3.37 36.48
CA THR G 91 -49.73 2.07 37.08
C THR G 91 -49.68 1.00 36.00
N ALA G 92 -48.83 0.00 36.20
CA ALA G 92 -48.69 -1.07 35.22
C ALA G 92 -47.69 -2.12 35.69
N VAL G 93 -47.56 -3.21 34.93
CA VAL G 93 -46.53 -4.21 35.14
C VAL G 93 -45.35 -3.86 34.26
N TYR G 94 -44.15 -3.87 34.83
CA TYR G 94 -42.93 -3.47 34.13
C TYR G 94 -42.07 -4.70 33.86
N TYR G 95 -41.67 -4.86 32.60
CA TYR G 95 -40.83 -5.98 32.19
C TYR G 95 -39.47 -5.46 31.72
N CYS G 96 -38.44 -6.26 31.97
CA CYS G 96 -37.13 -6.05 31.35
C CYS G 96 -36.99 -7.07 30.22
N ALA G 97 -36.50 -6.66 29.04
CA ALA G 97 -36.38 -7.52 27.87
C ALA G 97 -35.03 -7.27 27.21
N ARG G 98 -34.49 -8.28 26.52
CA ARG G 98 -33.17 -8.20 25.86
C ARG G 98 -33.42 -7.94 24.37
N ASP G 99 -32.55 -7.16 23.74
CA ASP G 99 -32.73 -6.83 22.30
C ASP G 99 -32.23 -7.97 21.44
N GLU G 100 -32.92 -8.28 20.34
CA GLU G 100 -32.46 -9.25 19.33
C GLU G 100 -32.56 -8.41 18.06
N ASN G 101 -31.75 -8.67 17.05
CA ASN G 101 -31.69 -7.87 15.82
C ASN G 101 -30.94 -8.62 14.74
N THR G 102 -31.11 -8.27 13.48
CA THR G 102 -30.44 -8.82 12.28
C THR G 102 -29.44 -7.82 11.67
N GLY G 103 -29.27 -6.63 12.24
CA GLY G 103 -28.33 -5.60 11.78
C GLY G 103 -28.98 -4.51 11.02
N ILE G 104 -29.95 -4.79 10.15
CA ILE G 104 -30.53 -3.74 9.23
C ILE G 104 -32.01 -3.50 9.51
N SER G 105 -32.99 -4.30 9.15
CA SER G 105 -34.44 -3.97 9.27
C SER G 105 -35.10 -4.55 10.53
N HIS G 106 -34.79 -5.78 10.93
CA HIS G 106 -35.50 -6.48 12.03
C HIS G 106 -34.95 -6.12 13.42
N TYR G 107 -35.80 -5.76 14.37
CA TYR G 107 -35.43 -5.47 15.79
C TYR G 107 -36.61 -5.95 16.64
N TRP G 108 -36.43 -6.95 17.54
CA TRP G 108 -37.53 -7.51 18.36
C TRP G 108 -37.06 -7.72 19.79
N PHE G 109 -37.84 -8.27 20.70
CA PHE G 109 -37.51 -8.60 22.08
C PHE G 109 -37.77 -10.09 22.27
N ASP G 110 -36.78 -11.00 22.16
CA ASP G 110 -37.10 -12.45 22.30
C ASP G 110 -37.26 -12.79 23.79
N PRO G 111 -36.30 -12.56 24.74
CA PRO G 111 -36.54 -12.97 26.13
C PRO G 111 -37.16 -11.87 26.97
N TRP G 112 -38.14 -12.25 27.78
CA TRP G 112 -38.84 -11.34 28.67
C TRP G 112 -38.70 -11.81 30.10
N GLY G 113 -38.92 -10.89 31.04
CA GLY G 113 -38.95 -11.21 32.45
C GLY G 113 -40.32 -11.67 32.89
N GLN G 114 -40.55 -11.61 34.20
CA GLN G 114 -41.84 -11.98 34.77
C GLN G 114 -42.71 -10.77 35.11
N GLY G 115 -42.12 -9.61 35.32
CA GLY G 115 -42.89 -8.41 35.58
C GLY G 115 -42.91 -8.04 37.05
N THR G 116 -43.04 -6.74 37.31
CA THR G 116 -43.19 -6.22 38.66
C THR G 116 -44.24 -5.12 38.64
N LEU G 117 -45.27 -5.26 39.46
CA LEU G 117 -46.40 -4.35 39.46
C LEU G 117 -46.08 -3.08 40.25
N VAL G 118 -46.44 -1.94 39.68
CA VAL G 118 -46.28 -0.64 40.32
C VAL G 118 -47.64 0.05 40.34
N THR G 119 -48.07 0.48 41.52
CA THR G 119 -49.37 1.10 41.70
C THR G 119 -49.19 2.53 42.21
N VAL G 120 -49.83 3.48 41.55
CA VAL G 120 -49.80 4.89 41.93
C VAL G 120 -51.22 5.27 42.31
N SER G 121 -51.48 5.39 43.61
CA SER G 121 -52.82 5.69 44.11
C SER G 121 -52.73 6.69 45.24
N SER G 122 -53.63 7.68 45.22
CA SER G 122 -53.65 8.70 46.27
C SER G 122 -54.29 8.20 47.56
N ALA G 123 -55.04 7.11 47.51
CA ALA G 123 -55.71 6.61 48.70
C ALA G 123 -54.70 6.28 49.79
N SER G 124 -55.20 6.22 51.02
CA SER G 124 -54.39 5.92 52.20
C SER G 124 -54.74 4.53 52.73
N THR G 125 -53.72 3.81 53.20
CA THR G 125 -53.95 2.47 53.73
C THR G 125 -54.93 2.51 54.89
N LYS G 126 -55.97 1.65 54.79
CA LYS G 126 -57.08 1.57 55.76
C LYS G 126 -57.35 0.10 56.05
N GLY G 127 -57.96 -0.24 57.20
CA GLY G 127 -58.31 -1.60 57.54
C GLY G 127 -59.59 -2.08 56.87
N PRO G 128 -59.67 -3.38 56.62
CA PRO G 128 -60.88 -3.93 55.99
C PRO G 128 -62.09 -3.85 56.91
N SER G 129 -63.26 -3.76 56.30
CA SER G 129 -64.54 -3.81 57.01
C SER G 129 -65.27 -5.11 56.75
N VAL G 130 -65.18 -6.02 57.75
CA VAL G 130 -65.70 -7.40 57.65
C VAL G 130 -67.09 -7.52 58.30
N PHE G 131 -68.12 -7.99 57.58
CA PHE G 131 -69.45 -8.22 58.13
C PHE G 131 -69.96 -9.57 57.69
N PRO G 132 -70.93 -10.14 58.45
CA PRO G 132 -71.42 -11.47 58.19
C PRO G 132 -72.54 -11.36 57.17
N LEU G 133 -72.95 -12.41 56.45
CA LEU G 133 -74.10 -12.42 55.49
C LEU G 133 -74.87 -13.73 55.73
N ALA G 134 -75.67 -13.80 56.81
CA ALA G 134 -76.37 -15.02 57.19
C ALA G 134 -77.34 -15.45 56.08
N PRO G 135 -77.56 -16.76 55.93
CA PRO G 135 -78.51 -17.22 54.92
C PRO G 135 -79.93 -16.80 55.25
N SER G 136 -80.73 -16.66 54.19
CA SER G 136 -82.12 -16.24 54.31
C SER G 136 -83.02 -17.26 53.63
N SER G 137 -84.38 -17.33 53.95
CA SER G 137 -85.32 -18.24 53.32
C SER G 137 -85.32 -18.07 51.80
N LYS G 138 -85.26 -16.82 51.32
CA LYS G 138 -85.23 -16.58 49.89
C LYS G 138 -83.99 -17.18 49.25
N SER G 139 -82.86 -17.10 49.94
CA SER G 139 -81.58 -17.61 49.44
C SER G 139 -81.27 -18.99 50.02
N THR G 140 -82.30 -19.75 50.46
CA THR G 140 -82.15 -21.11 51.08
C THR G 140 -83.04 -22.09 50.32
N SER G 141 -83.28 -23.27 50.88
CA SER G 141 -84.10 -24.38 50.37
C SER G 141 -83.46 -24.91 49.09
N GLY G 142 -84.18 -25.04 47.98
CA GLY G 142 -83.60 -25.57 46.76
C GLY G 142 -82.82 -26.84 47.01
N GLY G 143 -81.51 -26.78 46.78
CA GLY G 143 -80.63 -27.90 47.08
C GLY G 143 -79.75 -27.63 48.28
N THR G 144 -79.29 -26.40 48.43
CA THR G 144 -78.42 -26.00 49.52
C THR G 144 -78.61 -24.53 49.82
N ALA G 145 -78.21 -24.23 51.00
CA ALA G 145 -78.27 -22.85 51.45
C ALA G 145 -76.86 -22.26 51.47
N ALA G 146 -76.76 -21.00 51.04
CA ALA G 146 -75.48 -20.32 50.90
C ALA G 146 -75.36 -19.18 51.89
N LEU G 147 -74.14 -19.01 52.42
CA LEU G 147 -73.90 -17.98 53.44
C LEU G 147 -72.42 -17.61 53.43
N GLY G 148 -72.10 -16.35 53.66
CA GLY G 148 -70.75 -15.88 53.55
C GLY G 148 -70.56 -14.57 54.29
N CYS G 149 -69.34 -14.04 54.18
CA CYS G 149 -68.97 -12.78 54.80
C CYS G 149 -68.64 -11.75 53.73
N LEU G 150 -68.58 -10.48 54.15
CA LEU G 150 -68.29 -9.37 53.26
C LEU G 150 -67.11 -8.58 53.80
N VAL G 151 -66.22 -8.15 52.91
CA VAL G 151 -65.10 -7.29 53.25
C VAL G 151 -65.26 -5.98 52.50
N LYS G 152 -65.19 -4.87 53.23
CA LYS G 152 -65.48 -3.55 52.68
C LYS G 152 -64.41 -2.55 53.07
N ASP G 153 -64.14 -1.56 52.20
CA ASP G 153 -63.25 -0.40 52.52
C ASP G 153 -61.87 -0.88 52.89
N TYR G 154 -61.19 -1.61 52.00
CA TYR G 154 -59.80 -1.98 52.21
C TYR G 154 -58.98 -1.55 51.00
N PHE G 155 -57.94 -0.73 51.20
CA PHE G 155 -57.13 -0.20 50.06
C PHE G 155 -56.23 -1.31 49.49
N PRO G 156 -55.24 -1.87 50.22
CA PRO G 156 -54.38 -2.89 49.63
C PRO G 156 -55.12 -4.10 49.03
N GLU G 157 -54.84 -4.45 47.77
CA GLU G 157 -55.53 -5.53 47.07
C GLU G 157 -55.36 -6.90 47.73
N PRO G 158 -54.17 -7.29 48.20
CA PRO G 158 -53.99 -8.68 48.66
C PRO G 158 -54.69 -9.00 49.97
N VAL G 159 -56.00 -9.30 49.88
CA VAL G 159 -56.79 -9.73 51.03
C VAL G 159 -57.11 -11.21 50.85
N THR G 160 -56.81 -12.01 51.87
CA THR G 160 -57.03 -13.44 51.85
C THR G 160 -58.08 -13.83 52.89
N VAL G 161 -58.96 -14.75 52.51
CA VAL G 161 -60.04 -15.20 53.38
C VAL G 161 -60.02 -16.72 53.44
N SER G 162 -60.06 -17.27 54.65
CA SER G 162 -60.16 -18.70 54.89
C SER G 162 -61.23 -18.94 55.95
N TRP G 163 -62.15 -19.84 55.63
CA TRP G 163 -63.32 -20.07 56.51
C TRP G 163 -62.99 -20.91 57.74
N ASN G 164 -62.60 -22.16 57.64
CA ASN G 164 -62.43 -23.07 58.83
C ASN G 164 -60.91 -23.23 59.04
N SER G 165 -60.08 -22.17 58.91
CA SER G 165 -58.63 -22.21 58.99
C SER G 165 -58.03 -23.08 57.89
N GLY G 166 -58.68 -23.09 56.72
CA GLY G 166 -58.29 -23.97 55.64
C GLY G 166 -58.91 -25.35 55.68
N ALA G 167 -59.80 -25.61 56.63
CA ALA G 167 -60.46 -26.91 56.73
C ALA G 167 -61.71 -27.02 55.89
N LEU G 168 -62.16 -25.92 55.28
CA LEU G 168 -63.32 -25.92 54.38
C LEU G 168 -62.85 -25.48 52.99
N THR G 169 -63.01 -26.37 52.01
CA THR G 169 -62.56 -26.08 50.66
C THR G 169 -63.58 -26.45 49.58
N SER G 170 -64.68 -27.10 49.92
CA SER G 170 -65.71 -27.48 48.96
C SER G 170 -66.91 -26.57 49.11
N GLY G 171 -67.36 -25.99 48.00
CA GLY G 171 -68.47 -25.07 47.99
C GLY G 171 -68.11 -23.63 48.29
N VAL G 172 -66.84 -23.32 48.52
CA VAL G 172 -66.40 -21.97 48.82
C VAL G 172 -65.96 -21.30 47.52
N HIS G 173 -66.59 -20.19 47.17
CA HIS G 173 -66.30 -19.43 45.96
C HIS G 173 -66.01 -17.99 46.33
N THR G 174 -64.91 -17.45 45.81
CA THR G 174 -64.49 -16.09 46.09
C THR G 174 -64.72 -15.22 44.86
N PHE G 175 -65.20 -13.99 45.09
CA PHE G 175 -65.47 -13.07 43.99
C PHE G 175 -64.40 -12.00 43.91
N PRO G 176 -64.13 -11.48 42.70
CA PRO G 176 -63.12 -10.43 42.57
C PRO G 176 -63.56 -9.14 43.25
N ALA G 177 -62.57 -8.38 43.71
CA ALA G 177 -62.85 -7.11 44.38
C ALA G 177 -63.37 -6.09 43.40
N VAL G 178 -63.99 -5.04 43.92
CA VAL G 178 -64.55 -3.95 43.13
C VAL G 178 -63.87 -2.66 43.54
N LEU G 179 -63.33 -1.92 42.55
CA LEU G 179 -62.65 -0.62 42.79
C LEU G 179 -63.73 0.46 42.81
N GLN G 180 -63.96 1.10 43.96
CA GLN G 180 -64.91 2.19 44.11
C GLN G 180 -64.30 3.50 43.64
N SER G 181 -65.16 4.49 43.40
CA SER G 181 -64.69 5.81 43.01
C SER G 181 -63.83 6.46 44.09
N SER G 182 -63.93 5.98 45.33
CA SER G 182 -63.12 6.51 46.42
C SER G 182 -61.72 5.90 46.46
N GLY G 183 -61.44 4.90 45.62
CA GLY G 183 -60.15 4.25 45.61
C GLY G 183 -60.02 3.06 46.53
N LEU G 184 -61.03 2.77 47.34
CA LEU G 184 -60.99 1.63 48.24
C LEU G 184 -61.55 0.39 47.56
N TYR G 185 -61.13 -0.80 48.01
CA TYR G 185 -61.63 -2.06 47.45
C TYR G 185 -62.70 -2.61 48.39
N SER G 186 -63.40 -3.66 47.98
CA SER G 186 -64.41 -4.38 48.76
C SER G 186 -64.77 -5.66 48.01
N LEU G 187 -64.65 -6.82 48.68
CA LEU G 187 -64.87 -8.16 48.05
C LEU G 187 -65.65 -9.08 49.01
N SER G 188 -66.68 -9.78 48.53
CA SER G 188 -67.57 -10.63 49.31
C SER G 188 -67.36 -12.08 48.89
N SER G 189 -67.36 -12.97 49.88
CA SER G 189 -67.19 -14.40 49.65
C SER G 189 -68.43 -15.15 50.12
N VAL G 190 -68.84 -16.15 49.36
CA VAL G 190 -70.03 -16.93 49.65
C VAL G 190 -69.67 -18.41 49.72
N VAL G 191 -70.30 -19.15 50.63
CA VAL G 191 -70.08 -20.61 50.78
C VAL G 191 -71.43 -21.24 50.46
N THR G 192 -71.47 -22.46 49.97
CA THR G 192 -72.65 -23.27 49.74
C THR G 192 -72.64 -24.45 50.70
N VAL G 193 -73.69 -24.59 51.47
CA VAL G 193 -73.73 -25.64 52.51
C VAL G 193 -75.13 -26.23 52.41
N PRO G 194 -75.40 -27.46 52.87
CA PRO G 194 -76.74 -28.05 52.88
C PRO G 194 -77.71 -27.25 53.74
N SER G 195 -78.96 -27.16 53.30
CA SER G 195 -79.97 -26.44 54.06
C SER G 195 -80.24 -27.12 55.40
N SER G 196 -80.25 -28.45 55.43
CA SER G 196 -80.47 -29.18 56.67
C SER G 196 -79.27 -29.15 57.61
N SER G 197 -78.10 -28.76 57.12
CA SER G 197 -76.91 -28.65 57.95
C SER G 197 -76.77 -27.30 58.60
N LEU G 198 -77.67 -26.35 58.26
CA LEU G 198 -77.66 -24.98 58.85
C LEU G 198 -77.71 -25.10 60.38
N GLY G 199 -76.80 -24.43 61.12
CA GLY G 199 -76.73 -24.45 62.55
C GLY G 199 -75.84 -25.54 63.13
N THR G 200 -75.77 -26.69 62.47
CA THR G 200 -74.92 -27.79 62.92
C THR G 200 -73.47 -27.64 62.46
N GLN G 201 -73.23 -26.93 61.36
CA GLN G 201 -71.89 -26.69 60.85
C GLN G 201 -71.48 -25.26 61.17
N THR G 202 -70.36 -25.10 61.88
CA THR G 202 -69.88 -23.80 62.29
C THR G 202 -69.19 -23.09 61.13
N TYR G 203 -69.56 -21.85 60.89
CA TYR G 203 -68.99 -21.04 59.81
C TYR G 203 -68.32 -19.81 60.41
N ILE G 204 -67.04 -19.64 60.10
CA ILE G 204 -66.26 -18.48 60.52
C ILE G 204 -65.45 -18.00 59.33
N CYS G 205 -65.47 -16.68 59.06
CA CYS G 205 -64.73 -16.04 57.93
C CYS G 205 -63.48 -15.31 58.44
N ASN G 206 -62.29 -15.87 58.22
CA ASN G 206 -61.01 -15.25 58.66
C ASN G 206 -60.56 -14.27 57.57
N VAL G 207 -60.32 -12.99 57.86
CA VAL G 207 -59.82 -11.95 56.98
C VAL G 207 -58.45 -11.55 57.47
N ASN G 208 -57.43 -11.83 56.65
CA ASN G 208 -56.05 -11.48 56.97
C ASN G 208 -55.63 -10.34 56.06
N HIS G 209 -55.29 -9.20 56.67
CA HIS G 209 -54.86 -8.00 55.95
C HIS G 209 -53.41 -7.84 56.39
N LYS G 210 -52.48 -8.23 55.52
CA LYS G 210 -51.06 -8.11 55.84
C LYS G 210 -50.68 -6.65 55.86
N PRO G 211 -51.07 -5.77 54.92
CA PRO G 211 -50.58 -4.38 54.97
C PRO G 211 -51.13 -3.63 56.20
N SER G 212 -52.14 -4.08 56.94
CA SER G 212 -52.50 -3.44 58.23
C SER G 212 -52.71 -4.51 59.30
N ASN G 213 -52.10 -5.71 59.12
CA ASN G 213 -52.14 -6.79 60.16
C ASN G 213 -53.54 -6.85 60.80
N THR G 214 -54.64 -6.86 60.02
CA THR G 214 -56.00 -6.96 60.55
C THR G 214 -56.48 -8.40 60.30
N LYS G 215 -56.15 -9.28 61.23
CA LYS G 215 -56.55 -10.69 61.16
C LYS G 215 -57.77 -10.88 62.05
N VAL G 216 -58.97 -10.67 61.49
CA VAL G 216 -60.26 -10.72 62.26
C VAL G 216 -60.92 -12.10 62.03
N ASP G 217 -61.98 -12.43 62.77
CA ASP G 217 -62.77 -13.69 62.57
C ASP G 217 -64.24 -13.32 62.77
N LYS G 218 -65.14 -13.66 61.83
CA LYS G 218 -66.58 -13.29 61.91
C LYS G 218 -67.49 -14.49 61.60
N LYS G 219 -68.32 -14.90 62.53
CA LYS G 219 -69.17 -16.10 62.46
C LYS G 219 -70.48 -15.69 61.79
N VAL G 220 -70.99 -16.48 60.83
CA VAL G 220 -72.21 -16.19 60.05
C VAL G 220 -73.28 -17.20 60.45
N GLU G 221 -74.31 -16.79 61.21
CA GLU G 221 -75.41 -17.64 61.60
C GLU G 221 -76.73 -16.96 61.27
N PRO G 222 -77.78 -17.73 60.99
CA PRO G 222 -79.08 -17.12 60.69
C PRO G 222 -79.59 -16.32 61.87
N LYS G 223 -80.19 -15.17 61.56
CA LYS G 223 -80.76 -14.27 62.58
C LYS G 223 -82.18 -13.87 62.21
N SER G 224 -83.13 -14.78 62.45
CA SER G 224 -84.54 -14.54 62.18
C SER G 224 -84.53 -13.91 60.79
N CYS G 225 -85.15 -12.78 60.63
CA CYS G 225 -85.18 -12.08 59.36
C CYS G 225 -84.58 -10.67 59.35
N GLN H 1 -1.61 -0.56 -48.21
CA GLN H 1 -0.72 0.58 -47.82
C GLN H 1 0.69 0.50 -48.42
N ALA H 2 1.36 -0.68 -48.57
CA ALA H 2 2.68 -0.65 -49.16
C ALA H 2 2.91 -1.96 -49.93
N VAL H 3 4.14 -2.17 -50.38
CA VAL H 3 4.50 -3.38 -51.11
C VAL H 3 6.00 -3.58 -50.97
N VAL H 4 6.45 -4.82 -51.16
CA VAL H 4 7.85 -5.19 -51.04
C VAL H 4 8.33 -5.72 -52.39
N THR H 5 9.50 -5.26 -52.82
CA THR H 5 10.02 -5.57 -54.14
C THR H 5 11.32 -6.37 -54.03
N GLN H 6 11.58 -7.19 -55.05
CA GLN H 6 12.72 -8.09 -55.07
C GLN H 6 13.16 -8.29 -56.51
N PRO H 7 14.46 -8.39 -56.77
CA PRO H 7 14.94 -8.61 -58.13
C PRO H 7 14.47 -9.95 -58.67
N PRO H 8 13.94 -9.99 -59.89
CA PRO H 8 13.36 -11.25 -60.40
C PRO H 8 14.36 -12.40 -60.48
N SER H 9 15.63 -12.11 -60.79
CA SER H 9 16.59 -13.19 -60.98
C SER H 9 17.99 -12.68 -60.66
N VAL H 10 18.87 -13.62 -60.32
CA VAL H 10 20.27 -13.34 -60.01
C VAL H 10 21.11 -14.53 -60.44
N SER H 11 22.33 -14.26 -60.89
CA SER H 11 23.24 -15.28 -61.38
C SER H 11 24.61 -15.09 -60.74
N GLY H 12 25.39 -16.17 -60.76
CA GLY H 12 26.73 -16.13 -60.20
C GLY H 12 27.52 -17.35 -60.60
N ALA H 13 28.82 -17.30 -60.31
CA ALA H 13 29.73 -18.40 -60.60
C ALA H 13 30.15 -19.10 -59.31
N PRO H 14 30.46 -20.39 -59.38
CA PRO H 14 30.82 -21.12 -58.15
C PRO H 14 32.01 -20.48 -57.46
N GLY H 15 31.93 -20.40 -56.13
CA GLY H 15 32.97 -19.79 -55.33
C GLY H 15 32.86 -18.29 -55.16
N GLN H 16 31.98 -17.63 -55.93
CA GLN H 16 31.85 -16.19 -55.87
C GLN H 16 30.85 -15.78 -54.80
N ARG H 17 30.50 -14.50 -54.79
CA ARG H 17 29.59 -13.92 -53.79
C ARG H 17 28.46 -13.19 -54.49
N VAL H 18 27.23 -13.56 -54.16
CA VAL H 18 26.01 -12.96 -54.76
C VAL H 18 25.40 -12.07 -53.68
N ILE H 19 24.50 -11.16 -54.04
CA ILE H 19 23.74 -10.30 -53.14
C ILE H 19 22.29 -10.25 -53.63
N ILE H 20 21.36 -10.45 -52.70
CA ILE H 20 19.93 -10.33 -52.98
C ILE H 20 19.36 -9.23 -52.09
N SER H 21 18.59 -8.33 -52.69
CA SER H 21 18.11 -7.14 -52.01
C SER H 21 16.59 -7.18 -51.87
N CYS H 22 16.10 -6.52 -50.82
CA CYS H 22 14.67 -6.42 -50.53
C CYS H 22 14.37 -4.97 -50.20
N THR H 23 13.48 -4.35 -50.98
CA THR H 23 13.19 -2.92 -50.87
C THR H 23 11.78 -2.71 -50.34
N GLY H 24 11.66 -1.98 -49.24
CA GLY H 24 10.40 -1.69 -48.61
C GLY H 24 9.99 -0.24 -48.73
N SER H 25 9.01 0.15 -47.93
CA SER H 25 8.49 1.54 -47.96
C SER H 25 8.27 1.94 -46.51
N GLY H 26 7.71 3.11 -46.21
CA GLY H 26 7.49 3.67 -44.89
C GLY H 26 6.48 2.92 -44.06
N SER H 27 5.79 1.93 -44.64
CA SER H 27 4.78 1.17 -43.91
C SER H 27 5.25 -0.21 -43.48
N ASN H 28 6.33 -0.74 -44.07
CA ASN H 28 6.89 -2.06 -43.67
C ASN H 28 8.18 -1.80 -42.92
N LEU H 29 9.25 -1.39 -43.62
CA LEU H 29 10.61 -1.27 -43.03
C LEU H 29 10.84 0.11 -42.43
N GLY H 30 10.20 1.20 -42.91
CA GLY H 30 10.25 2.48 -42.26
C GLY H 30 9.45 2.54 -40.97
N ALA H 31 8.61 1.54 -40.71
CA ALA H 31 7.84 1.44 -39.48
C ALA H 31 8.48 0.45 -38.52
N ASP H 32 9.81 0.27 -38.61
CA ASP H 32 10.55 -0.57 -37.67
C ASP H 32 10.12 -2.03 -37.58
N TYR H 33 9.77 -2.63 -38.70
CA TYR H 33 9.46 -4.05 -38.78
C TYR H 33 10.66 -4.80 -39.36
N GLY H 34 10.89 -6.01 -38.86
CA GLY H 34 12.02 -6.80 -39.30
C GLY H 34 11.79 -7.49 -40.63
N VAL H 35 12.87 -8.07 -41.16
CA VAL H 35 12.85 -8.76 -42.44
C VAL H 35 13.36 -10.17 -42.25
N HIS H 36 12.74 -11.13 -42.93
CA HIS H 36 13.06 -12.55 -42.79
C HIS H 36 13.12 -13.24 -44.15
N TRP H 37 14.07 -14.16 -44.28
CA TRP H 37 14.36 -14.80 -45.56
C TRP H 37 14.04 -16.30 -45.53
N TYR H 38 13.71 -16.87 -46.71
CA TYR H 38 13.40 -18.32 -46.84
C TYR H 38 14.21 -18.88 -47.99
N GLN H 39 14.30 -20.21 -48.08
CA GLN H 39 14.97 -20.90 -49.21
C GLN H 39 13.99 -22.01 -49.62
N GLN H 40 13.49 -22.02 -50.85
CA GLN H 40 12.60 -23.06 -51.34
C GLN H 40 13.09 -23.83 -52.55
N LEU H 41 13.43 -25.09 -52.37
CA LEU H 41 13.86 -25.94 -53.48
C LEU H 41 12.77 -26.23 -54.51
N PRO H 42 13.13 -26.68 -55.74
CA PRO H 42 12.17 -26.99 -56.79
C PRO H 42 10.88 -27.68 -56.35
N GLY H 43 10.90 -28.65 -55.40
CA GLY H 43 9.71 -29.41 -55.06
C GLY H 43 9.41 -29.52 -53.58
N THR H 44 10.19 -28.79 -52.78
CA THR H 44 10.08 -28.83 -51.30
C THR H 44 9.32 -27.59 -50.82
N ALA H 45 9.06 -27.49 -49.52
CA ALA H 45 8.38 -26.38 -48.88
C ALA H 45 9.39 -25.36 -48.37
N PRO H 46 8.95 -24.12 -48.16
CA PRO H 46 9.88 -23.08 -47.70
C PRO H 46 10.47 -23.43 -46.33
N LYS H 47 11.72 -23.00 -46.12
CA LYS H 47 12.41 -23.20 -44.86
C LYS H 47 13.10 -21.90 -44.44
N LEU H 48 13.14 -21.67 -43.14
CA LEU H 48 13.65 -20.41 -42.62
C LEU H 48 15.16 -20.34 -42.73
N LEU H 49 15.66 -19.24 -43.31
CA LEU H 49 17.10 -18.98 -43.40
C LEU H 49 17.55 -17.96 -42.36
N ILE H 50 16.95 -16.77 -42.36
CA ILE H 50 17.35 -15.68 -41.48
C ILE H 50 16.10 -15.08 -40.86
N TYR H 51 16.19 -14.74 -39.57
CA TYR H 51 15.14 -14.01 -38.88
C TYR H 51 15.78 -12.93 -38.03
N GLY H 52 15.04 -11.83 -37.82
CA GLY H 52 15.60 -10.69 -37.12
C GLY H 52 16.57 -9.88 -37.95
N ASP H 53 16.63 -10.12 -39.25
CA ASP H 53 17.50 -9.43 -40.20
C ASP H 53 18.95 -9.83 -40.10
N ARG H 54 19.35 -10.54 -39.05
CA ARG H 54 20.71 -11.03 -38.97
C ARG H 54 20.87 -12.39 -38.29
N ASN H 55 19.81 -13.01 -37.77
CA ASN H 55 19.94 -14.25 -36.95
C ASN H 55 19.82 -15.46 -37.87
N ARG H 56 20.55 -16.55 -37.57
CA ARG H 56 20.54 -17.81 -38.36
C ARG H 56 20.06 -18.93 -37.43
N PRO H 57 19.06 -19.77 -37.80
CA PRO H 57 18.67 -20.92 -36.99
C PRO H 57 19.73 -22.03 -37.10
N SER H 58 19.61 -23.06 -36.26
CA SER H 58 20.59 -24.15 -36.19
C SER H 58 20.42 -25.06 -37.40
N GLY H 59 21.44 -25.12 -38.25
CA GLY H 59 21.42 -25.91 -39.46
C GLY H 59 21.71 -25.13 -40.73
N VAL H 60 21.77 -23.80 -40.63
CA VAL H 60 22.05 -22.92 -41.78
C VAL H 60 23.58 -22.91 -41.77
N PRO H 61 24.29 -23.04 -42.92
CA PRO H 61 25.74 -23.35 -42.92
C PRO H 61 26.66 -22.15 -42.64
N ASP H 62 26.15 -21.02 -42.13
CA ASP H 62 26.97 -19.84 -41.73
C ASP H 62 27.40 -19.04 -42.97
N ARG H 63 27.06 -19.45 -44.19
CA ARG H 63 27.54 -18.80 -45.44
C ARG H 63 26.54 -17.67 -45.65
N PHE H 64 25.33 -17.78 -45.08
CA PHE H 64 24.30 -16.80 -45.33
C PHE H 64 24.31 -15.75 -44.22
N SER H 65 24.26 -14.49 -44.62
CA SER H 65 24.22 -13.39 -43.65
C SER H 65 23.38 -12.26 -44.24
N GLY H 66 22.64 -11.58 -43.36
CA GLY H 66 21.77 -10.51 -43.80
C GLY H 66 21.93 -9.29 -42.92
N SER H 67 21.48 -8.15 -43.46
CA SER H 67 21.51 -6.89 -42.73
C SER H 67 20.37 -6.01 -43.24
N LYS H 68 19.89 -5.13 -42.37
CA LYS H 68 18.82 -4.22 -42.70
C LYS H 68 19.19 -2.81 -42.26
N SER H 69 18.70 -1.81 -43.00
CA SER H 69 18.93 -0.41 -42.68
C SER H 69 17.92 0.43 -43.42
N GLY H 70 17.19 1.28 -42.70
CA GLY H 70 16.16 2.08 -43.33
C GLY H 70 15.10 1.19 -43.96
N THR H 71 14.80 1.45 -45.23
CA THR H 71 13.80 0.69 -45.97
C THR H 71 14.45 -0.27 -46.97
N SER H 72 15.62 -0.81 -46.64
CA SER H 72 16.32 -1.75 -47.51
C SER H 72 16.91 -2.88 -46.67
N ALA H 73 17.01 -4.05 -47.29
CA ALA H 73 17.61 -5.21 -46.66
C ALA H 73 18.23 -6.09 -47.74
N SER H 74 19.23 -6.86 -47.35
CA SER H 74 19.98 -7.67 -48.31
C SER H 74 20.36 -9.00 -47.68
N LEU H 75 20.48 -10.01 -48.53
CA LEU H 75 20.97 -11.34 -48.16
C LEU H 75 22.23 -11.61 -48.97
N ALA H 76 23.32 -11.96 -48.28
CA ALA H 76 24.61 -12.17 -48.91
C ALA H 76 25.00 -13.64 -48.78
N ILE H 77 25.45 -14.23 -49.89
CA ILE H 77 25.89 -15.62 -49.93
C ILE H 77 27.31 -15.65 -50.46
N THR H 78 28.22 -16.26 -49.69
CA THR H 78 29.61 -16.38 -50.07
C THR H 78 29.96 -17.86 -50.28
N GLY H 79 30.93 -18.12 -51.13
CA GLY H 79 31.31 -19.48 -51.43
C GLY H 79 30.20 -20.23 -52.14
N LEU H 80 29.63 -19.58 -53.15
CA LEU H 80 28.48 -20.15 -53.85
C LEU H 80 28.73 -21.58 -54.26
N GLN H 81 27.78 -22.45 -53.98
CA GLN H 81 27.85 -23.88 -54.29
C GLN H 81 26.73 -24.23 -55.27
N ALA H 82 26.76 -25.48 -55.75
CA ALA H 82 25.77 -25.95 -56.72
C ALA H 82 24.44 -26.31 -56.07
N GLU H 83 24.38 -26.44 -54.74
CA GLU H 83 23.15 -26.76 -54.05
C GLU H 83 22.36 -25.50 -53.65
N ASP H 84 22.84 -24.32 -54.02
CA ASP H 84 22.18 -23.07 -53.67
C ASP H 84 21.17 -22.62 -54.71
N GLU H 85 20.95 -23.44 -55.75
CA GLU H 85 19.99 -23.10 -56.86
C GLU H 85 18.57 -23.27 -56.29
N ALA H 86 17.89 -22.19 -55.88
CA ALA H 86 16.56 -22.26 -55.31
C ALA H 86 15.91 -20.88 -55.42
N ASP H 87 14.72 -20.75 -54.82
CA ASP H 87 14.03 -19.45 -54.71
C ASP H 87 14.42 -18.88 -53.35
N TYR H 88 14.42 -17.57 -53.17
CA TYR H 88 14.62 -16.89 -51.90
C TYR H 88 13.59 -15.78 -51.75
N TYR H 89 13.02 -15.67 -50.55
CA TYR H 89 11.93 -14.74 -50.27
C TYR H 89 12.14 -13.94 -49.00
N CYS H 90 11.95 -12.65 -49.07
CA CYS H 90 11.88 -11.78 -47.89
C CYS H 90 10.45 -11.43 -47.50
N GLN H 91 10.16 -11.49 -46.21
CA GLN H 91 8.84 -11.14 -45.71
C GLN H 91 8.95 -10.25 -44.48
N SER H 92 7.91 -9.45 -44.26
CA SER H 92 7.88 -8.50 -43.15
C SER H 92 6.43 -8.34 -42.70
N TYR H 93 6.16 -7.28 -41.96
CA TYR H 93 4.81 -6.95 -41.50
C TYR H 93 4.45 -5.54 -41.94
N ASP H 94 3.22 -5.35 -42.38
CA ASP H 94 2.71 -4.08 -42.87
C ASP H 94 1.58 -3.59 -41.99
N ARG H 95 1.49 -2.26 -41.85
CA ARG H 95 0.46 -1.67 -40.98
C ARG H 95 -0.94 -2.03 -41.44
N SER H 96 -1.19 -1.95 -42.75
CA SER H 96 -2.52 -2.24 -43.29
C SER H 96 -2.65 -3.64 -43.86
N LEU H 97 -1.58 -4.20 -44.40
CA LEU H 97 -1.63 -5.47 -45.12
C LEU H 97 -1.10 -6.64 -44.30
N ASN H 98 -0.90 -6.49 -43.01
CA ASN H 98 -0.38 -7.56 -42.16
C ASN H 98 0.91 -8.21 -42.65
N TRP H 99 0.89 -9.54 -42.86
CA TRP H 99 2.08 -10.28 -43.26
C TRP H 99 2.22 -10.19 -44.78
N VAL H 100 3.38 -9.71 -45.24
CA VAL H 100 3.63 -9.48 -46.66
C VAL H 100 4.86 -10.24 -47.09
N PHE H 101 4.88 -10.65 -48.36
CA PHE H 101 5.94 -11.44 -48.94
C PHE H 101 6.55 -10.70 -50.13
N GLY H 102 7.84 -10.90 -50.33
CA GLY H 102 8.51 -10.36 -51.50
C GLY H 102 8.18 -11.15 -52.75
N GLY H 103 8.59 -10.59 -53.89
CA GLY H 103 8.30 -11.23 -55.16
C GLY H 103 8.97 -12.58 -55.35
N GLY H 104 10.22 -12.71 -54.92
CA GLY H 104 10.94 -13.94 -55.07
C GLY H 104 12.07 -13.86 -56.08
N THR H 105 13.25 -14.35 -55.69
CA THR H 105 14.43 -14.33 -56.55
C THR H 105 15.00 -15.73 -56.65
N LYS H 106 15.22 -16.21 -57.88
CA LYS H 106 15.78 -17.52 -58.11
C LYS H 106 17.27 -17.39 -58.45
N LEU H 107 18.10 -18.08 -57.68
CA LEU H 107 19.55 -18.01 -57.84
C LEU H 107 20.02 -19.08 -58.82
N THR H 108 20.84 -18.67 -59.79
CA THR H 108 21.37 -19.55 -60.81
C THR H 108 22.89 -19.63 -60.66
N VAL H 109 23.42 -20.85 -60.75
CA VAL H 109 24.85 -21.10 -60.67
C VAL H 109 25.35 -21.52 -62.04
N LEU H 110 26.36 -20.85 -62.54
CA LEU H 110 26.90 -21.11 -63.87
C LEU H 110 27.99 -22.18 -63.81
N GLY H 111 28.22 -22.82 -64.95
CA GLY H 111 29.30 -23.79 -65.06
C GLY H 111 28.98 -25.03 -65.86
N GLN H 112 27.72 -25.21 -66.26
CA GLN H 112 27.42 -26.39 -67.07
C GLN H 112 27.54 -26.06 -68.55
N PRO H 113 28.30 -26.87 -69.34
CA PRO H 113 28.57 -26.55 -70.73
C PRO H 113 27.33 -26.32 -71.60
N LYS H 114 27.38 -25.33 -72.48
CA LYS H 114 26.33 -25.07 -73.45
C LYS H 114 26.08 -26.32 -74.31
N ALA H 115 24.82 -26.59 -74.60
CA ALA H 115 24.46 -27.77 -75.39
C ALA H 115 23.40 -27.40 -76.42
N ALA H 116 23.57 -27.89 -77.63
CA ALA H 116 22.59 -27.66 -78.68
C ALA H 116 21.39 -28.59 -78.48
N PRO H 117 20.16 -28.07 -78.71
CA PRO H 117 18.96 -28.84 -78.44
C PRO H 117 18.77 -29.90 -79.53
N SER H 118 18.09 -30.99 -79.21
CA SER H 118 17.71 -32.00 -80.19
C SER H 118 16.20 -31.92 -80.42
N VAL H 119 15.81 -32.04 -81.68
CA VAL H 119 14.41 -31.90 -82.09
C VAL H 119 13.98 -33.17 -82.82
N THR H 120 12.84 -33.72 -82.40
CA THR H 120 12.24 -34.89 -83.05
C THR H 120 10.83 -34.53 -83.47
N LEU H 121 10.50 -34.78 -84.75
CA LEU H 121 9.23 -34.38 -85.33
C LEU H 121 8.46 -35.64 -85.72
N PHE H 122 7.65 -36.16 -84.78
CA PHE H 122 6.80 -37.29 -85.08
C PHE H 122 5.66 -36.84 -86.01
N PRO H 123 5.49 -37.50 -87.15
CA PRO H 123 4.38 -37.15 -88.05
C PRO H 123 3.05 -37.56 -87.47
N PRO H 124 1.92 -37.14 -88.09
CA PRO H 124 0.59 -37.59 -87.67
C PRO H 124 0.48 -39.11 -87.74
N SER H 125 -0.22 -39.73 -86.78
CA SER H 125 -0.40 -41.17 -86.73
C SER H 125 -1.52 -41.61 -87.66
N SER H 126 -1.36 -42.82 -88.22
CA SER H 126 -2.41 -43.36 -89.08
C SER H 126 -3.71 -43.55 -88.31
N GLU H 127 -3.61 -44.02 -87.05
CA GLU H 127 -4.77 -44.20 -86.14
C GLU H 127 -5.34 -42.81 -85.85
N GLU H 128 -4.48 -41.80 -85.67
CA GLU H 128 -4.93 -40.41 -85.38
C GLU H 128 -5.67 -39.88 -86.62
N LEU H 129 -5.27 -40.19 -87.85
CA LEU H 129 -5.97 -39.73 -89.04
C LEU H 129 -7.40 -40.26 -89.08
N GLN H 130 -7.61 -41.50 -88.63
CA GLN H 130 -8.94 -42.10 -88.69
C GLN H 130 -9.97 -41.30 -87.89
N ALA H 131 -9.53 -40.48 -86.94
CA ALA H 131 -10.42 -39.70 -86.09
C ALA H 131 -10.76 -38.35 -86.70
N ASN H 132 -10.68 -38.22 -88.03
CA ASN H 132 -11.00 -36.97 -88.74
C ASN H 132 -10.31 -35.77 -88.10
N LYS H 133 -9.16 -36.00 -87.48
CA LYS H 133 -8.38 -34.94 -86.86
C LYS H 133 -7.00 -35.49 -86.54
N ALA H 134 -5.99 -34.64 -86.69
CA ALA H 134 -4.61 -35.05 -86.47
C ALA H 134 -3.80 -33.88 -85.97
N THR H 135 -2.81 -34.18 -85.09
CA THR H 135 -1.92 -33.17 -84.47
C THR H 135 -0.47 -33.63 -84.69
N LEU H 136 0.45 -32.72 -85.07
CA LEU H 136 1.85 -33.05 -85.26
C LEU H 136 2.60 -32.89 -83.94
N VAL H 137 3.37 -33.92 -83.59
CA VAL H 137 4.09 -33.97 -82.32
C VAL H 137 5.53 -33.56 -82.56
N CYS H 138 5.98 -32.54 -81.84
CA CYS H 138 7.35 -32.06 -81.91
C CYS H 138 7.94 -32.06 -80.50
N LEU H 139 9.15 -32.59 -80.34
CA LEU H 139 9.74 -32.73 -79.00
C LEU H 139 11.05 -31.97 -78.99
N ILE H 140 11.45 -31.53 -77.82
CA ILE H 140 12.76 -30.86 -77.61
C ILE H 140 13.26 -31.59 -76.38
N SER H 141 14.54 -31.87 -76.28
CA SER H 141 15.13 -32.40 -75.06
C SER H 141 16.63 -32.13 -75.04
N ASP H 142 17.20 -32.16 -73.83
CA ASP H 142 18.64 -32.08 -73.63
C ASP H 142 19.21 -30.76 -74.14
N PHE H 143 18.72 -29.67 -73.54
CA PHE H 143 19.24 -28.33 -73.79
C PHE H 143 19.42 -27.62 -72.46
N TYR H 144 20.60 -27.02 -72.21
CA TYR H 144 20.91 -26.43 -70.88
C TYR H 144 20.13 -25.12 -70.66
N PRO H 145 20.35 -23.98 -71.37
CA PRO H 145 19.52 -22.78 -71.12
C PRO H 145 18.05 -23.15 -71.35
N GLY H 146 17.13 -22.95 -70.39
CA GLY H 146 15.71 -23.20 -70.42
C GLY H 146 14.92 -22.15 -71.17
N ALA H 147 15.38 -21.81 -72.38
CA ALA H 147 14.71 -20.84 -73.22
C ALA H 147 14.80 -21.30 -74.67
N VAL H 148 13.75 -21.96 -75.16
CA VAL H 148 13.68 -22.44 -76.53
C VAL H 148 12.37 -21.99 -77.13
N THR H 149 12.44 -21.34 -78.29
CA THR H 149 11.26 -20.82 -78.97
C THR H 149 10.93 -21.74 -80.15
N VAL H 150 9.69 -22.22 -80.18
CA VAL H 150 9.23 -23.13 -81.22
C VAL H 150 8.27 -22.38 -82.13
N ALA H 151 8.55 -22.26 -83.43
CA ALA H 151 7.71 -21.46 -84.36
C ALA H 151 7.37 -22.36 -85.54
N TRP H 152 6.22 -23.02 -85.47
CA TRP H 152 5.79 -23.94 -86.55
C TRP H 152 5.71 -23.18 -87.87
N LYS H 153 6.07 -23.83 -89.00
CA LYS H 153 6.11 -23.20 -90.34
C LYS H 153 5.61 -24.20 -91.38
N ALA H 154 4.36 -24.05 -91.85
CA ALA H 154 3.72 -24.95 -92.79
C ALA H 154 4.01 -24.43 -94.19
N ASP H 155 4.49 -25.30 -95.09
CA ASP H 155 4.86 -24.92 -96.49
C ASP H 155 5.71 -23.68 -96.21
N SER H 156 5.42 -22.51 -96.80
CA SER H 156 6.20 -21.26 -96.62
C SER H 156 5.63 -20.18 -95.70
N SER H 157 4.60 -20.47 -94.87
CA SER H 157 3.97 -19.46 -94.03
C SER H 157 3.90 -19.97 -92.60
N PRO H 158 4.35 -19.19 -91.62
CA PRO H 158 4.26 -19.62 -90.23
C PRO H 158 2.82 -19.86 -89.81
N VAL H 159 2.62 -20.87 -88.97
CA VAL H 159 1.30 -21.26 -88.48
C VAL H 159 1.26 -21.03 -86.98
N ASN H 160 0.24 -20.31 -86.52
CA ASN H 160 0.09 -19.98 -85.11
C ASN H 160 -1.13 -20.62 -84.45
N ALA H 161 -2.22 -20.80 -85.18
CA ALA H 161 -3.41 -21.41 -84.59
C ALA H 161 -3.15 -22.85 -84.22
N GLY H 162 -3.69 -23.27 -83.07
CA GLY H 162 -3.54 -24.64 -82.62
C GLY H 162 -2.16 -25.01 -82.11
N VAL H 163 -1.28 -24.01 -81.95
CA VAL H 163 0.10 -24.22 -81.41
C VAL H 163 0.07 -24.25 -79.88
N GLU H 164 0.41 -25.38 -79.24
CA GLU H 164 0.52 -25.48 -77.79
C GLU H 164 1.94 -25.91 -77.44
N THR H 165 2.64 -25.08 -76.66
CA THR H 165 4.02 -25.33 -76.29
C THR H 165 4.16 -25.31 -74.79
N THR H 166 4.82 -26.33 -74.24
CA THR H 166 5.06 -26.41 -72.80
C THR H 166 6.36 -25.72 -72.44
N LYS H 167 6.47 -25.33 -71.18
CA LYS H 167 7.66 -24.66 -70.68
C LYS H 167 8.76 -25.68 -70.40
N PRO H 168 10.02 -25.26 -70.45
CA PRO H 168 11.12 -26.18 -70.16
C PRO H 168 11.06 -26.68 -68.73
N SER H 169 11.47 -27.93 -68.53
CA SER H 169 11.49 -28.55 -67.22
C SER H 169 12.82 -29.28 -67.04
N LYS H 170 13.45 -29.08 -65.89
CA LYS H 170 14.71 -29.75 -65.60
C LYS H 170 14.51 -31.25 -65.46
N GLN H 171 15.45 -32.02 -66.00
CA GLN H 171 15.40 -33.47 -65.94
C GLN H 171 16.30 -33.98 -64.81
N SER H 172 16.39 -35.30 -64.68
CA SER H 172 17.23 -35.90 -63.66
C SER H 172 18.71 -35.79 -63.97
N ASN H 173 19.06 -35.46 -65.21
CA ASN H 173 20.45 -35.33 -65.63
C ASN H 173 20.90 -33.88 -65.75
N ASN H 174 20.09 -32.95 -65.19
CA ASN H 174 20.35 -31.48 -65.21
C ASN H 174 20.17 -30.93 -66.64
N LYS H 175 19.37 -31.60 -67.50
CA LYS H 175 19.12 -31.13 -68.89
C LYS H 175 17.63 -30.87 -69.05
N TYR H 176 17.20 -29.75 -69.62
CA TYR H 176 15.81 -29.32 -69.75
C TYR H 176 15.13 -30.03 -70.92
N ALA H 177 13.79 -30.18 -70.84
CA ALA H 177 12.96 -30.88 -71.86
C ALA H 177 11.70 -30.07 -72.14
N ALA H 178 11.34 -29.89 -73.41
CA ALA H 178 10.13 -29.15 -73.80
C ALA H 178 9.37 -29.98 -74.84
N SER H 179 8.21 -29.53 -75.31
CA SER H 179 7.42 -30.14 -76.38
C SER H 179 6.52 -29.09 -77.00
N SER H 180 6.18 -29.30 -78.27
CA SER H 180 5.27 -28.39 -78.99
C SER H 180 4.21 -29.23 -79.65
N TYR H 181 2.99 -28.72 -79.72
CA TYR H 181 1.85 -29.37 -80.36
C TYR H 181 1.17 -28.40 -81.31
N LEU H 182 0.81 -28.90 -82.49
CA LEU H 182 0.11 -28.11 -83.49
C LEU H 182 -1.09 -28.92 -83.99
N SER H 183 -2.29 -28.37 -83.81
CA SER H 183 -3.52 -29.05 -84.19
C SER H 183 -3.89 -28.70 -85.62
N LEU H 184 -4.09 -29.73 -86.46
CA LEU H 184 -4.43 -29.56 -87.90
C LEU H 184 -5.69 -30.39 -88.19
N THR H 185 -6.17 -30.37 -89.43
CA THR H 185 -7.32 -31.20 -89.86
C THR H 185 -6.73 -32.25 -90.82
N PRO H 186 -7.43 -33.36 -91.15
CA PRO H 186 -6.96 -34.34 -92.15
C PRO H 186 -6.84 -33.75 -93.55
N GLU H 187 -7.77 -32.89 -93.94
CA GLU H 187 -7.68 -32.23 -95.24
C GLU H 187 -6.45 -31.33 -95.30
N GLN H 188 -6.18 -30.57 -94.23
CA GLN H 188 -5.01 -29.71 -94.21
C GLN H 188 -3.73 -30.52 -94.24
N TRP H 189 -3.71 -31.68 -93.58
CA TRP H 189 -2.53 -32.51 -93.56
C TRP H 189 -2.11 -32.93 -94.96
N LYS H 190 -3.08 -33.36 -95.77
CA LYS H 190 -2.80 -33.79 -97.13
C LYS H 190 -2.89 -32.66 -98.16
N SER H 191 -3.38 -31.47 -97.80
CA SER H 191 -3.46 -30.31 -98.73
C SER H 191 -2.10 -29.66 -98.88
N HIS H 192 -1.17 -29.87 -97.96
CA HIS H 192 0.14 -29.18 -97.96
C HIS H 192 1.25 -30.22 -98.17
N LYS H 193 2.29 -29.88 -98.93
CA LYS H 193 3.34 -30.84 -99.28
C LYS H 193 4.10 -31.29 -98.05
N SER H 194 4.47 -30.37 -97.17
CA SER H 194 5.30 -30.72 -96.02
C SER H 194 5.12 -29.68 -94.92
N TYR H 195 5.57 -30.05 -93.72
CA TYR H 195 5.53 -29.18 -92.56
C TYR H 195 6.83 -29.26 -91.76
N SER H 196 7.25 -28.11 -91.23
CA SER H 196 8.49 -28.03 -90.45
C SER H 196 8.27 -27.56 -89.03
N CYS H 197 9.11 -28.05 -88.12
CA CYS H 197 9.09 -27.63 -86.71
C CYS H 197 10.52 -27.20 -86.34
N GLN H 198 10.78 -25.90 -86.45
CA GLN H 198 12.09 -25.36 -86.12
C GLN H 198 12.14 -24.96 -84.65
N VAL H 199 13.27 -25.25 -83.98
CA VAL H 199 13.48 -24.88 -82.54
C VAL H 199 14.72 -24.00 -82.44
N THR H 200 14.60 -22.80 -81.88
CA THR H 200 15.68 -21.81 -81.73
C THR H 200 16.23 -21.91 -80.32
N HIS H 201 17.55 -22.01 -80.17
CA HIS H 201 18.19 -22.14 -78.84
C HIS H 201 19.41 -21.24 -78.80
N GLU H 202 19.18 -20.04 -78.36
CA GLU H 202 20.23 -19.01 -78.23
C GLU H 202 20.89 -18.75 -79.57
N GLY H 203 20.09 -18.69 -80.63
CA GLY H 203 20.60 -18.43 -81.96
C GLY H 203 20.70 -19.67 -82.83
N SER H 204 21.17 -20.77 -82.25
CA SER H 204 21.27 -22.02 -83.00
C SER H 204 19.88 -22.50 -83.39
N THR H 205 19.71 -22.87 -84.68
CA THR H 205 18.39 -23.30 -85.22
C THR H 205 18.49 -24.72 -85.78
N VAL H 206 17.74 -25.68 -85.23
CA VAL H 206 17.64 -27.04 -85.72
C VAL H 206 16.15 -27.36 -85.90
N GLU H 207 15.81 -27.86 -87.10
CA GLU H 207 14.40 -28.09 -87.46
C GLU H 207 14.27 -29.46 -88.11
N LYS H 208 13.05 -29.80 -88.52
CA LYS H 208 12.77 -31.03 -89.25
C LYS H 208 11.63 -30.74 -90.20
N THR H 209 11.35 -31.69 -91.08
CA THR H 209 10.31 -31.55 -92.08
C THR H 209 9.62 -32.90 -92.22
N VAL H 210 8.29 -32.86 -92.48
CA VAL H 210 7.42 -34.05 -92.49
C VAL H 210 6.23 -33.89 -93.46
N ALA H 211 6.06 -34.86 -94.37
CA ALA H 211 4.99 -34.86 -95.38
C ALA H 211 3.92 -35.92 -95.04
N PRO H 212 2.72 -35.92 -95.69
CA PRO H 212 1.71 -36.97 -95.48
C PRO H 212 2.35 -38.35 -95.48
N ALA H 213 3.13 -38.68 -96.51
CA ALA H 213 3.89 -39.96 -96.63
C ALA H 213 5.35 -39.68 -96.97
N GLU H 214 5.66 -38.82 -97.96
CA GLU H 214 7.04 -38.52 -98.48
C GLU H 214 7.74 -39.82 -98.91
N CYS H 215 7.04 -40.97 -99.00
CA CYS H 215 7.73 -42.21 -99.30
C CYS H 215 7.49 -42.58 -100.76
N SER H 216 8.57 -42.84 -101.48
CA SER H 216 8.50 -43.19 -102.90
C SER H 216 9.17 -44.54 -103.16
N GLN I 1 9.08 -34.56 -32.22
CA GLN I 1 9.43 -33.73 -33.40
C GLN I 1 8.16 -33.02 -33.88
N VAL I 2 8.21 -31.73 -34.24
CA VAL I 2 7.01 -30.99 -34.63
C VAL I 2 6.62 -31.36 -36.04
N GLN I 3 5.35 -31.68 -36.24
CA GLN I 3 4.83 -32.05 -37.55
C GLN I 3 3.50 -31.34 -37.81
N LEU I 4 3.30 -30.85 -39.05
CA LEU I 4 2.03 -30.21 -39.50
C LEU I 4 1.64 -30.95 -40.79
N VAL I 5 0.52 -31.70 -40.81
CA VAL I 5 0.08 -32.52 -41.94
C VAL I 5 -1.26 -31.98 -42.42
N GLU I 6 -1.27 -31.53 -43.69
CA GLU I 6 -2.46 -30.93 -44.32
C GLU I 6 -3.23 -32.06 -45.02
N SER I 7 -4.53 -31.88 -45.25
CA SER I 7 -5.35 -32.86 -45.95
C SER I 7 -6.61 -32.16 -46.46
N GLY I 8 -7.32 -32.83 -47.36
CA GLY I 8 -8.59 -32.37 -47.85
C GLY I 8 -8.57 -31.70 -49.20
N GLY I 9 -7.43 -31.65 -49.88
CA GLY I 9 -7.36 -31.02 -51.18
C GLY I 9 -7.97 -31.87 -52.28
N GLY I 10 -8.41 -31.19 -53.33
CA GLY I 10 -9.01 -31.88 -54.46
C GLY I 10 -9.50 -30.89 -55.49
N VAL I 11 -10.08 -31.44 -56.55
CA VAL I 11 -10.60 -30.64 -57.65
C VAL I 11 -12.02 -30.19 -57.33
N VAL I 12 -12.39 -28.96 -57.74
CA VAL I 12 -13.74 -28.36 -57.41
C VAL I 12 -14.08 -27.31 -58.46
N LYS I 13 -15.28 -27.33 -59.07
CA LYS I 13 -15.70 -26.41 -60.10
C LYS I 13 -15.84 -25.00 -59.54
N PRO I 14 -15.76 -23.98 -60.39
CA PRO I 14 -15.93 -22.60 -59.91
C PRO I 14 -17.26 -22.42 -59.21
N GLY I 15 -17.24 -21.64 -58.13
CA GLY I 15 -18.42 -21.43 -57.32
C GLY I 15 -18.70 -22.52 -56.32
N GLY I 16 -17.86 -23.54 -56.22
CA GLY I 16 -18.05 -24.62 -55.28
C GLY I 16 -17.49 -24.29 -53.91
N SER I 17 -17.42 -25.33 -53.08
CA SER I 17 -16.95 -25.20 -51.71
C SER I 17 -15.98 -26.33 -51.39
N LEU I 18 -15.09 -26.06 -50.43
CA LEU I 18 -14.10 -27.05 -50.02
C LEU I 18 -13.65 -26.72 -48.60
N ARG I 19 -13.04 -27.69 -47.95
CA ARG I 19 -12.60 -27.54 -46.56
C ARG I 19 -11.28 -28.27 -46.39
N VAL I 20 -10.24 -27.53 -46.00
CA VAL I 20 -8.92 -28.10 -45.78
C VAL I 20 -8.66 -28.20 -44.29
N SER I 21 -7.78 -29.12 -43.91
CA SER I 21 -7.48 -29.38 -42.51
C SER I 21 -5.98 -29.53 -42.32
N CYS I 22 -5.53 -29.28 -41.10
CA CYS I 22 -4.13 -29.43 -40.72
C CYS I 22 -4.08 -29.96 -39.29
N VAL I 23 -3.50 -31.13 -39.10
CA VAL I 23 -3.39 -31.76 -37.80
C VAL I 23 -1.93 -31.70 -37.36
N VAL I 24 -1.69 -31.24 -36.14
CA VAL I 24 -0.35 -30.99 -35.65
C VAL I 24 -0.04 -31.96 -34.52
N SER I 25 1.26 -32.10 -34.24
CA SER I 25 1.73 -32.90 -33.12
C SER I 25 3.13 -32.45 -32.76
N GLY I 26 3.52 -32.73 -31.52
CA GLY I 26 4.85 -32.43 -31.05
C GLY I 26 5.01 -31.14 -30.26
N PHE I 27 3.94 -30.38 -30.07
CA PHE I 27 4.01 -29.15 -29.30
C PHE I 27 2.62 -28.82 -28.78
N THR I 28 2.57 -27.90 -27.81
CA THR I 28 1.31 -27.46 -27.22
C THR I 28 0.57 -26.61 -28.24
N PHE I 29 -0.49 -27.17 -28.82
CA PHE I 29 -1.21 -26.49 -29.89
C PHE I 29 -1.81 -25.17 -29.43
N SER I 30 -2.39 -25.13 -28.24
CA SER I 30 -3.16 -23.99 -27.77
C SER I 30 -2.31 -22.86 -27.21
N SER I 31 -1.00 -22.86 -27.46
CA SER I 31 -0.14 -21.76 -27.05
C SER I 31 0.29 -20.86 -28.19
N TYR I 32 -0.14 -21.15 -29.42
CA TYR I 32 0.41 -20.50 -30.60
C TYR I 32 -0.72 -20.01 -31.51
N ARG I 33 -0.40 -18.99 -32.29
CA ARG I 33 -1.24 -18.51 -33.36
C ARG I 33 -0.85 -19.21 -34.67
N MET I 34 -1.85 -19.52 -35.49
CA MET I 34 -1.64 -20.31 -36.69
C MET I 34 -2.06 -19.53 -37.93
N HIS I 35 -1.46 -19.90 -39.07
CA HIS I 35 -1.62 -19.17 -40.31
C HIS I 35 -1.87 -20.13 -41.47
N TRP I 36 -2.48 -19.60 -42.53
CA TRP I 36 -2.61 -20.28 -43.80
C TRP I 36 -1.86 -19.48 -44.87
N VAL I 37 -1.06 -20.18 -45.68
CA VAL I 37 -0.30 -19.56 -46.75
C VAL I 37 -0.46 -20.39 -48.01
N ARG I 38 -0.60 -19.72 -49.15
CA ARG I 38 -0.82 -20.39 -50.43
C ARG I 38 0.19 -19.93 -51.46
N GLN I 39 0.44 -20.77 -52.45
CA GLN I 39 1.34 -20.47 -53.55
C GLN I 39 0.76 -21.02 -54.84
N ALA I 40 0.49 -20.14 -55.80
CA ALA I 40 -0.01 -20.57 -57.09
C ALA I 40 1.10 -21.26 -57.88
N PRO I 41 0.75 -22.17 -58.79
CA PRO I 41 1.77 -22.90 -59.55
C PRO I 41 2.65 -21.96 -60.36
N GLY I 42 3.93 -21.91 -60.00
CA GLY I 42 4.87 -21.02 -60.65
C GLY I 42 4.88 -19.60 -60.15
N LYS I 43 4.22 -19.32 -59.03
CA LYS I 43 4.10 -17.97 -58.50
C LYS I 43 4.73 -17.90 -57.10
N GLY I 44 4.56 -16.77 -56.44
CA GLY I 44 5.17 -16.53 -55.15
C GLY I 44 4.25 -16.86 -53.98
N LEU I 45 4.77 -16.60 -52.78
CA LEU I 45 4.05 -16.89 -51.55
C LEU I 45 3.06 -15.77 -51.22
N GLU I 46 1.96 -16.15 -50.58
CA GLU I 46 0.92 -15.18 -50.22
C GLU I 46 0.28 -15.62 -48.91
N TRP I 47 0.29 -14.74 -47.91
CA TRP I 47 -0.39 -15.01 -46.66
C TRP I 47 -1.90 -14.92 -46.84
N VAL I 48 -2.61 -15.84 -46.21
CA VAL I 48 -4.07 -15.96 -46.37
C VAL I 48 -4.80 -15.52 -45.10
N SER I 49 -4.56 -16.20 -43.98
CA SER I 49 -5.35 -15.95 -42.78
C SER I 49 -4.56 -16.37 -41.55
N SER I 50 -5.00 -15.86 -40.41
CA SER I 50 -4.36 -16.13 -39.12
C SER I 50 -5.45 -16.27 -38.05
N ILE I 51 -5.09 -16.93 -36.95
CA ILE I 51 -6.00 -17.13 -35.83
C ILE I 51 -5.17 -17.28 -34.56
N THR I 52 -5.59 -16.60 -33.50
CA THR I 52 -4.87 -16.65 -32.23
C THR I 52 -5.24 -17.90 -31.46
N ALA I 53 -4.54 -18.12 -30.35
CA ALA I 53 -4.60 -19.40 -29.65
C ALA I 53 -6.00 -19.72 -29.14
N SER I 54 -6.82 -18.71 -28.90
CA SER I 54 -8.17 -18.92 -28.40
C SER I 54 -9.24 -18.31 -29.29
N SER I 55 -8.93 -18.12 -30.57
CA SER I 55 -9.88 -17.68 -31.60
C SER I 55 -10.38 -16.26 -31.40
N SER I 56 -9.74 -15.48 -30.53
CA SER I 56 -10.25 -14.16 -30.20
C SER I 56 -10.03 -13.15 -31.32
N TYR I 57 -8.89 -13.21 -32.02
CA TYR I 57 -8.60 -12.30 -33.11
C TYR I 57 -8.33 -13.08 -34.39
N ILE I 58 -8.94 -12.63 -35.49
CA ILE I 58 -8.84 -13.29 -36.78
C ILE I 58 -8.57 -12.24 -37.84
N ASN I 59 -7.72 -12.58 -38.81
CA ASN I 59 -7.39 -11.69 -39.91
C ASN I 59 -7.51 -12.43 -41.24
N TYR I 60 -7.84 -11.68 -42.28
CA TYR I 60 -7.94 -12.23 -43.63
C TYR I 60 -7.25 -11.28 -44.60
N ALA I 61 -6.80 -11.85 -45.71
CA ALA I 61 -6.32 -11.03 -46.83
C ALA I 61 -7.50 -10.40 -47.57
N GLU I 62 -7.21 -9.31 -48.27
CA GLU I 62 -8.26 -8.61 -49.00
C GLU I 62 -8.79 -9.41 -50.19
N SER I 63 -8.00 -10.34 -50.72
CA SER I 63 -8.42 -11.10 -51.90
C SER I 63 -9.35 -12.25 -51.56
N VAL I 64 -9.44 -12.65 -50.29
CA VAL I 64 -10.31 -13.74 -49.87
C VAL I 64 -11.32 -13.32 -48.83
N LYS I 65 -11.36 -12.04 -48.46
CA LYS I 65 -12.27 -11.58 -47.43
C LYS I 65 -13.72 -11.79 -47.84
N GLY I 66 -14.52 -12.30 -46.91
CA GLY I 66 -15.92 -12.57 -47.16
C GLY I 66 -16.21 -13.92 -47.78
N ARG I 67 -15.19 -14.69 -48.12
CA ARG I 67 -15.37 -15.98 -48.76
C ARG I 67 -14.75 -17.14 -48.00
N PHE I 68 -13.63 -16.94 -47.31
CA PHE I 68 -12.98 -17.97 -46.53
C PHE I 68 -13.27 -17.77 -45.04
N THR I 69 -13.14 -18.84 -44.28
CA THR I 69 -13.37 -18.81 -42.83
C THR I 69 -12.37 -19.72 -42.15
N ILE I 70 -11.63 -19.17 -41.18
CA ILE I 70 -10.63 -19.91 -40.43
C ILE I 70 -11.22 -20.32 -39.08
N SER I 71 -10.86 -21.51 -38.62
CA SER I 71 -11.31 -22.00 -37.33
C SER I 71 -10.33 -23.07 -36.85
N ARG I 72 -10.41 -23.38 -35.56
CA ARG I 72 -9.55 -24.38 -34.96
C ARG I 72 -10.31 -25.09 -33.85
N ASP I 73 -9.86 -26.31 -33.49
CA ASP I 73 -10.41 -27.12 -32.38
C ASP I 73 -9.19 -27.48 -31.52
N ASN I 74 -9.03 -26.91 -30.33
CA ASN I 74 -7.83 -27.12 -29.52
C ASN I 74 -7.78 -28.51 -28.92
N ALA I 75 -8.94 -29.14 -28.70
CA ALA I 75 -8.97 -30.48 -28.12
C ALA I 75 -8.47 -31.54 -29.09
N LYS I 76 -8.53 -31.29 -30.39
CA LYS I 76 -8.07 -32.24 -31.40
C LYS I 76 -6.77 -31.84 -32.07
N ASN I 77 -6.27 -30.63 -31.83
CA ASN I 77 -4.99 -30.18 -32.39
C ASN I 77 -5.10 -29.96 -33.90
N SER I 78 -6.21 -29.39 -34.36
CA SER I 78 -6.44 -29.18 -35.78
C SER I 78 -7.03 -27.80 -36.02
N LEU I 79 -6.64 -27.21 -37.18
CA LEU I 79 -7.15 -25.90 -37.63
C LEU I 79 -7.84 -26.18 -38.96
N TYR I 80 -8.79 -25.35 -39.40
CA TYR I 80 -9.59 -25.57 -40.60
C TYR I 80 -9.62 -24.31 -41.44
N LEU I 81 -9.80 -24.50 -42.74
CA LEU I 81 -10.05 -23.41 -43.69
C LEU I 81 -11.23 -23.80 -44.57
N GLN I 82 -12.32 -23.05 -44.47
CA GLN I 82 -13.52 -23.31 -45.25
C GLN I 82 -13.57 -22.32 -46.41
N MET I 83 -13.43 -22.84 -47.63
CA MET I 83 -13.44 -22.02 -48.86
C MET I 83 -14.84 -22.06 -49.45
N ASN I 84 -15.41 -20.93 -49.85
CA ASN I 84 -16.70 -20.82 -50.50
C ASN I 84 -16.59 -19.92 -51.72
N SER I 85 -17.43 -20.17 -52.71
CA SER I 85 -17.47 -19.38 -53.93
C SER I 85 -16.09 -19.32 -54.59
N LEU I 86 -15.50 -20.51 -54.73
CA LEU I 86 -14.14 -20.59 -55.28
C LEU I 86 -14.09 -19.89 -56.63
N ARG I 87 -12.96 -19.33 -56.98
CA ARG I 87 -12.69 -18.77 -58.30
C ARG I 87 -11.52 -19.50 -58.95
N ALA I 88 -11.25 -19.12 -60.21
CA ALA I 88 -10.16 -19.76 -60.94
C ALA I 88 -8.80 -19.45 -60.30
N GLU I 89 -8.61 -18.22 -59.83
CA GLU I 89 -7.35 -17.79 -59.26
C GLU I 89 -7.13 -18.32 -57.85
N ASP I 90 -7.96 -19.24 -57.38
CA ASP I 90 -7.76 -19.89 -56.08
C ASP I 90 -7.01 -21.21 -56.20
N THR I 91 -6.55 -21.56 -57.42
CA THR I 91 -5.78 -22.79 -57.69
C THR I 91 -4.36 -22.64 -57.12
N ALA I 92 -3.97 -23.38 -56.07
CA ALA I 92 -2.65 -23.24 -55.46
C ALA I 92 -2.41 -24.32 -54.41
N VAL I 93 -1.20 -24.38 -53.88
CA VAL I 93 -0.86 -25.27 -52.78
C VAL I 93 -1.02 -24.49 -51.49
N TYR I 94 -1.74 -25.08 -50.52
CA TYR I 94 -2.05 -24.42 -49.27
C TYR I 94 -1.21 -25.04 -48.15
N TYR I 95 -0.56 -24.19 -47.37
CA TYR I 95 0.28 -24.61 -46.26
C TYR I 95 -0.29 -24.10 -44.94
N CYS I 96 -0.07 -24.86 -43.88
CA CYS I 96 -0.29 -24.40 -42.52
C CYS I 96 1.05 -24.13 -41.87
N ALA I 97 1.16 -22.99 -41.11
CA ALA I 97 2.42 -22.58 -40.51
C ALA I 97 2.15 -22.05 -39.11
N ARG I 98 3.16 -22.16 -38.21
CA ARG I 98 3.02 -21.74 -36.79
C ARG I 98 3.69 -20.38 -36.68
N ASP I 99 3.15 -19.50 -35.84
CA ASP I 99 3.71 -18.14 -35.67
C ASP I 99 4.92 -18.18 -34.74
N GLU I 100 5.97 -17.41 -35.03
CA GLU I 100 7.13 -17.25 -34.12
C GLU I 100 7.18 -15.72 -34.03
N ASN I 101 7.67 -15.15 -32.93
CA ASN I 101 7.68 -13.70 -32.70
C ASN I 101 8.62 -13.37 -31.55
N THR I 102 9.07 -12.14 -31.43
CA THR I 102 9.93 -11.59 -30.37
C THR I 102 9.16 -10.63 -29.45
N GLY I 103 7.86 -10.42 -29.69
CA GLY I 103 7.03 -9.56 -28.84
C GLY I 103 6.80 -8.19 -29.44
N ILE I 104 7.79 -7.55 -30.09
CA ILE I 104 7.65 -6.14 -30.57
C ILE I 104 7.77 -6.03 -32.09
N SER I 105 8.90 -6.13 -32.77
CA SER I 105 9.03 -5.88 -34.24
C SER I 105 9.02 -7.15 -35.09
N HIS I 106 9.67 -8.22 -34.67
CA HIS I 106 9.84 -9.44 -35.51
C HIS I 106 8.66 -10.39 -35.44
N TYR I 107 8.11 -10.84 -36.58
CA TYR I 107 7.02 -11.84 -36.67
C TYR I 107 7.31 -12.68 -37.93
N TRP I 108 7.55 -13.99 -37.82
CA TRP I 108 7.90 -14.86 -38.98
C TRP I 108 7.14 -16.19 -38.89
N PHE I 109 7.23 -17.11 -39.82
CA PHE I 109 6.67 -18.46 -39.82
C PHE I 109 7.82 -19.46 -39.81
N ASP I 110 8.26 -20.01 -38.66
CA ASP I 110 9.45 -20.91 -38.65
C ASP I 110 9.02 -22.29 -39.20
N PRO I 111 8.03 -23.02 -38.61
CA PRO I 111 7.65 -24.36 -39.07
C PRO I 111 6.59 -24.32 -40.18
N TRP I 112 6.73 -25.11 -41.26
CA TRP I 112 5.75 -25.22 -42.32
C TRP I 112 5.35 -26.67 -42.51
N GLY I 113 4.17 -26.87 -43.10
CA GLY I 113 3.69 -28.19 -43.43
C GLY I 113 4.22 -28.64 -44.77
N GLN I 114 3.55 -29.64 -45.34
CA GLN I 114 3.94 -30.19 -46.64
C GLN I 114 3.14 -29.62 -47.80
N GLY I 115 1.94 -29.12 -47.55
CA GLY I 115 1.12 -28.52 -48.59
C GLY I 115 0.08 -29.47 -49.14
N THR I 116 -1.06 -28.90 -49.55
CA THR I 116 -2.12 -29.65 -50.20
C THR I 116 -2.60 -28.84 -51.39
N LEU I 117 -2.74 -29.49 -52.53
CA LEU I 117 -3.10 -28.82 -53.78
C LEU I 117 -4.61 -28.71 -53.92
N VAL I 118 -5.08 -27.54 -54.36
CA VAL I 118 -6.49 -27.29 -54.61
C VAL I 118 -6.62 -26.75 -56.02
N THR I 119 -7.45 -27.39 -56.83
CA THR I 119 -7.64 -27.02 -58.23
C THR I 119 -9.08 -26.58 -58.45
N VAL I 120 -9.26 -25.44 -59.12
CA VAL I 120 -10.57 -24.90 -59.44
C VAL I 120 -10.65 -24.82 -60.96
N SER I 121 -11.31 -25.78 -61.60
CA SER I 121 -11.37 -25.81 -63.08
C SER I 121 -12.78 -26.24 -63.53
N SER I 122 -13.38 -25.49 -64.45
CA SER I 122 -14.73 -25.73 -64.93
C SER I 122 -14.83 -26.95 -65.83
N ALA I 123 -13.70 -27.49 -66.28
CA ALA I 123 -13.72 -28.63 -67.19
C ALA I 123 -14.42 -29.81 -66.53
N SER I 124 -14.82 -30.76 -67.38
CA SER I 124 -15.49 -31.99 -66.94
C SER I 124 -14.57 -33.18 -67.17
N THR I 125 -14.53 -34.07 -66.17
CA THR I 125 -13.65 -35.22 -66.26
C THR I 125 -14.03 -36.10 -67.44
N LYS I 126 -13.02 -36.54 -68.20
CA LYS I 126 -13.23 -37.42 -69.37
C LYS I 126 -12.06 -38.37 -69.44
N GLY I 127 -12.11 -39.37 -70.32
CA GLY I 127 -11.09 -40.39 -70.47
C GLY I 127 -9.99 -39.99 -71.42
N PRO I 128 -8.78 -40.48 -71.17
CA PRO I 128 -7.65 -40.14 -72.05
C PRO I 128 -7.83 -40.71 -73.44
N SER I 129 -7.24 -40.15 -74.50
CA SER I 129 -7.41 -40.59 -75.92
C SER I 129 -6.05 -41.13 -76.39
N VAL I 130 -5.80 -42.42 -76.16
CA VAL I 130 -4.45 -43.02 -76.42
C VAL I 130 -4.25 -43.33 -77.91
N PHE I 131 -3.11 -42.98 -78.53
CA PHE I 131 -2.79 -43.39 -79.89
C PHE I 131 -1.32 -43.78 -79.97
N PRO I 132 -0.97 -44.70 -80.91
CA PRO I 132 0.39 -45.16 -81.09
C PRO I 132 1.21 -44.17 -81.92
N LEU I 133 2.54 -44.12 -81.81
CA LEU I 133 3.46 -43.32 -82.64
C LEU I 133 4.54 -44.28 -83.14
N ALA I 134 4.28 -44.93 -84.27
CA ALA I 134 5.22 -45.89 -84.81
C ALA I 134 6.48 -45.17 -85.32
N PRO I 135 7.63 -45.85 -85.28
CA PRO I 135 8.85 -45.24 -85.81
C PRO I 135 8.78 -45.03 -87.31
N SER I 136 9.54 -44.04 -87.78
CA SER I 136 9.58 -43.68 -89.19
C SER I 136 11.03 -43.65 -89.65
N SER I 137 11.36 -43.85 -90.99
CA SER I 137 12.72 -43.78 -91.53
C SER I 137 13.39 -42.47 -91.14
N LYS I 138 12.66 -41.35 -91.19
CA LYS I 138 13.24 -40.08 -90.82
C LYS I 138 13.65 -40.06 -89.35
N SER I 139 12.86 -40.70 -88.49
CA SER I 139 13.13 -40.75 -87.05
C SER I 139 13.79 -42.05 -86.65
N THR I 140 14.50 -42.76 -87.56
CA THR I 140 15.16 -44.10 -87.31
C THR I 140 16.66 -44.06 -87.62
N SER I 141 17.30 -45.21 -87.85
CA SER I 141 18.70 -45.32 -88.29
C SER I 141 19.60 -44.60 -87.27
N GLY I 142 20.52 -43.71 -87.65
CA GLY I 142 21.42 -43.12 -86.67
C GLY I 142 22.02 -44.16 -85.75
N GLY I 143 21.67 -44.09 -84.47
CA GLY I 143 22.11 -45.09 -83.52
C GLY I 143 20.98 -45.98 -83.05
N THR I 144 19.79 -45.41 -82.92
CA THR I 144 18.61 -46.15 -82.47
C THR I 144 17.37 -45.49 -83.03
N ALA I 145 16.25 -46.22 -82.97
CA ALA I 145 14.96 -45.73 -83.42
C ALA I 145 14.04 -45.51 -82.22
N ALA I 146 13.24 -44.45 -82.28
CA ALA I 146 12.38 -44.04 -81.19
C ALA I 146 10.91 -44.20 -81.58
N LEU I 147 10.14 -44.77 -80.66
CA LEU I 147 8.70 -44.91 -80.85
C LEU I 147 8.01 -44.72 -79.51
N GLY I 148 6.74 -44.36 -79.57
CA GLY I 148 5.99 -44.11 -78.35
C GLY I 148 4.51 -44.05 -78.61
N CYS I 149 3.77 -43.64 -77.58
CA CYS I 149 2.33 -43.47 -77.63
C CYS I 149 1.98 -42.06 -77.21
N LEU I 150 0.77 -41.64 -77.56
CA LEU I 150 0.27 -40.31 -77.26
C LEU I 150 -1.02 -40.40 -76.47
N VAL I 151 -1.15 -39.56 -75.46
CA VAL I 151 -2.36 -39.46 -74.64
C VAL I 151 -2.94 -38.06 -74.84
N LYS I 152 -4.24 -38.00 -75.15
CA LYS I 152 -4.89 -36.75 -75.50
C LYS I 152 -6.22 -36.61 -74.78
N ASP I 153 -6.58 -35.38 -74.47
CA ASP I 153 -7.90 -35.02 -73.95
C ASP I 153 -8.21 -35.79 -72.66
N TYR I 154 -7.42 -35.52 -71.63
CA TYR I 154 -7.67 -36.05 -70.30
C TYR I 154 -7.58 -34.91 -69.30
N PHE I 155 -8.66 -34.62 -68.54
CA PHE I 155 -8.68 -33.44 -67.62
C PHE I 155 -7.74 -33.72 -66.43
N PRO I 156 -7.97 -34.74 -65.57
CA PRO I 156 -7.11 -34.95 -64.39
C PRO I 156 -5.61 -35.17 -64.66
N GLU I 157 -4.70 -34.51 -63.92
CA GLU I 157 -3.26 -34.60 -64.15
C GLU I 157 -2.70 -36.00 -63.93
N PRO I 158 -3.06 -36.74 -62.90
CA PRO I 158 -2.32 -37.98 -62.58
C PRO I 158 -2.55 -39.10 -63.59
N VAL I 159 -1.84 -39.06 -64.75
CA VAL I 159 -1.86 -40.12 -65.80
C VAL I 159 -0.49 -40.80 -65.63
N THR I 160 -0.44 -42.14 -65.56
CA THR I 160 0.85 -42.91 -65.44
C THR I 160 1.07 -43.72 -66.72
N VAL I 161 2.32 -44.09 -67.02
CA VAL I 161 2.69 -44.89 -68.23
C VAL I 161 3.56 -46.08 -67.78
N SER I 162 3.32 -47.29 -68.31
CA SER I 162 4.13 -48.50 -68.02
C SER I 162 4.16 -49.27 -69.34
N TRP I 163 5.24 -49.20 -70.09
CA TRP I 163 5.34 -49.85 -71.42
C TRP I 163 5.32 -51.38 -71.35
N ASN I 164 6.24 -52.05 -70.66
CA ASN I 164 6.28 -53.54 -70.66
C ASN I 164 5.72 -54.01 -69.30
N SER I 165 4.74 -53.30 -68.71
CA SER I 165 4.17 -53.61 -67.36
C SER I 165 5.30 -53.41 -66.34
N GLY I 166 6.11 -52.36 -66.50
CA GLY I 166 7.24 -52.06 -65.66
C GLY I 166 8.51 -52.83 -65.98
N ALA I 167 8.51 -53.63 -67.05
CA ALA I 167 9.69 -54.40 -67.44
C ALA I 167 10.64 -53.62 -68.34
N LEU I 168 10.27 -52.43 -68.77
CA LEU I 168 11.13 -51.57 -69.58
C LEU I 168 11.38 -50.28 -68.81
N THR I 169 12.67 -50.00 -68.54
CA THR I 169 13.05 -48.82 -67.78
C THR I 169 14.21 -48.04 -68.37
N SER I 170 14.92 -48.59 -69.36
CA SER I 170 16.04 -47.92 -69.99
C SER I 170 15.64 -47.41 -71.36
N GLY I 171 15.92 -46.14 -71.62
CA GLY I 171 15.57 -45.52 -72.88
C GLY I 171 14.17 -44.92 -72.93
N VAL I 172 13.39 -45.03 -71.86
CA VAL I 172 12.04 -44.48 -71.82
C VAL I 172 12.09 -43.11 -71.18
N HIS I 173 11.60 -42.10 -71.90
CA HIS I 173 11.59 -40.72 -71.43
C HIS I 173 10.17 -40.18 -71.51
N THR I 174 9.70 -39.57 -70.42
CA THR I 174 8.36 -39.02 -70.33
C THR I 174 8.40 -37.51 -70.38
N PHE I 175 7.43 -36.91 -71.10
CA PHE I 175 7.36 -35.47 -71.23
C PHE I 175 6.23 -34.90 -70.39
N PRO I 176 6.37 -33.66 -69.91
CA PRO I 176 5.30 -33.05 -69.11
C PRO I 176 4.06 -32.79 -69.95
N ALA I 177 2.91 -32.80 -69.29
CA ALA I 177 1.65 -32.55 -69.96
C ALA I 177 1.54 -31.09 -70.38
N VAL I 178 0.70 -30.85 -71.42
CA VAL I 178 0.46 -29.49 -71.97
C VAL I 178 -0.98 -29.10 -71.62
N LEU I 179 -1.20 -27.89 -71.11
CA LEU I 179 -2.53 -27.35 -70.85
C LEU I 179 -3.05 -26.64 -72.09
N GLN I 180 -4.10 -27.19 -72.69
CA GLN I 180 -4.75 -26.55 -73.83
C GLN I 180 -5.71 -25.47 -73.35
N SER I 181 -6.09 -24.58 -74.27
CA SER I 181 -7.04 -23.53 -73.94
C SER I 181 -8.40 -24.08 -73.57
N SER I 182 -8.69 -25.33 -73.93
CA SER I 182 -9.97 -25.95 -73.59
C SER I 182 -10.00 -26.52 -72.18
N GLY I 183 -8.87 -26.53 -71.47
CA GLY I 183 -8.81 -27.07 -70.13
C GLY I 183 -8.44 -28.53 -70.04
N LEU I 184 -8.30 -29.22 -71.17
CA LEU I 184 -7.92 -30.63 -71.17
C LEU I 184 -6.41 -30.78 -71.28
N TYR I 185 -5.88 -31.89 -70.79
CA TYR I 185 -4.41 -32.12 -70.79
C TYR I 185 -4.11 -33.08 -71.93
N SER I 186 -2.84 -33.29 -72.26
CA SER I 186 -2.34 -34.19 -73.29
C SER I 186 -0.84 -34.33 -73.15
N LEU I 187 -0.34 -35.56 -73.02
CA LEU I 187 1.12 -35.84 -72.79
C LEU I 187 1.56 -37.05 -73.62
N SER I 188 2.70 -36.98 -74.31
CA SER I 188 3.23 -38.02 -75.19
C SER I 188 4.52 -38.55 -74.62
N SER I 189 4.70 -39.87 -74.69
CA SER I 189 5.89 -40.55 -74.20
C SER I 189 6.61 -41.21 -75.36
N VAL I 190 7.94 -41.16 -75.33
CA VAL I 190 8.77 -41.70 -76.38
C VAL I 190 9.78 -42.67 -75.78
N VAL I 191 10.06 -43.75 -76.49
CA VAL I 191 11.02 -44.79 -76.06
C VAL I 191 12.12 -44.78 -77.12
N THR I 192 13.35 -45.10 -76.79
CA THR I 192 14.48 -45.30 -77.70
C THR I 192 14.87 -46.76 -77.69
N VAL I 193 14.92 -47.38 -78.88
CA VAL I 193 15.29 -48.78 -79.02
C VAL I 193 16.19 -48.92 -80.24
N PRO I 194 16.98 -50.00 -80.28
CA PRO I 194 17.89 -50.20 -81.41
C PRO I 194 17.11 -50.29 -82.72
N SER I 195 17.71 -49.72 -83.78
CA SER I 195 17.06 -49.76 -85.09
C SER I 195 16.95 -51.18 -85.62
N SER I 196 17.98 -52.00 -85.41
CA SER I 196 17.96 -53.39 -85.87
C SER I 196 17.07 -54.27 -85.03
N SER I 197 16.63 -53.82 -83.86
CA SER I 197 15.74 -54.60 -83.00
C SER I 197 14.27 -54.33 -83.28
N LEU I 198 13.97 -53.43 -84.22
CA LEU I 198 12.58 -53.10 -84.63
C LEU I 198 11.84 -54.37 -85.03
N GLY I 199 10.65 -54.64 -84.47
CA GLY I 199 9.84 -55.81 -84.76
C GLY I 199 10.13 -57.00 -83.85
N THR I 200 11.38 -57.17 -83.42
CA THR I 200 11.74 -58.26 -82.52
C THR I 200 11.41 -57.96 -81.07
N GLN I 201 11.36 -56.69 -80.69
CA GLN I 201 11.03 -56.28 -79.33
C GLN I 201 9.61 -55.73 -79.31
N THR I 202 8.75 -56.33 -78.49
CA THR I 202 7.35 -55.93 -78.41
C THR I 202 7.21 -54.65 -77.59
N TYR I 203 6.51 -53.66 -78.15
CA TYR I 203 6.27 -52.35 -77.49
C TYR I 203 4.76 -52.24 -77.23
N ILE I 204 4.31 -52.11 -75.98
CA ILE I 204 2.88 -51.90 -75.60
C ILE I 204 2.89 -50.70 -74.67
N CYS I 205 2.00 -49.70 -74.79
CA CYS I 205 1.89 -48.54 -73.93
C CYS I 205 0.66 -48.72 -73.06
N ASN I 206 0.85 -48.67 -71.74
CA ASN I 206 -0.23 -48.83 -70.78
C ASN I 206 -0.56 -47.47 -70.19
N VAL I 207 -1.83 -47.07 -70.27
CA VAL I 207 -2.30 -45.80 -69.73
C VAL I 207 -3.32 -46.11 -68.64
N ASN I 208 -2.99 -45.75 -67.40
CA ASN I 208 -3.88 -45.94 -66.26
C ASN I 208 -4.41 -44.57 -65.84
N HIS I 209 -5.74 -44.42 -65.88
CA HIS I 209 -6.41 -43.18 -65.50
C HIS I 209 -7.30 -43.47 -64.30
N LYS I 210 -6.74 -43.29 -63.11
CA LYS I 210 -7.51 -43.52 -61.89
C LYS I 210 -8.79 -42.70 -61.84
N PRO I 211 -8.84 -41.38 -62.13
CA PRO I 211 -10.12 -40.68 -61.99
C PRO I 211 -11.17 -41.20 -62.97
N SER I 212 -10.92 -41.97 -64.02
CA SER I 212 -12.01 -42.62 -64.83
C SER I 212 -11.75 -44.10 -65.07
N ASN I 213 -10.85 -44.72 -64.28
CA ASN I 213 -10.42 -46.14 -64.40
C ASN I 213 -10.29 -46.53 -65.88
N THR I 214 -9.63 -45.72 -66.72
CA THR I 214 -9.38 -46.05 -68.12
C THR I 214 -7.98 -46.65 -68.25
N LYS I 215 -7.88 -47.95 -68.03
CA LYS I 215 -6.61 -48.69 -68.13
C LYS I 215 -6.56 -49.36 -69.50
N VAL I 216 -6.03 -48.65 -70.48
CA VAL I 216 -5.96 -49.15 -71.85
C VAL I 216 -4.49 -49.37 -72.21
N ASP I 217 -4.28 -50.37 -73.11
CA ASP I 217 -2.95 -50.75 -73.66
C ASP I 217 -2.96 -50.45 -75.17
N LYS I 218 -1.83 -50.06 -75.81
CA LYS I 218 -1.75 -49.71 -77.27
C LYS I 218 -0.36 -50.07 -77.84
N LYS I 219 -0.27 -50.93 -78.84
CA LYS I 219 0.95 -51.56 -79.32
C LYS I 219 1.43 -50.70 -80.49
N VAL I 220 2.70 -50.32 -80.46
CA VAL I 220 3.29 -49.46 -81.48
C VAL I 220 4.19 -50.31 -82.36
N GLU I 221 3.83 -50.42 -83.62
CA GLU I 221 4.62 -51.14 -84.62
C GLU I 221 4.72 -50.30 -85.89
N PRO I 222 5.80 -50.45 -86.65
CA PRO I 222 5.93 -49.68 -87.89
C PRO I 222 4.80 -50.03 -88.86
N LYS I 223 4.29 -49.00 -89.54
CA LYS I 223 3.20 -49.15 -90.50
C LYS I 223 3.53 -48.47 -91.82
N SER I 224 4.40 -49.08 -92.62
CA SER I 224 4.78 -48.57 -93.93
C SER I 224 5.07 -47.10 -93.66
N CYS I 225 4.46 -46.21 -94.41
CA CYS I 225 4.64 -44.77 -94.21
C CYS I 225 3.37 -43.99 -93.92
#